data_2N5E
#
_entry.id   2N5E
#
_cell.length_a   1.000
_cell.length_b   1.000
_cell.length_c   1.000
_cell.angle_alpha   90.00
_cell.angle_beta   90.00
_cell.angle_gamma   90.00
#
_symmetry.space_group_name_H-M   'P 1'
#
_entity_poly.entity_id   1
_entity_poly.type   'polypeptide(L)'
_entity_poly.pdbx_seq_one_letter_code
;STFSKLREQLGPVTQEFWDNLEKETEGLRQEMSKDLEEVKAKVQPYLDDFQKKWQEEMELYRQKVEPLGEEMRDRARAHV
DALRTHLAPYSDELRQRLAARLEALKENGGARLAEYHAKATEHLSTLSEKAKPALEDLRQGLLPVLESFKVSFLSALEEY
TKKLNTQ
;
_entity_poly.pdbx_strand_id   A,B
#
# COMPACT_ATOMS: atom_id res chain seq x y z
N SER A 1 -25.09 53.02 -3.68
CA SER A 1 -25.82 52.38 -2.59
C SER A 1 -25.00 51.27 -1.96
N THR A 2 -25.57 50.62 -0.94
CA THR A 2 -24.87 49.55 -0.24
C THR A 2 -25.74 48.29 -0.19
N PHE A 3 -26.36 47.95 -1.31
CA PHE A 3 -27.22 46.78 -1.39
C PHE A 3 -26.82 45.89 -2.56
N SER A 4 -27.03 46.39 -3.77
CA SER A 4 -26.70 45.64 -4.98
C SER A 4 -25.22 45.25 -4.99
N LYS A 5 -24.37 46.19 -4.60
CA LYS A 5 -22.93 45.94 -4.56
C LYS A 5 -22.56 45.02 -3.40
N LEU A 6 -23.17 45.27 -2.24
CA LEU A 6 -22.92 44.46 -1.06
C LEU A 6 -23.30 43.00 -1.30
N ARG A 7 -24.46 42.80 -1.93
CA ARG A 7 -24.94 41.46 -2.22
C ARG A 7 -24.07 40.78 -3.28
N GLU A 8 -23.73 41.53 -4.32
CA GLU A 8 -22.90 41.01 -5.40
C GLU A 8 -21.57 40.49 -4.87
N GLN A 9 -20.93 41.30 -4.03
CA GLN A 9 -19.64 40.92 -3.44
C GLN A 9 -19.83 39.92 -2.31
N LEU A 10 -20.98 39.98 -1.66
CA LEU A 10 -21.28 39.08 -0.55
C LEU A 10 -21.12 37.63 -0.97
N GLY A 11 -21.69 37.27 -2.13
CA GLY A 11 -21.58 35.92 -2.63
C GLY A 11 -22.80 35.09 -2.29
N PRO A 12 -23.92 35.34 -3.00
CA PRO A 12 -25.17 34.61 -2.79
C PRO A 12 -25.08 33.16 -3.24
N VAL A 13 -24.07 32.85 -4.04
CA VAL A 13 -23.88 31.49 -4.54
C VAL A 13 -23.81 30.48 -3.40
N THR A 14 -23.22 30.90 -2.28
CA THR A 14 -23.08 30.03 -1.12
C THR A 14 -24.44 29.57 -0.62
N GLN A 15 -25.42 30.48 -0.65
CA GLN A 15 -26.77 30.16 -0.20
C GLN A 15 -27.36 29.02 -1.02
N GLU A 16 -27.31 29.16 -2.34
CA GLU A 16 -27.84 28.14 -3.24
C GLU A 16 -27.03 26.85 -3.15
N PHE A 17 -25.76 26.99 -2.79
CA PHE A 17 -24.87 25.84 -2.66
C PHE A 17 -25.37 24.88 -1.59
N TRP A 18 -25.44 25.36 -0.35
CA TRP A 18 -25.91 24.55 0.76
C TRP A 18 -27.40 24.26 0.64
N ASP A 19 -28.13 25.21 0.08
CA ASP A 19 -29.58 25.07 -0.09
C ASP A 19 -29.89 23.96 -1.10
N ASN A 20 -29.29 24.06 -2.29
CA ASN A 20 -29.51 23.07 -3.33
C ASN A 20 -29.02 21.70 -2.89
N LEU A 21 -27.83 21.66 -2.29
CA LEU A 21 -27.25 20.41 -1.82
C LEU A 21 -28.14 19.76 -0.76
N GLU A 22 -28.41 20.48 0.31
CA GLU A 22 -29.26 19.97 1.39
C GLU A 22 -30.63 19.58 0.85
N LYS A 23 -31.12 20.34 -0.11
CA LYS A 23 -32.43 20.07 -0.70
C LYS A 23 -32.48 18.67 -1.30
N GLU A 24 -31.51 18.35 -2.14
CA GLU A 24 -31.44 17.04 -2.78
C GLU A 24 -31.00 15.97 -1.78
N THR A 25 -30.15 16.37 -0.84
CA THR A 25 -29.65 15.45 0.17
C THR A 25 -30.78 14.90 1.04
N GLU A 26 -31.86 15.68 1.14
CA GLU A 26 -33.01 15.27 1.93
C GLU A 26 -33.46 13.86 1.57
N GLY A 27 -33.32 13.51 0.29
CA GLY A 27 -33.71 12.19 -0.16
C GLY A 27 -33.12 11.08 0.69
N LEU A 28 -31.97 11.35 1.29
CA LEU A 28 -31.30 10.37 2.13
C LEU A 28 -32.26 9.76 3.13
N ARG A 29 -33.18 10.58 3.64
CA ARG A 29 -34.17 10.12 4.61
C ARG A 29 -35.05 9.02 4.01
N GLN A 30 -35.58 9.28 2.82
CA GLN A 30 -36.43 8.32 2.14
C GLN A 30 -35.69 7.01 1.89
N GLU A 31 -34.45 7.13 1.42
CA GLU A 31 -33.64 5.96 1.13
C GLU A 31 -33.52 5.07 2.36
N MET A 32 -33.16 5.68 3.49
CA MET A 32 -33.01 4.94 4.74
C MET A 32 -34.30 4.21 5.11
N SER A 33 -35.43 4.90 4.92
CA SER A 33 -36.73 4.33 5.24
C SER A 33 -36.97 3.05 4.44
N LYS A 34 -36.77 3.13 3.14
CA LYS A 34 -36.97 1.97 2.26
C LYS A 34 -36.07 0.81 2.69
N ASP A 35 -34.81 1.12 2.98
CA ASP A 35 -33.86 0.10 3.40
C ASP A 35 -34.37 -0.65 4.63
N LEU A 36 -34.84 0.10 5.62
CA LEU A 36 -35.36 -0.50 6.84
C LEU A 36 -36.50 -1.47 6.54
N GLU A 37 -37.46 -1.01 5.74
CA GLU A 37 -38.60 -1.84 5.37
C GLU A 37 -38.14 -3.16 4.76
N GLU A 38 -37.21 -3.08 3.82
CA GLU A 38 -36.69 -4.27 3.16
C GLU A 38 -35.92 -5.15 4.15
N VAL A 39 -35.25 -4.52 5.11
CA VAL A 39 -34.50 -5.25 6.11
C VAL A 39 -35.41 -6.06 7.02
N LYS A 40 -36.61 -5.54 7.25
CA LYS A 40 -37.59 -6.20 8.11
C LYS A 40 -38.21 -7.39 7.38
N ALA A 41 -38.74 -7.15 6.18
CA ALA A 41 -39.36 -8.20 5.40
C ALA A 41 -38.35 -9.29 5.03
N LYS A 42 -37.10 -8.87 4.82
CA LYS A 42 -36.04 -9.81 4.48
C LYS A 42 -35.57 -10.58 5.71
N VAL A 43 -35.59 -9.93 6.86
CA VAL A 43 -35.16 -10.54 8.11
C VAL A 43 -35.99 -11.80 8.41
N GLN A 44 -37.30 -11.69 8.21
CA GLN A 44 -38.20 -12.81 8.46
C GLN A 44 -37.62 -14.10 7.90
N PRO A 45 -37.48 -14.17 6.58
CA PRO A 45 -36.94 -15.36 5.89
C PRO A 45 -35.45 -15.55 6.15
N TYR A 46 -34.74 -14.44 6.32
CA TYR A 46 -33.31 -14.49 6.57
C TYR A 46 -33.00 -15.28 7.84
N LEU A 47 -33.98 -15.34 8.75
CA LEU A 47 -33.81 -16.06 10.00
C LEU A 47 -33.84 -17.57 9.75
N ASP A 48 -34.85 -18.04 9.05
CA ASP A 48 -34.99 -19.45 8.74
C ASP A 48 -33.84 -19.94 7.88
N ASP A 49 -33.35 -19.07 7.00
CA ASP A 49 -32.24 -19.41 6.12
C ASP A 49 -30.96 -19.63 6.92
N PHE A 50 -30.66 -18.71 7.82
CA PHE A 50 -29.46 -18.80 8.65
C PHE A 50 -29.45 -20.11 9.42
N GLN A 51 -30.53 -20.39 10.14
CA GLN A 51 -30.63 -21.62 10.92
C GLN A 51 -30.61 -22.85 10.02
N LYS A 52 -31.39 -22.79 8.94
CA LYS A 52 -31.47 -23.90 7.99
C LYS A 52 -30.12 -24.15 7.34
N LYS A 53 -29.27 -23.12 7.32
CA LYS A 53 -27.95 -23.22 6.72
C LYS A 53 -27.02 -24.05 7.60
N TRP A 54 -27.02 -23.77 8.89
CA TRP A 54 -26.17 -24.50 9.83
C TRP A 54 -26.62 -25.94 9.97
N GLN A 55 -27.91 -26.18 9.75
CA GLN A 55 -28.48 -27.52 9.84
C GLN A 55 -27.91 -28.42 8.75
N GLU A 56 -28.09 -27.99 7.49
CA GLU A 56 -27.60 -28.77 6.35
C GLU A 56 -26.08 -28.74 6.29
N GLU A 57 -25.49 -27.62 6.68
CA GLU A 57 -24.04 -27.45 6.67
C GLU A 57 -23.39 -28.33 7.73
N MET A 58 -24.10 -28.53 8.85
CA MET A 58 -23.59 -29.34 9.93
C MET A 58 -23.54 -30.81 9.54
N GLU A 59 -24.67 -31.34 9.08
CA GLU A 59 -24.76 -32.73 8.67
C GLU A 59 -23.89 -33.00 7.45
N LEU A 60 -23.82 -32.00 6.56
CA LEU A 60 -23.02 -32.13 5.35
C LEU A 60 -21.52 -31.96 5.66
N TYR A 61 -21.22 -31.24 6.73
CA TYR A 61 -19.84 -31.01 7.13
C TYR A 61 -19.16 -32.32 7.49
N ARG A 62 -19.75 -33.06 8.42
CA ARG A 62 -19.20 -34.33 8.87
C ARG A 62 -19.41 -35.42 7.81
N GLN A 63 -20.54 -35.35 7.12
CA GLN A 63 -20.86 -36.32 6.08
C GLN A 63 -19.93 -36.16 4.88
N LYS A 64 -19.36 -34.97 4.75
CA LYS A 64 -18.45 -34.69 3.64
C LYS A 64 -17.00 -35.04 4.01
N VAL A 65 -16.66 -34.82 5.28
CA VAL A 65 -15.31 -35.12 5.76
C VAL A 65 -15.04 -36.61 5.72
N GLU A 66 -16.08 -37.41 5.92
CA GLU A 66 -15.95 -38.86 5.90
C GLU A 66 -15.42 -39.35 4.55
N PRO A 67 -16.21 -39.09 3.49
CA PRO A 67 -15.85 -39.48 2.13
C PRO A 67 -14.66 -38.69 1.58
N LEU A 68 -14.77 -37.37 1.66
CA LEU A 68 -13.70 -36.49 1.18
C LEU A 68 -12.47 -36.59 2.06
N GLY A 69 -12.63 -36.17 3.32
CA GLY A 69 -11.51 -36.21 4.26
C GLY A 69 -10.75 -37.51 4.18
N GLU A 70 -11.44 -38.60 3.85
CA GLU A 70 -10.80 -39.91 3.76
C GLU A 70 -10.03 -40.03 2.44
N GLU A 71 -10.65 -39.60 1.35
CA GLU A 71 -10.02 -39.65 0.04
C GLU A 71 -8.83 -38.71 -0.04
N MET A 72 -9.00 -37.50 0.49
CA MET A 72 -7.94 -36.50 0.49
C MET A 72 -6.77 -36.94 1.37
N ARG A 73 -7.09 -37.39 2.58
CA ARG A 73 -6.07 -37.84 3.52
C ARG A 73 -5.34 -39.07 2.98
N ASP A 74 -6.11 -40.00 2.44
CA ASP A 74 -5.54 -41.23 1.89
C ASP A 74 -4.74 -40.94 0.62
N ARG A 75 -5.38 -40.26 -0.33
CA ARG A 75 -4.73 -39.92 -1.59
C ARG A 75 -3.48 -39.06 -1.35
N ALA A 76 -3.55 -38.21 -0.33
CA ALA A 76 -2.43 -37.33 0.00
C ALA A 76 -1.23 -38.14 0.45
N ARG A 77 -1.47 -39.17 1.27
CA ARG A 77 -0.40 -40.01 1.76
C ARG A 77 0.30 -40.75 0.62
N ALA A 78 -0.49 -41.35 -0.26
CA ALA A 78 0.06 -42.07 -1.40
C ALA A 78 0.65 -41.13 -2.42
N HIS A 79 0.05 -39.95 -2.56
CA HIS A 79 0.52 -38.95 -3.50
C HIS A 79 1.87 -38.37 -3.06
N VAL A 80 1.93 -37.93 -1.81
CA VAL A 80 3.15 -37.36 -1.26
C VAL A 80 4.25 -38.42 -1.16
N ASP A 81 3.88 -39.61 -0.73
CA ASP A 81 4.84 -40.70 -0.59
C ASP A 81 5.62 -40.91 -1.88
N ALA A 82 4.90 -41.06 -2.99
CA ALA A 82 5.51 -41.26 -4.30
C ALA A 82 6.32 -40.03 -4.72
N LEU A 83 5.71 -38.87 -4.60
CA LEU A 83 6.37 -37.62 -4.96
C LEU A 83 7.68 -37.44 -4.20
N ARG A 84 7.66 -37.82 -2.92
CA ARG A 84 8.84 -37.71 -2.08
C ARG A 84 9.93 -38.67 -2.53
N THR A 85 9.54 -39.91 -2.81
CA THR A 85 10.47 -40.93 -3.25
C THR A 85 11.23 -40.49 -4.49
N HIS A 86 10.52 -39.86 -5.42
CA HIS A 86 11.13 -39.37 -6.66
C HIS A 86 11.81 -38.03 -6.43
N LEU A 87 11.26 -37.23 -5.52
CA LEU A 87 11.82 -35.93 -5.21
C LEU A 87 13.16 -36.06 -4.48
N ALA A 88 13.37 -37.20 -3.85
CA ALA A 88 14.61 -37.45 -3.12
C ALA A 88 15.82 -37.25 -4.01
N PRO A 89 15.92 -38.07 -5.08
CA PRO A 89 17.03 -38.00 -6.03
C PRO A 89 16.98 -36.73 -6.88
N TYR A 90 15.80 -36.40 -7.37
CA TYR A 90 15.61 -35.21 -8.20
C TYR A 90 16.04 -33.96 -7.46
N SER A 91 15.85 -33.97 -6.14
CA SER A 91 16.21 -32.83 -5.31
C SER A 91 17.68 -32.46 -5.50
N ASP A 92 18.56 -33.45 -5.34
CA ASP A 92 20.00 -33.23 -5.50
C ASP A 92 20.33 -32.80 -6.92
N GLU A 93 19.78 -33.53 -7.89
CA GLU A 93 20.03 -33.23 -9.31
C GLU A 93 19.63 -31.79 -9.63
N LEU A 94 18.41 -31.42 -9.26
CA LEU A 94 17.90 -30.08 -9.50
C LEU A 94 18.79 -29.03 -8.84
N ARG A 95 19.16 -29.28 -7.59
CA ARG A 95 20.02 -28.37 -6.84
C ARG A 95 21.32 -28.10 -7.59
N GLN A 96 21.82 -29.12 -8.28
CA GLN A 96 23.07 -28.99 -9.04
C GLN A 96 22.87 -28.06 -10.23
N ARG A 97 21.83 -28.30 -11.01
CA ARG A 97 21.54 -27.48 -12.18
C ARG A 97 21.20 -26.05 -11.77
N LEU A 98 20.45 -25.91 -10.69
CA LEU A 98 20.05 -24.59 -10.19
C LEU A 98 21.25 -23.85 -9.61
N ALA A 99 21.99 -24.52 -8.74
CA ALA A 99 23.16 -23.93 -8.12
C ALA A 99 24.15 -23.41 -9.16
N ALA A 100 24.22 -24.11 -10.29
CA ALA A 100 25.12 -23.72 -11.37
C ALA A 100 24.54 -22.55 -12.17
N ARG A 101 23.22 -22.52 -12.30
CA ARG A 101 22.54 -21.46 -13.03
C ARG A 101 22.80 -20.09 -12.37
N LEU A 102 22.60 -20.04 -11.06
CA LEU A 102 22.80 -18.80 -10.32
C LEU A 102 24.28 -18.41 -10.30
N GLU A 103 25.13 -19.38 -9.96
CA GLU A 103 26.57 -19.13 -9.90
C GLU A 103 27.09 -18.68 -11.26
N ALA A 104 26.74 -19.43 -12.30
CA ALA A 104 27.18 -19.11 -13.66
C ALA A 104 26.79 -17.69 -14.04
N LEU A 105 25.53 -17.33 -13.76
CA LEU A 105 25.03 -16.00 -14.08
C LEU A 105 25.89 -14.93 -13.42
N LYS A 106 26.30 -15.18 -12.18
CA LYS A 106 27.12 -14.24 -11.43
C LYS A 106 28.51 -14.12 -12.06
N GLU A 107 28.95 -15.18 -12.72
CA GLU A 107 30.26 -15.19 -13.37
C GLU A 107 30.41 -14.00 -14.32
N ASN A 108 29.49 -13.89 -15.26
CA ASN A 108 29.51 -12.80 -16.23
C ASN A 108 29.45 -11.45 -15.53
N GLY A 109 28.84 -11.43 -14.35
CA GLY A 109 28.72 -10.19 -13.60
C GLY A 109 30.07 -9.57 -13.29
N GLY A 110 31.08 -10.42 -13.14
CA GLY A 110 32.42 -9.92 -12.84
C GLY A 110 33.00 -9.10 -13.97
N ALA A 111 32.92 -9.65 -15.19
CA ALA A 111 33.45 -8.96 -16.36
C ALA A 111 32.46 -7.93 -16.87
N ARG A 112 31.18 -8.11 -16.55
CA ARG A 112 30.14 -7.18 -16.98
C ARG A 112 30.22 -5.88 -16.20
N LEU A 113 30.68 -5.97 -14.95
CA LEU A 113 30.79 -4.78 -14.10
C LEU A 113 31.77 -3.78 -14.69
N ALA A 114 32.90 -4.28 -15.18
CA ALA A 114 33.92 -3.43 -15.77
C ALA A 114 33.46 -2.89 -17.12
N GLU A 115 32.98 -3.78 -17.97
CA GLU A 115 32.50 -3.41 -19.30
C GLU A 115 31.34 -2.41 -19.21
N TYR A 116 30.35 -2.75 -18.40
CA TYR A 116 29.18 -1.89 -18.22
C TYR A 116 29.60 -0.50 -17.77
N HIS A 117 30.48 -0.46 -16.77
CA HIS A 117 30.96 0.81 -16.23
C HIS A 117 31.47 1.71 -17.35
N ALA A 118 32.36 1.16 -18.19
CA ALA A 118 32.91 1.92 -19.30
C ALA A 118 31.83 2.42 -20.24
N LYS A 119 30.75 1.66 -20.34
CA LYS A 119 29.63 2.02 -21.21
C LYS A 119 28.79 3.13 -20.57
N ALA A 120 28.43 2.95 -19.31
CA ALA A 120 27.64 3.93 -18.58
C ALA A 120 28.41 5.22 -18.37
N THR A 121 29.73 5.08 -18.19
CA THR A 121 30.59 6.24 -17.97
C THR A 121 30.65 7.11 -19.21
N GLU A 122 30.89 6.49 -20.36
CA GLU A 122 30.98 7.23 -21.62
C GLU A 122 29.61 7.74 -22.06
N HIS A 123 28.58 6.94 -21.78
CA HIS A 123 27.21 7.31 -22.14
C HIS A 123 26.81 8.63 -21.48
N LEU A 124 27.08 8.73 -20.18
CA LEU A 124 26.75 9.94 -19.43
C LEU A 124 27.68 11.09 -19.80
N SER A 125 28.91 10.75 -20.19
CA SER A 125 29.90 11.74 -20.57
C SER A 125 29.38 12.62 -21.71
N THR A 126 28.90 11.97 -22.76
CA THR A 126 28.38 12.69 -23.92
C THR A 126 27.06 13.39 -23.59
N LEU A 127 26.13 12.65 -22.99
CA LEU A 127 24.83 13.20 -22.61
C LEU A 127 25.01 14.44 -21.74
N SER A 128 25.73 14.29 -20.64
CA SER A 128 25.97 15.39 -19.71
C SER A 128 26.56 16.58 -20.45
N GLU A 129 27.41 16.31 -21.44
CA GLU A 129 28.05 17.37 -22.22
C GLU A 129 27.01 18.25 -22.90
N LYS A 130 26.03 17.61 -23.53
CA LYS A 130 24.97 18.34 -24.22
C LYS A 130 23.93 18.86 -23.23
N ALA A 131 23.79 18.16 -22.10
CA ALA A 131 22.83 18.56 -21.08
C ALA A 131 23.28 19.84 -20.38
N LYS A 132 24.57 20.13 -20.46
CA LYS A 132 25.12 21.33 -19.84
C LYS A 132 24.52 22.59 -20.44
N PRO A 133 24.72 22.76 -21.76
CA PRO A 133 24.20 23.92 -22.49
C PRO A 133 22.68 23.89 -22.63
N ALA A 134 22.13 22.69 -22.64
CA ALA A 134 20.68 22.52 -22.77
C ALA A 134 19.98 22.81 -21.45
N LEU A 135 20.66 22.54 -20.34
CA LEU A 135 20.10 22.77 -19.02
C LEU A 135 20.01 24.27 -18.73
N GLU A 136 21.02 25.01 -19.17
CA GLU A 136 21.06 26.46 -18.94
C GLU A 136 19.79 27.11 -19.47
N ASP A 137 19.44 26.81 -20.72
CA ASP A 137 18.24 27.37 -21.34
C ASP A 137 16.98 26.70 -20.81
N LEU A 138 17.11 25.42 -20.45
CA LEU A 138 15.98 24.66 -19.93
C LEU A 138 15.44 25.29 -18.65
N ARG A 139 16.34 25.52 -17.69
CA ARG A 139 15.96 26.13 -16.42
C ARG A 139 15.53 27.58 -16.61
N GLN A 140 16.18 28.27 -17.54
CA GLN A 140 15.87 29.67 -17.81
C GLN A 140 14.40 29.82 -18.20
N GLY A 141 13.93 28.99 -19.13
CA GLY A 141 12.56 29.05 -19.56
C GLY A 141 11.59 28.61 -18.49
N LEU A 142 12.03 27.71 -17.62
CA LEU A 142 11.20 27.20 -16.54
C LEU A 142 10.82 28.31 -15.57
N LEU A 143 11.73 29.28 -15.40
CA LEU A 143 11.48 30.40 -14.51
C LEU A 143 10.15 31.08 -14.83
N PRO A 144 10.03 31.61 -16.06
CA PRO A 144 8.82 32.30 -16.51
C PRO A 144 7.65 31.33 -16.71
N VAL A 145 7.94 30.18 -17.33
CA VAL A 145 6.92 29.17 -17.59
C VAL A 145 6.25 28.74 -16.28
N LEU A 146 7.06 28.29 -15.34
CA LEU A 146 6.55 27.84 -14.04
C LEU A 146 5.80 28.96 -13.33
N GLU A 147 6.25 30.19 -13.54
CA GLU A 147 5.61 31.34 -12.92
C GLU A 147 4.21 31.57 -13.50
N SER A 148 4.07 31.30 -14.79
CA SER A 148 2.79 31.49 -15.47
C SER A 148 1.70 30.62 -14.83
N PHE A 149 2.02 29.36 -14.61
CA PHE A 149 1.07 28.43 -14.01
C PHE A 149 0.77 28.83 -12.57
N LYS A 150 1.81 29.22 -11.82
CA LYS A 150 1.65 29.62 -10.43
C LYS A 150 0.80 30.88 -10.34
N VAL A 151 1.09 31.86 -11.20
CA VAL A 151 0.36 33.11 -11.20
C VAL A 151 -1.14 32.87 -11.35
N SER A 152 -1.50 31.96 -12.26
CA SER A 152 -2.90 31.64 -12.50
C SER A 152 -3.58 31.14 -11.23
N PHE A 153 -2.94 30.19 -10.56
CA PHE A 153 -3.49 29.63 -9.33
C PHE A 153 -3.53 30.68 -8.22
N LEU A 154 -2.50 31.52 -8.18
CA LEU A 154 -2.41 32.58 -7.17
C LEU A 154 -3.53 33.59 -7.36
N SER A 155 -3.91 33.83 -8.61
CA SER A 155 -4.96 34.79 -8.92
C SER A 155 -6.33 34.23 -8.54
N ALA A 156 -6.46 32.91 -8.61
CA ALA A 156 -7.72 32.26 -8.25
C ALA A 156 -8.01 32.39 -6.76
N LEU A 157 -7.03 32.04 -5.95
CA LEU A 157 -7.18 32.12 -4.49
C LEU A 157 -7.30 33.56 -4.03
N GLU A 158 -6.56 34.45 -4.69
CA GLU A 158 -6.58 35.86 -4.35
C GLU A 158 -7.89 36.51 -4.78
N GLU A 159 -8.42 36.07 -5.92
CA GLU A 159 -9.67 36.59 -6.43
C GLU A 159 -10.86 36.11 -5.60
N TYR A 160 -10.91 34.80 -5.37
CA TYR A 160 -11.99 34.22 -4.59
C TYR A 160 -12.03 34.80 -3.18
N THR A 161 -10.85 35.06 -2.62
CA THR A 161 -10.75 35.62 -1.27
C THR A 161 -11.20 37.07 -1.25
N LYS A 162 -10.72 37.85 -2.22
CA LYS A 162 -11.07 39.26 -2.31
C LYS A 162 -12.58 39.44 -2.39
N LYS A 163 -13.20 38.77 -3.35
CA LYS A 163 -14.65 38.85 -3.52
C LYS A 163 -15.38 38.34 -2.29
N LEU A 164 -14.98 37.16 -1.82
CA LEU A 164 -15.60 36.56 -0.64
C LEU A 164 -15.50 37.49 0.56
N ASN A 165 -14.40 38.23 0.64
CA ASN A 165 -14.18 39.16 1.74
C ASN A 165 -15.08 40.39 1.60
N THR A 166 -15.45 40.70 0.37
CA THR A 166 -16.31 41.84 0.10
C THR A 166 -15.54 43.16 0.24
N GLN A 167 -15.15 43.47 1.48
CA GLN A 167 -14.41 44.69 1.76
C GLN A 167 -12.96 44.56 1.31
N SER B 1 54.19 14.61 -17.52
CA SER B 1 54.06 13.23 -17.95
C SER B 1 52.59 12.85 -18.13
N THR B 2 52.35 11.61 -18.55
CA THR B 2 50.99 11.12 -18.76
C THR B 2 50.74 9.82 -18.01
N PHE B 3 51.20 9.77 -16.76
CA PHE B 3 51.03 8.57 -15.94
C PHE B 3 50.41 8.92 -14.59
N SER B 4 51.14 9.65 -13.77
CA SER B 4 50.66 10.05 -12.45
C SER B 4 49.35 10.82 -12.56
N LYS B 5 49.29 11.72 -13.53
CA LYS B 5 48.09 12.53 -13.74
C LYS B 5 46.97 11.69 -14.35
N LEU B 6 47.33 10.86 -15.33
CA LEU B 6 46.35 10.01 -16.00
C LEU B 6 45.70 9.04 -15.00
N ARG B 7 46.51 8.47 -14.12
CA ARG B 7 46.02 7.53 -13.13
C ARG B 7 45.18 8.26 -12.08
N GLU B 8 45.66 9.41 -11.63
CA GLU B 8 44.94 10.19 -10.63
C GLU B 8 43.53 10.54 -11.11
N GLN B 9 43.44 11.01 -12.35
CA GLN B 9 42.16 11.39 -12.93
C GLN B 9 41.38 10.15 -13.37
N LEU B 10 42.10 9.09 -13.70
CA LEU B 10 41.49 7.84 -14.14
C LEU B 10 40.47 7.34 -13.11
N GLY B 11 40.89 7.34 -11.85
CA GLY B 11 40.01 6.88 -10.79
C GLY B 11 40.24 5.44 -10.41
N PRO B 12 41.35 5.18 -9.69
CA PRO B 12 41.72 3.83 -9.25
C PRO B 12 40.77 3.29 -8.18
N VAL B 13 40.01 4.19 -7.56
CA VAL B 13 39.07 3.81 -6.52
C VAL B 13 38.11 2.73 -7.01
N THR B 14 37.73 2.82 -8.28
CA THR B 14 36.82 1.85 -8.87
C THR B 14 37.37 0.44 -8.78
N GLN B 15 38.68 0.31 -8.99
CA GLN B 15 39.33 -0.99 -8.94
C GLN B 15 39.16 -1.62 -7.56
N GLU B 16 39.48 -0.87 -6.52
CA GLU B 16 39.37 -1.36 -5.16
C GLU B 16 37.91 -1.58 -4.78
N PHE B 17 37.02 -0.82 -5.41
CA PHE B 17 35.59 -0.93 -5.14
C PHE B 17 35.08 -2.33 -5.48
N TRP B 18 35.20 -2.71 -6.74
CA TRP B 18 34.75 -4.02 -7.20
C TRP B 18 35.65 -5.12 -6.64
N ASP B 19 36.93 -4.81 -6.47
CA ASP B 19 37.89 -5.78 -5.95
C ASP B 19 37.58 -6.11 -4.50
N ASN B 20 37.47 -5.08 -3.66
CA ASN B 20 37.18 -5.26 -2.25
C ASN B 20 35.82 -5.92 -2.05
N LEU B 21 34.82 -5.44 -2.79
CA LEU B 21 33.47 -5.98 -2.70
C LEU B 21 33.44 -7.45 -3.08
N GLU B 22 33.91 -7.75 -4.30
CA GLU B 22 33.93 -9.13 -4.78
C GLU B 22 34.76 -10.01 -3.86
N LYS B 23 35.82 -9.44 -3.30
CA LYS B 23 36.70 -10.18 -2.40
C LYS B 23 35.92 -10.71 -1.20
N GLU B 24 35.19 -9.82 -0.53
CA GLU B 24 34.40 -10.20 0.63
C GLU B 24 33.16 -10.99 0.22
N THR B 25 32.62 -10.65 -0.95
CA THR B 25 31.43 -11.33 -1.47
C THR B 25 31.70 -12.81 -1.70
N GLU B 26 32.96 -13.16 -1.93
CA GLU B 26 33.34 -14.54 -2.17
C GLU B 26 32.79 -15.45 -1.08
N GLY B 27 32.72 -14.93 0.15
CA GLY B 27 32.22 -15.72 1.25
C GLY B 27 30.87 -16.35 0.95
N LEU B 28 30.11 -15.72 0.07
CA LEU B 28 28.80 -16.23 -0.30
C LEU B 28 28.86 -17.71 -0.65
N ARG B 29 29.96 -18.11 -1.30
CA ARG B 29 30.15 -19.50 -1.69
C ARG B 29 30.16 -20.41 -0.46
N GLN B 30 30.97 -20.05 0.54
CA GLN B 30 31.08 -20.82 1.76
C GLN B 30 29.73 -20.93 2.45
N GLU B 31 29.02 -19.81 2.55
CA GLU B 31 27.71 -19.77 3.19
C GLU B 31 26.77 -20.79 2.56
N MET B 32 26.69 -20.76 1.23
CA MET B 32 25.82 -21.69 0.51
C MET B 32 26.19 -23.13 0.80
N SER B 33 27.48 -23.42 0.87
CA SER B 33 27.96 -24.76 1.14
C SER B 33 27.44 -25.25 2.49
N LYS B 34 27.62 -24.44 3.52
CA LYS B 34 27.17 -24.79 4.87
C LYS B 34 25.66 -25.05 4.88
N ASP B 35 24.92 -24.17 4.22
CA ASP B 35 23.46 -24.31 4.16
C ASP B 35 23.07 -25.67 3.60
N LEU B 36 23.69 -26.06 2.48
CA LEU B 36 23.40 -27.34 1.85
C LEU B 36 23.64 -28.49 2.82
N GLU B 37 24.80 -28.48 3.47
CA GLU B 37 25.14 -29.53 4.42
C GLU B 37 24.06 -29.67 5.49
N GLU B 38 23.64 -28.55 6.05
CA GLU B 38 22.61 -28.54 7.08
C GLU B 38 21.27 -29.02 6.52
N VAL B 39 21.01 -28.68 5.26
CA VAL B 39 19.76 -29.07 4.60
C VAL B 39 19.70 -30.57 4.41
N LYS B 40 20.86 -31.19 4.21
CA LYS B 40 20.94 -32.64 4.01
C LYS B 40 20.76 -33.37 5.33
N ALA B 41 21.55 -33.01 6.33
CA ALA B 41 21.47 -33.64 7.64
C ALA B 41 20.10 -33.43 8.27
N LYS B 42 19.51 -32.26 8.01
CA LYS B 42 18.20 -31.93 8.55
C LYS B 42 17.10 -32.64 7.76
N VAL B 43 17.32 -32.80 6.46
CA VAL B 43 16.34 -33.46 5.60
C VAL B 43 16.00 -34.85 6.12
N GLN B 44 17.03 -35.62 6.49
CA GLN B 44 16.82 -36.97 7.00
C GLN B 44 15.67 -37.00 8.00
N PRO B 45 15.85 -36.33 9.15
CA PRO B 45 14.84 -36.27 10.20
C PRO B 45 13.63 -35.43 9.79
N TYR B 46 13.86 -34.42 8.97
CA TYR B 46 12.79 -33.55 8.50
C TYR B 46 11.71 -34.36 7.78
N LEU B 47 12.10 -35.51 7.24
CA LEU B 47 11.17 -36.37 6.51
C LEU B 47 10.26 -37.12 7.48
N ASP B 48 10.87 -37.75 8.47
CA ASP B 48 10.11 -38.50 9.47
C ASP B 48 9.12 -37.60 10.21
N ASP B 49 9.52 -36.34 10.42
CA ASP B 49 8.67 -35.38 11.11
C ASP B 49 7.45 -35.04 10.27
N PHE B 50 7.67 -34.75 8.99
CA PHE B 50 6.58 -34.40 8.09
C PHE B 50 5.53 -35.50 8.07
N GLN B 51 5.96 -36.73 7.83
CA GLN B 51 5.05 -37.87 7.78
C GLN B 51 4.41 -38.11 9.14
N LYS B 52 5.22 -38.09 10.18
CA LYS B 52 4.73 -38.30 11.54
C LYS B 52 3.73 -37.22 11.94
N LYS B 53 3.81 -36.07 11.26
CA LYS B 53 2.92 -34.96 11.55
C LYS B 53 1.52 -35.24 11.03
N TRP B 54 1.43 -35.71 9.79
CA TRP B 54 0.15 -36.03 9.17
C TRP B 54 -0.52 -37.19 9.88
N GLN B 55 0.29 -38.10 10.42
CA GLN B 55 -0.23 -39.26 11.13
C GLN B 55 -0.99 -38.85 12.38
N GLU B 56 -0.33 -38.10 13.25
CA GLU B 56 -0.94 -37.64 14.49
C GLU B 56 -2.00 -36.59 14.20
N GLU B 57 -1.77 -35.77 13.17
CA GLU B 57 -2.70 -34.71 12.80
C GLU B 57 -3.96 -35.30 12.19
N MET B 58 -3.81 -36.44 11.50
CA MET B 58 -4.94 -37.09 10.86
C MET B 58 -5.88 -37.70 11.91
N GLU B 59 -5.33 -38.53 12.79
CA GLU B 59 -6.12 -39.16 13.84
C GLU B 59 -6.67 -38.13 14.81
N LEU B 60 -5.88 -37.09 15.07
CA LEU B 60 -6.29 -36.02 15.98
C LEU B 60 -7.29 -35.09 15.32
N TYR B 61 -7.25 -35.03 14.00
CA TYR B 61 -8.16 -34.17 13.25
C TYR B 61 -9.61 -34.62 13.43
N ARG B 62 -9.87 -35.88 13.13
CA ARG B 62 -11.20 -36.44 13.26
C ARG B 62 -11.55 -36.68 14.72
N GLN B 63 -10.55 -37.04 15.52
CA GLN B 63 -10.75 -37.29 16.94
C GLN B 63 -11.06 -36.00 17.69
N LYS B 64 -10.66 -34.88 17.10
CA LYS B 64 -10.91 -33.57 17.71
C LYS B 64 -12.23 -32.98 17.24
N VAL B 65 -12.55 -33.23 15.97
CA VAL B 65 -13.80 -32.72 15.41
C VAL B 65 -15.02 -33.36 16.07
N GLU B 66 -14.86 -34.61 16.48
CA GLU B 66 -15.94 -35.34 17.12
C GLU B 66 -16.37 -34.65 18.42
N PRO B 67 -15.44 -34.54 19.36
CA PRO B 67 -15.69 -33.91 20.66
C PRO B 67 -15.87 -32.40 20.54
N LEU B 68 -14.92 -31.75 19.88
CA LEU B 68 -14.99 -30.30 19.68
C LEU B 68 -16.08 -29.93 18.69
N GLY B 69 -15.93 -30.35 17.45
CA GLY B 69 -16.91 -30.05 16.43
C GLY B 69 -18.33 -30.24 16.93
N GLU B 70 -18.52 -31.19 17.83
CA GLU B 70 -19.84 -31.47 18.39
C GLU B 70 -20.22 -30.43 19.44
N GLU B 71 -19.29 -30.16 20.35
CA GLU B 71 -19.53 -29.19 21.41
C GLU B 71 -19.67 -27.78 20.84
N MET B 72 -18.77 -27.43 19.93
CA MET B 72 -18.80 -26.10 19.30
C MET B 72 -20.06 -25.92 18.46
N ARG B 73 -20.31 -26.88 17.57
CA ARG B 73 -21.47 -26.83 16.70
C ARG B 73 -22.75 -26.82 17.52
N ASP B 74 -22.81 -27.66 18.55
CA ASP B 74 -23.99 -27.75 19.41
C ASP B 74 -24.17 -26.46 20.22
N ARG B 75 -23.10 -26.04 20.88
CA ARG B 75 -23.14 -24.82 21.69
C ARG B 75 -23.46 -23.61 20.84
N ALA B 76 -23.03 -23.65 19.58
CA ALA B 76 -23.29 -22.55 18.65
C ALA B 76 -24.78 -22.40 18.36
N ARG B 77 -25.42 -23.52 18.06
CA ARG B 77 -26.85 -23.52 17.76
C ARG B 77 -27.65 -22.96 18.94
N ALA B 78 -27.32 -23.42 20.14
CA ALA B 78 -28.00 -22.96 21.35
C ALA B 78 -27.61 -21.53 21.69
N HIS B 79 -26.36 -21.18 21.42
CA HIS B 79 -25.86 -19.84 21.70
C HIS B 79 -26.52 -18.81 20.79
N VAL B 80 -26.50 -19.09 19.48
CA VAL B 80 -27.09 -18.19 18.51
C VAL B 80 -28.60 -18.09 18.69
N ASP B 81 -29.24 -19.22 18.95
CA ASP B 81 -30.68 -19.27 19.16
C ASP B 81 -31.11 -18.26 20.22
N ALA B 82 -30.46 -18.31 21.38
CA ALA B 82 -30.78 -17.40 22.48
C ALA B 82 -30.44 -15.96 22.11
N LEU B 83 -29.24 -15.76 21.57
CA LEU B 83 -28.80 -14.42 21.19
C LEU B 83 -29.75 -13.81 20.17
N ARG B 84 -30.26 -14.64 19.26
CA ARG B 84 -31.20 -14.18 18.24
C ARG B 84 -32.53 -13.77 18.85
N THR B 85 -33.03 -14.60 19.77
CA THR B 85 -34.30 -14.32 20.43
C THR B 85 -34.27 -12.97 21.12
N HIS B 86 -33.16 -12.66 21.77
CA HIS B 86 -33.01 -11.38 22.46
C HIS B 86 -32.63 -10.28 21.50
N LEU B 87 -31.89 -10.64 20.45
CA LEU B 87 -31.46 -9.67 19.45
C LEU B 87 -32.64 -9.20 18.60
N ALA B 88 -33.69 -10.00 18.56
CA ALA B 88 -34.89 -9.66 17.79
C ALA B 88 -35.43 -8.30 18.20
N PRO B 89 -35.84 -8.18 19.48
CA PRO B 89 -36.39 -6.94 20.03
C PRO B 89 -35.33 -5.85 20.16
N TYR B 90 -34.16 -6.24 20.64
CA TYR B 90 -33.06 -5.30 20.83
C TYR B 90 -32.66 -4.66 19.50
N SER B 91 -32.81 -5.41 18.42
CA SER B 91 -32.46 -4.93 17.09
C SER B 91 -33.22 -3.65 16.77
N ASP B 92 -34.54 -3.69 16.93
CA ASP B 92 -35.39 -2.53 16.65
C ASP B 92 -35.05 -1.38 17.59
N GLU B 93 -34.95 -1.68 18.88
CA GLU B 93 -34.63 -0.67 19.87
C GLU B 93 -33.31 0.03 19.54
N LEU B 94 -32.27 -0.77 19.32
CA LEU B 94 -30.95 -0.24 18.99
C LEU B 94 -31.01 0.62 17.74
N ARG B 95 -31.71 0.13 16.72
CA ARG B 95 -31.83 0.86 15.46
C ARG B 95 -32.42 2.24 15.69
N GLN B 96 -33.34 2.35 16.64
CA GLN B 96 -33.97 3.63 16.96
C GLN B 96 -32.96 4.59 17.57
N ARG B 97 -32.22 4.12 18.57
CA ARG B 97 -31.22 4.95 19.23
C ARG B 97 -30.11 5.34 18.27
N LEU B 98 -29.68 4.39 17.44
CA LEU B 98 -28.62 4.63 16.48
C LEU B 98 -29.10 5.58 15.37
N ALA B 99 -30.26 5.27 14.81
CA ALA B 99 -30.83 6.09 13.74
C ALA B 99 -30.96 7.54 14.19
N ALA B 100 -31.24 7.75 15.46
CA ALA B 100 -31.39 9.09 16.01
C ALA B 100 -30.02 9.75 16.22
N ARG B 101 -29.04 8.94 16.59
CA ARG B 101 -27.69 9.45 16.83
C ARG B 101 -27.11 10.06 15.56
N LEU B 102 -27.21 9.32 14.46
CA LEU B 102 -26.68 9.79 13.17
C LEU B 102 -27.48 10.98 12.67
N GLU B 103 -28.81 10.86 12.68
CA GLU B 103 -29.68 11.92 12.22
C GLU B 103 -29.46 13.20 13.03
N ALA B 104 -29.49 13.06 14.36
CA ALA B 104 -29.30 14.18 15.25
C ALA B 104 -27.98 14.90 14.96
N LEU B 105 -26.91 14.11 14.82
CA LEU B 105 -25.59 14.67 14.53
C LEU B 105 -25.62 15.52 13.26
N LYS B 106 -26.35 15.04 12.26
CA LYS B 106 -26.46 15.75 11.00
C LYS B 106 -27.23 17.06 11.17
N GLU B 107 -28.13 17.08 12.14
CA GLU B 107 -28.94 18.27 12.41
C GLU B 107 -28.04 19.50 12.61
N ASN B 108 -27.12 19.40 13.55
CA ASN B 108 -26.20 20.50 13.83
C ASN B 108 -25.40 20.88 12.59
N GLY B 109 -25.19 19.90 11.71
CA GLY B 109 -24.45 20.15 10.49
C GLY B 109 -25.05 21.25 9.65
N GLY B 110 -26.37 21.38 9.71
CA GLY B 110 -27.05 22.40 8.93
C GLY B 110 -26.69 23.80 9.38
N ALA B 111 -26.75 24.05 10.68
CA ALA B 111 -26.42 25.36 11.24
C ALA B 111 -24.91 25.53 11.37
N ARG B 112 -24.19 24.41 11.45
CA ARG B 112 -22.74 24.44 11.60
C ARG B 112 -22.08 24.84 10.28
N LEU B 113 -22.72 24.48 9.17
CA LEU B 113 -22.20 24.80 7.84
C LEU B 113 -22.09 26.32 7.65
N ALA B 114 -23.13 27.03 8.07
CA ALA B 114 -23.15 28.48 7.94
C ALA B 114 -22.18 29.14 8.93
N GLU B 115 -22.27 28.72 10.19
CA GLU B 115 -21.40 29.26 11.23
C GLU B 115 -19.93 29.00 10.91
N TYR B 116 -19.62 27.74 10.60
CA TYR B 116 -18.25 27.36 10.27
C TYR B 116 -17.71 28.19 9.11
N HIS B 117 -18.51 28.32 8.07
CA HIS B 117 -18.11 29.09 6.89
C HIS B 117 -17.64 30.48 7.29
N ALA B 118 -18.46 31.17 8.09
CA ALA B 118 -18.12 32.51 8.54
C ALA B 118 -16.81 32.52 9.33
N LYS B 119 -16.54 31.41 10.01
CA LYS B 119 -15.31 31.29 10.80
C LYS B 119 -14.10 31.04 9.90
N ALA B 120 -14.24 30.09 8.99
CA ALA B 120 -13.15 29.75 8.06
C ALA B 120 -12.89 30.89 7.09
N THR B 121 -13.96 31.60 6.71
CA THR B 121 -13.85 32.72 5.79
C THR B 121 -13.06 33.86 6.39
N GLU B 122 -13.41 34.24 7.62
CA GLU B 122 -12.72 35.32 8.32
C GLU B 122 -11.31 34.89 8.72
N HIS B 123 -11.17 33.63 9.11
CA HIS B 123 -9.87 33.10 9.52
C HIS B 123 -8.83 33.24 8.40
N LEU B 124 -9.23 32.85 7.20
CA LEU B 124 -8.33 32.93 6.04
C LEU B 124 -8.15 34.38 5.60
N SER B 125 -9.17 35.20 5.83
CA SER B 125 -9.13 36.61 5.46
C SER B 125 -7.94 37.31 6.10
N THR B 126 -7.80 37.14 7.42
CA THR B 126 -6.72 37.76 8.16
C THR B 126 -5.38 37.11 7.81
N LEU B 127 -5.34 35.78 7.87
CA LEU B 127 -4.12 35.04 7.56
C LEU B 127 -3.59 35.41 6.17
N SER B 128 -4.45 35.27 5.16
CA SER B 128 -4.07 35.60 3.79
C SER B 128 -3.53 37.02 3.70
N GLU B 129 -4.12 37.92 4.49
CA GLU B 129 -3.71 39.32 4.50
C GLU B 129 -2.23 39.45 4.87
N LYS B 130 -1.83 38.75 5.92
CA LYS B 130 -0.44 38.78 6.38
C LYS B 130 0.44 37.90 5.51
N ALA B 131 -0.15 36.86 4.93
CA ALA B 131 0.57 35.95 4.06
C ALA B 131 0.97 36.62 2.75
N LYS B 132 0.26 37.68 2.40
CA LYS B 132 0.54 38.42 1.17
C LYS B 132 1.94 39.02 1.20
N PRO B 133 2.18 39.90 2.18
CA PRO B 133 3.48 40.56 2.34
C PRO B 133 4.57 39.60 2.80
N ALA B 134 4.17 38.56 3.52
CA ALA B 134 5.11 37.55 4.02
C ALA B 134 5.53 36.61 2.90
N LEU B 135 4.64 36.36 1.96
CA LEU B 135 4.92 35.48 0.84
C LEU B 135 5.92 36.10 -0.12
N GLU B 136 5.80 37.41 -0.33
CA GLU B 136 6.68 38.13 -1.23
C GLU B 136 8.14 37.91 -0.83
N ASP B 137 8.44 38.11 0.44
CA ASP B 137 9.80 37.94 0.95
C ASP B 137 10.14 36.46 1.10
N LEU B 138 9.13 35.64 1.39
CA LEU B 138 9.31 34.21 1.55
C LEU B 138 9.84 33.58 0.27
N ARG B 139 9.16 33.84 -0.85
CA ARG B 139 9.57 33.30 -2.13
C ARG B 139 10.89 33.92 -2.59
N GLN B 140 11.08 35.19 -2.28
CA GLN B 140 12.30 35.90 -2.66
C GLN B 140 13.53 35.20 -2.11
N GLY B 141 13.49 34.87 -0.81
CA GLY B 141 14.61 34.20 -0.18
C GLY B 141 14.78 32.77 -0.68
N LEU B 142 13.68 32.15 -1.07
CA LEU B 142 13.71 30.77 -1.56
C LEU B 142 14.53 30.67 -2.84
N LEU B 143 14.50 31.74 -3.64
CA LEU B 143 15.23 31.78 -4.90
C LEU B 143 16.70 31.42 -4.68
N PRO B 144 17.39 32.23 -3.88
CA PRO B 144 18.81 32.01 -3.56
C PRO B 144 19.03 30.80 -2.67
N VAL B 145 18.20 30.65 -1.66
CA VAL B 145 18.30 29.53 -0.73
C VAL B 145 18.20 28.20 -1.48
N LEU B 146 17.13 28.03 -2.25
CA LEU B 146 16.92 26.80 -3.00
C LEU B 146 18.06 26.57 -4.00
N GLU B 147 18.62 27.67 -4.52
CA GLU B 147 19.70 27.59 -5.47
C GLU B 147 20.98 27.07 -4.80
N SER B 148 21.16 27.45 -3.54
CA SER B 148 22.35 27.03 -2.79
C SER B 148 22.41 25.51 -2.69
N PHE B 149 21.28 24.90 -2.32
CA PHE B 149 21.22 23.45 -2.19
C PHE B 149 21.40 22.77 -3.54
N LYS B 150 20.77 23.32 -4.57
CA LYS B 150 20.86 22.76 -5.91
C LYS B 150 22.29 22.86 -6.43
N VAL B 151 22.91 24.01 -6.24
CA VAL B 151 24.28 24.23 -6.69
C VAL B 151 25.22 23.17 -6.13
N SER B 152 25.05 22.85 -4.85
CA SER B 152 25.88 21.85 -4.19
C SER B 152 25.78 20.50 -4.89
N PHE B 153 24.54 20.06 -5.12
CA PHE B 153 24.30 18.79 -5.78
C PHE B 153 24.80 18.81 -7.22
N LEU B 154 24.62 19.95 -7.88
CA LEU B 154 25.05 20.10 -9.27
C LEU B 154 26.57 20.01 -9.37
N SER B 155 27.26 20.51 -8.34
CA SER B 155 28.72 20.49 -8.32
C SER B 155 29.24 19.07 -8.10
N ALA B 156 28.47 18.28 -7.36
CA ALA B 156 28.85 16.90 -7.08
C ALA B 156 28.83 16.05 -8.35
N LEU B 157 27.73 16.11 -9.08
CA LEU B 157 27.58 15.35 -10.31
C LEU B 157 28.54 15.86 -11.39
N GLU B 158 28.74 17.17 -11.41
CA GLU B 158 29.64 17.78 -12.39
C GLU B 158 31.09 17.47 -12.05
N GLU B 159 31.41 17.43 -10.76
CA GLU B 159 32.77 17.14 -10.31
C GLU B 159 33.11 15.68 -10.53
N TYR B 160 32.23 14.78 -10.09
CA TYR B 160 32.44 13.36 -10.24
C TYR B 160 32.56 12.96 -11.71
N THR B 161 31.78 13.62 -12.55
CA THR B 161 31.81 13.35 -13.99
C THR B 161 33.09 13.85 -14.62
N LYS B 162 33.48 15.08 -14.29
CA LYS B 162 34.69 15.68 -14.83
C LYS B 162 35.90 14.81 -14.53
N LYS B 163 36.09 14.48 -13.25
CA LYS B 163 37.21 13.65 -12.84
C LYS B 163 37.14 12.27 -13.48
N LEU B 164 35.96 11.65 -13.40
CA LEU B 164 35.76 10.32 -13.97
C LEU B 164 36.06 10.32 -15.47
N ASN B 165 35.75 11.44 -16.12
CA ASN B 165 35.99 11.57 -17.56
C ASN B 165 37.48 11.72 -17.85
N THR B 166 38.22 12.25 -16.87
CA THR B 166 39.66 12.45 -17.03
C THR B 166 39.95 13.63 -17.95
N GLN B 167 39.63 13.47 -19.23
CA GLN B 167 39.86 14.51 -20.22
C GLN B 167 38.85 15.65 -20.05
N SER A 1 -38.77 48.46 1.22
CA SER A 1 -37.57 47.67 1.48
C SER A 1 -36.93 47.20 0.18
N THR A 2 -35.61 47.33 0.10
CA THR A 2 -34.88 46.93 -1.09
C THR A 2 -33.61 46.15 -0.72
N PHE A 3 -32.62 46.86 -0.18
CA PHE A 3 -31.37 46.24 0.22
C PHE A 3 -30.73 45.51 -0.96
N SER A 4 -30.71 46.16 -2.11
CA SER A 4 -30.13 45.57 -3.32
C SER A 4 -28.65 45.29 -3.12
N LYS A 5 -27.95 46.23 -2.49
CA LYS A 5 -26.52 46.08 -2.23
C LYS A 5 -26.26 45.00 -1.18
N LEU A 6 -27.15 44.90 -0.20
CA LEU A 6 -27.02 43.91 0.86
C LEU A 6 -27.13 42.50 0.29
N ARG A 7 -28.08 42.30 -0.61
CA ARG A 7 -28.27 40.99 -1.22
C ARG A 7 -27.14 40.66 -2.18
N GLU A 8 -26.77 41.61 -3.03
CA GLU A 8 -25.70 41.42 -3.99
C GLU A 8 -24.36 41.20 -3.27
N GLN A 9 -24.15 41.95 -2.20
CA GLN A 9 -22.92 41.84 -1.42
C GLN A 9 -22.94 40.61 -0.53
N LEU A 10 -24.13 40.19 -0.13
CA LEU A 10 -24.30 39.03 0.73
C LEU A 10 -23.57 37.83 0.15
N GLY A 11 -23.81 37.56 -1.14
CA GLY A 11 -23.17 36.44 -1.79
C GLY A 11 -24.04 35.19 -1.78
N PRO A 12 -25.08 35.20 -2.62
CA PRO A 12 -26.02 34.06 -2.71
C PRO A 12 -25.38 32.84 -3.36
N VAL A 13 -24.36 33.08 -4.20
CA VAL A 13 -23.66 32.00 -4.88
C VAL A 13 -23.12 30.98 -3.88
N THR A 14 -22.52 31.48 -2.81
CA THR A 14 -21.95 30.60 -1.77
C THR A 14 -23.06 29.90 -0.98
N GLN A 15 -23.94 30.69 -0.39
CA GLN A 15 -25.05 30.14 0.39
C GLN A 15 -25.83 29.12 -0.41
N GLU A 16 -26.06 29.42 -1.69
CA GLU A 16 -26.80 28.53 -2.56
C GLU A 16 -25.97 27.31 -2.93
N PHE A 17 -24.66 27.49 -3.01
CA PHE A 17 -23.75 26.41 -3.36
C PHE A 17 -23.84 25.28 -2.33
N TRP A 18 -23.68 25.63 -1.06
CA TRP A 18 -23.75 24.64 0.01
C TRP A 18 -25.18 24.19 0.24
N ASP A 19 -26.11 25.15 0.27
CA ASP A 19 -27.52 24.85 0.49
C ASP A 19 -28.02 23.86 -0.56
N ASN A 20 -27.80 24.18 -1.82
CA ASN A 20 -28.24 23.33 -2.92
C ASN A 20 -27.48 22.00 -2.91
N LEU A 21 -26.18 22.08 -2.66
CA LEU A 21 -25.34 20.88 -2.62
C LEU A 21 -25.82 19.91 -1.56
N GLU A 22 -25.93 20.40 -0.32
CA GLU A 22 -26.38 19.56 0.79
C GLU A 22 -27.82 19.11 0.57
N LYS A 23 -28.62 19.96 -0.05
CA LYS A 23 -30.02 19.64 -0.32
C LYS A 23 -30.14 18.34 -1.12
N GLU A 24 -29.37 18.23 -2.19
CA GLU A 24 -29.39 17.04 -3.04
C GLU A 24 -28.82 15.84 -2.29
N THR A 25 -27.83 16.09 -1.43
CA THR A 25 -27.20 15.04 -0.66
C THR A 25 -28.12 14.54 0.45
N GLU A 26 -29.05 15.39 0.86
CA GLU A 26 -30.00 15.05 1.92
C GLU A 26 -30.65 13.70 1.64
N GLY A 27 -30.84 13.39 0.35
CA GLY A 27 -31.47 12.14 -0.03
C GLY A 27 -30.77 10.94 0.59
N LEU A 28 -29.47 11.06 0.82
CA LEU A 28 -28.70 9.98 1.42
C LEU A 28 -29.36 9.48 2.70
N ARG A 29 -29.93 10.40 3.46
CA ARG A 29 -30.60 10.05 4.71
C ARG A 29 -31.72 9.05 4.47
N GLN A 30 -32.58 9.35 3.50
CA GLN A 30 -33.70 8.47 3.17
C GLN A 30 -33.20 7.11 2.69
N GLU A 31 -32.16 7.12 1.87
CA GLU A 31 -31.59 5.89 1.34
C GLU A 31 -31.15 4.97 2.47
N MET A 32 -30.41 5.52 3.44
CA MET A 32 -29.92 4.76 4.58
C MET A 32 -31.08 4.21 5.40
N SER A 33 -32.12 5.03 5.57
CA SER A 33 -33.29 4.63 6.34
C SER A 33 -33.93 3.38 5.74
N LYS A 34 -34.18 3.41 4.43
CA LYS A 34 -34.78 2.28 3.74
C LYS A 34 -33.92 1.04 3.87
N ASP A 35 -32.61 1.20 3.64
CA ASP A 35 -31.68 0.09 3.72
C ASP A 35 -31.75 -0.58 5.09
N LEU A 36 -31.74 0.22 6.14
CA LEU A 36 -31.82 -0.30 7.51
C LEU A 36 -33.08 -1.13 7.70
N GLU A 37 -34.22 -0.55 7.33
CA GLU A 37 -35.51 -1.23 7.48
C GLU A 37 -35.46 -2.61 6.82
N GLU A 38 -34.96 -2.66 5.59
CA GLU A 38 -34.86 -3.92 4.86
C GLU A 38 -33.93 -4.89 5.58
N VAL A 39 -32.85 -4.37 6.14
CA VAL A 39 -31.89 -5.20 6.87
C VAL A 39 -32.51 -5.81 8.11
N LYS A 40 -33.46 -5.11 8.71
CA LYS A 40 -34.14 -5.59 9.90
C LYS A 40 -35.14 -6.68 9.56
N ALA A 41 -36.05 -6.38 8.63
CA ALA A 41 -37.05 -7.33 8.20
C ALA A 41 -36.41 -8.55 7.55
N LYS A 42 -35.28 -8.35 6.91
CA LYS A 42 -34.56 -9.43 6.24
C LYS A 42 -33.78 -10.27 7.25
N VAL A 43 -33.23 -9.61 8.26
CA VAL A 43 -32.46 -10.28 9.30
C VAL A 43 -33.29 -11.36 9.98
N GLN A 44 -34.54 -11.02 10.30
CA GLN A 44 -35.45 -11.96 10.96
C GLN A 44 -35.36 -13.34 10.33
N PRO A 45 -35.77 -13.44 9.06
CA PRO A 45 -35.75 -14.69 8.31
C PRO A 45 -34.33 -15.15 7.99
N TYR A 46 -33.42 -14.20 7.88
CA TYR A 46 -32.03 -14.50 7.57
C TYR A 46 -31.46 -15.53 8.55
N LEU A 47 -31.52 -15.21 9.83
CA LEU A 47 -31.01 -16.10 10.87
C LEU A 47 -31.64 -17.49 10.74
N ASP A 48 -32.86 -17.54 10.22
CA ASP A 48 -33.57 -18.80 10.04
C ASP A 48 -32.88 -19.66 8.99
N ASP A 49 -32.53 -19.05 7.85
CA ASP A 49 -31.88 -19.77 6.78
C ASP A 49 -30.49 -20.23 7.21
N PHE A 50 -29.76 -19.37 7.89
CA PHE A 50 -28.42 -19.68 8.36
C PHE A 50 -28.43 -20.91 9.26
N GLN A 51 -29.32 -20.89 10.26
CA GLN A 51 -29.43 -22.01 11.19
C GLN A 51 -29.78 -23.30 10.46
N LYS A 52 -30.77 -23.22 9.58
CA LYS A 52 -31.20 -24.38 8.81
C LYS A 52 -30.07 -24.90 7.92
N LYS A 53 -29.16 -24.01 7.55
CA LYS A 53 -28.03 -24.37 6.71
C LYS A 53 -27.05 -25.26 7.46
N TRP A 54 -26.74 -24.88 8.70
CA TRP A 54 -25.81 -25.64 9.53
C TRP A 54 -26.44 -26.95 9.98
N GLN A 55 -27.77 -26.99 10.00
CA GLN A 55 -28.50 -28.18 10.41
C GLN A 55 -28.28 -29.32 9.43
N GLU A 56 -28.75 -29.14 8.21
CA GLU A 56 -28.62 -30.15 7.18
C GLU A 56 -27.14 -30.40 6.85
N GLU A 57 -26.34 -29.34 6.91
CA GLU A 57 -24.92 -29.43 6.62
C GLU A 57 -24.19 -30.20 7.73
N MET A 58 -24.72 -30.09 8.95
CA MET A 58 -24.12 -30.78 10.09
C MET A 58 -24.21 -32.29 9.94
N GLU A 59 -25.42 -32.78 9.67
CA GLU A 59 -25.65 -34.21 9.49
C GLU A 59 -24.84 -34.75 8.31
N LEU A 60 -24.80 -33.98 7.24
CA LEU A 60 -24.08 -34.38 6.04
C LEU A 60 -22.58 -34.21 6.23
N TYR A 61 -22.21 -33.29 7.12
CA TYR A 61 -20.79 -33.03 7.39
C TYR A 61 -20.10 -34.28 7.94
N ARG A 62 -20.66 -34.82 9.02
CA ARG A 62 -20.09 -36.02 9.65
C ARG A 62 -20.32 -37.24 8.77
N GLN A 63 -21.50 -37.32 8.16
CA GLN A 63 -21.83 -38.44 7.29
C GLN A 63 -20.94 -38.48 6.06
N LYS A 64 -20.42 -37.31 5.68
CA LYS A 64 -19.54 -37.20 4.52
C LYS A 64 -18.09 -37.41 4.92
N VAL A 65 -17.70 -36.83 6.05
CA VAL A 65 -16.34 -36.97 6.55
C VAL A 65 -15.95 -38.43 6.73
N GLU A 66 -16.93 -39.26 7.06
CA GLU A 66 -16.69 -40.69 7.26
C GLU A 66 -16.14 -41.33 5.99
N PRO A 67 -16.98 -41.35 4.94
CA PRO A 67 -16.61 -41.94 3.65
C PRO A 67 -15.54 -41.11 2.92
N LEU A 68 -15.81 -39.82 2.79
CA LEU A 68 -14.87 -38.92 2.11
C LEU A 68 -13.65 -38.64 2.99
N GLY A 69 -13.89 -38.00 4.13
CA GLY A 69 -12.80 -37.69 5.04
C GLY A 69 -11.82 -38.85 5.20
N GLU A 70 -12.34 -40.07 5.10
CA GLU A 70 -11.51 -41.26 5.24
C GLU A 70 -10.67 -41.49 3.98
N GLU A 71 -11.30 -41.33 2.82
CA GLU A 71 -10.62 -41.52 1.55
C GLU A 71 -9.64 -40.38 1.28
N MET A 72 -10.03 -39.17 1.67
CA MET A 72 -9.19 -37.99 1.47
C MET A 72 -7.94 -38.07 2.35
N ARG A 73 -8.14 -38.39 3.63
CA ARG A 73 -7.04 -38.48 4.56
C ARG A 73 -6.11 -39.65 4.21
N ASP A 74 -6.71 -40.76 3.80
CA ASP A 74 -5.96 -41.95 3.43
C ASP A 74 -5.23 -41.74 2.10
N ARG A 75 -5.96 -41.29 1.09
CA ARG A 75 -5.39 -41.05 -0.23
C ARG A 75 -4.32 -39.96 -0.16
N ALA A 76 -4.58 -38.93 0.65
CA ALA A 76 -3.64 -37.83 0.81
C ALA A 76 -2.32 -38.31 1.41
N ARG A 77 -2.41 -39.18 2.40
CA ARG A 77 -1.21 -39.71 3.06
C ARG A 77 -0.36 -40.49 2.07
N ALA A 78 -0.98 -41.42 1.35
CA ALA A 78 -0.27 -42.23 0.36
C ALA A 78 0.15 -41.40 -0.83
N HIS A 79 -0.65 -40.38 -1.16
CA HIS A 79 -0.35 -39.51 -2.29
C HIS A 79 0.90 -38.68 -2.02
N VAL A 80 0.93 -38.03 -0.86
CA VAL A 80 2.06 -37.20 -0.48
C VAL A 80 3.30 -38.04 -0.24
N ASP A 81 3.11 -39.23 0.30
CA ASP A 81 4.21 -40.14 0.58
C ASP A 81 5.00 -40.45 -0.69
N ALA A 82 4.29 -40.85 -1.74
CA ALA A 82 4.93 -41.17 -3.01
C ALA A 82 5.50 -39.91 -3.67
N LEU A 83 4.67 -38.88 -3.76
CA LEU A 83 5.09 -37.62 -4.37
C LEU A 83 6.32 -37.06 -3.67
N ARG A 84 6.32 -37.13 -2.35
CA ARG A 84 7.45 -36.63 -1.56
C ARG A 84 8.69 -37.49 -1.77
N THR A 85 8.48 -38.81 -1.86
CA THR A 85 9.58 -39.75 -2.06
C THR A 85 10.37 -39.41 -3.32
N HIS A 86 9.65 -39.17 -4.42
CA HIS A 86 10.29 -38.83 -5.69
C HIS A 86 10.73 -37.38 -5.70
N LEU A 87 9.95 -36.52 -5.06
CA LEU A 87 10.26 -35.10 -5.00
C LEU A 87 11.44 -34.83 -4.08
N ALA A 88 11.78 -35.83 -3.27
CA ALA A 88 12.90 -35.70 -2.33
C ALA A 88 14.22 -35.49 -3.08
N PRO A 89 14.60 -36.49 -3.90
CA PRO A 89 15.83 -36.43 -4.69
C PRO A 89 15.77 -35.40 -5.80
N TYR A 90 14.61 -35.31 -6.45
CA TYR A 90 14.41 -34.36 -7.54
C TYR A 90 14.55 -32.92 -7.05
N SER A 91 14.13 -32.69 -5.81
CA SER A 91 14.19 -31.36 -5.23
C SER A 91 15.64 -30.91 -5.05
N ASP A 92 16.46 -31.79 -4.48
CA ASP A 92 17.87 -31.50 -4.26
C ASP A 92 18.59 -31.27 -5.58
N GLU A 93 18.40 -32.18 -6.53
CA GLU A 93 19.03 -32.08 -7.83
C GLU A 93 18.57 -30.83 -8.56
N LEU A 94 17.25 -30.64 -8.64
CA LEU A 94 16.67 -29.49 -9.31
C LEU A 94 17.13 -28.19 -8.65
N ARG A 95 16.99 -28.13 -7.33
CA ARG A 95 17.38 -26.94 -6.58
C ARG A 95 18.88 -26.71 -6.69
N GLN A 96 19.65 -27.80 -6.76
CA GLN A 96 21.10 -27.70 -6.87
C GLN A 96 21.51 -27.01 -8.18
N ARG A 97 20.74 -27.26 -9.24
CA ARG A 97 21.03 -26.68 -10.54
C ARG A 97 20.70 -25.19 -10.54
N LEU A 98 19.51 -24.85 -10.06
CA LEU A 98 19.06 -23.45 -10.01
C LEU A 98 19.89 -22.67 -9.00
N ALA A 99 19.98 -23.19 -7.78
CA ALA A 99 20.75 -22.53 -6.73
C ALA A 99 22.18 -22.27 -7.17
N ALA A 100 22.78 -23.26 -7.81
CA ALA A 100 24.16 -23.14 -8.29
C ALA A 100 24.24 -22.23 -9.51
N ARG A 101 23.25 -22.34 -10.39
CA ARG A 101 23.21 -21.53 -11.60
C ARG A 101 23.02 -20.05 -11.26
N LEU A 102 22.27 -19.79 -10.19
CA LEU A 102 22.01 -18.43 -9.76
C LEU A 102 23.25 -17.80 -9.13
N GLU A 103 23.87 -18.52 -8.19
CA GLU A 103 25.06 -18.04 -7.52
C GLU A 103 26.24 -17.97 -8.48
N ALA A 104 26.48 -19.07 -9.20
CA ALA A 104 27.58 -19.14 -10.16
C ALA A 104 27.47 -18.02 -11.18
N LEU A 105 26.27 -17.80 -11.70
CA LEU A 105 26.03 -16.76 -12.69
C LEU A 105 26.30 -15.37 -12.10
N LYS A 106 25.99 -15.21 -10.82
CA LYS A 106 26.19 -13.94 -10.13
C LYS A 106 27.68 -13.61 -10.04
N GLU A 107 28.50 -14.65 -9.90
CA GLU A 107 29.94 -14.46 -9.80
C GLU A 107 30.48 -13.68 -11.00
N ASN A 108 30.03 -14.05 -12.19
CA ASN A 108 30.46 -13.37 -13.41
C ASN A 108 29.94 -11.95 -13.46
N GLY A 109 28.82 -11.70 -12.78
CA GLY A 109 28.25 -10.37 -12.76
C GLY A 109 29.25 -9.31 -12.36
N GLY A 110 30.17 -9.67 -11.48
CA GLY A 110 31.18 -8.73 -11.03
C GLY A 110 31.90 -8.05 -12.19
N ALA A 111 32.06 -8.78 -13.29
CA ALA A 111 32.74 -8.25 -14.46
C ALA A 111 31.81 -7.35 -15.26
N ARG A 112 30.51 -7.59 -15.14
CA ARG A 112 29.52 -6.79 -15.86
C ARG A 112 29.38 -5.41 -15.24
N LEU A 113 29.51 -5.33 -13.92
CA LEU A 113 29.40 -4.07 -13.21
C LEU A 113 30.51 -3.10 -13.64
N ALA A 114 31.69 -3.64 -13.88
CA ALA A 114 32.83 -2.83 -14.29
C ALA A 114 32.66 -2.35 -15.73
N GLU A 115 32.33 -3.28 -16.62
CA GLU A 115 32.14 -2.94 -18.03
C GLU A 115 30.99 -1.96 -18.21
N TYR A 116 29.86 -2.25 -17.58
CA TYR A 116 28.69 -1.40 -17.68
C TYR A 116 28.99 0.01 -17.15
N HIS A 117 29.70 0.06 -16.02
CA HIS A 117 30.07 1.33 -15.41
C HIS A 117 30.77 2.24 -16.41
N ALA A 118 31.79 1.69 -17.09
CA ALA A 118 32.54 2.45 -18.07
C ALA A 118 31.63 2.92 -19.21
N LYS A 119 30.61 2.13 -19.51
CA LYS A 119 29.67 2.46 -20.57
C LYS A 119 28.72 3.58 -20.13
N ALA A 120 28.12 3.41 -18.96
CA ALA A 120 27.20 4.39 -18.42
C ALA A 120 27.92 5.70 -18.06
N THR A 121 29.16 5.56 -17.59
CA THR A 121 29.96 6.72 -17.21
C THR A 121 30.26 7.60 -18.41
N GLU A 122 30.69 6.97 -19.51
CA GLU A 122 31.01 7.71 -20.73
C GLU A 122 29.76 8.28 -21.37
N HIS A 123 28.68 7.51 -21.32
CA HIS A 123 27.41 7.92 -21.89
C HIS A 123 26.93 9.23 -21.26
N LEU A 124 27.05 9.32 -19.94
CA LEU A 124 26.63 10.52 -19.22
C LEU A 124 27.59 11.67 -19.46
N SER A 125 28.87 11.34 -19.69
CA SER A 125 29.89 12.35 -19.93
C SER A 125 29.51 13.22 -21.13
N THR A 126 29.18 12.57 -22.24
CA THR A 126 28.80 13.28 -23.46
C THR A 126 27.48 14.01 -23.28
N LEU A 127 26.48 13.29 -22.80
CA LEU A 127 25.15 13.86 -22.58
C LEU A 127 25.24 15.10 -21.69
N SER A 128 25.86 14.94 -20.53
CA SER A 128 26.02 16.04 -19.58
C SER A 128 26.67 17.25 -20.26
N GLU A 129 27.60 16.98 -21.16
CA GLU A 129 28.30 18.05 -21.87
C GLU A 129 27.32 18.92 -22.65
N LYS A 130 26.40 18.28 -23.36
CA LYS A 130 25.41 18.99 -24.15
C LYS A 130 24.29 19.52 -23.26
N ALA A 131 24.04 18.83 -22.16
CA ALA A 131 23.00 19.23 -21.22
C ALA A 131 23.40 20.49 -20.46
N LYS A 132 24.70 20.76 -20.41
CA LYS A 132 25.22 21.93 -19.73
C LYS A 132 24.67 23.21 -20.34
N PRO A 133 24.96 23.42 -21.64
CA PRO A 133 24.50 24.59 -22.37
C PRO A 133 22.99 24.59 -22.61
N ALA A 134 22.43 23.39 -22.70
CA ALA A 134 20.99 23.24 -22.93
C ALA A 134 20.21 23.51 -21.66
N LEU A 135 20.83 23.22 -20.52
CA LEU A 135 20.18 23.43 -19.23
C LEU A 135 20.09 24.92 -18.88
N GLU A 136 21.15 25.65 -19.23
CA GLU A 136 21.18 27.09 -18.96
C GLU A 136 19.96 27.78 -19.55
N ASP A 137 19.69 27.53 -20.82
CA ASP A 137 18.56 28.13 -21.50
C ASP A 137 17.26 27.46 -21.07
N LEU A 138 17.33 26.18 -20.74
CA LEU A 138 16.16 25.43 -20.31
C LEU A 138 15.59 26.00 -19.01
N ARG A 139 16.45 26.14 -18.00
CA ARG A 139 16.04 26.68 -16.72
C ARG A 139 15.57 28.12 -16.86
N GLN A 140 16.24 28.88 -17.72
CA GLN A 140 15.89 30.28 -17.95
C GLN A 140 14.43 30.41 -18.38
N GLY A 141 14.04 29.61 -19.35
CA GLY A 141 12.67 29.65 -19.84
C GLY A 141 11.66 29.19 -18.80
N LEU A 142 12.10 28.30 -17.92
CA LEU A 142 11.23 27.77 -16.87
C LEU A 142 10.86 28.87 -15.87
N LEU A 143 11.78 29.80 -15.65
CA LEU A 143 11.55 30.90 -14.72
C LEU A 143 10.20 31.56 -14.99
N PRO A 144 10.03 32.10 -16.21
CA PRO A 144 8.79 32.76 -16.61
C PRO A 144 7.63 31.78 -16.78
N VAL A 145 7.94 30.60 -17.31
CA VAL A 145 6.93 29.58 -17.52
C VAL A 145 6.24 29.20 -16.22
N LEU A 146 7.04 28.82 -15.22
CA LEU A 146 6.50 28.43 -13.91
C LEU A 146 5.74 29.59 -13.27
N GLU A 147 6.23 30.81 -13.50
CA GLU A 147 5.59 31.99 -12.95
C GLU A 147 4.19 32.19 -13.54
N SER A 148 4.04 31.82 -14.81
CA SER A 148 2.75 31.97 -15.49
C SER A 148 1.68 31.11 -14.81
N PHE A 149 2.02 29.85 -14.56
CA PHE A 149 1.09 28.92 -13.92
C PHE A 149 0.89 29.29 -12.46
N LYS A 150 1.98 29.62 -11.77
CA LYS A 150 1.92 29.99 -10.37
C LYS A 150 1.08 31.25 -10.17
N VAL A 151 1.37 32.28 -10.97
CA VAL A 151 0.63 33.53 -10.89
C VAL A 151 -0.86 33.31 -11.07
N SER A 152 -1.21 32.42 -11.98
CA SER A 152 -2.61 32.12 -12.26
C SER A 152 -3.33 31.63 -11.00
N PHE A 153 -2.73 30.67 -10.32
CA PHE A 153 -3.30 30.12 -9.09
C PHE A 153 -3.40 31.19 -8.01
N LEU A 154 -2.38 32.04 -7.94
CA LEU A 154 -2.35 33.12 -6.95
C LEU A 154 -3.47 34.12 -7.20
N SER A 155 -3.78 34.35 -8.47
CA SER A 155 -4.83 35.29 -8.84
C SER A 155 -6.21 34.74 -8.46
N ALA A 156 -6.34 33.42 -8.48
CA ALA A 156 -7.60 32.77 -8.13
C ALA A 156 -7.91 32.92 -6.64
N LEU A 157 -6.93 32.59 -5.81
CA LEU A 157 -7.09 32.68 -4.36
C LEU A 157 -7.17 34.15 -3.92
N GLU A 158 -6.37 34.99 -4.55
CA GLU A 158 -6.35 36.41 -4.22
C GLU A 158 -7.66 37.08 -4.63
N GLU A 159 -8.19 36.69 -5.79
CA GLU A 159 -9.44 37.25 -6.28
C GLU A 159 -10.62 36.74 -5.47
N TYR A 160 -10.68 35.43 -5.27
CA TYR A 160 -11.76 34.81 -4.52
C TYR A 160 -11.87 35.42 -3.12
N THR A 161 -10.72 35.75 -2.54
CA THR A 161 -10.68 36.33 -1.21
C THR A 161 -11.21 37.76 -1.21
N LYS A 162 -10.75 38.55 -2.17
CA LYS A 162 -11.17 39.94 -2.29
C LYS A 162 -12.69 40.03 -2.42
N LYS A 163 -13.24 39.30 -3.38
CA LYS A 163 -14.68 39.30 -3.60
C LYS A 163 -15.43 38.77 -2.39
N LEU A 164 -14.97 37.63 -1.87
CA LEU A 164 -15.59 37.01 -0.70
C LEU A 164 -15.58 37.97 0.48
N ASN A 165 -14.52 38.77 0.59
CA ASN A 165 -14.38 39.73 1.68
C ASN A 165 -15.42 40.85 1.54
N THR A 166 -15.79 41.14 0.29
CA THR A 166 -16.76 42.20 0.01
C THR A 166 -16.15 43.58 0.21
N GLN A 167 -15.83 43.91 1.46
CA GLN A 167 -15.24 45.20 1.79
C GLN A 167 -13.82 45.03 2.32
N SER B 1 59.83 0.63 -16.46
CA SER B 1 58.40 0.86 -16.54
C SER B 1 57.89 1.65 -15.35
N THR B 2 57.06 2.65 -15.61
CA THR B 2 56.51 3.50 -14.56
C THR B 2 55.02 3.73 -14.75
N PHE B 3 54.67 4.52 -15.76
CA PHE B 3 53.28 4.83 -16.06
C PHE B 3 52.59 5.41 -14.84
N SER B 4 53.25 6.36 -14.18
CA SER B 4 52.70 7.00 -12.99
C SER B 4 51.40 7.74 -13.33
N LYS B 5 51.40 8.42 -14.48
CA LYS B 5 50.23 9.17 -14.92
C LYS B 5 49.11 8.24 -15.34
N LEU B 6 49.48 7.10 -15.93
CA LEU B 6 48.50 6.13 -16.38
C LEU B 6 47.75 5.53 -15.20
N ARG B 7 48.48 5.23 -14.13
CA ARG B 7 47.87 4.65 -12.94
C ARG B 7 47.02 5.69 -12.20
N GLU B 8 47.59 6.89 -12.02
CA GLU B 8 46.89 7.96 -11.34
C GLU B 8 45.65 8.40 -12.11
N GLN B 9 45.77 8.42 -13.45
CA GLN B 9 44.66 8.82 -14.30
C GLN B 9 43.67 7.67 -14.46
N LEU B 10 44.16 6.44 -14.35
CA LEU B 10 43.31 5.26 -14.48
C LEU B 10 42.11 5.35 -13.55
N GLY B 11 42.36 5.68 -12.28
CA GLY B 11 41.29 5.80 -11.32
C GLY B 11 41.07 4.51 -10.54
N PRO B 12 41.99 4.21 -9.61
CA PRO B 12 41.91 3.00 -8.78
C PRO B 12 40.78 3.06 -7.77
N VAL B 13 40.39 4.28 -7.40
CA VAL B 13 39.31 4.48 -6.44
C VAL B 13 38.03 3.79 -6.90
N THR B 14 37.71 3.93 -8.18
CA THR B 14 36.51 3.32 -8.75
C THR B 14 36.66 1.81 -8.85
N GLN B 15 37.70 1.36 -9.55
CA GLN B 15 37.95 -0.07 -9.72
C GLN B 15 37.99 -0.77 -8.37
N GLU B 16 38.63 -0.13 -7.39
CA GLU B 16 38.74 -0.71 -6.06
C GLU B 16 37.40 -0.65 -5.32
N PHE B 17 36.61 0.38 -5.62
CA PHE B 17 35.31 0.54 -5.00
C PHE B 17 34.41 -0.65 -5.29
N TRP B 18 34.26 -0.97 -6.57
CA TRP B 18 33.42 -2.09 -6.99
C TRP B 18 34.09 -3.42 -6.67
N ASP B 19 35.39 -3.52 -6.96
CA ASP B 19 36.15 -4.73 -6.70
C ASP B 19 36.07 -5.12 -5.22
N ASN B 20 36.38 -4.17 -4.35
CA ASN B 20 36.36 -4.40 -2.92
C ASN B 20 34.93 -4.64 -2.44
N LEU B 21 33.99 -3.85 -2.96
CA LEU B 21 32.59 -3.98 -2.59
C LEU B 21 32.05 -5.37 -2.92
N GLU B 22 32.20 -5.77 -4.18
CA GLU B 22 31.74 -7.08 -4.62
C GLU B 22 32.50 -8.19 -3.92
N LYS B 23 33.77 -7.94 -3.62
CA LYS B 23 34.61 -8.92 -2.95
C LYS B 23 33.99 -9.35 -1.62
N GLU B 24 33.59 -8.37 -0.82
CA GLU B 24 32.98 -8.64 0.48
C GLU B 24 31.61 -9.29 0.31
N THR B 25 30.90 -8.91 -0.75
CA THR B 25 29.59 -9.46 -1.02
C THR B 25 29.68 -10.89 -1.54
N GLU B 26 30.83 -11.24 -2.10
CA GLU B 26 31.05 -12.59 -2.63
C GLU B 26 30.68 -13.64 -1.58
N GLY B 27 30.88 -13.31 -0.32
CA GLY B 27 30.56 -14.23 0.75
C GLY B 27 29.14 -14.76 0.66
N LEU B 28 28.24 -13.93 0.14
CA LEU B 28 26.83 -14.31 0.00
C LEU B 28 26.70 -15.65 -0.71
N ARG B 29 27.57 -15.90 -1.68
CA ARG B 29 27.55 -17.14 -2.44
C ARG B 29 27.73 -18.34 -1.52
N GLN B 30 28.75 -18.27 -0.65
CA GLN B 30 29.02 -19.36 0.29
C GLN B 30 27.85 -19.56 1.25
N GLU B 31 27.29 -18.45 1.72
CA GLU B 31 26.16 -18.51 2.65
C GLU B 31 24.99 -19.28 2.04
N MET B 32 24.65 -18.94 0.80
CA MET B 32 23.55 -19.60 0.11
C MET B 32 23.84 -21.08 -0.08
N SER B 33 25.09 -21.40 -0.41
CA SER B 33 25.50 -22.78 -0.62
C SER B 33 25.23 -23.62 0.62
N LYS B 34 25.70 -23.14 1.77
CA LYS B 34 25.52 -23.84 3.03
C LYS B 34 24.04 -24.02 3.34
N ASP B 35 23.27 -22.95 3.19
CA ASP B 35 21.84 -23.00 3.45
C ASP B 35 21.17 -24.09 2.63
N LEU B 36 21.47 -24.13 1.34
CA LEU B 36 20.90 -25.14 0.45
C LEU B 36 21.22 -26.54 0.94
N GLU B 37 22.49 -26.80 1.22
CA GLU B 37 22.92 -28.11 1.69
C GLU B 37 22.09 -28.55 2.90
N GLU B 38 21.94 -27.64 3.87
CA GLU B 38 21.17 -27.94 5.07
C GLU B 38 19.71 -28.21 4.73
N VAL B 39 19.19 -27.48 3.74
CA VAL B 39 17.80 -27.65 3.32
C VAL B 39 17.58 -29.01 2.69
N LYS B 40 18.61 -29.53 2.03
CA LYS B 40 18.53 -30.83 1.38
C LYS B 40 18.58 -31.96 2.41
N ALA B 41 19.63 -31.96 3.24
CA ALA B 41 19.79 -32.97 4.26
C ALA B 41 18.64 -32.95 5.25
N LYS B 42 18.10 -31.75 5.49
CA LYS B 42 16.98 -31.59 6.42
C LYS B 42 15.67 -32.01 5.78
N VAL B 43 15.53 -31.73 4.48
CA VAL B 43 14.32 -32.09 3.75
C VAL B 43 14.00 -33.56 3.89
N GLN B 44 15.02 -34.40 3.70
CA GLN B 44 14.85 -35.84 3.80
C GLN B 44 14.00 -36.21 5.01
N PRO B 45 14.52 -35.95 6.20
CA PRO B 45 13.82 -36.24 7.46
C PRO B 45 12.62 -35.32 7.68
N TYR B 46 12.66 -34.14 7.05
CA TYR B 46 11.58 -33.18 7.18
C TYR B 46 10.23 -33.81 6.83
N LEU B 47 10.16 -34.38 5.64
CA LEU B 47 8.93 -35.03 5.18
C LEU B 47 8.52 -36.16 6.12
N ASP B 48 9.50 -36.76 6.78
CA ASP B 48 9.24 -37.85 7.72
C ASP B 48 8.37 -37.38 8.88
N ASP B 49 8.75 -36.25 9.47
CA ASP B 49 7.99 -35.69 10.59
C ASP B 49 6.61 -35.23 10.14
N PHE B 50 6.56 -34.56 8.99
CA PHE B 50 5.29 -34.07 8.46
C PHE B 50 4.29 -35.21 8.29
N GLN B 51 4.71 -36.28 7.62
CA GLN B 51 3.86 -37.42 7.40
C GLN B 51 3.39 -38.03 8.72
N LYS B 52 4.33 -38.22 9.64
CA LYS B 52 4.02 -38.80 10.94
C LYS B 52 3.01 -37.93 11.68
N LYS B 53 2.97 -36.65 11.35
CA LYS B 53 2.04 -35.71 11.98
C LYS B 53 0.61 -35.96 11.51
N TRP B 54 0.44 -36.08 10.20
CA TRP B 54 -0.88 -36.32 9.62
C TRP B 54 -1.41 -37.70 10.03
N GLN B 55 -0.49 -38.60 10.35
CA GLN B 55 -0.87 -39.95 10.76
C GLN B 55 -1.56 -39.94 12.12
N GLU B 56 -0.80 -39.57 13.15
CA GLU B 56 -1.34 -39.52 14.50
C GLU B 56 -2.49 -38.51 14.59
N GLU B 57 -2.38 -37.43 13.84
CA GLU B 57 -3.41 -36.39 13.83
C GLU B 57 -4.67 -36.89 13.13
N MET B 58 -4.50 -37.79 12.17
CA MET B 58 -5.61 -38.35 11.42
C MET B 58 -6.52 -39.17 12.34
N GLU B 59 -5.92 -40.10 13.08
CA GLU B 59 -6.69 -40.95 13.99
C GLU B 59 -7.32 -40.12 15.10
N LEU B 60 -6.58 -39.13 15.60
CA LEU B 60 -7.07 -38.27 16.66
C LEU B 60 -8.09 -37.27 16.13
N TYR B 61 -7.98 -36.95 14.84
CA TYR B 61 -8.89 -36.00 14.21
C TYR B 61 -10.32 -36.54 14.22
N ARG B 62 -10.51 -37.73 13.65
CA ARG B 62 -11.82 -38.34 13.60
C ARG B 62 -12.29 -38.76 14.98
N GLN B 63 -11.37 -39.26 15.79
CA GLN B 63 -11.68 -39.69 17.15
C GLN B 63 -12.09 -38.52 18.03
N LYS B 64 -11.63 -37.33 17.65
CA LYS B 64 -11.94 -36.11 18.40
C LYS B 64 -13.19 -35.44 17.84
N VAL B 65 -13.28 -35.39 16.52
CA VAL B 65 -14.43 -34.76 15.86
C VAL B 65 -15.73 -35.42 16.30
N GLU B 66 -15.66 -36.71 16.61
CA GLU B 66 -16.84 -37.46 17.05
C GLU B 66 -17.41 -36.88 18.33
N PRO B 67 -16.62 -36.96 19.41
CA PRO B 67 -17.02 -36.45 20.73
C PRO B 67 -17.07 -34.92 20.77
N LEU B 68 -15.98 -34.29 20.34
CA LEU B 68 -15.89 -32.84 20.33
C LEU B 68 -16.75 -32.26 19.21
N GLY B 69 -16.38 -32.57 17.97
CA GLY B 69 -17.12 -32.08 16.82
C GLY B 69 -18.63 -32.16 17.03
N GLU B 70 -19.07 -33.15 17.79
CA GLU B 70 -20.48 -33.34 18.06
C GLU B 70 -20.98 -32.35 19.11
N GLU B 71 -20.20 -32.19 20.17
CA GLU B 71 -20.56 -31.26 21.25
C GLU B 71 -20.44 -29.81 20.79
N MET B 72 -19.34 -29.52 20.08
CA MET B 72 -19.10 -28.17 19.59
C MET B 72 -20.15 -27.78 18.56
N ARG B 73 -20.35 -28.64 17.56
CA ARG B 73 -21.33 -28.37 16.52
C ARG B 73 -22.74 -28.28 17.10
N ASP B 74 -23.04 -29.15 18.04
CA ASP B 74 -24.36 -29.18 18.68
C ASP B 74 -24.55 -27.93 19.54
N ARG B 75 -23.59 -27.67 20.41
CA ARG B 75 -23.65 -26.51 21.30
C ARG B 75 -23.68 -25.21 20.51
N ALA B 76 -22.98 -25.20 19.37
CA ALA B 76 -22.92 -24.03 18.51
C ALA B 76 -24.30 -23.68 17.96
N ARG B 77 -24.98 -24.68 17.41
CA ARG B 77 -26.31 -24.48 16.85
C ARG B 77 -27.26 -23.90 17.89
N ALA B 78 -27.29 -24.52 19.06
CA ALA B 78 -28.16 -24.06 20.14
C ALA B 78 -27.69 -22.73 20.70
N HIS B 79 -26.37 -22.51 20.68
CA HIS B 79 -25.80 -21.27 21.19
C HIS B 79 -26.18 -20.10 20.30
N VAL B 80 -25.98 -20.25 18.99
CA VAL B 80 -26.30 -19.21 18.03
C VAL B 80 -27.81 -18.96 17.97
N ASP B 81 -28.58 -20.03 18.12
CA ASP B 81 -30.03 -19.93 18.08
C ASP B 81 -30.54 -18.97 19.14
N ALA B 82 -30.09 -19.17 20.38
CA ALA B 82 -30.50 -18.32 21.49
C ALA B 82 -29.94 -16.91 21.33
N LEU B 83 -28.64 -16.81 21.08
CA LEU B 83 -27.99 -15.53 20.90
C LEU B 83 -28.63 -14.73 19.77
N ARG B 84 -28.95 -15.41 18.68
CA ARG B 84 -29.58 -14.77 17.53
C ARG B 84 -30.99 -14.32 17.87
N THR B 85 -31.72 -15.14 18.62
CA THR B 85 -33.08 -14.84 19.01
C THR B 85 -33.16 -13.52 19.76
N HIS B 86 -32.25 -13.33 20.73
CA HIS B 86 -32.21 -12.11 21.51
C HIS B 86 -31.54 -10.98 20.72
N LEU B 87 -30.55 -11.33 19.93
CA LEU B 87 -29.82 -10.35 19.12
C LEU B 87 -30.67 -9.85 17.97
N ALA B 88 -31.75 -10.58 17.68
CA ALA B 88 -32.66 -10.21 16.60
C ALA B 88 -33.30 -8.85 16.86
N PRO B 89 -34.07 -8.76 17.95
CA PRO B 89 -34.75 -7.53 18.34
C PRO B 89 -33.77 -6.45 18.81
N TYR B 90 -32.75 -6.86 19.55
CA TYR B 90 -31.75 -5.93 20.05
C TYR B 90 -30.99 -5.26 18.90
N SER B 91 -30.77 -6.02 17.84
CA SER B 91 -30.05 -5.50 16.67
C SER B 91 -30.82 -4.36 16.02
N ASP B 92 -32.11 -4.59 15.80
CA ASP B 92 -32.96 -3.58 15.18
C ASP B 92 -33.04 -2.33 16.04
N GLU B 93 -33.32 -2.52 17.32
CA GLU B 93 -33.42 -1.40 18.26
C GLU B 93 -32.09 -0.66 18.37
N LEU B 94 -31.02 -1.41 18.62
CA LEU B 94 -29.69 -0.81 18.75
C LEU B 94 -29.29 -0.11 17.46
N ARG B 95 -29.42 -0.80 16.34
CA ARG B 95 -29.06 -0.23 15.04
C ARG B 95 -29.95 0.96 14.71
N GLN B 96 -31.21 0.91 15.16
CA GLN B 96 -32.15 2.00 14.91
C GLN B 96 -31.70 3.27 15.60
N ARG B 97 -31.10 3.13 16.78
CA ARG B 97 -30.63 4.28 17.54
C ARG B 97 -29.40 4.89 16.89
N LEU B 98 -28.43 4.05 16.55
CA LEU B 98 -27.19 4.52 15.92
C LEU B 98 -27.47 5.04 14.51
N ALA B 99 -28.15 4.22 13.71
CA ALA B 99 -28.48 4.60 12.34
C ALA B 99 -29.24 5.93 12.30
N ALA B 100 -30.18 6.08 13.22
CA ALA B 100 -30.97 7.30 13.29
C ALA B 100 -30.15 8.46 13.88
N ARG B 101 -29.33 8.16 14.87
CA ARG B 101 -28.50 9.16 15.51
C ARG B 101 -27.46 9.71 14.54
N LEU B 102 -26.98 8.84 13.66
CA LEU B 102 -25.97 9.23 12.67
C LEU B 102 -26.59 10.10 11.59
N GLU B 103 -27.71 9.65 11.03
CA GLU B 103 -28.39 10.41 9.99
C GLU B 103 -28.96 11.71 10.54
N ALA B 104 -29.69 11.61 11.64
CA ALA B 104 -30.29 12.78 12.26
C ALA B 104 -29.24 13.83 12.60
N LEU B 105 -28.13 13.38 13.17
CA LEU B 105 -27.04 14.28 13.53
C LEU B 105 -26.43 14.93 12.30
N LYS B 106 -26.40 14.19 11.20
CA LYS B 106 -25.84 14.70 9.95
C LYS B 106 -26.70 15.83 9.39
N GLU B 107 -28.01 15.72 9.62
CA GLU B 107 -28.95 16.74 9.13
C GLU B 107 -28.56 18.13 9.65
N ASN B 108 -28.22 18.20 10.93
CA ASN B 108 -27.83 19.47 11.54
C ASN B 108 -26.49 19.95 10.99
N GLY B 109 -25.67 19.01 10.52
CA GLY B 109 -24.38 19.36 9.97
C GLY B 109 -24.47 20.43 8.91
N GLY B 110 -25.57 20.42 8.15
CA GLY B 110 -25.75 21.40 7.10
C GLY B 110 -25.56 22.82 7.59
N ALA B 111 -25.93 23.06 8.85
CA ALA B 111 -25.81 24.38 9.44
C ALA B 111 -24.38 24.66 9.88
N ARG B 112 -23.62 23.59 10.16
CA ARG B 112 -22.24 23.72 10.58
C ARG B 112 -21.34 24.10 9.41
N LEU B 113 -21.67 23.58 8.24
CA LEU B 113 -20.88 23.87 7.03
C LEU B 113 -20.95 25.36 6.69
N ALA B 114 -22.11 25.97 6.91
CA ALA B 114 -22.28 27.39 6.63
C ALA B 114 -21.54 28.25 7.65
N GLU B 115 -21.74 27.95 8.93
CA GLU B 115 -21.08 28.69 10.00
C GLU B 115 -19.56 28.55 9.91
N TYR B 116 -19.10 27.32 9.75
CA TYR B 116 -17.67 27.06 9.66
C TYR B 116 -17.06 27.79 8.46
N HIS B 117 -17.76 27.75 7.33
CA HIS B 117 -17.30 28.41 6.12
C HIS B 117 -16.98 29.88 6.38
N ALA B 118 -17.92 30.58 7.01
CA ALA B 118 -17.73 31.99 7.32
C ALA B 118 -16.55 32.20 8.25
N LYS B 119 -16.28 31.22 9.10
CA LYS B 119 -15.16 31.29 10.03
C LYS B 119 -13.84 31.07 9.32
N ALA B 120 -13.77 30.00 8.54
CA ALA B 120 -12.55 29.67 7.79
C ALA B 120 -12.28 30.70 6.71
N THR B 121 -13.35 31.22 6.11
CA THR B 121 -13.22 32.22 5.05
C THR B 121 -12.60 33.50 5.58
N GLU B 122 -13.10 33.98 6.72
CA GLU B 122 -12.59 35.20 7.32
C GLU B 122 -11.17 34.99 7.86
N HIS B 123 -10.93 33.81 8.41
CA HIS B 123 -9.62 33.48 8.97
C HIS B 123 -8.53 33.58 7.90
N LEU B 124 -8.84 33.07 6.71
CA LEU B 124 -7.89 33.10 5.61
C LEU B 124 -7.75 34.51 5.04
N SER B 125 -8.83 35.28 5.13
CA SER B 125 -8.83 36.65 4.62
C SER B 125 -7.74 37.47 5.29
N THR B 126 -7.70 37.44 6.63
CA THR B 126 -6.70 38.18 7.38
C THR B 126 -5.30 37.60 7.17
N LEU B 127 -5.18 36.30 7.32
CA LEU B 127 -3.89 35.63 7.13
C LEU B 127 -3.31 35.94 5.75
N SER B 128 -4.11 35.71 4.72
CA SER B 128 -3.67 35.95 3.35
C SER B 128 -3.19 37.40 3.19
N GLU B 129 -3.85 38.31 3.89
CA GLU B 129 -3.48 39.72 3.82
C GLU B 129 -2.03 39.94 4.27
N LYS B 130 -1.67 39.31 5.37
CA LYS B 130 -0.31 39.43 5.91
C LYS B 130 0.66 38.54 5.12
N ALA B 131 0.13 37.45 4.58
CA ALA B 131 0.95 36.52 3.81
C ALA B 131 1.35 37.13 2.47
N LYS B 132 0.59 38.13 2.02
CA LYS B 132 0.87 38.79 0.76
C LYS B 132 2.25 39.44 0.77
N PRO B 133 2.45 40.38 1.70
CA PRO B 133 3.72 41.10 1.84
C PRO B 133 4.83 40.20 2.37
N ALA B 134 4.45 39.19 3.16
CA ALA B 134 5.43 38.28 3.73
C ALA B 134 5.90 37.26 2.68
N LEU B 135 5.03 36.96 1.72
CA LEU B 135 5.35 36.01 0.66
C LEU B 135 6.34 36.62 -0.32
N GLU B 136 6.16 37.90 -0.62
CA GLU B 136 7.04 38.60 -1.55
C GLU B 136 8.50 38.45 -1.13
N ASP B 137 8.78 38.75 0.13
CA ASP B 137 10.14 38.65 0.65
C ASP B 137 10.53 37.20 0.88
N LEU B 138 9.54 36.36 1.20
CA LEU B 138 9.79 34.95 1.45
C LEU B 138 10.30 34.26 0.19
N ARG B 139 9.58 34.43 -0.91
CA ARG B 139 9.97 33.83 -2.18
C ARG B 139 11.30 34.39 -2.67
N GLN B 140 11.51 35.69 -2.45
CA GLN B 140 12.73 36.35 -2.86
C GLN B 140 13.95 35.65 -2.25
N GLY B 141 13.90 35.40 -0.95
CA GLY B 141 15.00 34.75 -0.27
C GLY B 141 15.19 33.32 -0.71
N LEU B 142 14.09 32.68 -1.12
CA LEU B 142 14.15 31.29 -1.58
C LEU B 142 14.94 31.17 -2.88
N LEU B 143 14.85 32.20 -3.71
CA LEU B 143 15.56 32.21 -4.98
C LEU B 143 17.02 31.80 -4.80
N PRO B 144 17.76 32.58 -4.00
CA PRO B 144 19.17 32.33 -3.72
C PRO B 144 19.38 31.09 -2.85
N VAL B 145 18.47 30.88 -1.89
CA VAL B 145 18.56 29.73 -1.00
C VAL B 145 18.52 28.42 -1.79
N LEU B 146 17.48 28.26 -2.60
CA LEU B 146 17.33 27.05 -3.41
C LEU B 146 18.51 26.88 -4.36
N GLU B 147 19.04 27.99 -4.85
CA GLU B 147 20.17 27.96 -5.77
C GLU B 147 21.41 27.42 -5.08
N SER B 148 21.55 27.73 -3.79
CA SER B 148 22.70 27.28 -3.01
C SER B 148 22.74 25.76 -2.95
N PHE B 149 21.60 25.16 -2.62
CA PHE B 149 21.51 23.70 -2.51
C PHE B 149 21.60 23.05 -3.88
N LYS B 150 20.90 23.63 -4.86
CA LYS B 150 20.89 23.12 -6.21
C LYS B 150 22.30 23.16 -6.82
N VAL B 151 22.95 24.32 -6.70
CA VAL B 151 24.29 24.50 -7.23
C VAL B 151 25.26 23.46 -6.66
N SER B 152 25.09 23.16 -5.37
CA SER B 152 25.94 22.20 -4.70
C SER B 152 25.87 20.83 -5.38
N PHE B 153 24.65 20.36 -5.61
CA PHE B 153 24.44 19.08 -6.26
C PHE B 153 25.00 19.08 -7.68
N LEU B 154 24.83 20.21 -8.37
CA LEU B 154 25.32 20.34 -9.74
C LEU B 154 26.84 20.27 -9.78
N SER B 155 27.48 20.81 -8.75
CA SER B 155 28.93 20.82 -8.67
C SER B 155 29.47 19.40 -8.44
N ALA B 156 28.68 18.59 -7.75
CA ALA B 156 29.07 17.20 -7.47
C ALA B 156 29.08 16.36 -8.74
N LEU B 157 27.99 16.43 -9.48
CA LEU B 157 27.86 15.66 -10.72
C LEU B 157 28.81 16.20 -11.79
N GLU B 158 28.93 17.52 -11.84
CA GLU B 158 29.81 18.17 -12.82
C GLU B 158 31.27 17.86 -12.52
N GLU B 159 31.62 17.85 -11.24
CA GLU B 159 32.99 17.57 -10.83
C GLU B 159 33.33 16.10 -11.02
N TYR B 160 32.45 15.23 -10.53
CA TYR B 160 32.65 13.79 -10.64
C TYR B 160 32.84 13.38 -12.10
N THR B 161 32.12 14.05 -12.99
CA THR B 161 32.19 13.75 -14.42
C THR B 161 33.53 14.20 -15.00
N LYS B 162 33.93 15.42 -14.67
CA LYS B 162 35.19 15.97 -15.16
C LYS B 162 36.36 15.07 -14.78
N LYS B 163 36.48 14.76 -13.49
CA LYS B 163 37.54 13.90 -12.99
C LYS B 163 37.46 12.51 -13.62
N LEU B 164 36.26 11.93 -13.59
CA LEU B 164 36.04 10.60 -14.15
C LEU B 164 36.43 10.56 -15.63
N ASN B 165 36.19 11.67 -16.33
CA ASN B 165 36.52 11.76 -17.74
C ASN B 165 38.03 11.78 -17.95
N THR B 166 38.76 12.29 -16.97
CA THR B 166 40.20 12.36 -17.05
C THR B 166 40.65 13.45 -18.02
N GLN B 167 40.38 13.24 -19.30
CA GLN B 167 40.76 14.20 -20.32
C GLN B 167 39.53 14.82 -20.98
N SER A 1 -14.43 18.52 -14.03
CA SER A 1 -13.27 18.38 -13.16
C SER A 1 -13.45 19.19 -11.88
N THR A 2 -12.79 18.74 -10.81
CA THR A 2 -12.88 19.43 -9.52
C THR A 2 -11.54 19.42 -8.80
N PHE A 3 -10.70 20.39 -9.12
CA PHE A 3 -9.38 20.50 -8.50
C PHE A 3 -9.36 21.61 -7.45
N SER A 4 -8.21 21.79 -6.82
CA SER A 4 -8.06 22.80 -5.79
C SER A 4 -8.02 24.21 -6.40
N LYS A 5 -7.34 24.32 -7.55
CA LYS A 5 -7.23 25.60 -8.24
C LYS A 5 -8.57 26.03 -8.80
N LEU A 6 -9.30 25.09 -9.41
CA LEU A 6 -10.60 25.38 -9.98
C LEU A 6 -11.63 25.66 -8.90
N ARG A 7 -11.51 24.96 -7.78
CA ARG A 7 -12.43 25.12 -6.65
C ARG A 7 -12.27 26.51 -6.04
N GLU A 8 -11.04 26.87 -5.72
CA GLU A 8 -10.76 28.18 -5.12
C GLU A 8 -11.04 29.30 -6.11
N GLN A 9 -10.71 29.06 -7.38
CA GLN A 9 -10.92 30.07 -8.42
C GLN A 9 -12.41 30.18 -8.75
N LEU A 10 -13.16 29.11 -8.51
CA LEU A 10 -14.59 29.10 -8.79
C LEU A 10 -15.29 30.27 -8.12
N GLY A 11 -14.87 30.58 -6.89
CA GLY A 11 -15.46 31.68 -6.15
C GLY A 11 -16.36 31.22 -5.03
N PRO A 12 -17.23 32.11 -4.55
CA PRO A 12 -18.17 31.81 -3.47
C PRO A 12 -19.26 30.83 -3.90
N VAL A 13 -18.92 29.93 -4.81
CA VAL A 13 -19.87 28.94 -5.30
C VAL A 13 -20.11 27.85 -4.28
N THR A 14 -19.08 27.55 -3.48
CA THR A 14 -19.18 26.52 -2.45
C THR A 14 -20.52 26.61 -1.71
N GLN A 15 -20.97 27.83 -1.46
CA GLN A 15 -22.23 28.05 -0.76
C GLN A 15 -23.38 27.39 -1.50
N GLU A 16 -23.48 27.66 -2.80
CA GLU A 16 -24.54 27.09 -3.62
C GLU A 16 -24.40 25.57 -3.73
N PHE A 17 -23.15 25.11 -3.73
CA PHE A 17 -22.87 23.68 -3.83
C PHE A 17 -23.44 22.92 -2.63
N TRP A 18 -23.07 23.35 -1.44
CA TRP A 18 -23.55 22.72 -0.22
C TRP A 18 -25.07 22.86 -0.08
N ASP A 19 -25.59 24.00 -0.54
CA ASP A 19 -27.01 24.27 -0.47
C ASP A 19 -27.78 23.36 -1.42
N ASN A 20 -27.39 23.37 -2.69
CA ASN A 20 -28.04 22.55 -3.70
C ASN A 20 -27.84 21.06 -3.41
N LEU A 21 -26.62 20.71 -3.01
CA LEU A 21 -26.29 19.32 -2.69
C LEU A 21 -27.16 18.80 -1.56
N GLU A 22 -27.13 19.51 -0.43
CA GLU A 22 -27.92 19.12 0.74
C GLU A 22 -29.40 19.03 0.39
N LYS A 23 -29.86 19.94 -0.45
CA LYS A 23 -31.26 19.97 -0.86
C LYS A 23 -31.67 18.63 -1.48
N GLU A 24 -30.88 18.18 -2.46
CA GLU A 24 -31.15 16.92 -3.13
C GLU A 24 -30.80 15.73 -2.25
N THR A 25 -29.79 15.92 -1.39
CA THR A 25 -29.34 14.87 -0.49
C THR A 25 -30.47 14.42 0.43
N GLU A 26 -31.46 15.28 0.61
CA GLU A 26 -32.61 14.98 1.46
C GLU A 26 -33.18 13.61 1.13
N GLY A 27 -33.13 13.24 -0.15
CA GLY A 27 -33.66 11.96 -0.58
C GLY A 27 -33.09 10.80 0.23
N LEU A 28 -31.88 11.00 0.76
CA LEU A 28 -31.24 9.95 1.56
C LEU A 28 -32.18 9.40 2.61
N ARG A 29 -33.03 10.26 3.16
CA ARG A 29 -34.00 9.85 4.17
C ARG A 29 -34.94 8.77 3.63
N GLN A 30 -35.52 9.04 2.46
CA GLN A 30 -36.43 8.08 1.83
C GLN A 30 -35.73 6.77 1.54
N GLU A 31 -34.52 6.86 1.01
CA GLU A 31 -33.74 5.66 0.68
C GLU A 31 -33.56 4.77 1.91
N MET A 32 -33.14 5.37 3.01
CA MET A 32 -32.94 4.62 4.25
C MET A 32 -34.22 3.94 4.69
N SER A 33 -35.35 4.66 4.57
CA SER A 33 -36.65 4.12 4.95
C SER A 33 -36.96 2.84 4.18
N LYS A 34 -36.82 2.91 2.87
CA LYS A 34 -37.09 1.76 2.01
C LYS A 34 -36.19 0.58 2.39
N ASP A 35 -34.91 0.86 2.59
CA ASP A 35 -33.95 -0.18 2.96
C ASP A 35 -34.40 -0.92 4.22
N LEU A 36 -34.81 -0.15 5.23
CA LEU A 36 -35.26 -0.73 6.49
C LEU A 36 -36.42 -1.69 6.26
N GLU A 37 -37.44 -1.22 5.53
CA GLU A 37 -38.60 -2.04 5.24
C GLU A 37 -38.20 -3.38 4.61
N GLU A 38 -37.33 -3.31 3.61
CA GLU A 38 -36.85 -4.51 2.93
C GLU A 38 -36.06 -5.39 3.88
N VAL A 39 -35.31 -4.76 4.78
CA VAL A 39 -34.49 -5.49 5.74
C VAL A 39 -35.36 -6.29 6.71
N LYS A 40 -36.54 -5.74 7.01
CA LYS A 40 -37.48 -6.40 7.92
C LYS A 40 -38.15 -7.59 7.25
N ALA A 41 -38.73 -7.36 6.08
CA ALA A 41 -39.40 -8.42 5.34
C ALA A 41 -38.43 -9.52 4.95
N LYS A 42 -37.18 -9.15 4.70
CA LYS A 42 -36.15 -10.11 4.32
C LYS A 42 -35.63 -10.85 5.54
N VAL A 43 -35.60 -10.17 6.68
CA VAL A 43 -35.12 -10.76 7.92
C VAL A 43 -35.96 -11.99 8.29
N GLN A 44 -37.27 -11.88 8.14
CA GLN A 44 -38.17 -12.98 8.45
C GLN A 44 -37.63 -14.30 7.90
N PRO A 45 -37.55 -14.40 6.57
CA PRO A 45 -37.05 -15.61 5.90
C PRO A 45 -35.55 -15.82 6.10
N TYR A 46 -34.82 -14.70 6.20
CA TYR A 46 -33.38 -14.76 6.41
C TYR A 46 -33.03 -15.52 7.69
N LEU A 47 -33.97 -15.53 8.63
CA LEU A 47 -33.77 -16.21 9.90
C LEU A 47 -33.83 -17.73 9.73
N ASP A 48 -34.89 -18.19 9.07
CA ASP A 48 -35.07 -19.62 8.83
C ASP A 48 -33.96 -20.17 7.95
N ASP A 49 -33.46 -19.33 7.04
CA ASP A 49 -32.39 -19.73 6.14
C ASP A 49 -31.08 -19.93 6.90
N PHE A 50 -30.75 -18.96 7.75
CA PHE A 50 -29.52 -19.03 8.54
C PHE A 50 -29.47 -20.30 9.36
N GLN A 51 -30.53 -20.55 10.13
CA GLN A 51 -30.61 -21.75 10.96
C GLN A 51 -30.64 -23.01 10.11
N LYS A 52 -31.50 -23.01 9.09
CA LYS A 52 -31.63 -24.15 8.20
C LYS A 52 -30.31 -24.44 7.49
N LYS A 53 -29.46 -23.43 7.40
CA LYS A 53 -28.16 -23.58 6.74
C LYS A 53 -27.19 -24.36 7.62
N TRP A 54 -27.14 -24.00 8.91
CA TRP A 54 -26.27 -24.68 9.85
C TRP A 54 -26.67 -26.14 10.04
N GLN A 55 -27.96 -26.41 9.90
CA GLN A 55 -28.48 -27.76 10.04
C GLN A 55 -27.96 -28.67 8.94
N GLU A 56 -28.20 -28.27 7.69
CA GLU A 56 -27.76 -29.05 6.54
C GLU A 56 -26.24 -29.01 6.41
N GLU A 57 -25.65 -27.87 6.77
CA GLU A 57 -24.20 -27.71 6.69
C GLU A 57 -23.49 -28.54 7.76
N MET A 58 -24.16 -28.71 8.90
CA MET A 58 -23.61 -29.48 10.00
C MET A 58 -23.54 -30.97 9.64
N GLU A 59 -24.67 -31.53 9.24
CA GLU A 59 -24.74 -32.94 8.87
C GLU A 59 -23.90 -33.21 7.62
N LEU A 60 -23.88 -32.25 6.71
CA LEU A 60 -23.12 -32.38 5.48
C LEU A 60 -21.63 -32.18 5.72
N TYR A 61 -21.31 -31.43 6.77
CA TYR A 61 -19.92 -31.16 7.12
C TYR A 61 -19.19 -32.44 7.54
N ARG A 62 -19.77 -33.13 8.51
CA ARG A 62 -19.19 -34.37 9.01
C ARG A 62 -19.37 -35.51 8.00
N GLN A 63 -20.55 -35.56 7.39
CA GLN A 63 -20.86 -36.59 6.41
C GLN A 63 -19.93 -36.48 5.20
N LYS A 64 -19.42 -35.28 4.96
CA LYS A 64 -18.52 -35.05 3.84
C LYS A 64 -17.08 -35.38 4.22
N VAL A 65 -16.70 -35.04 5.45
CA VAL A 65 -15.35 -35.32 5.93
C VAL A 65 -15.04 -36.82 5.90
N GLU A 66 -16.07 -37.63 6.11
CA GLU A 66 -15.91 -39.07 6.10
C GLU A 66 -15.34 -39.55 4.77
N PRO A 67 -16.11 -39.36 3.69
CA PRO A 67 -15.70 -39.76 2.34
C PRO A 67 -14.56 -38.90 1.80
N LEU A 68 -14.75 -37.58 1.87
CA LEU A 68 -13.73 -36.65 1.38
C LEU A 68 -12.47 -36.70 2.25
N GLY A 69 -12.62 -36.32 3.51
CA GLY A 69 -11.50 -36.33 4.43
C GLY A 69 -10.69 -37.61 4.33
N GLU A 70 -11.37 -38.72 4.02
CA GLU A 70 -10.70 -40.01 3.91
C GLU A 70 -9.91 -40.09 2.61
N GLU A 71 -10.51 -39.63 1.52
CA GLU A 71 -9.87 -39.66 0.21
C GLU A 71 -8.73 -38.64 0.15
N MET A 72 -8.93 -37.50 0.81
CA MET A 72 -7.93 -36.44 0.83
C MET A 72 -6.68 -36.89 1.58
N ARG A 73 -6.87 -37.42 2.78
CA ARG A 73 -5.76 -37.89 3.61
C ARG A 73 -5.11 -39.12 2.99
N ASP A 74 -5.93 -39.98 2.40
CA ASP A 74 -5.42 -41.20 1.76
C ASP A 74 -4.67 -40.87 0.48
N ARG A 75 -5.31 -40.12 -0.41
CA ARG A 75 -4.70 -39.74 -1.69
C ARG A 75 -3.45 -38.90 -1.45
N ALA A 76 -3.51 -38.04 -0.43
CA ALA A 76 -2.37 -37.18 -0.11
C ALA A 76 -1.17 -38.00 0.32
N ARG A 77 -1.41 -39.05 1.09
CA ARG A 77 -0.33 -39.92 1.57
C ARG A 77 0.37 -40.60 0.41
N ALA A 78 -0.41 -41.20 -0.48
CA ALA A 78 0.14 -41.90 -1.64
C ALA A 78 0.70 -40.91 -2.65
N HIS A 79 0.09 -39.73 -2.73
CA HIS A 79 0.53 -38.70 -3.66
C HIS A 79 1.88 -38.12 -3.23
N VAL A 80 1.96 -37.72 -1.96
CA VAL A 80 3.19 -37.15 -1.42
C VAL A 80 4.30 -38.20 -1.36
N ASP A 81 3.94 -39.40 -0.95
CA ASP A 81 4.91 -40.49 -0.85
C ASP A 81 5.66 -40.68 -2.16
N ALA A 82 4.90 -40.83 -3.25
CA ALA A 82 5.49 -41.01 -4.57
C ALA A 82 6.28 -39.78 -4.99
N LEU A 83 5.68 -38.61 -4.83
CA LEU A 83 6.33 -37.36 -5.20
C LEU A 83 7.66 -37.20 -4.48
N ARG A 84 7.67 -37.49 -3.17
CA ARG A 84 8.87 -37.37 -2.37
C ARG A 84 9.93 -38.36 -2.85
N THR A 85 9.52 -39.59 -3.12
CA THR A 85 10.43 -40.62 -3.59
C THR A 85 11.17 -40.19 -4.85
N HIS A 86 10.45 -39.52 -5.75
CA HIS A 86 11.05 -39.04 -6.99
C HIS A 86 11.78 -37.72 -6.77
N LEU A 87 11.29 -36.92 -5.82
CA LEU A 87 11.90 -35.64 -5.51
C LEU A 87 13.26 -35.83 -4.85
N ALA A 88 13.47 -37.00 -4.25
CA ALA A 88 14.72 -37.30 -3.59
C ALA A 88 15.91 -37.11 -4.53
N PRO A 89 15.94 -37.91 -5.61
CA PRO A 89 17.01 -37.84 -6.61
C PRO A 89 16.96 -36.56 -7.43
N TYR A 90 15.76 -36.20 -7.89
CA TYR A 90 15.58 -34.99 -8.69
C TYR A 90 16.07 -33.76 -7.93
N SER A 91 15.98 -33.81 -6.60
CA SER A 91 16.41 -32.71 -5.77
C SER A 91 17.89 -32.40 -5.99
N ASP A 92 18.73 -33.42 -5.87
CA ASP A 92 20.16 -33.26 -6.06
C ASP A 92 20.48 -32.85 -7.49
N GLU A 93 19.68 -33.34 -8.43
CA GLU A 93 19.88 -33.03 -9.84
C GLU A 93 19.55 -31.58 -10.14
N LEU A 94 18.36 -31.15 -9.72
CA LEU A 94 17.93 -29.77 -9.94
C LEU A 94 18.76 -28.80 -9.12
N ARG A 95 18.92 -29.09 -7.84
CA ARG A 95 19.72 -28.25 -6.95
C ARG A 95 21.13 -28.07 -7.47
N GLN A 96 21.67 -29.13 -8.08
CA GLN A 96 23.02 -29.10 -8.62
C GLN A 96 23.09 -28.16 -9.82
N ARG A 97 22.08 -28.23 -10.68
CA ARG A 97 22.04 -27.38 -11.87
C ARG A 97 21.74 -25.93 -11.50
N LEU A 98 20.83 -25.74 -10.54
CA LEU A 98 20.46 -24.40 -10.09
C LEU A 98 21.61 -23.75 -9.31
N ALA A 99 22.13 -24.48 -8.34
CA ALA A 99 23.23 -23.98 -7.52
C ALA A 99 24.43 -23.60 -8.39
N ALA A 100 24.72 -24.44 -9.37
CA ALA A 100 25.84 -24.20 -10.27
C ALA A 100 25.53 -23.07 -11.25
N ARG A 101 24.31 -23.06 -11.78
CA ARG A 101 23.89 -22.05 -12.73
C ARG A 101 23.84 -20.68 -12.06
N LEU A 102 23.48 -20.65 -10.78
CA LEU A 102 23.39 -19.41 -10.03
C LEU A 102 24.78 -18.82 -9.79
N GLU A 103 25.69 -19.64 -9.29
CA GLU A 103 27.05 -19.21 -9.01
C GLU A 103 27.81 -18.94 -10.31
N ALA A 104 27.52 -19.74 -11.33
CA ALA A 104 28.18 -19.59 -12.62
C ALA A 104 27.71 -18.31 -13.33
N LEU A 105 26.40 -18.12 -13.38
CA LEU A 105 25.82 -16.95 -14.03
C LEU A 105 26.35 -15.67 -13.40
N LYS A 106 26.44 -15.65 -12.08
CA LYS A 106 26.94 -14.49 -11.35
C LYS A 106 28.43 -14.31 -11.57
N GLU A 107 29.13 -15.43 -11.76
CA GLU A 107 30.57 -15.40 -11.98
C GLU A 107 30.93 -14.49 -13.15
N ASN A 108 30.33 -14.77 -14.31
CA ASN A 108 30.58 -13.98 -15.51
C ASN A 108 30.11 -12.55 -15.32
N GLY A 109 29.12 -12.36 -14.45
CA GLY A 109 28.59 -11.03 -14.21
C GLY A 109 29.68 -10.04 -13.84
N GLY A 110 30.70 -10.51 -13.13
CA GLY A 110 31.79 -9.64 -12.74
C GLY A 110 32.38 -8.89 -13.90
N ALA A 111 32.40 -9.52 -15.08
CA ALA A 111 32.94 -8.89 -16.28
C ALA A 111 31.95 -7.91 -16.89
N ARG A 112 30.67 -8.13 -16.60
CA ARG A 112 29.61 -7.26 -17.13
C ARG A 112 29.61 -5.91 -16.42
N LEU A 113 29.97 -5.92 -15.15
CA LEU A 113 30.02 -4.69 -14.35
C LEU A 113 31.04 -3.71 -14.93
N ALA A 114 32.17 -4.24 -15.37
CA ALA A 114 33.22 -3.41 -15.95
C ALA A 114 32.82 -2.89 -17.32
N GLU A 115 32.36 -3.80 -18.18
CA GLU A 115 31.94 -3.43 -19.53
C GLU A 115 30.78 -2.45 -19.50
N TYR A 116 29.75 -2.80 -18.71
CA TYR A 116 28.57 -1.94 -18.60
C TYR A 116 28.95 -0.55 -18.10
N HIS A 117 29.81 -0.50 -17.10
CA HIS A 117 30.25 0.76 -16.54
C HIS A 117 30.80 1.69 -17.63
N ALA A 118 31.69 1.14 -18.46
CA ALA A 118 32.28 1.92 -19.55
C ALA A 118 31.21 2.41 -20.51
N LYS A 119 30.15 1.64 -20.65
CA LYS A 119 29.05 2.00 -21.55
C LYS A 119 28.19 3.09 -20.94
N ALA A 120 27.78 2.89 -19.68
CA ALA A 120 26.95 3.86 -18.98
C ALA A 120 27.70 5.15 -18.73
N THR A 121 29.01 5.02 -18.48
CA THR A 121 29.85 6.19 -18.21
C THR A 121 29.96 7.08 -19.45
N GLU A 122 30.23 6.46 -20.59
CA GLU A 122 30.36 7.20 -21.85
C GLU A 122 29.01 7.74 -22.30
N HIS A 123 27.96 6.98 -22.07
CA HIS A 123 26.60 7.39 -22.44
C HIS A 123 26.23 8.70 -21.77
N LEU A 124 26.50 8.80 -20.48
CA LEU A 124 26.18 10.00 -19.72
C LEU A 124 27.13 11.13 -20.09
N SER A 125 28.36 10.79 -20.47
CA SER A 125 29.35 11.78 -20.84
C SER A 125 28.84 12.66 -21.99
N THR A 126 28.36 12.02 -23.05
CA THR A 126 27.84 12.73 -24.21
C THR A 126 26.55 13.47 -23.86
N LEU A 127 25.61 12.75 -23.27
CA LEU A 127 24.33 13.33 -22.88
C LEU A 127 24.53 14.57 -22.02
N SER A 128 25.26 14.40 -20.92
CA SER A 128 25.52 15.50 -20.00
C SER A 128 26.12 16.69 -20.74
N GLU A 129 26.96 16.41 -21.74
CA GLU A 129 27.60 17.44 -22.52
C GLU A 129 26.57 18.35 -23.19
N LYS A 130 25.57 17.72 -23.81
CA LYS A 130 24.51 18.46 -24.48
C LYS A 130 23.50 19.01 -23.48
N ALA A 131 23.35 18.32 -22.36
CA ALA A 131 22.41 18.75 -21.31
C ALA A 131 22.91 20.04 -20.65
N LYS A 132 24.22 20.28 -20.75
CA LYS A 132 24.81 21.47 -20.15
C LYS A 132 24.21 22.74 -20.74
N PRO A 133 24.40 22.94 -22.05
CA PRO A 133 23.88 24.11 -22.77
C PRO A 133 22.37 24.08 -22.90
N ALA A 134 21.80 22.88 -22.90
CA ALA A 134 20.35 22.71 -23.02
C ALA A 134 19.65 23.04 -21.71
N LEU A 135 20.33 22.76 -20.59
CA LEU A 135 19.77 23.02 -19.28
C LEU A 135 19.73 24.52 -18.99
N GLU A 136 20.75 25.24 -19.44
CA GLU A 136 20.84 26.68 -19.24
C GLU A 136 19.58 27.37 -19.75
N ASP A 137 19.20 27.07 -20.98
CA ASP A 137 18.02 27.66 -21.59
C ASP A 137 16.74 27.01 -21.05
N LEU A 138 16.85 25.74 -20.69
CA LEU A 138 15.71 25.00 -20.17
C LEU A 138 15.21 25.62 -18.87
N ARG A 139 16.13 25.85 -17.93
CA ARG A 139 15.78 26.44 -16.65
C ARG A 139 15.37 27.89 -16.81
N GLN A 140 16.02 28.59 -17.75
CA GLN A 140 15.72 29.99 -18.00
C GLN A 140 14.24 30.17 -18.35
N GLY A 141 13.75 29.36 -19.28
CA GLY A 141 12.37 29.45 -19.69
C GLY A 141 11.41 29.00 -18.60
N LEU A 142 11.87 28.08 -17.76
CA LEU A 142 11.04 27.57 -16.67
C LEU A 142 10.70 28.68 -15.68
N LEU A 143 11.61 29.63 -15.52
CA LEU A 143 11.40 30.74 -14.60
C LEU A 143 10.08 31.45 -14.89
N PRO A 144 9.95 31.99 -16.10
CA PRO A 144 8.73 32.70 -16.53
C PRO A 144 7.55 31.75 -16.72
N VAL A 145 7.81 30.61 -17.37
CA VAL A 145 6.77 29.62 -17.61
C VAL A 145 6.13 29.17 -16.31
N LEU A 146 6.94 28.70 -15.38
CA LEU A 146 6.46 28.23 -14.09
C LEU A 146 5.73 29.35 -13.34
N GLU A 147 6.20 30.58 -13.54
CA GLU A 147 5.59 31.74 -12.88
C GLU A 147 4.19 32.00 -13.45
N SER A 148 4.02 31.74 -14.73
CA SER A 148 2.73 31.95 -15.38
C SER A 148 1.64 31.11 -14.75
N PHE A 149 1.94 29.83 -14.54
CA PHE A 149 0.99 28.91 -13.93
C PHE A 149 0.72 29.28 -12.48
N LYS A 150 1.78 29.65 -11.77
CA LYS A 150 1.66 30.03 -10.36
C LYS A 150 0.83 31.31 -10.22
N VAL A 151 1.12 32.29 -11.07
CA VAL A 151 0.41 33.57 -11.03
C VAL A 151 -1.10 33.35 -11.16
N SER A 152 -1.49 32.46 -12.07
CA SER A 152 -2.90 32.16 -12.29
C SER A 152 -3.55 31.65 -11.02
N PHE A 153 -2.92 30.67 -10.38
CA PHE A 153 -3.45 30.09 -9.15
C PHE A 153 -3.46 31.13 -8.03
N LEU A 154 -2.43 31.97 -7.99
CA LEU A 154 -2.31 33.00 -6.97
C LEU A 154 -3.43 34.02 -7.10
N SER A 155 -3.84 34.29 -8.34
CA SER A 155 -4.90 35.26 -8.61
C SER A 155 -6.26 34.69 -8.19
N ALA A 156 -6.39 33.38 -8.28
CA ALA A 156 -7.65 32.71 -7.91
C ALA A 156 -7.89 32.80 -6.41
N LEU A 157 -6.89 32.43 -5.62
CA LEU A 157 -7.00 32.47 -4.17
C LEU A 157 -7.09 33.91 -3.68
N GLU A 158 -6.38 34.81 -4.34
CA GLU A 158 -6.39 36.22 -3.97
C GLU A 158 -7.72 36.88 -4.33
N GLU A 159 -8.26 36.50 -5.48
CA GLU A 159 -9.53 37.05 -5.95
C GLU A 159 -10.70 36.49 -5.13
N TYR A 160 -10.72 35.17 -5.00
CA TYR A 160 -11.78 34.50 -4.26
C TYR A 160 -11.85 35.01 -2.82
N THR A 161 -10.68 35.20 -2.21
CA THR A 161 -10.60 35.70 -0.84
C THR A 161 -11.14 37.12 -0.74
N LYS A 162 -10.71 37.97 -1.66
CA LYS A 162 -11.15 39.37 -1.68
C LYS A 162 -12.67 39.46 -1.73
N LYS A 163 -13.28 38.79 -2.71
CA LYS A 163 -14.72 38.81 -2.86
C LYS A 163 -15.41 38.28 -1.59
N LEU A 164 -14.94 37.13 -1.11
CA LEU A 164 -15.51 36.53 0.10
C LEU A 164 -15.40 37.48 1.29
N ASN A 165 -14.31 38.25 1.33
CA ASN A 165 -14.09 39.20 2.41
C ASN A 165 -15.07 40.38 2.31
N THR A 166 -15.49 40.69 1.09
CA THR A 166 -16.41 41.79 0.85
C THR A 166 -15.73 43.14 1.04
N GLN A 167 -15.35 43.44 2.27
CA GLN A 167 -14.69 44.71 2.57
C GLN A 167 -13.19 44.59 2.36
N SER B 1 25.60 7.55 5.87
CA SER B 1 24.49 7.83 4.96
C SER B 1 24.90 7.53 3.52
N THR B 2 23.90 7.20 2.69
CA THR B 2 24.15 6.89 1.29
C THR B 2 23.04 7.44 0.40
N PHE B 3 23.16 8.71 0.02
CA PHE B 3 22.16 9.35 -0.83
C PHE B 3 22.67 9.47 -2.26
N SER B 4 21.84 10.04 -3.13
CA SER B 4 22.20 10.21 -4.54
C SER B 4 23.24 11.32 -4.70
N LYS B 5 23.07 12.39 -3.93
CA LYS B 5 24.00 13.52 -3.98
C LYS B 5 25.36 13.14 -3.43
N LEU B 6 25.36 12.42 -2.32
CA LEU B 6 26.61 11.99 -1.69
C LEU B 6 27.31 10.92 -2.54
N ARG B 7 26.51 10.07 -3.17
CA ARG B 7 27.05 9.00 -4.01
C ARG B 7 27.74 9.58 -5.25
N GLU B 8 27.03 10.48 -5.95
CA GLU B 8 27.57 11.09 -7.15
C GLU B 8 28.74 12.02 -6.81
N GLN B 9 28.62 12.72 -5.68
CA GLN B 9 29.66 13.63 -5.24
C GLN B 9 30.86 12.88 -4.70
N LEU B 10 30.62 11.66 -4.23
CA LEU B 10 31.70 10.83 -3.68
C LEU B 10 32.84 10.68 -4.69
N GLY B 11 32.49 10.54 -5.96
CA GLY B 11 33.49 10.41 -7.00
C GLY B 11 33.58 8.99 -7.53
N PRO B 12 34.71 8.67 -8.20
CA PRO B 12 34.93 7.35 -8.77
C PRO B 12 35.17 6.28 -7.71
N VAL B 13 34.50 6.44 -6.57
CA VAL B 13 34.62 5.50 -5.47
C VAL B 13 33.84 4.22 -5.74
N THR B 14 32.76 4.35 -6.50
CA THR B 14 31.91 3.21 -6.85
C THR B 14 32.76 2.01 -7.24
N GLN B 15 33.85 2.26 -7.96
CA GLN B 15 34.75 1.19 -8.39
C GLN B 15 35.29 0.41 -7.20
N GLU B 16 35.81 1.14 -6.21
CA GLU B 16 36.35 0.51 -5.01
C GLU B 16 35.26 -0.18 -4.21
N PHE B 17 34.06 0.38 -4.25
CA PHE B 17 32.93 -0.17 -3.51
C PHE B 17 32.59 -1.57 -4.04
N TRP B 18 32.35 -1.66 -5.34
CA TRP B 18 32.02 -2.94 -5.97
C TRP B 18 33.16 -3.93 -5.84
N ASP B 19 34.38 -3.42 -5.90
CA ASP B 19 35.57 -4.26 -5.80
C ASP B 19 35.71 -4.82 -4.39
N ASN B 20 35.70 -3.94 -3.40
CA ASN B 20 35.82 -4.35 -2.00
C ASN B 20 34.62 -5.18 -1.57
N LEU B 21 33.44 -4.76 -1.99
CA LEU B 21 32.21 -5.47 -1.64
C LEU B 21 32.23 -6.89 -2.18
N GLU B 22 32.45 -7.03 -3.48
CA GLU B 22 32.50 -8.34 -4.12
C GLU B 22 33.57 -9.22 -3.47
N LYS B 23 34.69 -8.61 -3.11
CA LYS B 23 35.79 -9.33 -2.49
C LYS B 23 35.31 -10.05 -1.22
N GLU B 24 34.66 -9.31 -0.34
CA GLU B 24 34.16 -9.87 0.91
C GLU B 24 32.92 -10.72 0.65
N THR B 25 32.15 -10.36 -0.37
CA THR B 25 30.94 -11.08 -0.71
C THR B 25 31.24 -12.54 -1.04
N GLU B 26 32.50 -12.80 -1.40
CA GLU B 26 32.93 -14.16 -1.74
C GLU B 26 32.48 -15.15 -0.67
N GLY B 27 32.48 -14.70 0.58
CA GLY B 27 32.08 -15.57 1.67
C GLY B 27 30.74 -16.22 1.44
N LEU B 28 29.89 -15.57 0.65
CA LEU B 28 28.57 -16.09 0.35
C LEU B 28 28.65 -17.56 -0.07
N ARG B 29 29.72 -17.91 -0.78
CA ARG B 29 29.91 -19.28 -1.25
C ARG B 29 29.98 -20.25 -0.07
N GLN B 30 30.81 -19.92 0.92
CA GLN B 30 30.96 -20.77 2.09
C GLN B 30 29.64 -20.89 2.84
N GLU B 31 28.95 -19.77 3.00
CA GLU B 31 27.67 -19.75 3.70
C GLU B 31 26.68 -20.74 3.07
N MET B 32 26.56 -20.66 1.75
CA MET B 32 25.65 -21.54 1.02
C MET B 32 26.01 -23.00 1.24
N SER B 33 27.31 -23.29 1.23
CA SER B 33 27.80 -24.65 1.43
C SER B 33 27.33 -25.20 2.77
N LYS B 34 27.56 -24.43 3.83
CA LYS B 34 27.15 -24.85 5.18
C LYS B 34 25.66 -25.09 5.25
N ASP B 35 24.88 -24.17 4.67
CA ASP B 35 23.42 -24.29 4.67
C ASP B 35 22.99 -25.61 4.05
N LEU B 36 23.57 -25.95 2.90
CA LEU B 36 23.25 -27.18 2.21
C LEU B 36 23.48 -28.39 3.10
N GLU B 37 24.67 -28.45 3.70
CA GLU B 37 25.02 -29.55 4.59
C GLU B 37 23.97 -29.73 5.69
N GLU B 38 23.60 -28.63 6.33
CA GLU B 38 22.61 -28.66 7.39
C GLU B 38 21.24 -29.08 6.85
N VAL B 39 20.94 -28.65 5.63
CA VAL B 39 19.67 -28.99 4.99
C VAL B 39 19.57 -30.49 4.74
N LYS B 40 20.71 -31.11 4.46
CA LYS B 40 20.74 -32.55 4.18
C LYS B 40 20.57 -33.35 5.47
N ALA B 41 21.41 -33.05 6.46
CA ALA B 41 21.35 -33.74 7.74
C ALA B 41 19.98 -33.55 8.40
N LYS B 42 19.39 -32.38 8.21
CA LYS B 42 18.09 -32.07 8.79
C LYS B 42 16.97 -32.72 7.99
N VAL B 43 17.17 -32.84 6.68
CA VAL B 43 16.18 -33.45 5.80
C VAL B 43 15.84 -34.86 6.26
N GLN B 44 16.87 -35.64 6.58
CA GLN B 44 16.67 -37.01 7.04
C GLN B 44 15.53 -37.10 8.05
N PRO B 45 15.73 -36.48 9.21
CA PRO B 45 14.72 -36.47 10.28
C PRO B 45 13.50 -35.62 9.93
N TYR B 46 13.73 -34.56 9.16
CA TYR B 46 12.65 -33.67 8.76
C TYR B 46 11.58 -34.42 7.98
N LEU B 47 11.98 -35.55 7.38
CA LEU B 47 11.05 -36.36 6.60
C LEU B 47 10.15 -37.18 7.51
N ASP B 48 10.76 -37.87 8.48
CA ASP B 48 10.01 -38.68 9.42
C ASP B 48 9.01 -37.84 10.21
N ASP B 49 9.39 -36.59 10.47
CA ASP B 49 8.54 -35.67 11.21
C ASP B 49 7.32 -35.28 10.39
N PHE B 50 7.55 -34.91 9.14
CA PHE B 50 6.46 -34.51 8.24
C PHE B 50 5.41 -35.59 8.15
N GLN B 51 5.83 -36.81 7.83
CA GLN B 51 4.92 -37.93 7.71
C GLN B 51 4.27 -38.26 9.05
N LYS B 52 5.09 -38.35 10.09
CA LYS B 52 4.60 -38.65 11.43
C LYS B 52 3.62 -37.58 11.90
N LYS B 53 3.71 -36.40 11.31
CA LYS B 53 2.82 -35.30 11.67
C LYS B 53 1.41 -35.53 11.12
N TRP B 54 1.33 -35.91 9.85
CA TRP B 54 0.05 -36.16 9.21
C TRP B 54 -0.66 -37.34 9.87
N GLN B 55 0.12 -38.30 10.35
CA GLN B 55 -0.43 -39.49 11.00
C GLN B 55 -1.18 -39.11 12.27
N GLU B 56 -0.49 -38.43 13.17
CA GLU B 56 -1.09 -38.01 14.44
C GLU B 56 -2.12 -36.91 14.21
N GLU B 57 -1.85 -36.05 13.23
CA GLU B 57 -2.75 -34.95 12.92
C GLU B 57 -4.04 -35.46 12.27
N MET B 58 -3.92 -36.55 11.52
CA MET B 58 -5.06 -37.14 10.84
C MET B 58 -6.02 -37.77 11.86
N GLU B 59 -5.50 -38.65 12.69
CA GLU B 59 -6.29 -39.33 13.70
C GLU B 59 -6.83 -38.32 14.73
N LEU B 60 -6.01 -37.33 15.04
CA LEU B 60 -6.39 -36.30 16.01
C LEU B 60 -7.37 -35.31 15.40
N TYR B 61 -7.32 -35.18 14.07
CA TYR B 61 -8.20 -34.26 13.37
C TYR B 61 -9.65 -34.70 13.49
N ARG B 62 -9.92 -35.94 13.10
CA ARG B 62 -11.27 -36.49 13.16
C ARG B 62 -11.68 -36.77 14.60
N GLN B 63 -10.72 -37.25 15.39
CA GLN B 63 -10.98 -37.57 16.79
C GLN B 63 -11.30 -36.31 17.59
N LYS B 64 -10.84 -35.16 17.09
CA LYS B 64 -11.08 -33.89 17.75
C LYS B 64 -12.41 -33.28 17.28
N VAL B 65 -12.67 -33.39 15.99
CA VAL B 65 -13.89 -32.85 15.41
C VAL B 65 -15.13 -33.48 16.04
N GLU B 66 -15.01 -34.75 16.43
CA GLU B 66 -16.11 -35.47 17.05
C GLU B 66 -16.58 -34.76 18.32
N PRO B 67 -15.69 -34.71 19.32
CA PRO B 67 -15.99 -34.06 20.61
C PRO B 67 -16.09 -32.55 20.49
N LEU B 68 -15.08 -31.94 19.87
CA LEU B 68 -15.05 -30.49 19.69
C LEU B 68 -16.14 -30.05 18.71
N GLY B 69 -16.01 -30.48 17.45
CA GLY B 69 -16.98 -30.11 16.45
C GLY B 69 -18.41 -30.27 16.93
N GLU B 70 -18.63 -31.23 17.83
CA GLU B 70 -19.96 -31.48 18.38
C GLU B 70 -20.32 -30.43 19.41
N GLU B 71 -19.38 -30.12 20.29
CA GLU B 71 -19.61 -29.13 21.34
C GLU B 71 -19.68 -27.72 20.76
N MET B 72 -18.80 -27.43 19.81
CA MET B 72 -18.76 -26.13 19.17
C MET B 72 -20.03 -25.89 18.36
N ARG B 73 -20.35 -26.82 17.47
CA ARG B 73 -21.53 -26.71 16.64
C ARG B 73 -22.80 -26.68 17.49
N ASP B 74 -22.84 -27.52 18.51
CA ASP B 74 -23.99 -27.58 19.40
C ASP B 74 -24.13 -26.29 20.21
N ARG B 75 -23.05 -25.89 20.85
CA ARG B 75 -23.04 -24.67 21.65
C ARG B 75 -23.36 -23.45 20.80
N ALA B 76 -22.95 -23.49 19.54
CA ALA B 76 -23.19 -22.39 18.61
C ALA B 76 -24.68 -22.22 18.35
N ARG B 77 -25.37 -23.32 18.06
CA ARG B 77 -26.80 -23.28 17.79
C ARG B 77 -27.56 -22.71 18.98
N ALA B 78 -27.21 -23.17 20.18
CA ALA B 78 -27.87 -22.71 21.39
C ALA B 78 -27.44 -21.28 21.73
N HIS B 79 -26.20 -20.95 21.42
CA HIS B 79 -25.66 -19.62 21.70
C HIS B 79 -26.31 -18.59 20.79
N VAL B 80 -26.33 -18.86 19.49
CA VAL B 80 -26.92 -17.95 18.51
C VAL B 80 -28.42 -17.83 18.72
N ASP B 81 -29.07 -18.95 19.00
CA ASP B 81 -30.51 -18.96 19.22
C ASP B 81 -30.90 -17.96 20.30
N ALA B 82 -30.24 -18.04 21.45
CA ALA B 82 -30.52 -17.14 22.56
C ALA B 82 -30.17 -15.70 22.20
N LEU B 83 -28.98 -15.50 21.65
CA LEU B 83 -28.53 -14.18 21.25
C LEU B 83 -29.51 -13.53 20.27
N ARG B 84 -29.97 -14.32 19.31
CA ARG B 84 -30.91 -13.83 18.31
C ARG B 84 -32.24 -13.42 18.96
N THR B 85 -32.72 -14.26 19.87
CA THR B 85 -33.97 -13.98 20.56
C THR B 85 -33.92 -12.63 21.27
N HIS B 86 -32.79 -12.33 21.89
CA HIS B 86 -32.61 -11.07 22.61
C HIS B 86 -32.29 -9.94 21.63
N LEU B 87 -31.61 -10.28 20.54
CA LEU B 87 -31.24 -9.29 19.53
C LEU B 87 -32.46 -8.80 18.77
N ALA B 88 -33.52 -9.61 18.78
CA ALA B 88 -34.76 -9.25 18.09
C ALA B 88 -35.27 -7.89 18.56
N PRO B 89 -35.62 -7.80 19.84
CA PRO B 89 -36.13 -6.56 20.44
C PRO B 89 -35.05 -5.49 20.55
N TYR B 90 -33.87 -5.88 20.99
CA TYR B 90 -32.75 -4.94 21.14
C TYR B 90 -32.42 -4.28 19.81
N SER B 91 -32.67 -5.00 18.72
CA SER B 91 -32.40 -4.48 17.38
C SER B 91 -33.19 -3.21 17.11
N ASP B 92 -34.50 -3.28 17.34
CA ASP B 92 -35.37 -2.13 17.12
C ASP B 92 -35.03 -1.00 18.08
N GLU B 93 -34.60 -1.36 19.29
CA GLU B 93 -34.24 -0.37 20.29
C GLU B 93 -32.96 0.36 19.90
N LEU B 94 -31.92 -0.40 19.59
CA LEU B 94 -30.64 0.18 19.19
C LEU B 94 -30.75 0.90 17.86
N ARG B 95 -31.33 0.22 16.87
CA ARG B 95 -31.50 0.80 15.55
C ARG B 95 -32.28 2.10 15.62
N GLN B 96 -33.25 2.16 16.53
CA GLN B 96 -34.07 3.36 16.69
C GLN B 96 -33.25 4.51 17.24
N ARG B 97 -32.39 4.20 18.22
CA ARG B 97 -31.54 5.22 18.83
C ARG B 97 -30.44 5.66 17.88
N LEU B 98 -29.86 4.70 17.16
CA LEU B 98 -28.79 4.99 16.21
C LEU B 98 -29.33 5.74 14.99
N ALA B 99 -30.39 5.21 14.41
CA ALA B 99 -31.01 5.84 13.24
C ALA B 99 -31.44 7.26 13.55
N ALA B 100 -31.99 7.48 14.74
CA ALA B 100 -32.45 8.79 15.16
C ALA B 100 -31.27 9.69 15.50
N ARG B 101 -30.28 9.13 16.18
CA ARG B 101 -29.09 9.89 16.58
C ARG B 101 -28.28 10.30 15.36
N LEU B 102 -28.28 9.45 14.33
CA LEU B 102 -27.55 9.73 13.10
C LEU B 102 -28.19 10.88 12.34
N GLU B 103 -29.51 10.78 12.13
CA GLU B 103 -30.25 11.80 11.41
C GLU B 103 -30.32 13.10 12.22
N ALA B 104 -30.44 12.95 13.53
CA ALA B 104 -30.52 14.11 14.41
C ALA B 104 -29.18 14.84 14.49
N LEU B 105 -28.12 14.08 14.72
CA LEU B 105 -26.78 14.66 14.81
C LEU B 105 -26.42 15.43 13.53
N LYS B 106 -26.77 14.84 12.38
CA LYS B 106 -26.50 15.47 11.10
C LYS B 106 -27.41 16.67 10.87
N GLU B 107 -28.61 16.62 11.42
CA GLU B 107 -29.57 17.71 11.28
C GLU B 107 -28.97 19.02 11.76
N ASN B 108 -28.49 19.03 13.01
CA ASN B 108 -27.89 20.23 13.59
C ASN B 108 -26.63 20.63 12.83
N GLY B 109 -25.98 19.65 12.21
CA GLY B 109 -24.77 19.91 11.46
C GLY B 109 -24.96 21.02 10.44
N GLY B 110 -26.15 21.10 9.86
CA GLY B 110 -26.42 22.11 8.86
C GLY B 110 -26.09 23.51 9.36
N ALA B 111 -26.28 23.73 10.66
CA ALA B 111 -25.99 25.04 11.26
C ALA B 111 -24.50 25.22 11.51
N ARG B 112 -23.79 24.09 11.64
CA ARG B 112 -22.35 24.13 11.89
C ARG B 112 -21.60 24.54 10.63
N LEU B 113 -22.14 24.16 9.48
CA LEU B 113 -21.51 24.49 8.19
C LEU B 113 -21.46 25.99 7.99
N ALA B 114 -22.52 26.68 8.38
CA ALA B 114 -22.59 28.13 8.25
C ALA B 114 -21.67 28.82 9.25
N GLU B 115 -21.77 28.43 10.51
CA GLU B 115 -20.95 29.01 11.57
C GLU B 115 -19.47 28.75 11.30
N TYR B 116 -19.13 27.50 11.02
CA TYR B 116 -17.75 27.11 10.75
C TYR B 116 -17.18 27.91 9.58
N HIS B 117 -17.98 28.02 8.52
CA HIS B 117 -17.56 28.77 7.33
C HIS B 117 -17.09 30.18 7.70
N ALA B 118 -17.92 30.87 8.48
CA ALA B 118 -17.60 32.23 8.90
C ALA B 118 -16.30 32.26 9.70
N LYS B 119 -16.04 31.19 10.43
CA LYS B 119 -14.83 31.09 11.24
C LYS B 119 -13.61 30.81 10.37
N ALA B 120 -13.71 29.82 9.50
CA ALA B 120 -12.62 29.47 8.61
C ALA B 120 -12.34 30.57 7.60
N THR B 121 -13.40 31.26 7.17
CA THR B 121 -13.28 32.34 6.21
C THR B 121 -12.50 33.51 6.80
N GLU B 122 -12.87 33.91 8.01
CA GLU B 122 -12.21 35.02 8.68
C GLU B 122 -10.78 34.64 9.08
N HIS B 123 -10.60 33.38 9.47
CA HIS B 123 -9.29 32.90 9.88
C HIS B 123 -8.27 33.06 8.76
N LEU B 124 -8.68 32.66 7.56
CA LEU B 124 -7.80 32.76 6.39
C LEU B 124 -7.63 34.20 5.95
N SER B 125 -8.67 35.01 6.19
CA SER B 125 -8.63 36.41 5.81
C SER B 125 -7.44 37.12 6.46
N THR B 126 -7.30 36.96 7.78
CA THR B 126 -6.21 37.59 8.51
C THR B 126 -4.87 36.95 8.13
N LEU B 127 -4.80 35.63 8.18
CA LEU B 127 -3.58 34.92 7.84
C LEU B 127 -3.08 35.31 6.45
N SER B 128 -3.94 35.18 5.46
CA SER B 128 -3.59 35.52 4.09
C SER B 128 -3.07 36.96 4.01
N GLU B 129 -3.65 37.84 4.81
CA GLU B 129 -3.24 39.24 4.83
C GLU B 129 -1.76 39.38 5.18
N LYS B 130 -1.34 38.66 6.22
CA LYS B 130 0.05 38.70 6.66
C LYS B 130 0.93 37.85 5.74
N ALA B 131 0.35 36.80 5.17
CA ALA B 131 1.08 35.92 4.27
C ALA B 131 1.44 36.63 2.97
N LYS B 132 0.70 37.69 2.66
CA LYS B 132 0.95 38.46 1.45
C LYS B 132 2.36 39.05 1.45
N PRO B 133 2.62 39.95 2.42
CA PRO B 133 3.92 40.61 2.56
C PRO B 133 5.01 39.64 3.01
N ALA B 134 4.61 38.59 3.72
CA ALA B 134 5.56 37.59 4.20
C ALA B 134 6.00 36.65 3.09
N LEU B 135 5.10 36.41 2.13
CA LEU B 135 5.40 35.54 1.01
C LEU B 135 6.36 36.20 0.04
N GLU B 136 6.21 37.51 -0.14
CA GLU B 136 7.07 38.27 -1.04
C GLU B 136 8.55 38.06 -0.68
N ASP B 137 8.87 38.25 0.60
CA ASP B 137 10.24 38.08 1.06
C ASP B 137 10.59 36.60 1.19
N LEU B 138 9.59 35.79 1.50
CA LEU B 138 9.80 34.35 1.65
C LEU B 138 10.30 33.73 0.34
N ARG B 139 9.60 34.02 -0.74
CA ARG B 139 9.96 33.48 -2.05
C ARG B 139 11.27 34.10 -2.54
N GLN B 140 11.47 35.38 -2.22
CA GLN B 140 12.68 36.09 -2.63
C GLN B 140 13.92 35.39 -2.11
N GLY B 141 13.92 35.05 -0.83
CA GLY B 141 15.06 34.36 -0.23
C GLY B 141 15.21 32.95 -0.74
N LEU B 142 14.10 32.32 -1.09
CA LEU B 142 14.11 30.96 -1.60
C LEU B 142 14.90 30.86 -2.90
N LEU B 143 14.84 31.93 -3.70
CA LEU B 143 15.55 31.97 -4.97
C LEU B 143 17.02 31.61 -4.79
N PRO B 144 17.73 32.42 -4.00
CA PRO B 144 19.16 32.21 -3.73
C PRO B 144 19.40 30.98 -2.86
N VAL B 145 18.60 30.84 -1.81
CA VAL B 145 18.73 29.71 -0.90
C VAL B 145 18.61 28.38 -1.65
N LEU B 146 17.52 28.22 -2.38
CA LEU B 146 17.28 26.99 -3.14
C LEU B 146 18.40 26.77 -4.16
N GLU B 147 18.92 27.86 -4.70
CA GLU B 147 20.00 27.79 -5.68
C GLU B 147 21.28 27.27 -5.06
N SER B 148 21.51 27.65 -3.79
CA SER B 148 22.71 27.22 -3.08
C SER B 148 22.77 25.70 -2.99
N PHE B 149 21.67 25.08 -2.60
CA PHE B 149 21.59 23.64 -2.46
C PHE B 149 21.74 22.96 -3.82
N LYS B 150 21.08 23.52 -4.83
CA LYS B 150 21.13 22.98 -6.18
C LYS B 150 22.54 23.06 -6.75
N VAL B 151 23.17 24.22 -6.57
CA VAL B 151 24.53 24.45 -7.06
C VAL B 151 25.48 23.38 -6.53
N SER B 152 25.35 23.06 -5.25
CA SER B 152 26.21 22.05 -4.62
C SER B 152 26.07 20.70 -5.32
N PHE B 153 24.82 20.27 -5.51
CA PHE B 153 24.56 18.99 -6.16
C PHE B 153 25.02 19.02 -7.62
N LEU B 154 24.83 20.16 -8.27
CA LEU B 154 25.24 20.32 -9.66
C LEU B 154 26.75 20.21 -9.82
N SER B 155 27.47 20.70 -8.82
CA SER B 155 28.94 20.65 -8.84
C SER B 155 29.43 19.22 -8.63
N ALA B 156 28.67 18.44 -7.88
CA ALA B 156 29.03 17.05 -7.61
C ALA B 156 28.97 16.21 -8.88
N LEU B 157 27.83 16.28 -9.58
CA LEU B 157 27.63 15.52 -10.80
C LEU B 157 28.56 16.03 -11.91
N GLU B 158 28.80 17.33 -11.92
CA GLU B 158 29.67 17.94 -12.94
C GLU B 158 31.13 17.59 -12.67
N GLU B 159 31.51 17.58 -11.39
CA GLU B 159 32.88 17.26 -11.01
C GLU B 159 33.16 15.77 -11.17
N TYR B 160 32.26 14.94 -10.64
CA TYR B 160 32.41 13.50 -10.73
C TYR B 160 32.50 13.04 -12.18
N THR B 161 31.67 13.63 -13.04
CA THR B 161 31.66 13.30 -14.45
C THR B 161 32.97 13.69 -15.12
N LYS B 162 33.44 14.90 -14.83
CA LYS B 162 34.68 15.40 -15.41
C LYS B 162 35.84 14.46 -15.11
N LYS B 163 36.02 14.15 -13.83
CA LYS B 163 37.09 13.26 -13.39
C LYS B 163 36.97 11.90 -14.07
N LEU B 164 35.78 11.32 -14.02
CA LEU B 164 35.52 10.02 -14.63
C LEU B 164 35.84 10.05 -16.12
N ASN B 165 35.56 11.18 -16.75
CA ASN B 165 35.82 11.34 -18.18
C ASN B 165 37.32 11.39 -18.46
N THR B 166 38.08 11.88 -17.50
CA THR B 166 39.53 11.99 -17.64
C THR B 166 39.90 13.12 -18.59
N GLN B 167 39.59 12.94 -19.87
CA GLN B 167 39.90 13.94 -20.89
C GLN B 167 38.78 14.98 -20.98
N SER A 1 -11.44 18.26 -16.10
CA SER A 1 -12.28 18.46 -14.91
C SER A 1 -11.94 19.75 -14.21
N THR A 2 -12.71 20.08 -13.17
CA THR A 2 -12.50 21.30 -12.40
C THR A 2 -11.21 21.20 -11.57
N PHE A 3 -10.81 22.33 -11.00
CA PHE A 3 -9.61 22.37 -10.18
C PHE A 3 -9.79 23.33 -9.00
N SER A 4 -8.78 23.38 -8.13
CA SER A 4 -8.83 24.25 -6.97
C SER A 4 -8.79 25.73 -7.38
N LYS A 5 -7.95 26.03 -8.36
CA LYS A 5 -7.81 27.40 -8.86
C LYS A 5 -9.08 27.84 -9.57
N LEU A 6 -9.66 26.93 -10.36
CA LEU A 6 -10.89 27.24 -11.09
C LEU A 6 -12.09 27.33 -10.16
N ARG A 7 -12.07 26.52 -9.11
CA ARG A 7 -13.16 26.51 -8.14
C ARG A 7 -13.18 27.82 -7.34
N GLU A 8 -12.03 28.19 -6.80
CA GLU A 8 -11.93 29.42 -6.01
C GLU A 8 -12.14 30.66 -6.89
N GLN A 9 -11.51 30.65 -8.07
CA GLN A 9 -11.63 31.77 -8.99
C GLN A 9 -13.05 31.87 -9.54
N LEU A 10 -13.79 30.75 -9.50
CA LEU A 10 -15.16 30.71 -9.98
C LEU A 10 -16.00 31.78 -9.30
N GLY A 11 -15.69 32.07 -8.04
CA GLY A 11 -16.43 33.07 -7.30
C GLY A 11 -17.14 32.49 -6.10
N PRO A 12 -18.15 33.23 -5.60
CA PRO A 12 -18.93 32.80 -4.43
C PRO A 12 -19.84 31.62 -4.75
N VAL A 13 -19.32 30.67 -5.53
CA VAL A 13 -20.09 29.49 -5.91
C VAL A 13 -20.17 28.49 -4.75
N THR A 14 -19.14 28.48 -3.92
CA THR A 14 -19.09 27.57 -2.78
C THR A 14 -20.43 27.54 -2.04
N GLN A 15 -21.09 28.69 -1.98
CA GLN A 15 -22.37 28.80 -1.31
C GLN A 15 -23.40 27.88 -1.95
N GLU A 16 -23.53 27.98 -3.27
CA GLU A 16 -24.49 27.16 -4.02
C GLU A 16 -24.03 25.71 -4.05
N PHE A 17 -22.72 25.50 -3.98
CA PHE A 17 -22.16 24.15 -4.00
C PHE A 17 -22.62 23.35 -2.79
N TRP A 18 -22.28 23.83 -1.60
CA TRP A 18 -22.65 23.15 -0.37
C TRP A 18 -24.17 23.15 -0.19
N ASP A 19 -24.81 24.22 -0.63
CA ASP A 19 -26.26 24.34 -0.52
C ASP A 19 -26.96 23.33 -1.42
N ASN A 20 -26.60 23.35 -2.70
CA ASN A 20 -27.20 22.44 -3.67
C ASN A 20 -26.80 21.00 -3.38
N LEU A 21 -25.56 20.81 -2.94
CA LEU A 21 -25.07 19.48 -2.62
C LEU A 21 -25.86 18.86 -1.47
N GLU A 22 -25.91 19.57 -0.35
CA GLU A 22 -26.64 19.09 0.82
C GLU A 22 -28.11 18.86 0.49
N LYS A 23 -28.68 19.75 -0.32
CA LYS A 23 -30.07 19.65 -0.70
C LYS A 23 -30.36 18.30 -1.35
N GLU A 24 -29.55 17.93 -2.34
CA GLU A 24 -29.72 16.67 -3.04
C GLU A 24 -29.24 15.50 -2.17
N THR A 25 -28.21 15.76 -1.37
CA THR A 25 -27.65 14.73 -0.49
C THR A 25 -28.67 14.31 0.57
N GLU A 26 -29.61 15.19 0.87
CA GLU A 26 -30.63 14.90 1.86
C GLU A 26 -31.29 13.56 1.60
N GLY A 27 -31.42 13.20 0.32
CA GLY A 27 -32.04 11.95 -0.05
C GLY A 27 -31.36 10.76 0.62
N LEU A 28 -30.07 10.88 0.88
CA LEU A 28 -29.31 9.81 1.52
C LEU A 28 -30.01 9.35 2.80
N ARG A 29 -30.61 10.29 3.52
CA ARG A 29 -31.30 9.98 4.76
C ARG A 29 -32.40 8.95 4.53
N GLN A 30 -33.23 9.21 3.52
CA GLN A 30 -34.33 8.30 3.19
C GLN A 30 -33.80 6.95 2.72
N GLU A 31 -32.75 6.98 1.92
CA GLU A 31 -32.15 5.76 1.40
C GLU A 31 -31.68 4.85 2.54
N MET A 32 -30.97 5.44 3.49
CA MET A 32 -30.47 4.69 4.64
C MET A 32 -31.62 4.14 5.48
N SER A 33 -32.66 4.95 5.64
CA SER A 33 -33.83 4.53 6.42
C SER A 33 -34.45 3.27 5.85
N LYS A 34 -34.70 3.28 4.54
CA LYS A 34 -35.30 2.13 3.87
C LYS A 34 -34.40 0.91 3.98
N ASP A 35 -33.11 1.11 3.72
CA ASP A 35 -32.13 0.02 3.79
C ASP A 35 -32.16 -0.64 5.16
N LEU A 36 -32.15 0.18 6.21
CA LEU A 36 -32.16 -0.34 7.59
C LEU A 36 -33.40 -1.18 7.83
N GLU A 37 -34.57 -0.64 7.49
CA GLU A 37 -35.83 -1.35 7.67
C GLU A 37 -35.77 -2.74 7.03
N GLU A 38 -35.29 -2.78 5.79
CA GLU A 38 -35.18 -4.04 5.06
C GLU A 38 -34.21 -4.98 5.75
N VAL A 39 -33.13 -4.42 6.27
CA VAL A 39 -32.11 -5.22 6.96
C VAL A 39 -32.67 -5.85 8.23
N LYS A 40 -33.61 -5.16 8.86
CA LYS A 40 -34.23 -5.65 10.09
C LYS A 40 -35.22 -6.77 9.78
N ALA A 41 -36.17 -6.49 8.89
CA ALA A 41 -37.16 -7.48 8.51
C ALA A 41 -36.51 -8.70 7.86
N LYS A 42 -35.39 -8.49 7.20
CA LYS A 42 -34.66 -9.56 6.53
C LYS A 42 -33.85 -10.37 7.54
N VAL A 43 -33.29 -9.68 8.53
CA VAL A 43 -32.48 -10.33 9.56
C VAL A 43 -33.28 -11.43 10.27
N GLN A 44 -34.52 -11.10 10.63
CA GLN A 44 -35.39 -12.06 11.31
C GLN A 44 -35.29 -13.45 10.67
N PRO A 45 -35.74 -13.54 9.41
CA PRO A 45 -35.71 -14.81 8.66
C PRO A 45 -34.30 -15.22 8.29
N TYR A 46 -33.40 -14.25 8.19
CA TYR A 46 -32.01 -14.53 7.84
C TYR A 46 -31.41 -15.58 8.77
N LEU A 47 -31.42 -15.29 10.07
CA LEU A 47 -30.88 -16.21 11.06
C LEU A 47 -31.53 -17.59 10.94
N ASP A 48 -32.77 -17.61 10.46
CA ASP A 48 -33.50 -18.86 10.29
C ASP A 48 -32.85 -19.73 9.22
N ASP A 49 -32.54 -19.12 8.08
CA ASP A 49 -31.92 -19.84 6.98
C ASP A 49 -30.51 -20.30 7.36
N PHE A 50 -29.75 -19.42 7.99
CA PHE A 50 -28.39 -19.75 8.42
C PHE A 50 -28.37 -20.98 9.31
N GLN A 51 -29.22 -20.96 10.33
CA GLN A 51 -29.31 -22.07 11.28
C GLN A 51 -29.69 -23.37 10.56
N LYS A 52 -30.71 -23.28 9.71
CA LYS A 52 -31.18 -24.44 8.96
C LYS A 52 -30.09 -24.98 8.06
N LYS A 53 -29.16 -24.10 7.67
CA LYS A 53 -28.05 -24.49 6.79
C LYS A 53 -27.05 -25.36 7.55
N TRP A 54 -26.71 -24.94 8.76
CA TRP A 54 -25.76 -25.68 9.58
C TRP A 54 -26.36 -26.99 10.07
N GLN A 55 -27.69 -27.05 10.11
CA GLN A 55 -28.39 -28.25 10.54
C GLN A 55 -28.21 -29.39 9.54
N GLU A 56 -28.73 -29.19 8.33
CA GLU A 56 -28.62 -30.21 7.29
C GLU A 56 -27.15 -30.45 6.91
N GLU A 57 -26.36 -29.38 6.95
CA GLU A 57 -24.94 -29.48 6.62
C GLU A 57 -24.18 -30.24 7.69
N MET A 58 -24.66 -30.15 8.93
CA MET A 58 -24.01 -30.83 10.05
C MET A 58 -24.14 -32.34 9.90
N GLU A 59 -25.35 -32.81 9.67
CA GLU A 59 -25.59 -34.25 9.51
C GLU A 59 -24.83 -34.80 8.31
N LEU A 60 -24.82 -34.03 7.22
CA LEU A 60 -24.13 -34.45 6.01
C LEU A 60 -22.62 -34.27 6.15
N TYR A 61 -22.22 -33.36 7.03
CA TYR A 61 -20.80 -33.10 7.27
C TYR A 61 -20.10 -34.33 7.84
N ARG A 62 -20.63 -34.84 8.93
CA ARG A 62 -20.06 -36.02 9.58
C ARG A 62 -20.29 -37.27 8.73
N GLN A 63 -21.50 -37.40 8.19
CA GLN A 63 -21.84 -38.55 7.36
C GLN A 63 -20.95 -38.61 6.12
N LYS A 64 -20.45 -37.45 5.70
CA LYS A 64 -19.58 -37.38 4.53
C LYS A 64 -18.12 -37.55 4.92
N VAL A 65 -17.74 -36.98 6.08
CA VAL A 65 -16.38 -37.07 6.57
C VAL A 65 -15.96 -38.53 6.75
N GLU A 66 -16.91 -39.37 7.09
CA GLU A 66 -16.64 -40.79 7.29
C GLU A 66 -16.10 -41.44 6.02
N PRO A 67 -16.94 -41.47 4.97
CA PRO A 67 -16.57 -42.05 3.68
C PRO A 67 -15.54 -41.21 2.94
N LEU A 68 -15.82 -39.92 2.81
CA LEU A 68 -14.90 -39.00 2.13
C LEU A 68 -13.66 -38.73 2.98
N GLY A 69 -13.88 -38.11 4.14
CA GLY A 69 -12.77 -37.80 5.02
C GLY A 69 -11.80 -38.96 5.16
N GLU A 70 -12.31 -40.18 5.05
CA GLU A 70 -11.47 -41.37 5.17
C GLU A 70 -10.61 -41.55 3.93
N GLU A 71 -11.22 -41.36 2.76
CA GLU A 71 -10.50 -41.49 1.49
C GLU A 71 -9.57 -40.31 1.26
N MET A 72 -10.01 -39.13 1.70
CA MET A 72 -9.22 -37.92 1.54
C MET A 72 -7.94 -37.98 2.36
N ARG A 73 -8.08 -38.35 3.64
CA ARG A 73 -6.93 -38.44 4.53
C ARG A 73 -6.04 -39.61 4.14
N ASP A 74 -6.65 -40.71 3.70
CA ASP A 74 -5.90 -41.89 3.29
C ASP A 74 -5.17 -41.64 1.98
N ARG A 75 -5.90 -41.16 0.98
CA ARG A 75 -5.31 -40.87 -0.32
C ARG A 75 -4.26 -39.77 -0.23
N ALA A 76 -4.53 -38.78 0.61
CA ALA A 76 -3.62 -37.66 0.79
C ALA A 76 -2.29 -38.13 1.39
N ARG A 77 -2.37 -39.01 2.37
CA ARG A 77 -1.17 -39.54 3.02
C ARG A 77 -0.31 -40.31 2.02
N ALA A 78 -0.94 -41.23 1.30
CA ALA A 78 -0.23 -42.04 0.31
C ALA A 78 0.21 -41.19 -0.88
N HIS A 79 -0.55 -40.14 -1.16
CA HIS A 79 -0.23 -39.25 -2.27
C HIS A 79 1.03 -38.45 -1.98
N VAL A 80 1.08 -37.83 -0.81
CA VAL A 80 2.23 -37.03 -0.41
C VAL A 80 3.46 -37.90 -0.20
N ASP A 81 3.24 -39.10 0.34
CA ASP A 81 4.33 -40.03 0.60
C ASP A 81 5.09 -40.34 -0.69
N ALA A 82 4.36 -40.74 -1.72
CA ALA A 82 4.96 -41.07 -3.01
C ALA A 82 5.58 -39.83 -3.65
N LEU A 83 4.81 -38.75 -3.70
CA LEU A 83 5.28 -37.50 -4.29
C LEU A 83 6.57 -37.03 -3.62
N ARG A 84 6.56 -37.01 -2.28
CA ARG A 84 7.72 -36.58 -1.52
C ARG A 84 8.92 -37.47 -1.81
N THR A 85 8.67 -38.77 -1.93
CA THR A 85 9.72 -39.74 -2.21
C THR A 85 10.47 -39.39 -3.49
N HIS A 86 9.71 -39.12 -4.54
CA HIS A 86 10.31 -38.77 -5.84
C HIS A 86 10.83 -37.33 -5.82
N LEU A 87 10.13 -36.46 -5.11
CA LEU A 87 10.52 -35.06 -5.01
C LEU A 87 11.77 -34.90 -4.15
N ALA A 88 12.09 -35.95 -3.38
CA ALA A 88 13.26 -35.91 -2.51
C ALA A 88 14.54 -35.74 -3.31
N PRO A 89 14.83 -36.71 -4.19
CA PRO A 89 16.03 -36.68 -5.03
C PRO A 89 15.95 -35.60 -6.11
N TYR A 90 14.78 -35.46 -6.72
CA TYR A 90 14.58 -34.46 -7.77
C TYR A 90 14.80 -33.05 -7.23
N SER A 91 14.43 -32.84 -5.96
CA SER A 91 14.58 -31.54 -5.33
C SER A 91 16.05 -31.12 -5.28
N ASP A 92 16.91 -32.06 -4.88
CA ASP A 92 18.34 -31.80 -4.80
C ASP A 92 18.91 -31.47 -6.17
N GLU A 93 18.63 -32.31 -7.15
CA GLU A 93 19.12 -32.11 -8.51
C GLU A 93 18.67 -30.75 -9.05
N LEU A 94 17.37 -30.49 -8.96
CA LEU A 94 16.82 -29.23 -9.44
C LEU A 94 17.38 -28.05 -8.66
N ARG A 95 17.40 -28.18 -7.34
CA ARG A 95 17.91 -27.12 -6.47
C ARG A 95 19.38 -26.83 -6.79
N GLN A 96 20.14 -27.88 -7.08
CA GLN A 96 21.56 -27.74 -7.40
C GLN A 96 21.74 -26.96 -8.69
N ARG A 97 20.83 -27.15 -9.63
CA ARG A 97 20.90 -26.46 -10.92
C ARG A 97 20.63 -24.97 -10.76
N LEU A 98 19.56 -24.64 -10.04
CA LEU A 98 19.19 -23.24 -9.81
C LEU A 98 20.18 -22.58 -8.84
N ALA A 99 20.42 -23.23 -7.70
CA ALA A 99 21.33 -22.70 -6.71
C ALA A 99 22.70 -22.41 -7.32
N ALA A 100 23.21 -23.35 -8.11
CA ALA A 100 24.50 -23.20 -8.76
C ALA A 100 24.44 -22.16 -9.87
N ARG A 101 23.31 -22.11 -10.57
CA ARG A 101 23.13 -21.17 -11.66
C ARG A 101 23.05 -19.75 -11.14
N LEU A 102 22.51 -19.59 -9.93
CA LEU A 102 22.37 -18.28 -9.32
C LEU A 102 23.73 -17.74 -8.87
N GLU A 103 24.46 -18.56 -8.13
CA GLU A 103 25.77 -18.18 -7.63
C GLU A 103 26.78 -18.04 -8.78
N ALA A 104 26.76 -19.01 -9.69
CA ALA A 104 27.65 -19.00 -10.83
C ALA A 104 27.41 -17.78 -11.71
N LEU A 105 26.14 -17.50 -11.99
CA LEU A 105 25.78 -16.35 -12.81
C LEU A 105 26.29 -15.05 -12.21
N LYS A 106 26.18 -14.94 -10.88
CA LYS A 106 26.64 -13.74 -10.18
C LYS A 106 28.16 -13.61 -10.28
N GLU A 107 28.85 -14.75 -10.33
CA GLU A 107 30.30 -14.75 -10.43
C GLU A 107 30.77 -13.93 -11.63
N ASN A 108 30.27 -14.28 -12.81
CA ASN A 108 30.65 -13.57 -14.03
C ASN A 108 30.15 -12.12 -14.00
N GLY A 109 29.08 -11.89 -13.24
CA GLY A 109 28.52 -10.55 -13.14
C GLY A 109 29.58 -9.52 -12.76
N GLY A 110 30.55 -9.92 -11.95
CA GLY A 110 31.59 -9.01 -11.54
C GLY A 110 32.26 -8.32 -12.70
N ALA A 111 32.35 -9.01 -13.84
CA ALA A 111 32.96 -8.46 -15.03
C ALA A 111 32.00 -7.52 -15.76
N ARG A 112 30.71 -7.74 -15.56
CA ARG A 112 29.69 -6.92 -16.20
C ARG A 112 29.63 -5.54 -15.55
N LEU A 113 29.87 -5.48 -14.26
CA LEU A 113 29.84 -4.22 -13.52
C LEU A 113 30.91 -3.27 -14.04
N ALA A 114 32.07 -3.82 -14.38
CA ALA A 114 33.18 -3.02 -14.89
C ALA A 114 32.89 -2.53 -16.30
N GLU A 115 32.48 -3.44 -17.17
CA GLU A 115 32.18 -3.10 -18.56
C GLU A 115 31.00 -2.12 -18.63
N TYR A 116 29.94 -2.44 -17.91
CA TYR A 116 28.75 -1.59 -17.91
C TYR A 116 29.08 -0.19 -17.39
N HIS A 117 29.86 -0.14 -16.32
CA HIS A 117 30.26 1.14 -15.73
C HIS A 117 30.89 2.06 -16.79
N ALA A 118 31.85 1.52 -17.53
CA ALA A 118 32.52 2.29 -18.57
C ALA A 118 31.54 2.77 -19.63
N LYS A 119 30.48 1.98 -19.85
CA LYS A 119 29.47 2.32 -20.83
C LYS A 119 28.54 3.41 -20.31
N ALA A 120 28.05 3.23 -19.09
CA ALA A 120 27.16 4.21 -18.47
C ALA A 120 27.90 5.51 -18.20
N THR A 121 29.16 5.40 -17.80
CA THR A 121 29.97 6.58 -17.50
C THR A 121 30.16 7.46 -18.73
N GLU A 122 30.51 6.82 -19.85
CA GLU A 122 30.73 7.55 -21.09
C GLU A 122 29.41 8.13 -21.62
N HIS A 123 28.33 7.39 -21.42
CA HIS A 123 27.01 7.82 -21.87
C HIS A 123 26.63 9.15 -21.24
N LEU A 124 26.85 9.27 -19.93
CA LEU A 124 26.53 10.49 -19.22
C LEU A 124 27.51 11.60 -19.57
N SER A 125 28.74 11.22 -19.90
CA SER A 125 29.78 12.19 -20.26
C SER A 125 29.33 13.05 -21.44
N THR A 126 28.86 12.40 -22.50
CA THR A 126 28.40 13.11 -23.68
C THR A 126 27.12 13.88 -23.40
N LEU A 127 26.14 13.20 -22.81
CA LEU A 127 24.86 13.83 -22.48
C LEU A 127 25.08 15.09 -21.64
N SER A 128 25.79 14.93 -20.53
CA SER A 128 26.07 16.04 -19.63
C SER A 128 26.71 17.21 -20.38
N GLU A 129 27.55 16.87 -21.36
CA GLU A 129 28.23 17.89 -22.15
C GLU A 129 27.22 18.79 -22.86
N LYS A 130 26.24 18.17 -23.50
CA LYS A 130 25.21 18.91 -24.22
C LYS A 130 24.17 19.49 -23.25
N ALA A 131 23.99 18.82 -22.13
CA ALA A 131 23.04 19.26 -21.11
C ALA A 131 23.51 20.55 -20.44
N LYS A 132 24.81 20.80 -20.50
CA LYS A 132 25.39 22.00 -19.91
C LYS A 132 24.79 23.26 -20.52
N PRO A 133 25.00 23.43 -21.83
CA PRO A 133 24.49 24.60 -22.57
C PRO A 133 22.97 24.56 -22.72
N ALA A 134 22.42 23.36 -22.72
CA ALA A 134 20.97 23.18 -22.86
C ALA A 134 20.25 23.51 -21.55
N LEU A 135 20.92 23.26 -20.44
CA LEU A 135 20.35 23.53 -19.13
C LEU A 135 20.30 25.02 -18.85
N GLU A 136 21.32 25.75 -19.29
CA GLU A 136 21.40 27.18 -19.09
C GLU A 136 20.13 27.87 -19.62
N ASP A 137 19.78 27.56 -20.86
CA ASP A 137 18.60 28.14 -21.49
C ASP A 137 17.33 27.52 -20.93
N LEU A 138 17.42 26.24 -20.54
CA LEU A 138 16.27 25.53 -20.00
C LEU A 138 15.74 26.21 -18.74
N ARG A 139 16.64 26.48 -17.80
CA ARG A 139 16.27 27.13 -16.55
C ARG A 139 15.85 28.58 -16.80
N GLN A 140 16.54 29.24 -17.73
CA GLN A 140 16.22 30.62 -18.07
C GLN A 140 14.77 30.78 -18.47
N GLY A 141 14.31 29.92 -19.39
CA GLY A 141 12.94 29.98 -19.85
C GLY A 141 11.95 29.59 -18.78
N LEU A 142 12.38 28.73 -17.86
CA LEU A 142 11.52 28.27 -16.77
C LEU A 142 11.13 29.43 -15.87
N LEU A 143 12.02 30.40 -15.73
CA LEU A 143 11.77 31.56 -14.90
C LEU A 143 10.45 32.23 -15.27
N PRO A 144 10.37 32.70 -16.53
CA PRO A 144 9.16 33.36 -17.04
C PRO A 144 8.00 32.39 -17.23
N VAL A 145 8.30 31.22 -17.78
CA VAL A 145 7.27 30.20 -18.00
C VAL A 145 6.58 29.82 -16.71
N LEU A 146 7.37 29.45 -15.71
CA LEU A 146 6.82 29.06 -14.41
C LEU A 146 6.02 30.20 -13.79
N GLU A 147 6.46 31.43 -14.05
CA GLU A 147 5.78 32.60 -13.52
C GLU A 147 4.38 32.73 -14.10
N SER A 148 4.23 32.36 -15.37
CA SER A 148 2.95 32.44 -16.04
C SER A 148 1.91 31.53 -15.37
N PHE A 149 2.31 30.29 -15.10
CA PHE A 149 1.43 29.33 -14.46
C PHE A 149 1.15 29.73 -13.00
N LYS A 150 2.20 30.18 -12.32
CA LYS A 150 2.08 30.60 -10.93
C LYS A 150 1.17 31.82 -10.80
N VAL A 151 1.38 32.80 -11.67
CA VAL A 151 0.56 34.02 -11.66
C VAL A 151 -0.92 33.69 -11.78
N SER A 152 -1.24 32.75 -12.66
CA SER A 152 -2.62 32.34 -12.89
C SER A 152 -3.26 31.83 -11.60
N PHE A 153 -2.57 30.92 -10.94
CA PHE A 153 -3.06 30.35 -9.68
C PHE A 153 -3.23 31.43 -8.62
N LEU A 154 -2.31 32.38 -8.61
CA LEU A 154 -2.36 33.47 -7.64
C LEU A 154 -3.62 34.31 -7.83
N SER A 155 -4.04 34.47 -9.08
CA SER A 155 -5.23 35.25 -9.40
C SER A 155 -6.49 34.52 -8.94
N ALA A 156 -6.44 33.19 -8.96
CA ALA A 156 -7.57 32.37 -8.54
C ALA A 156 -7.85 32.54 -7.05
N LEU A 157 -6.81 32.37 -6.24
CA LEU A 157 -6.96 32.50 -4.80
C LEU A 157 -7.20 33.95 -4.40
N GLU A 158 -6.48 34.86 -5.05
CA GLU A 158 -6.63 36.29 -4.76
C GLU A 158 -8.03 36.77 -5.09
N GLU A 159 -8.55 36.33 -6.23
CA GLU A 159 -9.89 36.72 -6.68
C GLU A 159 -10.95 36.18 -5.73
N TYR A 160 -10.84 34.89 -5.40
CA TYR A 160 -11.79 34.25 -4.51
C TYR A 160 -11.91 35.01 -3.19
N THR A 161 -10.78 35.51 -2.70
CA THR A 161 -10.76 36.26 -1.45
C THR A 161 -11.50 37.58 -1.59
N LYS A 162 -11.23 38.28 -2.69
CA LYS A 162 -11.88 39.57 -2.95
C LYS A 162 -13.40 39.43 -2.93
N LYS A 163 -13.93 38.53 -3.76
CA LYS A 163 -15.36 38.29 -3.83
C LYS A 163 -15.91 37.89 -2.47
N LEU A 164 -15.27 36.92 -1.83
CA LEU A 164 -15.70 36.44 -0.53
C LEU A 164 -15.72 37.59 0.49
N ASN A 165 -14.73 38.46 0.42
CA ASN A 165 -14.64 39.60 1.32
C ASN A 165 -15.48 40.76 0.81
N THR A 166 -16.58 41.04 1.51
CA THR A 166 -17.46 42.14 1.13
C THR A 166 -16.73 43.48 1.15
N GLN A 167 -16.48 43.99 2.35
CA GLN A 167 -15.79 45.26 2.51
C GLN A 167 -14.47 45.25 1.74
N SER B 1 23.72 10.40 7.13
CA SER B 1 24.20 9.38 6.21
C SER B 1 24.68 9.98 4.90
N THR B 2 25.22 9.14 4.03
CA THR B 2 25.72 9.60 2.75
C THR B 2 24.58 9.99 1.81
N PHE B 3 24.92 10.62 0.69
CA PHE B 3 23.92 11.05 -0.28
C PHE B 3 24.45 10.89 -1.70
N SER B 4 23.59 11.18 -2.67
CA SER B 4 23.97 11.07 -4.08
C SER B 4 25.01 12.12 -4.45
N LYS B 5 24.82 13.33 -3.94
CA LYS B 5 25.74 14.43 -4.21
C LYS B 5 27.10 14.18 -3.55
N LEU B 6 27.06 13.66 -2.34
CA LEU B 6 28.29 13.37 -1.60
C LEU B 6 29.01 12.16 -2.19
N ARG B 7 28.23 11.21 -2.68
CA ARG B 7 28.80 10.01 -3.29
C ARG B 7 29.53 10.34 -4.59
N GLU B 8 28.85 11.06 -5.47
CA GLU B 8 29.43 11.43 -6.76
C GLU B 8 30.60 12.41 -6.56
N GLN B 9 30.39 13.39 -5.69
CA GLN B 9 31.42 14.39 -5.42
C GLN B 9 32.61 13.76 -4.71
N LEU B 10 32.37 12.63 -4.05
CA LEU B 10 33.43 11.92 -3.33
C LEU B 10 34.60 11.62 -4.26
N GLY B 11 34.31 11.39 -5.53
CA GLY B 11 35.35 11.09 -6.49
C GLY B 11 35.23 9.69 -7.08
N PRO B 12 36.32 9.20 -7.67
CA PRO B 12 36.35 7.86 -8.27
C PRO B 12 36.28 6.75 -7.23
N VAL B 13 35.44 6.93 -6.22
CA VAL B 13 35.27 5.94 -5.17
C VAL B 13 34.42 4.77 -5.64
N THR B 14 33.50 5.05 -6.56
CA THR B 14 32.63 4.02 -7.09
C THR B 14 33.40 2.74 -7.42
N GLN B 15 34.63 2.92 -7.90
CA GLN B 15 35.48 1.79 -8.25
C GLN B 15 35.74 0.89 -7.04
N GLU B 16 36.16 1.52 -5.94
CA GLU B 16 36.45 0.78 -4.72
C GLU B 16 35.16 0.29 -4.07
N PHE B 17 34.07 1.01 -4.31
CA PHE B 17 32.77 0.64 -3.75
C PHE B 17 32.31 -0.71 -4.29
N TRP B 18 32.15 -0.79 -5.60
CA TRP B 18 31.70 -2.02 -6.24
C TRP B 18 32.74 -3.12 -6.08
N ASP B 19 34.01 -2.74 -6.09
CA ASP B 19 35.10 -3.70 -5.94
C ASP B 19 35.11 -4.28 -4.53
N ASN B 20 35.14 -3.41 -3.53
CA ASN B 20 35.16 -3.85 -2.14
C ASN B 20 33.85 -4.54 -1.77
N LEU B 21 32.75 -4.03 -2.32
CA LEU B 21 31.43 -4.59 -2.04
C LEU B 21 31.34 -6.03 -2.54
N GLU B 22 31.62 -6.22 -3.83
CA GLU B 22 31.57 -7.55 -4.43
C GLU B 22 32.53 -8.50 -3.74
N LYS B 23 33.71 -7.99 -3.37
CA LYS B 23 34.72 -8.79 -2.70
C LYS B 23 34.15 -9.42 -1.42
N GLU B 24 33.53 -8.60 -0.58
CA GLU B 24 32.95 -9.08 0.67
C GLU B 24 31.65 -9.83 0.40
N THR B 25 30.92 -9.40 -0.63
CA THR B 25 29.65 -10.04 -0.99
C THR B 25 29.87 -11.46 -1.46
N GLU B 26 31.08 -11.75 -1.95
CA GLU B 26 31.40 -13.08 -2.44
C GLU B 26 31.02 -14.14 -1.42
N GLY B 27 31.14 -13.80 -0.13
CA GLY B 27 30.81 -14.73 0.92
C GLY B 27 29.40 -15.29 0.79
N LEU B 28 28.50 -14.47 0.23
CA LEU B 28 27.12 -14.88 0.04
C LEU B 28 27.03 -16.23 -0.67
N ARG B 29 27.94 -16.44 -1.61
CA ARG B 29 27.97 -17.69 -2.37
C ARG B 29 28.12 -18.89 -1.43
N GLN B 30 29.09 -18.82 -0.53
CA GLN B 30 29.34 -19.90 0.42
C GLN B 30 28.15 -20.07 1.36
N GLU B 31 27.59 -18.97 1.81
CA GLU B 31 26.44 -19.00 2.72
C GLU B 31 25.27 -19.76 2.08
N MET B 32 24.96 -19.41 0.85
CA MET B 32 23.86 -20.05 0.12
C MET B 32 24.13 -21.54 -0.07
N SER B 33 25.39 -21.86 -0.39
CA SER B 33 25.78 -23.25 -0.61
C SER B 33 25.50 -24.09 0.62
N LYS B 34 25.95 -23.63 1.78
CA LYS B 34 25.74 -24.34 3.03
C LYS B 34 24.25 -24.48 3.33
N ASP B 35 23.52 -23.38 3.19
CA ASP B 35 22.08 -23.39 3.46
C ASP B 35 21.38 -24.45 2.61
N LEU B 36 21.70 -24.47 1.31
CA LEU B 36 21.10 -25.44 0.39
C LEU B 36 21.36 -26.86 0.86
N GLU B 37 22.63 -27.18 1.12
CA GLU B 37 23.01 -28.51 1.57
C GLU B 37 22.17 -28.94 2.76
N GLU B 38 22.05 -28.05 3.75
CA GLU B 38 21.27 -28.34 4.95
C GLU B 38 19.80 -28.55 4.61
N VAL B 39 19.30 -27.77 3.66
CA VAL B 39 17.91 -27.87 3.23
C VAL B 39 17.62 -29.21 2.57
N LYS B 40 18.63 -29.75 1.89
CA LYS B 40 18.50 -31.04 1.21
C LYS B 40 18.52 -32.19 2.21
N ALA B 41 19.57 -32.25 3.02
CA ALA B 41 19.71 -33.29 4.02
C ALA B 41 18.55 -33.26 5.02
N LYS B 42 18.03 -32.06 5.26
CA LYS B 42 16.91 -31.89 6.20
C LYS B 42 15.59 -32.27 5.53
N VAL B 43 15.46 -31.94 4.25
CA VAL B 43 14.25 -32.25 3.51
C VAL B 43 13.88 -33.73 3.64
N GLN B 44 14.83 -34.60 3.37
CA GLN B 44 14.61 -36.04 3.47
C GLN B 44 13.75 -36.37 4.68
N PRO B 45 14.30 -36.15 5.88
CA PRO B 45 13.61 -36.43 7.14
C PRO B 45 12.46 -35.46 7.39
N TYR B 46 12.51 -34.31 6.72
CA TYR B 46 11.47 -33.30 6.88
C TYR B 46 10.10 -33.88 6.62
N LEU B 47 9.92 -34.49 5.44
CA LEU B 47 8.65 -35.10 5.08
C LEU B 47 8.29 -36.23 6.04
N ASP B 48 9.31 -36.87 6.60
CA ASP B 48 9.10 -37.97 7.54
C ASP B 48 8.28 -37.51 8.74
N ASP B 49 8.68 -36.39 9.33
CA ASP B 49 7.99 -35.85 10.50
C ASP B 49 6.60 -35.35 10.11
N PHE B 50 6.52 -34.64 8.98
CA PHE B 50 5.26 -34.10 8.50
C PHE B 50 4.23 -35.21 8.31
N GLN B 51 4.62 -36.26 7.59
CA GLN B 51 3.74 -37.39 7.34
C GLN B 51 3.28 -38.03 8.65
N LYS B 52 4.24 -38.29 9.54
CA LYS B 52 3.95 -38.90 10.82
C LYS B 52 2.97 -38.04 11.62
N LYS B 53 2.96 -36.74 11.34
CA LYS B 53 2.08 -35.81 12.03
C LYS B 53 0.63 -36.01 11.58
N TRP B 54 0.43 -36.08 10.27
CA TRP B 54 -0.91 -36.26 9.70
C TRP B 54 -1.47 -37.64 10.07
N GLN B 55 -0.57 -38.59 10.31
CA GLN B 55 -0.99 -39.94 10.67
C GLN B 55 -1.65 -39.97 12.05
N GLU B 56 -0.88 -39.66 13.08
CA GLU B 56 -1.39 -39.64 14.44
C GLU B 56 -2.52 -38.63 14.59
N GLU B 57 -2.39 -37.51 13.88
CA GLU B 57 -3.39 -36.45 13.93
C GLU B 57 -4.68 -36.90 13.24
N MET B 58 -4.54 -37.76 12.23
CA MET B 58 -5.69 -38.26 11.49
C MET B 58 -6.59 -39.10 12.38
N GLU B 59 -5.99 -40.07 13.08
CA GLU B 59 -6.75 -40.95 13.96
C GLU B 59 -7.39 -40.16 15.09
N LEU B 60 -6.65 -39.20 15.64
CA LEU B 60 -7.15 -38.37 16.73
C LEU B 60 -8.14 -37.33 16.20
N TYR B 61 -8.01 -36.99 14.93
CA TYR B 61 -8.89 -36.01 14.31
C TYR B 61 -10.33 -36.49 14.30
N ARG B 62 -10.55 -37.68 13.72
CA ARG B 62 -11.88 -38.26 13.65
C ARG B 62 -12.36 -38.72 15.02
N GLN B 63 -11.44 -39.29 15.80
CA GLN B 63 -11.76 -39.78 17.13
C GLN B 63 -12.18 -38.62 18.05
N LYS B 64 -11.70 -37.43 17.73
CA LYS B 64 -12.01 -36.24 18.52
C LYS B 64 -13.25 -35.53 17.97
N VAL B 65 -13.35 -35.48 16.64
CA VAL B 65 -14.48 -34.84 15.98
C VAL B 65 -15.81 -35.48 16.41
N GLU B 66 -15.75 -36.78 16.69
CA GLU B 66 -16.95 -37.50 17.11
C GLU B 66 -17.52 -36.93 18.41
N PRO B 67 -16.73 -37.06 19.49
CA PRO B 67 -17.13 -36.55 20.81
C PRO B 67 -17.16 -35.03 20.88
N LEU B 68 -16.07 -34.40 20.44
CA LEU B 68 -15.96 -32.95 20.44
C LEU B 68 -16.80 -32.34 19.31
N GLY B 69 -16.43 -32.65 18.08
CA GLY B 69 -17.15 -32.12 16.93
C GLY B 69 -18.65 -32.21 17.11
N GLU B 70 -19.11 -33.20 17.86
CA GLU B 70 -20.53 -33.38 18.12
C GLU B 70 -21.05 -32.33 19.09
N GLU B 71 -20.30 -32.11 20.17
CA GLU B 71 -20.69 -31.13 21.18
C GLU B 71 -20.45 -29.71 20.68
N MET B 72 -19.40 -29.52 19.90
CA MET B 72 -19.07 -28.21 19.36
C MET B 72 -20.14 -27.74 18.39
N ARG B 73 -20.44 -28.58 17.40
CA ARG B 73 -21.45 -28.25 16.40
C ARG B 73 -22.84 -28.15 17.04
N ASP B 74 -23.10 -29.02 18.01
CA ASP B 74 -24.38 -29.02 18.70
C ASP B 74 -24.55 -27.77 19.56
N ARG B 75 -23.54 -27.47 20.38
CA ARG B 75 -23.58 -26.31 21.24
C ARG B 75 -23.61 -25.02 20.42
N ALA B 76 -22.93 -25.04 19.28
CA ALA B 76 -22.87 -23.87 18.41
C ALA B 76 -24.25 -23.52 17.87
N ARG B 77 -24.94 -24.52 17.34
CA ARG B 77 -26.28 -24.32 16.78
C ARG B 77 -27.21 -23.73 17.83
N ALA B 78 -27.24 -24.36 19.01
CA ALA B 78 -28.09 -23.89 20.10
C ALA B 78 -27.62 -22.54 20.63
N HIS B 79 -26.31 -22.30 20.55
CA HIS B 79 -25.73 -21.05 21.02
C HIS B 79 -26.16 -19.88 20.13
N VAL B 80 -25.99 -20.06 18.82
CA VAL B 80 -26.35 -19.03 17.86
C VAL B 80 -27.85 -18.80 17.84
N ASP B 81 -28.62 -19.87 18.01
CA ASP B 81 -30.07 -19.78 18.01
C ASP B 81 -30.56 -18.83 19.10
N ALA B 82 -30.09 -19.06 20.32
CA ALA B 82 -30.47 -18.23 21.45
C ALA B 82 -29.96 -16.80 21.28
N LEU B 83 -28.67 -16.67 20.96
CA LEU B 83 -28.05 -15.37 20.78
C LEU B 83 -28.78 -14.56 19.70
N ARG B 84 -29.04 -15.22 18.56
CA ARG B 84 -29.73 -14.57 17.46
C ARG B 84 -31.12 -14.12 17.88
N THR B 85 -31.81 -14.96 18.66
CA THR B 85 -33.15 -14.66 19.13
C THR B 85 -33.17 -13.34 19.90
N HIS B 86 -32.22 -13.19 20.81
CA HIS B 86 -32.13 -11.97 21.63
C HIS B 86 -31.55 -10.81 20.81
N LEU B 87 -30.61 -11.13 19.94
CA LEU B 87 -29.97 -10.12 19.10
C LEU B 87 -30.93 -9.62 18.03
N ALA B 88 -32.01 -10.36 17.81
CA ALA B 88 -33.00 -9.99 16.81
C ALA B 88 -33.64 -8.64 17.13
N PRO B 89 -34.31 -8.56 18.29
CA PRO B 89 -34.96 -7.34 18.75
C PRO B 89 -33.96 -6.26 19.15
N TYR B 90 -32.91 -6.66 19.85
CA TYR B 90 -31.88 -5.73 20.30
C TYR B 90 -31.21 -5.05 19.11
N SER B 91 -31.09 -5.79 18.01
CA SER B 91 -30.45 -5.26 16.81
C SER B 91 -31.23 -4.05 16.27
N ASP B 92 -32.55 -4.20 16.20
CA ASP B 92 -33.41 -3.12 15.71
C ASP B 92 -33.29 -1.88 16.61
N GLU B 93 -33.42 -2.10 17.91
CA GLU B 93 -33.34 -1.01 18.88
C GLU B 93 -31.97 -0.32 18.80
N LEU B 94 -30.91 -1.11 18.89
CA LEU B 94 -29.55 -0.59 18.84
C LEU B 94 -29.30 0.12 17.50
N ARG B 95 -29.64 -0.55 16.41
CA ARG B 95 -29.44 0.01 15.07
C ARG B 95 -30.27 1.27 14.90
N GLN B 96 -31.46 1.29 15.51
CA GLN B 96 -32.34 2.45 15.41
C GLN B 96 -31.71 3.67 16.06
N ARG B 97 -30.97 3.45 17.13
CA ARG B 97 -30.31 4.54 17.85
C ARG B 97 -29.16 5.11 17.03
N LEU B 98 -28.32 4.22 16.50
CA LEU B 98 -27.18 4.63 15.70
C LEU B 98 -27.62 5.20 14.35
N ALA B 99 -28.47 4.45 13.66
CA ALA B 99 -28.98 4.89 12.36
C ALA B 99 -29.63 6.26 12.47
N ALA B 100 -30.46 6.44 13.49
CA ALA B 100 -31.15 7.71 13.70
C ALA B 100 -30.18 8.79 14.15
N ARG B 101 -29.18 8.41 14.93
CA ARG B 101 -28.19 9.34 15.44
C ARG B 101 -27.30 9.85 14.30
N LEU B 102 -27.06 9.00 13.32
CA LEU B 102 -26.22 9.35 12.17
C LEU B 102 -26.95 10.34 11.26
N GLU B 103 -28.18 10.02 10.91
CA GLU B 103 -28.98 10.88 10.04
C GLU B 103 -29.33 12.19 10.75
N ALA B 104 -29.72 12.07 12.01
CA ALA B 104 -30.09 13.23 12.80
C ALA B 104 -28.90 14.17 12.99
N LEU B 105 -27.75 13.59 13.33
CA LEU B 105 -26.54 14.37 13.54
C LEU B 105 -26.15 15.14 12.27
N LYS B 106 -26.35 14.50 11.12
CA LYS B 106 -26.02 15.12 9.84
C LYS B 106 -26.99 16.26 9.53
N GLU B 107 -28.23 16.11 9.98
CA GLU B 107 -29.25 17.13 9.75
C GLU B 107 -28.79 18.49 10.26
N ASN B 108 -28.42 18.55 11.54
CA ASN B 108 -27.96 19.79 12.14
C ASN B 108 -26.64 20.25 11.52
N GLY B 109 -25.89 19.30 10.99
CA GLY B 109 -24.61 19.63 10.35
C GLY B 109 -24.75 20.72 9.32
N GLY B 110 -25.89 20.75 8.63
CA GLY B 110 -26.12 21.75 7.61
C GLY B 110 -25.87 23.16 8.11
N ALA B 111 -26.17 23.38 9.40
CA ALA B 111 -25.98 24.69 10.01
C ALA B 111 -24.52 24.92 10.36
N ARG B 112 -23.78 23.84 10.58
CA ARG B 112 -22.37 23.93 10.92
C ARG B 112 -21.53 24.35 9.72
N LEU B 113 -21.95 23.90 8.54
CA LEU B 113 -21.24 24.23 7.31
C LEU B 113 -21.25 25.73 7.05
N ALA B 114 -22.37 26.37 7.37
CA ALA B 114 -22.52 27.80 7.17
C ALA B 114 -21.68 28.58 8.20
N GLU B 115 -21.83 28.21 9.47
CA GLU B 115 -21.08 28.87 10.54
C GLU B 115 -19.58 28.67 10.37
N TYR B 116 -19.19 27.42 10.15
CA TYR B 116 -17.77 27.10 9.97
C TYR B 116 -17.19 27.85 8.78
N HIS B 117 -17.93 27.89 7.69
CA HIS B 117 -17.48 28.59 6.48
C HIS B 117 -17.08 30.03 6.80
N ALA B 118 -17.97 30.74 7.48
CA ALA B 118 -17.72 32.13 7.85
C ALA B 118 -16.47 32.24 8.72
N LYS B 119 -16.22 31.21 9.51
CA LYS B 119 -15.06 31.20 10.40
C LYS B 119 -13.78 30.94 9.61
N ALA B 120 -13.80 29.92 8.77
CA ALA B 120 -12.64 29.57 7.96
C ALA B 120 -12.35 30.64 6.93
N THR B 121 -13.40 31.24 6.38
CA THR B 121 -13.25 32.29 5.38
C THR B 121 -12.55 33.51 5.96
N GLU B 122 -12.99 33.94 7.14
CA GLU B 122 -12.40 35.10 7.80
C GLU B 122 -10.96 34.79 8.23
N HIS B 123 -10.72 33.56 8.66
CA HIS B 123 -9.40 33.14 9.11
C HIS B 123 -8.37 33.33 8.01
N LEU B 124 -8.72 32.90 6.79
CA LEU B 124 -7.83 33.02 5.65
C LEU B 124 -7.70 34.47 5.20
N SER B 125 -8.77 35.24 5.41
CA SER B 125 -8.78 36.65 5.03
C SER B 125 -7.63 37.40 5.69
N THR B 126 -7.53 37.25 7.01
CA THR B 126 -6.46 37.91 7.77
C THR B 126 -5.09 37.35 7.42
N LEU B 127 -4.98 36.03 7.46
CA LEU B 127 -3.72 35.36 7.14
C LEU B 127 -3.20 35.79 5.77
N SER B 128 -4.06 35.65 4.75
CA SER B 128 -3.69 36.01 3.39
C SER B 128 -3.21 37.46 3.33
N GLU B 129 -3.82 38.32 4.13
CA GLU B 129 -3.47 39.73 4.17
C GLU B 129 -1.99 39.90 4.54
N LYS B 130 -1.57 39.21 5.59
CA LYS B 130 -0.19 39.28 6.06
C LYS B 130 0.72 38.45 5.18
N ALA B 131 0.17 37.40 4.58
CA ALA B 131 0.93 36.51 3.71
C ALA B 131 1.32 37.22 2.41
N LYS B 132 0.57 38.26 2.07
CA LYS B 132 0.83 39.02 0.86
C LYS B 132 2.24 39.63 0.89
N PRO B 133 2.47 40.52 1.86
CA PRO B 133 3.77 41.18 2.03
C PRO B 133 4.86 40.23 2.49
N ALA B 134 4.45 39.17 3.20
CA ALA B 134 5.39 38.18 3.71
C ALA B 134 5.85 37.24 2.60
N LEU B 135 4.98 37.01 1.63
CA LEU B 135 5.29 36.13 0.51
C LEU B 135 6.27 36.80 -0.45
N GLU B 136 6.10 38.10 -0.64
CA GLU B 136 6.98 38.85 -1.53
C GLU B 136 8.45 38.66 -1.16
N ASP B 137 8.75 38.85 0.12
CA ASP B 137 10.12 38.69 0.61
C ASP B 137 10.49 37.21 0.72
N LEU B 138 9.50 36.38 0.99
CA LEU B 138 9.71 34.94 1.12
C LEU B 138 10.28 34.36 -0.16
N ARG B 139 9.62 34.64 -1.28
CA ARG B 139 10.05 34.16 -2.58
C ARG B 139 11.38 34.79 -3.00
N GLN B 140 11.53 36.08 -2.67
CA GLN B 140 12.74 36.81 -3.01
C GLN B 140 13.97 36.12 -2.43
N GLY B 141 13.91 35.79 -1.14
CA GLY B 141 15.02 35.13 -0.49
C GLY B 141 15.24 33.73 -1.00
N LEU B 142 14.17 33.07 -1.44
CA LEU B 142 14.25 31.72 -1.96
C LEU B 142 15.13 31.66 -3.20
N LEU B 143 15.10 32.74 -3.99
CA LEU B 143 15.89 32.81 -5.21
C LEU B 143 17.36 32.49 -4.94
N PRO B 144 18.00 33.31 -4.09
CA PRO B 144 19.40 33.12 -3.72
C PRO B 144 19.61 31.89 -2.84
N VAL B 145 18.74 31.70 -1.87
CA VAL B 145 18.82 30.56 -0.96
C VAL B 145 18.80 29.25 -1.73
N LEU B 146 17.77 29.07 -2.57
CA LEU B 146 17.63 27.86 -3.36
C LEU B 146 18.84 27.66 -4.27
N GLU B 147 19.41 28.77 -4.75
CA GLU B 147 20.56 28.72 -5.62
C GLU B 147 21.78 28.13 -4.90
N SER B 148 21.89 28.45 -3.62
CA SER B 148 23.00 27.95 -2.81
C SER B 148 22.99 26.43 -2.73
N PHE B 149 21.82 25.86 -2.43
CA PHE B 149 21.67 24.42 -2.33
C PHE B 149 21.82 23.76 -3.70
N LYS B 150 21.25 24.38 -4.72
CA LYS B 150 21.31 23.86 -6.07
C LYS B 150 22.75 23.86 -6.59
N VAL B 151 23.46 24.97 -6.36
CA VAL B 151 24.83 25.10 -6.80
C VAL B 151 25.70 23.99 -6.22
N SER B 152 25.48 23.68 -4.95
CA SER B 152 26.25 22.63 -4.27
C SER B 152 26.08 21.30 -4.99
N PHE B 153 24.84 20.92 -5.25
CA PHE B 153 24.55 19.66 -5.93
C PHE B 153 25.17 19.63 -7.32
N LEU B 154 25.15 20.78 -8.00
CA LEU B 154 25.71 20.88 -9.34
C LEU B 154 27.21 20.60 -9.32
N SER B 155 27.88 21.03 -8.25
CA SER B 155 29.32 20.81 -8.11
C SER B 155 29.63 19.34 -7.88
N ALA B 156 28.71 18.64 -7.23
CA ALA B 156 28.88 17.22 -6.95
C ALA B 156 28.88 16.40 -8.23
N LEU B 157 27.86 16.60 -9.06
CA LEU B 157 27.74 15.87 -10.32
C LEU B 157 28.81 16.33 -11.31
N GLU B 158 29.04 17.63 -11.35
CA GLU B 158 30.04 18.20 -12.26
C GLU B 158 31.45 17.69 -11.91
N GLU B 159 31.75 17.66 -10.62
CA GLU B 159 33.05 17.20 -10.16
C GLU B 159 33.25 15.72 -10.47
N TYR B 160 32.24 14.91 -10.15
CA TYR B 160 32.30 13.47 -10.39
C TYR B 160 32.62 13.19 -11.85
N THR B 161 32.04 13.98 -12.75
CA THR B 161 32.28 13.80 -14.18
C THR B 161 33.72 14.12 -14.55
N LYS B 162 34.23 15.22 -14.01
CA LYS B 162 35.60 15.64 -14.28
C LYS B 162 36.59 14.54 -13.91
N LYS B 163 36.53 14.09 -12.67
CA LYS B 163 37.41 13.03 -12.19
C LYS B 163 37.26 11.76 -13.03
N LEU B 164 36.01 11.35 -13.24
CA LEU B 164 35.72 10.16 -14.02
C LEU B 164 36.30 10.28 -15.43
N ASN B 165 36.19 11.48 -16.00
CA ASN B 165 36.70 11.73 -17.34
C ASN B 165 38.19 12.07 -17.31
N THR B 166 39.01 11.16 -17.80
CA THR B 166 40.46 11.36 -17.83
C THR B 166 40.83 12.59 -18.65
N GLN B 167 40.73 12.45 -19.97
CA GLN B 167 41.06 13.56 -20.87
C GLN B 167 40.26 14.81 -20.51
N SER A 1 -11.94 16.31 -13.27
CA SER A 1 -11.19 16.11 -12.04
C SER A 1 -11.23 17.37 -11.17
N THR A 2 -10.89 17.21 -9.90
CA THR A 2 -10.89 18.33 -8.96
C THR A 2 -9.48 18.88 -8.77
N PHE A 3 -9.39 20.16 -8.41
CA PHE A 3 -8.10 20.80 -8.19
C PHE A 3 -8.22 21.95 -7.19
N SER A 4 -7.10 22.33 -6.59
CA SER A 4 -7.09 23.41 -5.61
C SER A 4 -7.28 24.76 -6.29
N LYS A 5 -6.72 24.90 -7.49
CA LYS A 5 -6.83 26.14 -8.25
C LYS A 5 -8.28 26.44 -8.60
N LEU A 6 -9.00 25.40 -9.02
CA LEU A 6 -10.41 25.56 -9.38
C LEU A 6 -11.24 25.97 -8.17
N ARG A 7 -10.87 25.48 -7.01
CA ARG A 7 -11.58 25.80 -5.77
C ARG A 7 -11.37 27.26 -5.40
N GLU A 8 -10.11 27.67 -5.30
CA GLU A 8 -9.79 29.05 -4.96
C GLU A 8 -10.26 30.02 -6.03
N GLN A 9 -10.17 29.58 -7.28
CA GLN A 9 -10.59 30.41 -8.41
C GLN A 9 -12.10 30.43 -8.54
N LEU A 10 -12.75 29.39 -8.04
CA LEU A 10 -14.20 29.30 -8.09
C LEU A 10 -14.86 30.57 -7.56
N GLY A 11 -14.34 31.07 -6.44
CA GLY A 11 -14.89 32.27 -5.84
C GLY A 11 -15.98 31.98 -4.83
N PRO A 12 -16.90 32.94 -4.64
CA PRO A 12 -18.00 32.79 -3.69
C PRO A 12 -19.03 31.77 -4.14
N VAL A 13 -18.85 31.25 -5.36
CA VAL A 13 -19.77 30.26 -5.91
C VAL A 13 -19.78 29.00 -5.05
N THR A 14 -18.67 28.71 -4.40
CA THR A 14 -18.56 27.53 -3.54
C THR A 14 -19.77 27.40 -2.63
N GLN A 15 -20.30 28.54 -2.19
CA GLN A 15 -21.46 28.55 -1.31
C GLN A 15 -22.65 27.85 -1.97
N GLU A 16 -22.93 28.22 -3.22
CA GLU A 16 -24.03 27.63 -3.96
C GLU A 16 -23.74 26.18 -4.30
N PHE A 17 -22.47 25.87 -4.54
CA PHE A 17 -22.06 24.51 -4.87
C PHE A 17 -22.32 23.56 -3.71
N TRP A 18 -21.82 23.92 -2.54
CA TRP A 18 -22.00 23.09 -1.35
C TRP A 18 -23.47 23.01 -0.95
N ASP A 19 -24.19 24.11 -1.15
CA ASP A 19 -25.61 24.16 -0.82
C ASP A 19 -26.41 23.19 -1.69
N ASN A 20 -26.23 23.33 -3.00
CA ASN A 20 -26.93 22.46 -3.96
C ASN A 20 -26.42 21.03 -3.87
N LEU A 21 -25.13 20.89 -3.63
CA LEU A 21 -24.51 19.57 -3.54
C LEU A 21 -25.10 18.78 -2.37
N GLU A 22 -25.04 19.35 -1.18
CA GLU A 22 -25.58 18.70 0.01
C GLU A 22 -27.09 18.53 -0.10
N LYS A 23 -27.74 19.49 -0.75
CA LYS A 23 -29.19 19.45 -0.91
C LYS A 23 -29.62 18.15 -1.59
N GLU A 24 -28.90 17.78 -2.64
CA GLU A 24 -29.21 16.55 -3.38
C GLU A 24 -28.80 15.32 -2.59
N THR A 25 -27.67 15.42 -1.90
CA THR A 25 -27.17 14.31 -1.09
C THR A 25 -28.14 13.93 0.00
N GLU A 26 -29.03 14.87 0.36
CA GLU A 26 -30.02 14.63 1.39
C GLU A 26 -30.75 13.31 1.17
N GLY A 27 -30.90 12.94 -0.10
CA GLY A 27 -31.57 11.70 -0.42
C GLY A 27 -30.98 10.50 0.28
N LEU A 28 -29.68 10.57 0.56
CA LEU A 28 -28.98 9.48 1.24
C LEU A 28 -29.72 9.08 2.52
N ARG A 29 -30.32 10.06 3.19
CA ARG A 29 -31.06 9.80 4.42
C ARG A 29 -32.18 8.79 4.18
N GLN A 30 -32.98 9.03 3.15
CA GLN A 30 -34.08 8.14 2.82
C GLN A 30 -33.57 6.77 2.38
N GLU A 31 -32.49 6.76 1.61
CA GLU A 31 -31.90 5.51 1.14
C GLU A 31 -31.47 4.63 2.30
N MET A 32 -30.78 5.24 3.26
CA MET A 32 -30.31 4.50 4.44
C MET A 32 -31.48 3.98 5.25
N SER A 33 -32.52 4.79 5.39
CA SER A 33 -33.70 4.40 6.14
C SER A 33 -34.33 3.13 5.57
N LYS A 34 -34.56 3.14 4.26
CA LYS A 34 -35.14 1.98 3.58
C LYS A 34 -34.26 0.75 3.73
N ASP A 35 -32.96 0.94 3.52
CA ASP A 35 -32.00 -0.16 3.63
C ASP A 35 -32.08 -0.81 5.01
N LEU A 36 -32.07 0.02 6.05
CA LEU A 36 -32.14 -0.48 7.42
C LEU A 36 -33.38 -1.33 7.63
N GLU A 37 -34.54 -0.78 7.26
CA GLU A 37 -35.81 -1.47 7.41
C GLU A 37 -35.74 -2.86 6.77
N GLU A 38 -35.23 -2.92 5.54
CA GLU A 38 -35.11 -4.18 4.83
C GLU A 38 -34.15 -5.13 5.55
N VAL A 39 -33.08 -4.56 6.11
CA VAL A 39 -32.09 -5.35 6.84
C VAL A 39 -32.69 -5.98 8.09
N LYS A 40 -33.65 -5.29 8.70
CA LYS A 40 -34.30 -5.79 9.90
C LYS A 40 -35.28 -6.91 9.56
N ALA A 41 -36.21 -6.63 8.64
CA ALA A 41 -37.20 -7.62 8.22
C ALA A 41 -36.53 -8.83 7.58
N LYS A 42 -35.38 -8.60 6.95
CA LYS A 42 -34.65 -9.68 6.30
C LYS A 42 -33.86 -10.49 7.31
N VAL A 43 -33.33 -9.81 8.33
CA VAL A 43 -32.55 -10.47 9.37
C VAL A 43 -33.37 -11.56 10.05
N GLN A 44 -34.62 -11.25 10.37
CA GLN A 44 -35.50 -12.22 11.02
C GLN A 44 -35.37 -13.60 10.38
N PRO A 45 -35.78 -13.69 9.11
CA PRO A 45 -35.73 -14.94 8.35
C PRO A 45 -34.30 -15.37 8.02
N TYR A 46 -33.40 -14.39 7.95
CA TYR A 46 -32.01 -14.65 7.65
C TYR A 46 -31.44 -15.71 8.59
N LEU A 47 -31.49 -15.43 9.88
CA LEU A 47 -30.97 -16.36 10.90
C LEU A 47 -31.62 -17.73 10.74
N ASP A 48 -32.83 -17.76 10.21
CA ASP A 48 -33.55 -19.01 10.01
C ASP A 48 -32.86 -19.87 8.97
N ASP A 49 -32.45 -19.25 7.87
CA ASP A 49 -31.76 -19.96 6.80
C ASP A 49 -30.35 -20.36 7.22
N PHE A 50 -29.69 -19.50 7.98
CA PHE A 50 -28.33 -19.76 8.45
C PHE A 50 -28.31 -21.00 9.33
N GLN A 51 -29.15 -21.02 10.35
CA GLN A 51 -29.22 -22.15 11.27
C GLN A 51 -29.66 -23.41 10.56
N LYS A 52 -30.67 -23.28 9.69
CA LYS A 52 -31.19 -24.41 8.94
C LYS A 52 -30.12 -24.99 8.02
N LYS A 53 -29.18 -24.15 7.60
CA LYS A 53 -28.10 -24.57 6.72
C LYS A 53 -27.11 -25.44 7.47
N TRP A 54 -26.72 -25.01 8.66
CA TRP A 54 -25.77 -25.76 9.49
C TRP A 54 -26.39 -27.05 9.99
N GLN A 55 -27.71 -27.09 10.06
CA GLN A 55 -28.43 -28.27 10.53
C GLN A 55 -28.26 -29.42 9.55
N GLU A 56 -28.80 -29.26 8.34
CA GLU A 56 -28.71 -30.29 7.32
C GLU A 56 -27.24 -30.57 6.95
N GLU A 57 -26.43 -29.52 6.96
CA GLU A 57 -25.02 -29.65 6.63
C GLU A 57 -24.26 -30.38 7.74
N MET A 58 -24.75 -30.24 8.97
CA MET A 58 -24.12 -30.89 10.11
C MET A 58 -24.21 -32.41 9.99
N GLU A 59 -25.42 -32.90 9.75
CA GLU A 59 -25.64 -34.35 9.62
C GLU A 59 -24.87 -34.90 8.43
N LEU A 60 -24.87 -34.16 7.33
CA LEU A 60 -24.16 -34.59 6.12
C LEU A 60 -22.66 -34.39 6.27
N TYR A 61 -22.26 -33.48 7.16
CA TYR A 61 -20.85 -33.20 7.39
C TYR A 61 -20.15 -34.42 7.98
N ARG A 62 -20.67 -34.93 9.08
CA ARG A 62 -20.09 -36.10 9.73
C ARG A 62 -20.31 -37.36 8.90
N GLN A 63 -21.50 -37.48 8.32
CA GLN A 63 -21.84 -38.63 7.50
C GLN A 63 -20.94 -38.68 6.25
N LYS A 64 -20.43 -37.53 5.85
CA LYS A 64 -19.57 -37.45 4.68
C LYS A 64 -18.10 -37.57 5.07
N VAL A 65 -17.77 -37.06 6.26
CA VAL A 65 -16.40 -37.11 6.76
C VAL A 65 -15.94 -38.55 6.95
N GLU A 66 -16.87 -39.43 7.29
CA GLU A 66 -16.56 -40.84 7.50
C GLU A 66 -16.06 -41.48 6.21
N PRO A 67 -16.93 -41.49 5.18
CA PRO A 67 -16.59 -42.08 3.88
C PRO A 67 -15.55 -41.25 3.13
N LEU A 68 -15.80 -39.95 3.00
CA LEU A 68 -14.89 -39.06 2.32
C LEU A 68 -13.65 -38.78 3.16
N GLY A 69 -13.85 -38.15 4.31
CA GLY A 69 -12.75 -37.84 5.19
C GLY A 69 -11.78 -39.00 5.34
N GLU A 70 -12.28 -40.22 5.22
CA GLU A 70 -11.45 -41.40 5.35
C GLU A 70 -10.61 -41.61 4.09
N GLU A 71 -11.25 -41.44 2.93
CA GLU A 71 -10.56 -41.60 1.66
C GLU A 71 -9.61 -40.43 1.38
N MET A 72 -10.06 -39.23 1.77
CA MET A 72 -9.25 -38.03 1.57
C MET A 72 -8.00 -38.06 2.43
N ARG A 73 -8.17 -38.36 3.72
CA ARG A 73 -7.06 -38.43 4.65
C ARG A 73 -6.14 -39.60 4.32
N ASP A 74 -6.74 -40.72 3.92
CA ASP A 74 -5.97 -41.91 3.57
C ASP A 74 -5.21 -41.71 2.26
N ARG A 75 -5.92 -41.26 1.24
CA ARG A 75 -5.31 -41.03 -0.06
C ARG A 75 -4.28 -39.92 0.01
N ALA A 76 -4.57 -38.89 0.79
CA ALA A 76 -3.67 -37.76 0.95
C ALA A 76 -2.34 -38.20 1.57
N ARG A 77 -2.42 -39.04 2.59
CA ARG A 77 -1.24 -39.53 3.27
C ARG A 77 -0.35 -40.32 2.31
N ALA A 78 -0.93 -41.27 1.61
CA ALA A 78 -0.20 -42.08 0.65
C ALA A 78 0.25 -41.25 -0.56
N HIS A 79 -0.53 -40.23 -0.88
CA HIS A 79 -0.22 -39.35 -2.00
C HIS A 79 1.04 -38.54 -1.72
N VAL A 80 1.07 -37.87 -0.56
CA VAL A 80 2.21 -37.06 -0.17
C VAL A 80 3.44 -37.92 0.05
N ASP A 81 3.24 -39.08 0.66
CA ASP A 81 4.35 -40.00 0.93
C ASP A 81 5.12 -40.31 -0.33
N ALA A 82 4.41 -40.74 -1.37
CA ALA A 82 5.03 -41.08 -2.64
C ALA A 82 5.65 -39.85 -3.29
N LEU A 83 4.88 -38.76 -3.35
CA LEU A 83 5.36 -37.52 -3.94
C LEU A 83 6.64 -37.04 -3.27
N ARG A 84 6.68 -37.14 -1.94
CA ARG A 84 7.84 -36.72 -1.19
C ARG A 84 9.04 -37.62 -1.48
N THR A 85 8.78 -38.92 -1.62
CA THR A 85 9.83 -39.89 -1.91
C THR A 85 10.57 -39.53 -3.19
N HIS A 86 9.81 -39.24 -4.24
CA HIS A 86 10.39 -38.88 -5.52
C HIS A 86 10.88 -37.43 -5.52
N LEU A 87 10.14 -36.58 -4.82
CA LEU A 87 10.49 -35.15 -4.75
C LEU A 87 11.73 -34.96 -3.87
N ALA A 88 12.07 -35.98 -3.09
CA ALA A 88 13.23 -35.91 -2.22
C ALA A 88 14.52 -35.69 -3.01
N PRO A 89 14.84 -36.66 -3.88
CA PRO A 89 16.05 -36.60 -4.72
C PRO A 89 15.94 -35.53 -5.80
N TYR A 90 14.76 -35.43 -6.42
CA TYR A 90 14.53 -34.45 -7.47
C TYR A 90 14.70 -33.03 -6.95
N SER A 91 14.33 -32.83 -5.68
CA SER A 91 14.44 -31.50 -5.06
C SER A 91 15.89 -31.05 -5.02
N ASP A 92 16.78 -31.95 -4.60
CA ASP A 92 18.20 -31.64 -4.50
C ASP A 92 18.77 -31.29 -5.87
N GLU A 93 18.48 -32.13 -6.86
CA GLU A 93 18.96 -31.92 -8.22
C GLU A 93 18.40 -30.62 -8.80
N LEU A 94 17.07 -30.49 -8.73
CA LEU A 94 16.41 -29.29 -9.25
C LEU A 94 16.90 -28.04 -8.54
N ARG A 95 16.91 -28.07 -7.21
CA ARG A 95 17.36 -26.94 -6.42
C ARG A 95 18.84 -26.66 -6.67
N GLN A 96 19.62 -27.71 -6.90
CA GLN A 96 21.04 -27.58 -7.15
C GLN A 96 21.29 -26.78 -8.42
N ARG A 97 20.43 -26.95 -9.41
CA ARG A 97 20.56 -26.25 -10.68
C ARG A 97 20.20 -24.77 -10.52
N LEU A 98 19.05 -24.50 -9.93
CA LEU A 98 18.60 -23.14 -9.71
C LEU A 98 19.51 -22.40 -8.73
N ALA A 99 19.74 -23.02 -7.57
CA ALA A 99 20.60 -22.44 -6.55
C ALA A 99 21.98 -22.10 -7.13
N ALA A 100 22.54 -23.03 -7.89
CA ALA A 100 23.85 -22.83 -8.49
C ALA A 100 23.79 -21.81 -9.62
N ARG A 101 22.68 -21.81 -10.35
CA ARG A 101 22.49 -20.88 -11.46
C ARG A 101 22.41 -19.44 -10.96
N LEU A 102 21.86 -19.26 -9.76
CA LEU A 102 21.73 -17.94 -9.18
C LEU A 102 23.07 -17.42 -8.68
N GLU A 103 23.77 -18.24 -7.90
CA GLU A 103 25.07 -17.87 -7.35
C GLU A 103 26.10 -17.74 -8.47
N ALA A 104 26.18 -18.76 -9.33
CA ALA A 104 27.12 -18.74 -10.44
C ALA A 104 26.91 -17.52 -11.33
N LEU A 105 25.66 -17.26 -11.69
CA LEU A 105 25.32 -16.12 -12.54
C LEU A 105 25.81 -14.82 -11.92
N LYS A 106 25.67 -14.71 -10.60
CA LYS A 106 26.11 -13.51 -9.89
C LYS A 106 27.62 -13.36 -9.96
N GLU A 107 28.32 -14.49 -9.97
CA GLU A 107 29.78 -14.49 -10.04
C GLU A 107 30.27 -13.69 -11.24
N ASN A 108 29.80 -14.06 -12.42
CA ASN A 108 30.18 -13.37 -13.65
C ASN A 108 29.64 -11.95 -13.67
N GLY A 109 28.54 -11.73 -12.97
CA GLY A 109 27.94 -10.41 -12.92
C GLY A 109 28.93 -9.33 -12.55
N GLY A 110 29.89 -9.67 -11.69
CA GLY A 110 30.88 -8.72 -11.27
C GLY A 110 31.57 -8.04 -12.44
N ALA A 111 31.70 -8.76 -13.54
CA ALA A 111 32.35 -8.23 -14.74
C ALA A 111 31.39 -7.33 -15.51
N ARG A 112 30.10 -7.57 -15.36
CA ARG A 112 29.07 -6.79 -16.05
C ARG A 112 28.95 -5.39 -15.43
N LEU A 113 29.11 -5.32 -14.12
CA LEU A 113 29.02 -4.05 -13.41
C LEU A 113 30.11 -3.09 -13.88
N ALA A 114 31.30 -3.62 -14.15
CA ALA A 114 32.41 -2.81 -14.61
C ALA A 114 32.19 -2.33 -16.04
N GLU A 115 31.83 -3.27 -16.92
CA GLU A 115 31.59 -2.94 -18.32
C GLU A 115 30.46 -1.95 -18.47
N TYR A 116 29.33 -2.25 -17.83
CA TYR A 116 28.16 -1.38 -17.89
C TYR A 116 28.49 0.02 -17.38
N HIS A 117 29.25 0.08 -16.29
CA HIS A 117 29.64 1.35 -15.69
C HIS A 117 30.32 2.25 -16.73
N ALA A 118 31.29 1.69 -17.45
CA ALA A 118 32.02 2.44 -18.47
C ALA A 118 31.07 2.90 -19.57
N LYS A 119 30.02 2.13 -19.82
CA LYS A 119 29.04 2.47 -20.85
C LYS A 119 28.12 3.59 -20.37
N ALA A 120 27.57 3.43 -19.18
CA ALA A 120 26.67 4.42 -18.60
C ALA A 120 27.42 5.72 -18.28
N THR A 121 28.67 5.58 -17.85
CA THR A 121 29.49 6.73 -17.51
C THR A 121 29.76 7.60 -18.73
N GLU A 122 30.16 6.97 -19.83
CA GLU A 122 30.44 7.70 -21.06
C GLU A 122 29.16 8.28 -21.65
N HIS A 123 28.06 7.54 -21.53
CA HIS A 123 26.77 7.98 -22.05
C HIS A 123 26.37 9.32 -21.41
N LEU A 124 26.54 9.43 -20.11
CA LEU A 124 26.19 10.64 -19.38
C LEU A 124 27.18 11.76 -19.69
N SER A 125 28.43 11.39 -19.96
CA SER A 125 29.46 12.37 -20.28
C SER A 125 29.06 13.23 -21.47
N THR A 126 28.66 12.57 -22.55
CA THR A 126 28.24 13.27 -23.76
C THR A 126 26.95 14.05 -23.53
N LEU A 127 25.94 13.37 -22.99
CA LEU A 127 24.66 13.99 -22.73
C LEU A 127 24.82 15.24 -21.87
N SER A 128 25.52 15.10 -20.73
CA SER A 128 25.74 16.20 -19.83
C SER A 128 26.40 17.37 -20.56
N GLU A 129 27.28 17.06 -21.50
CA GLU A 129 27.98 18.08 -22.27
C GLU A 129 26.99 18.98 -23.01
N LYS A 130 26.03 18.35 -23.70
CA LYS A 130 25.02 19.09 -24.45
C LYS A 130 23.95 19.65 -23.52
N ALA A 131 23.72 18.96 -22.40
CA ALA A 131 22.74 19.39 -21.43
C ALA A 131 23.18 20.66 -20.71
N LYS A 132 24.48 20.91 -20.73
CA LYS A 132 25.04 22.09 -20.08
C LYS A 132 24.46 23.37 -20.68
N PRO A 133 24.71 23.59 -21.98
CA PRO A 133 24.23 24.76 -22.71
C PRO A 133 22.71 24.73 -22.91
N ALA A 134 22.15 23.52 -22.95
CA ALA A 134 20.71 23.36 -23.14
C ALA A 134 19.96 23.66 -21.85
N LEU A 135 20.59 23.37 -20.71
CA LEU A 135 19.97 23.61 -19.41
C LEU A 135 19.93 25.10 -19.09
N GLU A 136 20.98 25.82 -19.49
CA GLU A 136 21.06 27.25 -19.25
C GLU A 136 19.83 27.96 -19.80
N ASP A 137 19.51 27.70 -21.06
CA ASP A 137 18.35 28.31 -21.71
C ASP A 137 17.05 27.68 -21.21
N LEU A 138 17.12 26.40 -20.86
CA LEU A 138 15.95 25.68 -20.37
C LEU A 138 15.43 26.30 -19.08
N ARG A 139 16.32 26.51 -18.12
CA ARG A 139 15.95 27.10 -16.84
C ARG A 139 15.51 28.55 -17.02
N GLN A 140 16.19 29.25 -17.92
CA GLN A 140 15.87 30.66 -18.17
C GLN A 140 14.40 30.81 -18.58
N GLY A 141 13.95 29.98 -19.51
CA GLY A 141 12.58 30.05 -19.97
C GLY A 141 11.60 29.61 -18.90
N LEU A 142 12.04 28.72 -18.01
CA LEU A 142 11.20 28.21 -16.95
C LEU A 142 10.84 29.32 -15.96
N LEU A 143 11.76 30.26 -15.77
CA LEU A 143 11.55 31.37 -14.85
C LEU A 143 10.21 32.05 -15.14
N PRO A 144 10.06 32.57 -16.36
CA PRO A 144 8.83 33.25 -16.78
C PRO A 144 7.65 32.30 -16.94
N VAL A 145 7.93 31.11 -17.48
CA VAL A 145 6.90 30.10 -17.68
C VAL A 145 6.23 29.74 -16.35
N LEU A 146 7.04 29.34 -15.37
CA LEU A 146 6.52 28.97 -14.06
C LEU A 146 5.77 30.13 -13.41
N GLU A 147 6.25 31.35 -13.66
CA GLU A 147 5.62 32.54 -13.11
C GLU A 147 4.22 32.73 -13.67
N SER A 148 4.04 32.37 -14.94
CA SER A 148 2.74 32.50 -15.59
C SER A 148 1.70 31.64 -14.89
N PHE A 149 2.03 30.38 -14.65
CA PHE A 149 1.12 29.46 -13.99
C PHE A 149 0.92 29.83 -12.53
N LYS A 150 2.01 30.22 -11.87
CA LYS A 150 1.96 30.61 -10.47
C LYS A 150 1.10 31.86 -10.28
N VAL A 151 1.35 32.86 -11.10
CA VAL A 151 0.59 34.11 -11.03
C VAL A 151 -0.90 33.86 -11.17
N SER A 152 -1.27 32.95 -12.07
CA SER A 152 -2.66 32.62 -12.30
C SER A 152 -3.32 32.12 -11.02
N PHE A 153 -2.68 31.16 -10.36
CA PHE A 153 -3.20 30.60 -9.13
C PHE A 153 -3.32 31.67 -8.04
N LEU A 154 -2.33 32.57 -8.00
CA LEU A 154 -2.32 33.65 -7.02
C LEU A 154 -3.52 34.58 -7.21
N SER A 155 -3.90 34.78 -8.47
CA SER A 155 -5.02 35.66 -8.80
C SER A 155 -6.34 35.02 -8.36
N ALA A 156 -6.38 33.70 -8.37
CA ALA A 156 -7.59 32.97 -7.96
C ALA A 156 -7.85 33.12 -6.47
N LEU A 157 -6.83 32.85 -5.67
CA LEU A 157 -6.94 32.95 -4.21
C LEU A 157 -7.08 34.41 -3.78
N GLU A 158 -6.30 35.29 -4.41
CA GLU A 158 -6.34 36.70 -4.09
C GLU A 158 -7.71 37.30 -4.41
N GLU A 159 -8.29 36.85 -5.52
CA GLU A 159 -9.60 37.35 -5.94
C GLU A 159 -10.69 36.84 -5.00
N TYR A 160 -10.67 35.55 -4.70
CA TYR A 160 -11.66 34.95 -3.81
C TYR A 160 -11.72 35.69 -2.49
N THR A 161 -10.56 36.11 -1.99
CA THR A 161 -10.49 36.82 -0.72
C THR A 161 -11.09 38.22 -0.85
N LYS A 162 -10.73 38.92 -1.93
CA LYS A 162 -11.23 40.26 -2.16
C LYS A 162 -12.75 40.29 -2.14
N LYS A 163 -13.37 39.44 -2.96
CA LYS A 163 -14.82 39.36 -3.03
C LYS A 163 -15.41 38.82 -1.72
N LEU A 164 -14.69 37.88 -1.11
CA LEU A 164 -15.14 37.30 0.16
C LEU A 164 -15.33 38.37 1.22
N ASN A 165 -14.42 39.32 1.26
CA ASN A 165 -14.49 40.41 2.23
C ASN A 165 -13.28 41.33 2.12
N THR A 166 -13.45 42.45 1.41
CA THR A 166 -12.37 43.41 1.22
C THR A 166 -12.91 44.76 0.75
N GLN A 167 -13.84 44.72 -0.20
CA GLN A 167 -14.44 45.93 -0.73
C GLN A 167 -15.76 45.62 -1.43
N SER B 1 22.19 7.62 5.81
CA SER B 1 21.26 7.39 4.71
C SER B 1 21.94 7.66 3.37
N THR B 2 21.33 7.16 2.30
CA THR B 2 21.88 7.34 0.95
C THR B 2 21.21 8.51 0.23
N PHE B 3 21.92 9.11 -0.70
CA PHE B 3 21.39 10.24 -1.46
C PHE B 3 22.02 10.30 -2.85
N SER B 4 21.36 11.00 -3.77
CA SER B 4 21.85 11.14 -5.13
C SER B 4 23.05 12.09 -5.19
N LYS B 5 23.00 13.14 -4.37
CA LYS B 5 24.08 14.11 -4.32
C LYS B 5 25.38 13.48 -3.87
N LEU B 6 25.29 12.61 -2.86
CA LEU B 6 26.47 11.93 -2.33
C LEU B 6 27.08 11.02 -3.39
N ARG B 7 26.23 10.42 -4.23
CA ARG B 7 26.69 9.53 -5.27
C ARG B 7 27.44 10.30 -6.35
N GLU B 8 26.80 11.33 -6.89
CA GLU B 8 27.42 12.15 -7.94
C GLU B 8 28.63 12.90 -7.40
N GLN B 9 28.55 13.33 -6.14
CA GLN B 9 29.63 14.07 -5.50
C GLN B 9 30.76 13.12 -5.09
N LEU B 10 30.41 11.86 -4.88
CA LEU B 10 31.39 10.85 -4.48
C LEU B 10 32.60 10.86 -5.41
N GLY B 11 32.33 10.95 -6.71
CA GLY B 11 33.41 10.97 -7.69
C GLY B 11 33.77 9.58 -8.18
N PRO B 12 35.02 9.41 -8.62
CA PRO B 12 35.52 8.13 -9.13
C PRO B 12 35.66 7.09 -8.03
N VAL B 13 35.45 7.51 -6.78
CA VAL B 13 35.56 6.61 -5.64
C VAL B 13 34.55 5.48 -5.75
N THR B 14 33.42 5.74 -6.39
CA THR B 14 32.37 4.75 -6.56
C THR B 14 32.96 3.41 -7.02
N GLN B 15 34.00 3.48 -7.83
CA GLN B 15 34.66 2.28 -8.34
C GLN B 15 35.17 1.41 -7.19
N GLU B 16 35.88 2.04 -6.26
CA GLU B 16 36.42 1.33 -5.12
C GLU B 16 35.32 0.87 -4.18
N PHE B 17 34.25 1.67 -4.09
CA PHE B 17 33.12 1.35 -3.23
C PHE B 17 32.42 0.08 -3.70
N TRP B 18 32.06 0.04 -4.97
CA TRP B 18 31.38 -1.13 -5.54
C TRP B 18 32.29 -2.34 -5.53
N ASP B 19 33.59 -2.12 -5.75
CA ASP B 19 34.57 -3.20 -5.76
C ASP B 19 34.67 -3.85 -4.39
N ASN B 20 34.91 -3.03 -3.37
CA ASN B 20 35.04 -3.51 -2.00
C ASN B 20 33.69 -4.01 -1.47
N LEU B 21 32.62 -3.34 -1.88
CA LEU B 21 31.27 -3.72 -1.44
C LEU B 21 30.92 -5.12 -1.92
N GLU B 22 31.02 -5.34 -3.23
CA GLU B 22 30.71 -6.64 -3.80
C GLU B 22 31.70 -7.70 -3.32
N LYS B 23 32.95 -7.29 -3.10
CA LYS B 23 33.98 -8.20 -2.64
C LYS B 23 33.58 -8.88 -1.34
N GLU B 24 33.02 -8.10 -0.41
CA GLU B 24 32.59 -8.63 0.87
C GLU B 24 31.30 -9.44 0.71
N THR B 25 30.41 -8.96 -0.15
CA THR B 25 29.13 -9.63 -0.39
C THR B 25 29.36 -11.04 -0.94
N GLU B 26 30.53 -11.27 -1.50
CA GLU B 26 30.87 -12.58 -2.06
C GLU B 26 30.54 -13.69 -1.08
N GLY B 27 30.67 -13.38 0.21
CA GLY B 27 30.40 -14.38 1.24
C GLY B 27 29.02 -14.99 1.09
N LEU B 28 28.09 -14.22 0.55
CA LEU B 28 26.72 -14.70 0.36
C LEU B 28 26.70 -16.04 -0.36
N ARG B 29 27.65 -16.21 -1.29
CA ARG B 29 27.75 -17.44 -2.05
C ARG B 29 27.91 -18.65 -1.12
N GLN B 30 28.85 -18.55 -0.20
CA GLN B 30 29.12 -19.62 0.75
C GLN B 30 27.92 -19.85 1.66
N GLU B 31 27.32 -18.75 2.11
CA GLU B 31 26.16 -18.82 2.99
C GLU B 31 25.03 -19.60 2.34
N MET B 32 24.73 -19.26 1.09
CA MET B 32 23.66 -19.94 0.36
C MET B 32 23.97 -21.42 0.16
N SER B 33 25.24 -21.71 -0.13
CA SER B 33 25.66 -23.09 -0.34
C SER B 33 25.37 -23.94 0.89
N LYS B 34 25.80 -23.46 2.05
CA LYS B 34 25.59 -24.17 3.30
C LYS B 34 24.10 -24.34 3.59
N ASP B 35 23.34 -23.27 3.41
CA ASP B 35 21.90 -23.30 3.64
C ASP B 35 21.24 -24.39 2.80
N LEU B 36 21.57 -24.42 1.51
CA LEU B 36 21.01 -25.40 0.60
C LEU B 36 21.29 -26.82 1.09
N GLU B 37 22.56 -27.10 1.37
CA GLU B 37 22.97 -28.42 1.84
C GLU B 37 22.11 -28.85 3.04
N GLU B 38 21.96 -27.95 4.00
CA GLU B 38 21.17 -28.25 5.19
C GLU B 38 19.70 -28.47 4.83
N VAL B 39 19.22 -27.73 3.84
CA VAL B 39 17.83 -27.85 3.40
C VAL B 39 17.58 -29.20 2.76
N LYS B 40 18.60 -29.74 2.11
CA LYS B 40 18.49 -31.04 1.45
C LYS B 40 18.51 -32.18 2.47
N ALA B 41 19.56 -32.20 3.29
CA ALA B 41 19.69 -33.23 4.32
C ALA B 41 18.53 -33.19 5.30
N LYS B 42 18.00 -31.99 5.52
CA LYS B 42 16.87 -31.82 6.44
C LYS B 42 15.56 -32.22 5.78
N VAL B 43 15.44 -31.93 4.48
CA VAL B 43 14.23 -32.25 3.73
C VAL B 43 13.88 -33.73 3.89
N GLN B 44 14.86 -34.60 3.66
CA GLN B 44 14.65 -36.04 3.78
C GLN B 44 13.78 -36.37 4.99
N PRO B 45 14.32 -36.11 6.19
CA PRO B 45 13.61 -36.37 7.44
C PRO B 45 12.44 -35.42 7.66
N TYR B 46 12.48 -34.27 6.99
CA TYR B 46 11.43 -33.27 7.10
C TYR B 46 10.07 -33.88 6.84
N LEU B 47 9.92 -34.50 5.67
CA LEU B 47 8.66 -35.13 5.28
C LEU B 47 8.30 -36.25 6.26
N ASP B 48 9.31 -36.86 6.86
CA ASP B 48 9.10 -37.93 7.81
C ASP B 48 8.24 -37.46 8.98
N ASP B 49 8.58 -36.30 9.52
CA ASP B 49 7.83 -35.73 10.64
C ASP B 49 6.47 -35.22 10.20
N PHE B 50 6.43 -34.63 9.01
CA PHE B 50 5.19 -34.09 8.47
C PHE B 50 4.15 -35.19 8.29
N GLN B 51 4.53 -36.25 7.59
CA GLN B 51 3.63 -37.37 7.35
C GLN B 51 3.24 -38.04 8.66
N LYS B 52 4.21 -38.22 9.54
CA LYS B 52 3.97 -38.85 10.84
C LYS B 52 2.98 -38.03 11.66
N LYS B 53 2.94 -36.73 11.40
CA LYS B 53 2.03 -35.83 12.13
C LYS B 53 0.60 -36.05 11.68
N TRP B 54 0.39 -36.08 10.37
CA TRP B 54 -0.94 -36.27 9.81
C TRP B 54 -1.48 -37.66 10.15
N GLN B 55 -0.57 -38.60 10.36
CA GLN B 55 -0.96 -39.97 10.69
C GLN B 55 -1.63 -40.03 12.06
N GLU B 56 -0.87 -39.72 13.11
CA GLU B 56 -1.39 -39.74 14.46
C GLU B 56 -2.54 -38.74 14.62
N GLU B 57 -2.43 -37.61 13.93
CA GLU B 57 -3.46 -36.58 13.99
C GLU B 57 -4.73 -37.04 13.26
N MET B 58 -4.56 -37.87 12.25
CA MET B 58 -5.69 -38.38 11.48
C MET B 58 -6.60 -39.23 12.35
N GLU B 59 -6.02 -40.20 13.06
CA GLU B 59 -6.78 -41.07 13.92
C GLU B 59 -7.42 -40.30 15.06
N LEU B 60 -6.68 -39.34 15.61
CA LEU B 60 -7.18 -38.52 16.71
C LEU B 60 -8.18 -37.48 16.21
N TYR B 61 -8.07 -37.14 14.93
CA TYR B 61 -8.96 -36.16 14.33
C TYR B 61 -10.40 -36.67 14.29
N ARG B 62 -10.58 -37.84 13.68
CA ARG B 62 -11.90 -38.45 13.58
C ARG B 62 -12.41 -38.88 14.95
N GLN B 63 -11.50 -39.43 15.76
CA GLN B 63 -11.86 -39.89 17.09
C GLN B 63 -12.27 -38.72 17.99
N LYS B 64 -11.77 -37.53 17.66
CA LYS B 64 -12.08 -36.34 18.43
C LYS B 64 -13.29 -35.62 17.85
N VAL B 65 -13.39 -35.60 16.52
CA VAL B 65 -14.51 -34.95 15.85
C VAL B 65 -15.84 -35.57 16.25
N GLU B 66 -15.82 -36.87 16.55
CA GLU B 66 -17.02 -37.58 16.95
C GLU B 66 -17.58 -37.01 18.25
N PRO B 67 -16.81 -37.12 19.33
CA PRO B 67 -17.21 -36.62 20.65
C PRO B 67 -17.24 -35.09 20.70
N LEU B 68 -16.15 -34.47 20.27
CA LEU B 68 -16.04 -33.02 20.26
C LEU B 68 -16.88 -32.41 19.15
N GLY B 69 -16.54 -32.72 17.90
CA GLY B 69 -17.27 -32.20 16.77
C GLY B 69 -18.78 -32.28 16.98
N GLU B 70 -19.22 -33.28 17.73
CA GLU B 70 -20.64 -33.46 18.00
C GLU B 70 -21.13 -32.45 19.04
N GLU B 71 -20.36 -32.27 20.10
CA GLU B 71 -20.71 -31.34 21.16
C GLU B 71 -20.55 -29.89 20.69
N MET B 72 -19.43 -29.62 20.03
CA MET B 72 -19.15 -28.28 19.52
C MET B 72 -20.18 -27.86 18.48
N ARG B 73 -20.37 -28.72 17.48
CA ARG B 73 -21.33 -28.44 16.41
C ARG B 73 -22.75 -28.31 16.98
N ASP B 74 -23.09 -29.19 17.90
CA ASP B 74 -24.41 -29.18 18.52
C ASP B 74 -24.61 -27.92 19.36
N ARG B 75 -23.64 -27.66 20.24
CA ARG B 75 -23.71 -26.49 21.11
C ARG B 75 -23.71 -25.20 20.30
N ALA B 76 -23.00 -25.22 19.17
CA ALA B 76 -22.92 -24.05 18.30
C ALA B 76 -24.29 -23.70 17.73
N ARG B 77 -24.97 -24.69 17.16
CA ARG B 77 -26.28 -24.49 16.58
C ARG B 77 -27.24 -23.89 17.60
N ALA B 78 -27.31 -24.51 18.77
CA ALA B 78 -28.19 -24.05 19.84
C ALA B 78 -27.72 -22.70 20.38
N HIS B 79 -26.42 -22.47 20.35
CA HIS B 79 -25.84 -21.22 20.83
C HIS B 79 -26.25 -20.05 19.95
N VAL B 80 -26.05 -20.21 18.64
CA VAL B 80 -26.40 -19.17 17.68
C VAL B 80 -27.90 -18.94 17.64
N ASP B 81 -28.67 -20.01 17.73
CA ASP B 81 -30.13 -19.93 17.72
C ASP B 81 -30.62 -18.97 18.79
N ALA B 82 -30.18 -19.19 20.02
CA ALA B 82 -30.58 -18.36 21.15
C ALA B 82 -30.06 -16.93 20.98
N LEU B 83 -28.78 -16.80 20.66
CA LEU B 83 -28.17 -15.50 20.47
C LEU B 83 -28.90 -14.70 19.40
N ARG B 84 -29.27 -15.36 18.31
CA ARG B 84 -29.98 -14.72 17.23
C ARG B 84 -31.38 -14.28 17.67
N THR B 85 -32.03 -15.12 18.47
CA THR B 85 -33.36 -14.82 18.96
C THR B 85 -33.38 -13.50 19.73
N HIS B 86 -32.42 -13.33 20.63
CA HIS B 86 -32.33 -12.12 21.43
C HIS B 86 -31.70 -10.98 20.62
N LEU B 87 -30.75 -11.33 19.77
CA LEU B 87 -30.06 -10.34 18.95
C LEU B 87 -30.99 -9.82 17.85
N ALA B 88 -32.09 -10.54 17.61
CA ALA B 88 -33.05 -10.14 16.58
C ALA B 88 -33.65 -8.78 16.89
N PRO B 89 -34.35 -8.68 18.04
CA PRO B 89 -34.99 -7.43 18.47
C PRO B 89 -33.97 -6.39 18.90
N TYR B 90 -32.93 -6.82 19.60
CA TYR B 90 -31.89 -5.92 20.07
C TYR B 90 -31.17 -5.26 18.89
N SER B 91 -31.03 -6.01 17.80
CA SER B 91 -30.35 -5.49 16.61
C SER B 91 -31.09 -4.28 16.05
N ASP B 92 -32.41 -4.39 15.94
CA ASP B 92 -33.23 -3.31 15.42
C ASP B 92 -33.12 -2.07 16.30
N GLU B 93 -33.26 -2.27 17.61
CA GLU B 93 -33.18 -1.16 18.56
C GLU B 93 -31.79 -0.54 18.54
N LEU B 94 -30.76 -1.38 18.69
CA LEU B 94 -29.38 -0.91 18.69
C LEU B 94 -29.04 -0.20 17.38
N ARG B 95 -29.35 -0.86 16.26
CA ARG B 95 -29.09 -0.31 14.94
C ARG B 95 -29.89 0.97 14.72
N GLN B 96 -31.10 1.01 15.28
CA GLN B 96 -31.97 2.17 15.13
C GLN B 96 -31.34 3.40 15.77
N ARG B 97 -30.63 3.20 16.88
CA ARG B 97 -29.98 4.29 17.58
C ARG B 97 -28.77 4.80 16.80
N LEU B 98 -27.90 3.89 16.40
CA LEU B 98 -26.70 4.24 15.64
C LEU B 98 -27.07 4.80 14.27
N ALA B 99 -27.91 4.07 13.54
CA ALA B 99 -28.35 4.48 12.21
C ALA B 99 -28.97 5.87 12.26
N ALA B 100 -29.83 6.10 13.26
CA ALA B 100 -30.49 7.39 13.41
C ALA B 100 -29.51 8.46 13.88
N ARG B 101 -28.57 8.05 14.72
CA ARG B 101 -27.57 8.98 15.25
C ARG B 101 -26.67 9.51 14.14
N LEU B 102 -26.42 8.67 13.14
CA LEU B 102 -25.57 9.05 12.02
C LEU B 102 -26.31 10.00 11.08
N GLU B 103 -27.52 9.62 10.69
CA GLU B 103 -28.33 10.45 9.80
C GLU B 103 -28.72 11.76 10.48
N ALA B 104 -29.19 11.67 11.71
CA ALA B 104 -29.60 12.85 12.47
C ALA B 104 -28.43 13.81 12.65
N LEU B 105 -27.30 13.27 13.09
CA LEU B 105 -26.10 14.09 13.30
C LEU B 105 -25.71 14.82 12.03
N LYS B 106 -25.89 14.16 10.90
CA LYS B 106 -25.55 14.75 9.60
C LYS B 106 -26.52 15.87 9.25
N GLU B 107 -27.77 15.72 9.66
CA GLU B 107 -28.79 16.74 9.39
C GLU B 107 -28.35 18.10 9.92
N ASN B 108 -28.01 18.15 11.20
CA ASN B 108 -27.58 19.40 11.82
C ASN B 108 -26.23 19.85 11.26
N GLY B 109 -25.45 18.89 10.78
CA GLY B 109 -24.14 19.21 10.22
C GLY B 109 -24.22 20.29 9.17
N GLY B 110 -25.32 20.33 8.42
CA GLY B 110 -25.48 21.33 7.38
C GLY B 110 -25.25 22.74 7.90
N ALA B 111 -25.61 22.97 9.17
CA ALA B 111 -25.44 24.28 9.77
C ALA B 111 -24.00 24.51 10.19
N ARG B 112 -23.27 23.42 10.45
CA ARG B 112 -21.88 23.51 10.86
C ARG B 112 -20.99 23.92 9.69
N LEU B 113 -21.32 23.41 8.51
CA LEU B 113 -20.55 23.72 7.31
C LEU B 113 -20.57 25.22 7.01
N ALA B 114 -21.72 25.85 7.26
CA ALA B 114 -21.88 27.28 7.03
C ALA B 114 -21.10 28.09 8.06
N GLU B 115 -21.28 27.75 9.33
CA GLU B 115 -20.60 28.44 10.41
C GLU B 115 -19.08 28.32 10.28
N TYR B 116 -18.62 27.08 10.12
CA TYR B 116 -17.18 26.83 9.98
C TYR B 116 -16.61 27.59 8.79
N HIS B 117 -17.34 27.60 7.69
CA HIS B 117 -16.91 28.28 6.48
C HIS B 117 -16.57 29.74 6.78
N ALA B 118 -17.48 30.42 7.46
CA ALA B 118 -17.27 31.83 7.82
C ALA B 118 -16.05 32.00 8.71
N LYS B 119 -15.77 30.98 9.51
CA LYS B 119 -14.63 31.01 10.42
C LYS B 119 -13.32 30.79 9.66
N ALA B 120 -13.29 29.75 8.84
CA ALA B 120 -12.10 29.42 8.06
C ALA B 120 -11.85 30.49 7.00
N THR B 121 -12.93 31.04 6.44
CA THR B 121 -12.81 32.07 5.42
C THR B 121 -12.16 33.33 5.97
N GLU B 122 -12.63 33.78 7.13
CA GLU B 122 -12.09 34.97 7.76
C GLU B 122 -10.66 34.73 8.24
N HIS B 123 -10.40 33.53 8.73
CA HIS B 123 -9.08 33.16 9.22
C HIS B 123 -8.02 33.32 8.13
N LEU B 124 -8.37 32.87 6.93
CA LEU B 124 -7.45 32.96 5.80
C LEU B 124 -7.33 34.40 5.30
N SER B 125 -8.41 35.16 5.45
CA SER B 125 -8.43 36.56 5.02
C SER B 125 -7.32 37.35 5.69
N THR B 126 -7.24 37.23 7.02
CA THR B 126 -6.23 37.95 7.79
C THR B 126 -4.83 37.40 7.49
N LEU B 127 -4.69 36.08 7.57
CA LEU B 127 -3.41 35.44 7.32
C LEU B 127 -2.87 35.83 5.94
N SER B 128 -3.70 35.65 4.91
CA SER B 128 -3.30 35.99 3.56
C SER B 128 -2.83 37.44 3.46
N GLU B 129 -3.47 38.31 4.23
CA GLU B 129 -3.13 39.72 4.24
C GLU B 129 -1.67 39.93 4.65
N LYS B 130 -1.26 39.27 5.73
CA LYS B 130 0.10 39.37 6.22
C LYS B 130 1.05 38.51 5.38
N ALA B 131 0.52 37.44 4.82
CA ALA B 131 1.31 36.54 3.99
C ALA B 131 1.70 37.19 2.67
N LYS B 132 0.94 38.21 2.28
CA LYS B 132 1.19 38.93 1.04
C LYS B 132 2.59 39.55 1.05
N PRO B 133 2.82 40.48 2.00
CA PRO B 133 4.11 41.17 2.14
C PRO B 133 5.20 40.23 2.64
N ALA B 134 4.81 39.20 3.38
CA ALA B 134 5.76 38.24 3.93
C ALA B 134 6.23 37.27 2.85
N LEU B 135 5.35 36.97 1.90
CA LEU B 135 5.68 36.07 0.80
C LEU B 135 6.65 36.71 -0.18
N GLU B 136 6.45 38.00 -0.41
CA GLU B 136 7.31 38.74 -1.34
C GLU B 136 8.78 38.59 -0.96
N ASP B 137 9.10 38.84 0.30
CA ASP B 137 10.46 38.73 0.79
C ASP B 137 10.86 37.26 0.95
N LEU B 138 9.88 36.42 1.26
CA LEU B 138 10.13 34.99 1.44
C LEU B 138 10.65 34.36 0.15
N ARG B 139 9.95 34.60 -0.95
CA ARG B 139 10.34 34.06 -2.24
C ARG B 139 11.66 34.67 -2.71
N GLN B 140 11.85 35.95 -2.43
CA GLN B 140 13.06 36.65 -2.82
C GLN B 140 14.30 35.96 -2.26
N GLY B 141 14.25 35.65 -0.97
CA GLY B 141 15.38 34.98 -0.33
C GLY B 141 15.55 33.56 -0.81
N LEU B 142 14.45 32.92 -1.22
CA LEU B 142 14.50 31.55 -1.71
C LEU B 142 15.29 31.46 -3.00
N LEU B 143 15.21 32.50 -3.82
CA LEU B 143 15.92 32.54 -5.09
C LEU B 143 17.39 32.16 -4.91
N PRO B 144 18.10 32.94 -4.08
CA PRO B 144 19.52 32.71 -3.80
C PRO B 144 19.75 31.47 -2.96
N VAL B 145 18.87 31.24 -1.98
CA VAL B 145 18.98 30.08 -1.11
C VAL B 145 18.93 28.79 -1.91
N LEU B 146 17.89 28.64 -2.72
CA LEU B 146 17.72 27.44 -3.54
C LEU B 146 18.90 27.27 -4.50
N GLU B 147 19.42 28.40 -4.98
CA GLU B 147 20.55 28.38 -5.91
C GLU B 147 21.80 27.80 -5.22
N SER B 148 21.95 28.11 -3.94
CA SER B 148 23.10 27.63 -3.18
C SER B 148 23.13 26.10 -3.13
N PHE B 149 21.98 25.51 -2.79
CA PHE B 149 21.88 24.06 -2.71
C PHE B 149 21.97 23.42 -4.10
N LYS B 150 21.32 24.05 -5.07
CA LYS B 150 21.31 23.55 -6.44
C LYS B 150 22.71 23.59 -7.03
N VAL B 151 23.40 24.71 -6.87
CA VAL B 151 24.76 24.88 -7.38
C VAL B 151 25.69 23.80 -6.83
N SER B 152 25.52 23.49 -5.55
CA SER B 152 26.34 22.47 -4.90
C SER B 152 26.21 21.12 -5.61
N PHE B 153 24.97 20.70 -5.83
CA PHE B 153 24.71 19.43 -6.50
C PHE B 153 25.28 19.43 -7.92
N LEU B 154 25.18 20.56 -8.58
CA LEU B 154 25.68 20.70 -9.95
C LEU B 154 27.19 20.52 -9.98
N SER B 155 27.87 20.99 -8.95
CA SER B 155 29.31 20.88 -8.86
C SER B 155 29.74 19.44 -8.65
N ALA B 156 28.88 18.66 -7.98
CA ALA B 156 29.17 17.26 -7.71
C ALA B 156 29.14 16.44 -9.00
N LEU B 157 28.07 16.58 -9.76
CA LEU B 157 27.91 15.85 -11.02
C LEU B 157 28.90 16.36 -12.06
N GLU B 158 29.06 17.68 -12.13
CA GLU B 158 29.97 18.29 -13.08
C GLU B 158 31.41 17.86 -12.82
N GLU B 159 31.76 17.76 -11.54
CA GLU B 159 33.11 17.36 -11.14
C GLU B 159 33.36 15.89 -11.47
N TYR B 160 32.41 15.05 -11.09
CA TYR B 160 32.52 13.61 -11.34
C TYR B 160 32.79 13.33 -12.82
N THR B 161 32.13 14.10 -13.69
CA THR B 161 32.30 13.94 -15.12
C THR B 161 33.69 14.37 -15.57
N LYS B 162 34.13 15.53 -15.08
CA LYS B 162 35.45 16.07 -15.42
C LYS B 162 36.54 15.05 -15.13
N LYS B 163 36.57 14.56 -13.90
CA LYS B 163 37.56 13.57 -13.50
C LYS B 163 37.35 12.25 -14.22
N LEU B 164 36.09 11.90 -14.44
CA LEU B 164 35.75 10.65 -15.13
C LEU B 164 36.38 10.61 -16.51
N ASN B 165 36.37 11.73 -17.21
CA ASN B 165 36.94 11.82 -18.53
C ASN B 165 36.72 13.20 -19.14
N THR B 166 37.73 14.06 -19.05
CA THR B 166 37.65 15.41 -19.59
C THR B 166 39.04 16.03 -19.72
N GLN B 167 39.87 15.84 -18.72
CA GLN B 167 41.22 16.38 -18.72
C GLN B 167 42.10 15.68 -17.69
N SER A 1 -43.24 35.66 8.48
CA SER A 1 -42.34 34.98 7.54
C SER A 1 -40.92 35.51 7.67
N THR A 2 -40.05 34.73 8.29
CA THR A 2 -38.66 35.12 8.48
C THR A 2 -37.72 33.97 8.13
N PHE A 3 -37.32 33.91 6.86
CA PHE A 3 -36.42 32.87 6.40
C PHE A 3 -35.87 33.18 5.01
N SER A 4 -36.75 33.65 4.13
CA SER A 4 -36.37 33.98 2.77
C SER A 4 -35.39 35.16 2.76
N LYS A 5 -35.60 36.11 3.66
CA LYS A 5 -34.74 37.28 3.77
C LYS A 5 -33.38 36.91 4.32
N LEU A 6 -33.37 36.12 5.39
CA LEU A 6 -32.13 35.68 6.02
C LEU A 6 -31.36 34.74 5.11
N ARG A 7 -32.09 33.90 4.37
CA ARG A 7 -31.47 32.95 3.46
C ARG A 7 -30.80 33.68 2.29
N GLU A 8 -31.53 34.61 1.68
CA GLU A 8 -31.00 35.37 0.55
C GLU A 8 -29.92 36.34 1.01
N GLN A 9 -30.07 36.88 2.22
CA GLN A 9 -29.11 37.81 2.77
C GLN A 9 -27.84 37.09 3.22
N LEU A 10 -27.99 35.83 3.63
CA LEU A 10 -26.86 35.03 4.09
C LEU A 10 -25.75 35.02 3.05
N GLY A 11 -26.12 34.81 1.80
CA GLY A 11 -25.14 34.78 0.72
C GLY A 11 -25.75 34.34 -0.61
N PRO A 12 -25.08 34.71 -1.71
CA PRO A 12 -25.54 34.37 -3.06
C PRO A 12 -25.40 32.88 -3.35
N VAL A 13 -24.24 32.50 -3.90
CA VAL A 13 -23.98 31.10 -4.23
C VAL A 13 -24.07 30.22 -2.99
N THR A 14 -23.70 30.77 -1.84
CA THR A 14 -23.75 30.03 -0.59
C THR A 14 -25.17 29.56 -0.28
N GLN A 15 -26.14 30.42 -0.55
CA GLN A 15 -27.54 30.09 -0.31
C GLN A 15 -27.99 28.93 -1.18
N GLU A 16 -27.75 29.04 -2.49
CA GLU A 16 -28.13 28.00 -3.43
C GLU A 16 -27.39 26.70 -3.14
N PHE A 17 -26.18 26.83 -2.60
CA PHE A 17 -25.37 25.67 -2.27
C PHE A 17 -26.01 24.84 -1.15
N TRP A 18 -26.06 25.42 0.04
CA TRP A 18 -26.65 24.74 1.19
C TRP A 18 -28.11 24.36 0.91
N ASP A 19 -28.79 25.18 0.12
CA ASP A 19 -30.18 24.93 -0.23
C ASP A 19 -30.30 23.74 -1.18
N ASN A 20 -29.49 23.76 -2.23
CA ASN A 20 -29.50 22.69 -3.22
C ASN A 20 -29.23 21.33 -2.57
N LEU A 21 -28.17 21.27 -1.76
CA LEU A 21 -27.80 20.05 -1.07
C LEU A 21 -28.87 19.64 -0.07
N GLU A 22 -29.18 20.53 0.86
CA GLU A 22 -30.19 20.27 1.87
C GLU A 22 -31.51 19.85 1.22
N LYS A 23 -31.80 20.42 0.06
CA LYS A 23 -33.03 20.11 -0.66
C LYS A 23 -33.05 18.64 -1.10
N GLU A 24 -31.98 18.23 -1.78
CA GLU A 24 -31.88 16.85 -2.26
C GLU A 24 -31.68 15.88 -1.09
N THR A 25 -31.08 16.38 -0.02
CA THR A 25 -30.82 15.57 1.15
C THR A 25 -32.12 15.00 1.73
N GLU A 26 -33.22 15.70 1.48
CA GLU A 26 -34.53 15.26 1.97
C GLU A 26 -34.78 13.81 1.60
N GLY A 27 -34.54 13.48 0.33
CA GLY A 27 -34.75 12.12 -0.13
C GLY A 27 -34.09 11.09 0.75
N LEU A 28 -32.99 11.48 1.39
CA LEU A 28 -32.25 10.58 2.26
C LEU A 28 -33.20 9.91 3.26
N ARG A 29 -34.11 10.69 3.83
CA ARG A 29 -35.07 10.17 4.80
C ARG A 29 -35.89 9.04 4.19
N GLN A 30 -36.43 9.28 3.00
CA GLN A 30 -37.24 8.27 2.33
C GLN A 30 -36.45 6.99 2.09
N GLU A 31 -35.21 7.15 1.64
CA GLU A 31 -34.35 6.00 1.37
C GLU A 31 -34.21 5.13 2.62
N MET A 32 -33.88 5.77 3.75
CA MET A 32 -33.71 5.05 5.00
C MET A 32 -34.97 4.29 5.37
N SER A 33 -36.13 4.92 5.18
CA SER A 33 -37.41 4.30 5.49
C SER A 33 -37.59 3.01 4.69
N LYS A 34 -37.38 3.09 3.39
CA LYS A 34 -37.52 1.93 2.51
C LYS A 34 -36.58 0.81 2.94
N ASP A 35 -35.35 1.17 3.27
CA ASP A 35 -34.35 0.20 3.70
C ASP A 35 -34.85 -0.58 4.92
N LEU A 36 -35.34 0.15 5.91
CA LEU A 36 -35.85 -0.47 7.14
C LEU A 36 -36.95 -1.47 6.82
N GLU A 37 -37.92 -1.04 6.03
CA GLU A 37 -39.04 -1.91 5.65
C GLU A 37 -38.53 -3.21 5.03
N GLU A 38 -37.60 -3.09 4.09
CA GLU A 38 -37.04 -4.26 3.42
C GLU A 38 -36.25 -5.12 4.41
N VAL A 39 -35.57 -4.46 5.35
CA VAL A 39 -34.78 -5.17 6.35
C VAL A 39 -35.66 -6.01 7.26
N LYS A 40 -36.88 -5.53 7.51
CA LYS A 40 -37.82 -6.23 8.37
C LYS A 40 -38.41 -7.44 7.64
N ALA A 41 -38.94 -7.21 6.45
CA ALA A 41 -39.53 -8.28 5.66
C ALA A 41 -38.49 -9.34 5.31
N LYS A 42 -37.26 -8.90 5.13
CA LYS A 42 -36.16 -9.82 4.80
C LYS A 42 -35.69 -10.57 6.02
N VAL A 43 -35.75 -9.92 7.18
CA VAL A 43 -35.32 -10.54 8.43
C VAL A 43 -36.13 -11.79 8.73
N GLN A 44 -37.44 -11.72 8.51
CA GLN A 44 -38.33 -12.85 8.76
C GLN A 44 -37.72 -14.14 8.21
N PRO A 45 -37.56 -14.20 6.89
CA PRO A 45 -36.99 -15.38 6.21
C PRO A 45 -35.50 -15.54 6.50
N TYR A 46 -34.82 -14.43 6.71
CA TYR A 46 -33.38 -14.45 6.99
C TYR A 46 -33.09 -15.29 8.23
N LEU A 47 -34.06 -15.37 9.13
CA LEU A 47 -33.90 -16.15 10.36
C LEU A 47 -33.91 -17.64 10.06
N ASP A 48 -34.92 -18.09 9.32
CA ASP A 48 -35.04 -19.50 8.96
C ASP A 48 -33.85 -19.95 8.10
N ASP A 49 -33.36 -19.03 7.27
CA ASP A 49 -32.23 -19.33 6.40
C ASP A 49 -30.96 -19.58 7.21
N PHE A 50 -30.68 -18.68 8.16
CA PHE A 50 -29.50 -18.81 9.00
C PHE A 50 -29.49 -20.15 9.74
N GLN A 51 -30.59 -20.45 10.41
CA GLN A 51 -30.70 -21.70 11.16
C GLN A 51 -30.68 -22.90 10.21
N LYS A 52 -31.44 -22.80 9.13
CA LYS A 52 -31.51 -23.88 8.15
C LYS A 52 -30.15 -24.11 7.49
N LYS A 53 -29.31 -23.08 7.53
CA LYS A 53 -27.98 -23.16 6.95
C LYS A 53 -27.05 -24.04 7.79
N TRP A 54 -27.06 -23.79 9.10
CA TRP A 54 -26.23 -24.56 10.03
C TRP A 54 -26.69 -26.02 10.08
N GLN A 55 -27.97 -26.24 9.86
CA GLN A 55 -28.53 -27.58 9.89
C GLN A 55 -27.95 -28.43 8.76
N GLU A 56 -28.10 -27.95 7.54
CA GLU A 56 -27.59 -28.68 6.37
C GLU A 56 -26.07 -28.64 6.33
N GLU A 57 -25.50 -27.52 6.78
CA GLU A 57 -24.04 -27.35 6.80
C GLU A 57 -23.40 -28.27 7.84
N MET A 58 -24.10 -28.49 8.94
CA MET A 58 -23.60 -29.35 10.00
C MET A 58 -23.57 -30.80 9.57
N GLU A 59 -24.71 -31.30 9.10
CA GLU A 59 -24.81 -32.68 8.65
C GLU A 59 -23.93 -32.92 7.42
N LEU A 60 -23.84 -31.91 6.56
CA LEU A 60 -23.02 -32.01 5.36
C LEU A 60 -21.54 -31.86 5.68
N TYR A 61 -21.25 -31.17 6.78
CA TYR A 61 -19.87 -30.95 7.20
C TYR A 61 -19.18 -32.28 7.53
N ARG A 62 -19.79 -33.03 8.43
CA ARG A 62 -19.25 -34.33 8.84
C ARG A 62 -19.47 -35.38 7.75
N GLN A 63 -20.60 -35.28 7.06
CA GLN A 63 -20.94 -36.22 6.01
C GLN A 63 -20.00 -36.05 4.81
N LYS A 64 -19.42 -34.85 4.68
CA LYS A 64 -18.50 -34.57 3.59
C LYS A 64 -17.09 -34.99 3.94
N VAL A 65 -16.67 -34.69 5.16
CA VAL A 65 -15.33 -35.05 5.61
C VAL A 65 -15.11 -36.55 5.56
N GLU A 66 -16.18 -37.32 5.78
CA GLU A 66 -16.11 -38.78 5.75
C GLU A 66 -15.56 -39.26 4.41
N PRO A 67 -16.33 -39.02 3.33
CA PRO A 67 -15.95 -39.43 1.99
C PRO A 67 -14.77 -38.63 1.45
N LEU A 68 -14.90 -37.30 1.50
CA LEU A 68 -13.84 -36.42 1.02
C LEU A 68 -12.60 -36.50 1.91
N GLY A 69 -12.76 -36.07 3.16
CA GLY A 69 -11.65 -36.11 4.10
C GLY A 69 -10.87 -37.41 4.02
N GLU A 70 -11.57 -38.51 3.74
CA GLU A 70 -10.93 -39.81 3.63
C GLU A 70 -10.17 -39.95 2.32
N GLU A 71 -10.81 -39.52 1.23
CA GLU A 71 -10.20 -39.60 -0.10
C GLU A 71 -9.01 -38.66 -0.19
N MET A 72 -9.17 -37.45 0.32
CA MET A 72 -8.10 -36.46 0.29
C MET A 72 -6.93 -36.88 1.17
N ARG A 73 -7.24 -37.33 2.38
CA ARG A 73 -6.21 -37.76 3.32
C ARG A 73 -5.50 -39.01 2.81
N ASP A 74 -6.28 -39.94 2.27
CA ASP A 74 -5.73 -41.18 1.73
C ASP A 74 -4.93 -40.92 0.46
N ARG A 75 -5.56 -40.25 -0.50
CA ARG A 75 -4.89 -39.93 -1.76
C ARG A 75 -3.65 -39.08 -1.53
N ALA A 76 -3.74 -38.15 -0.58
CA ALA A 76 -2.63 -37.27 -0.26
C ALA A 76 -1.44 -38.06 0.25
N ARG A 77 -1.71 -39.04 1.11
CA ARG A 77 -0.66 -39.88 1.69
C ARG A 77 0.10 -40.61 0.59
N ALA A 78 -0.63 -41.32 -0.26
CA ALA A 78 -0.01 -42.08 -1.35
C ALA A 78 0.74 -41.15 -2.29
N HIS A 79 0.07 -40.12 -2.79
CA HIS A 79 0.67 -39.17 -3.71
C HIS A 79 1.91 -38.53 -3.08
N VAL A 80 1.78 -38.10 -1.82
CA VAL A 80 2.88 -37.48 -1.10
C VAL A 80 4.09 -38.42 -1.01
N ASP A 81 3.84 -39.63 -0.52
CA ASP A 81 4.90 -40.62 -0.38
C ASP A 81 5.73 -40.71 -1.66
N ALA A 82 5.06 -40.90 -2.79
CA ALA A 82 5.74 -40.99 -4.08
C ALA A 82 6.42 -39.69 -4.44
N LEU A 83 5.73 -38.57 -4.20
CA LEU A 83 6.26 -37.25 -4.51
C LEU A 83 7.57 -37.01 -3.76
N ARG A 84 7.60 -37.38 -2.48
CA ARG A 84 8.79 -37.20 -1.66
C ARG A 84 9.92 -38.13 -2.14
N THR A 85 9.57 -39.38 -2.42
CA THR A 85 10.55 -40.35 -2.88
C THR A 85 11.28 -39.85 -4.13
N HIS A 86 10.53 -39.25 -5.04
CA HIS A 86 11.11 -38.74 -6.28
C HIS A 86 11.73 -37.35 -6.05
N LEU A 87 11.12 -36.58 -5.16
CA LEU A 87 11.61 -35.25 -4.85
C LEU A 87 12.93 -35.31 -4.08
N ALA A 88 13.16 -36.44 -3.42
CA ALA A 88 14.39 -36.63 -2.65
C ALA A 88 15.62 -36.41 -3.50
N PRO A 89 15.78 -37.25 -4.54
CA PRO A 89 16.91 -37.18 -5.46
C PRO A 89 16.84 -35.94 -6.36
N TYR A 90 15.66 -35.65 -6.86
CA TYR A 90 15.47 -34.49 -7.74
C TYR A 90 15.81 -33.20 -7.01
N SER A 91 15.63 -33.20 -5.69
CA SER A 91 15.92 -32.02 -4.87
C SER A 91 17.39 -31.62 -5.00
N ASP A 92 18.28 -32.58 -4.80
CA ASP A 92 19.71 -32.33 -4.89
C ASP A 92 20.11 -31.98 -6.33
N GLU A 93 19.66 -32.81 -7.27
CA GLU A 93 19.98 -32.59 -8.68
C GLU A 93 19.52 -31.20 -9.13
N LEU A 94 18.26 -30.88 -8.85
CA LEU A 94 17.71 -29.59 -9.24
C LEU A 94 18.47 -28.45 -8.56
N ARG A 95 18.70 -28.60 -7.25
CA ARG A 95 19.41 -27.58 -6.49
C ARG A 95 20.79 -27.31 -7.09
N GLN A 96 21.49 -28.38 -7.48
CA GLN A 96 22.81 -28.27 -8.07
C GLN A 96 22.74 -27.53 -9.40
N ARG A 97 21.66 -27.74 -10.14
CA ARG A 97 21.48 -27.10 -11.44
C ARG A 97 21.28 -25.59 -11.27
N LEU A 98 20.37 -25.21 -10.38
CA LEU A 98 20.07 -23.81 -10.14
C LEU A 98 21.24 -23.13 -9.44
N ALA A 99 21.72 -23.73 -8.35
CA ALA A 99 22.83 -23.19 -7.59
C ALA A 99 24.04 -22.96 -8.50
N ALA A 100 24.23 -23.84 -9.46
CA ALA A 100 25.35 -23.73 -10.39
C ALA A 100 25.08 -22.67 -11.45
N ARG A 101 23.82 -22.53 -11.85
CA ARG A 101 23.44 -21.55 -12.85
C ARG A 101 23.75 -20.13 -12.37
N LEU A 102 23.33 -19.83 -11.14
CA LEU A 102 23.56 -18.51 -10.56
C LEU A 102 25.05 -18.29 -10.29
N GLU A 103 25.67 -19.26 -9.63
CA GLU A 103 27.09 -19.16 -9.30
C GLU A 103 27.93 -19.00 -10.57
N ALA A 104 27.69 -19.88 -11.54
CA ALA A 104 28.43 -19.83 -12.80
C ALA A 104 28.14 -18.54 -13.55
N LEU A 105 26.90 -18.09 -13.49
CA LEU A 105 26.49 -16.86 -14.16
C LEU A 105 27.16 -15.64 -13.54
N LYS A 106 27.34 -15.69 -12.22
CA LYS A 106 27.97 -14.60 -11.49
C LYS A 106 29.46 -14.53 -11.80
N GLU A 107 30.05 -15.68 -12.05
CA GLU A 107 31.48 -15.76 -12.36
C GLU A 107 31.84 -14.85 -13.52
N ASN A 108 31.16 -15.04 -14.65
CA ASN A 108 31.40 -14.24 -15.85
C ASN A 108 30.98 -12.79 -15.62
N GLY A 109 30.02 -12.59 -14.71
CA GLY A 109 29.54 -11.26 -14.41
C GLY A 109 30.67 -10.29 -14.09
N GLY A 110 31.72 -10.81 -13.44
CA GLY A 110 32.84 -9.97 -13.08
C GLY A 110 33.39 -9.19 -14.26
N ALA A 111 33.33 -9.78 -15.44
CA ALA A 111 33.83 -9.13 -16.65
C ALA A 111 32.79 -8.16 -17.21
N ARG A 112 31.53 -8.38 -16.87
CA ARG A 112 30.45 -7.52 -17.34
C ARG A 112 30.50 -6.17 -16.63
N LEU A 113 30.94 -6.17 -15.38
CA LEU A 113 31.02 -4.94 -14.61
C LEU A 113 32.02 -3.97 -15.24
N ALA A 114 33.10 -4.51 -15.78
CA ALA A 114 34.12 -3.69 -16.42
C ALA A 114 33.63 -3.14 -17.76
N GLU A 115 33.08 -4.01 -18.59
CA GLU A 115 32.58 -3.61 -19.90
C GLU A 115 31.40 -2.65 -19.75
N TYR A 116 30.49 -2.99 -18.84
CA TYR A 116 29.30 -2.16 -18.61
C TYR A 116 29.71 -0.76 -18.15
N HIS A 117 30.63 -0.70 -17.19
CA HIS A 117 31.09 0.57 -16.66
C HIS A 117 31.58 1.48 -17.79
N ALA A 118 32.42 0.94 -18.67
CA ALA A 118 32.95 1.70 -19.79
C ALA A 118 31.83 2.20 -20.69
N LYS A 119 30.75 1.43 -20.77
CA LYS A 119 29.61 1.80 -21.61
C LYS A 119 28.78 2.88 -20.93
N ALA A 120 28.45 2.67 -19.66
CA ALA A 120 27.66 3.64 -18.91
C ALA A 120 28.43 4.94 -18.71
N THR A 121 29.75 4.82 -18.54
CA THR A 121 30.59 5.99 -18.33
C THR A 121 30.62 6.87 -19.57
N GLU A 122 30.84 6.25 -20.72
CA GLU A 122 30.89 6.98 -21.99
C GLU A 122 29.51 7.52 -22.37
N HIS A 123 28.48 6.74 -22.07
CA HIS A 123 27.11 7.11 -22.38
C HIS A 123 26.75 8.44 -21.70
N LEU A 124 27.07 8.54 -20.41
CA LEU A 124 26.78 9.75 -19.64
C LEU A 124 27.69 10.89 -20.07
N SER A 125 28.89 10.54 -20.51
CA SER A 125 29.87 11.55 -20.94
C SER A 125 29.29 12.42 -22.05
N THR A 126 28.77 11.77 -23.09
CA THR A 126 28.18 12.48 -24.22
C THR A 126 26.89 13.20 -23.82
N LEU A 127 25.99 12.46 -23.17
CA LEU A 127 24.72 13.03 -22.73
C LEU A 127 24.95 14.28 -21.88
N SER A 128 25.75 14.14 -20.82
CA SER A 128 26.04 15.25 -19.93
C SER A 128 26.59 16.44 -20.71
N GLU A 129 27.36 16.15 -21.75
CA GLU A 129 27.95 17.20 -22.57
C GLU A 129 26.87 18.08 -23.19
N LYS A 130 25.86 17.45 -23.77
CA LYS A 130 24.76 18.17 -24.40
C LYS A 130 23.78 18.68 -23.35
N ALA A 131 23.71 17.99 -22.21
CA ALA A 131 22.81 18.37 -21.14
C ALA A 131 23.27 19.68 -20.49
N LYS A 132 24.55 20.00 -20.65
CA LYS A 132 25.12 21.21 -20.08
C LYS A 132 24.43 22.45 -20.65
N PRO A 133 24.55 22.64 -21.97
CA PRO A 133 23.95 23.78 -22.67
C PRO A 133 22.43 23.68 -22.73
N ALA A 134 21.92 22.45 -22.70
CA ALA A 134 20.49 22.21 -22.77
C ALA A 134 19.83 22.51 -21.42
N LEU A 135 20.56 22.26 -20.34
CA LEU A 135 20.05 22.50 -19.00
C LEU A 135 19.93 23.99 -18.72
N GLU A 136 20.89 24.76 -19.23
CA GLU A 136 20.89 26.20 -19.03
C GLU A 136 19.56 26.82 -19.48
N ASP A 137 19.14 26.48 -20.70
CA ASP A 137 17.88 26.99 -21.23
C ASP A 137 16.69 26.32 -20.57
N LEU A 138 16.87 25.08 -20.15
CA LEU A 138 15.80 24.33 -19.49
C LEU A 138 15.30 25.06 -18.26
N ARG A 139 16.23 25.50 -17.42
CA ARG A 139 15.88 26.23 -16.20
C ARG A 139 15.34 27.62 -16.52
N GLN A 140 15.99 28.29 -17.49
CA GLN A 140 15.57 29.63 -17.89
C GLN A 140 14.17 29.60 -18.49
N GLY A 141 13.78 28.45 -19.04
CA GLY A 141 12.47 28.32 -19.64
C GLY A 141 11.37 28.12 -18.62
N LEU A 142 11.63 27.25 -17.64
CA LEU A 142 10.66 26.96 -16.60
C LEU A 142 10.40 28.21 -15.74
N LEU A 143 11.40 29.08 -15.67
CA LEU A 143 11.28 30.31 -14.88
C LEU A 143 10.01 31.07 -15.24
N PRO A 144 9.92 31.50 -16.51
CA PRO A 144 8.76 32.25 -17.01
C PRO A 144 7.52 31.36 -17.13
N VAL A 145 7.70 30.16 -17.67
CA VAL A 145 6.59 29.23 -17.83
C VAL A 145 5.90 28.96 -16.50
N LEU A 146 6.68 28.55 -15.51
CA LEU A 146 6.13 28.26 -14.19
C LEU A 146 5.47 29.49 -13.59
N GLU A 147 6.01 30.66 -13.91
CA GLU A 147 5.46 31.91 -13.40
C GLU A 147 4.07 32.17 -13.97
N SER A 148 3.88 31.87 -15.24
CA SER A 148 2.61 32.07 -15.90
C SER A 148 1.51 31.26 -15.22
N PHE A 149 1.79 29.99 -14.97
CA PHE A 149 0.83 29.10 -14.32
C PHE A 149 0.49 29.61 -12.93
N LYS A 150 1.49 30.09 -12.21
CA LYS A 150 1.31 30.61 -10.86
C LYS A 150 0.48 31.89 -10.88
N VAL A 151 0.73 32.73 -11.88
CA VAL A 151 0.00 33.99 -12.02
C VAL A 151 -1.51 33.76 -12.08
N SER A 152 -1.93 32.83 -12.92
CA SER A 152 -3.34 32.52 -13.07
C SER A 152 -3.93 32.02 -11.75
N PHE A 153 -3.26 31.04 -11.15
CA PHE A 153 -3.72 30.48 -9.88
C PHE A 153 -3.77 31.55 -8.79
N LEU A 154 -2.79 32.44 -8.81
CA LEU A 154 -2.72 33.52 -7.83
C LEU A 154 -3.92 34.45 -7.95
N SER A 155 -4.32 34.74 -9.18
CA SER A 155 -5.46 35.61 -9.43
C SER A 155 -6.75 35.00 -8.89
N ALA A 156 -6.81 33.68 -8.90
CA ALA A 156 -7.98 32.96 -8.41
C ALA A 156 -8.11 33.08 -6.90
N LEU A 157 -6.99 32.90 -6.20
CA LEU A 157 -6.97 32.99 -4.74
C LEU A 157 -7.38 34.37 -4.28
N GLU A 158 -6.94 35.40 -5.00
CA GLU A 158 -7.26 36.77 -4.66
C GLU A 158 -8.71 37.10 -5.03
N GLU A 159 -9.18 36.52 -6.13
CA GLU A 159 -10.55 36.75 -6.58
C GLU A 159 -11.55 36.12 -5.63
N TYR A 160 -11.32 34.86 -5.27
CA TYR A 160 -12.21 34.16 -4.36
C TYR A 160 -12.22 34.81 -2.98
N THR A 161 -11.04 35.22 -2.52
CA THR A 161 -10.90 35.86 -1.22
C THR A 161 -11.50 37.26 -1.23
N LYS A 162 -11.19 38.03 -2.27
CA LYS A 162 -11.71 39.39 -2.40
C LYS A 162 -13.23 39.40 -2.36
N LYS A 163 -13.85 38.62 -3.23
CA LYS A 163 -15.31 38.53 -3.30
C LYS A 163 -15.88 38.00 -1.98
N LEU A 164 -15.30 36.91 -1.48
CA LEU A 164 -15.76 36.30 -0.24
C LEU A 164 -15.66 37.30 0.91
N ASN A 165 -14.61 38.12 0.90
CA ASN A 165 -14.40 39.11 1.94
C ASN A 165 -15.45 40.21 1.85
N THR A 166 -15.94 40.48 0.64
CA THR A 166 -16.95 41.51 0.42
C THR A 166 -16.36 42.90 0.57
N GLN A 167 -15.97 43.26 1.79
CA GLN A 167 -15.38 44.57 2.05
C GLN A 167 -14.06 44.73 1.32
N SER B 1 52.88 -13.14 -15.53
CA SER B 1 52.00 -12.46 -14.59
C SER B 1 51.32 -11.27 -15.26
N THR B 2 50.04 -11.43 -15.58
CA THR B 2 49.27 -10.38 -16.22
C THR B 2 47.89 -10.21 -15.57
N PHE B 3 47.84 -9.37 -14.55
CA PHE B 3 46.59 -9.13 -13.83
C PHE B 3 46.70 -7.90 -12.93
N SER B 4 47.83 -7.81 -12.22
CA SER B 4 48.06 -6.69 -11.31
C SER B 4 48.15 -5.38 -12.08
N LYS B 5 48.76 -5.43 -13.26
CA LYS B 5 48.91 -4.24 -14.10
C LYS B 5 47.57 -3.81 -14.68
N LEU B 6 46.81 -4.77 -15.20
CA LEU B 6 45.51 -4.49 -15.78
C LEU B 6 44.51 -4.06 -14.71
N ARG B 7 44.63 -4.65 -13.52
CA ARG B 7 43.75 -4.33 -12.41
C ARG B 7 44.00 -2.90 -11.91
N GLU B 8 45.27 -2.57 -11.71
CA GLU B 8 45.64 -1.24 -11.23
C GLU B 8 45.42 -0.19 -12.31
N GLN B 9 45.63 -0.59 -13.56
CA GLN B 9 45.46 0.31 -14.70
C GLN B 9 43.98 0.54 -14.99
N LEU B 10 43.16 -0.47 -14.69
CA LEU B 10 41.72 -0.38 -14.92
C LEU B 10 41.13 0.87 -14.27
N GLY B 11 41.53 1.10 -13.01
CA GLY B 11 41.03 2.26 -12.30
C GLY B 11 41.44 2.26 -10.84
N PRO B 12 41.46 3.45 -10.22
CA PRO B 12 41.82 3.60 -8.81
C PRO B 12 40.79 3.01 -7.86
N VAL B 13 39.83 3.83 -7.46
CA VAL B 13 38.77 3.39 -6.55
C VAL B 13 37.99 2.22 -7.15
N THR B 14 37.85 2.22 -8.47
CA THR B 14 37.14 1.17 -9.17
C THR B 14 37.76 -0.19 -8.91
N GLN B 15 39.08 -0.23 -8.88
CA GLN B 15 39.81 -1.48 -8.65
C GLN B 15 39.54 -2.00 -7.24
N GLU B 16 39.72 -1.14 -6.24
CA GLU B 16 39.50 -1.51 -4.85
C GLU B 16 38.03 -1.89 -4.62
N PHE B 17 37.15 -1.27 -5.39
CA PHE B 17 35.71 -1.54 -5.28
C PHE B 17 35.38 -2.97 -5.69
N TRP B 18 35.57 -3.26 -6.96
CA TRP B 18 35.29 -4.59 -7.49
C TRP B 18 36.12 -5.64 -6.76
N ASP B 19 37.33 -5.26 -6.36
CA ASP B 19 38.22 -6.17 -5.65
C ASP B 19 37.71 -6.44 -4.24
N ASN B 20 37.37 -5.38 -3.51
CA ASN B 20 36.86 -5.51 -2.16
C ASN B 20 35.63 -6.40 -2.11
N LEU B 21 34.66 -6.12 -2.98
CA LEU B 21 33.43 -6.90 -3.04
C LEU B 21 33.72 -8.33 -3.47
N GLU B 22 34.34 -8.49 -4.63
CA GLU B 22 34.67 -9.80 -5.15
C GLU B 22 35.47 -10.61 -4.12
N LYS B 23 36.29 -9.92 -3.35
CA LYS B 23 37.11 -10.56 -2.33
C LYS B 23 36.23 -11.19 -1.24
N GLU B 24 35.35 -10.37 -0.68
CA GLU B 24 34.45 -10.84 0.37
C GLU B 24 33.41 -11.82 -0.19
N THR B 25 33.10 -11.65 -1.46
CA THR B 25 32.12 -12.52 -2.12
C THR B 25 32.55 -13.98 -2.06
N GLU B 26 33.85 -14.21 -1.97
CA GLU B 26 34.39 -15.56 -1.89
C GLU B 26 33.68 -16.37 -0.81
N GLY B 27 33.56 -15.77 0.38
CA GLY B 27 32.90 -16.45 1.48
C GLY B 27 31.54 -17.02 1.10
N LEU B 28 30.89 -16.37 0.13
CA LEU B 28 29.58 -16.81 -0.32
C LEU B 28 29.58 -18.30 -0.65
N ARG B 29 30.65 -18.75 -1.31
CA ARG B 29 30.77 -20.15 -1.69
C ARG B 29 30.73 -21.05 -0.45
N GLN B 30 31.53 -20.70 0.55
CA GLN B 30 31.58 -21.47 1.78
C GLN B 30 30.20 -21.55 2.44
N GLU B 31 29.52 -20.41 2.50
CA GLU B 31 28.19 -20.34 3.10
C GLU B 31 27.24 -21.34 2.44
N MET B 32 27.19 -21.31 1.11
CA MET B 32 26.33 -22.21 0.35
C MET B 32 26.65 -23.67 0.69
N SER B 33 27.93 -23.99 0.78
CA SER B 33 28.36 -25.35 1.08
C SER B 33 27.80 -25.81 2.42
N LYS B 34 27.97 -24.99 3.45
CA LYS B 34 27.48 -25.30 4.78
C LYS B 34 25.98 -25.52 4.77
N ASP B 35 25.27 -24.64 4.06
CA ASP B 35 23.81 -24.73 3.97
C ASP B 35 23.39 -26.09 3.43
N LEU B 36 24.02 -26.50 2.32
CA LEU B 36 23.71 -27.78 1.69
C LEU B 36 23.89 -28.92 2.68
N GLU B 37 25.04 -28.95 3.34
CA GLU B 37 25.35 -30.00 4.31
C GLU B 37 24.24 -30.09 5.37
N GLU B 38 23.86 -28.94 5.92
CA GLU B 38 22.81 -28.90 6.93
C GLU B 38 21.46 -29.34 6.36
N VAL B 39 21.22 -28.97 5.10
CA VAL B 39 19.97 -29.32 4.43
C VAL B 39 19.86 -30.83 4.24
N LYS B 40 21.00 -31.49 4.04
CA LYS B 40 21.02 -32.93 3.86
C LYS B 40 20.80 -33.66 5.18
N ALA B 41 21.60 -33.31 6.18
CA ALA B 41 21.49 -33.94 7.49
C ALA B 41 20.11 -33.69 8.09
N LYS B 42 19.53 -32.54 7.81
CA LYS B 42 18.21 -32.18 8.32
C LYS B 42 17.12 -32.88 7.52
N VAL B 43 17.36 -33.06 6.23
CA VAL B 43 16.39 -33.72 5.35
C VAL B 43 16.02 -35.10 5.87
N GLN B 44 17.03 -35.88 6.24
CA GLN B 44 16.82 -37.22 6.76
C GLN B 44 15.65 -37.24 7.75
N PRO B 45 15.83 -36.56 8.89
CA PRO B 45 14.81 -36.49 9.93
C PRO B 45 13.60 -35.65 9.51
N TYR B 46 13.85 -34.67 8.64
CA TYR B 46 12.79 -33.78 8.16
C TYR B 46 11.69 -34.59 7.48
N LEU B 47 12.05 -35.75 6.96
CA LEU B 47 11.10 -36.62 6.27
C LEU B 47 10.20 -37.34 7.28
N ASP B 48 10.82 -37.95 8.29
CA ASP B 48 10.08 -38.67 9.32
C ASP B 48 9.10 -37.74 10.04
N ASP B 49 9.50 -36.48 10.18
CA ASP B 49 8.65 -35.49 10.85
C ASP B 49 7.43 -35.16 10.00
N PHE B 50 7.64 -34.91 8.71
CA PHE B 50 6.55 -34.58 7.80
C PHE B 50 5.49 -35.68 7.81
N GLN B 51 5.92 -36.91 7.60
CA GLN B 51 5.00 -38.04 7.58
C GLN B 51 4.37 -38.26 8.96
N LYS B 52 5.20 -38.23 10.00
CA LYS B 52 4.72 -38.42 11.36
C LYS B 52 3.72 -37.33 11.74
N LYS B 53 3.79 -36.21 11.03
CA LYS B 53 2.89 -35.09 11.29
C LYS B 53 1.48 -35.38 10.78
N TRP B 54 1.41 -35.85 9.53
CA TRP B 54 0.13 -36.18 8.92
C TRP B 54 -0.55 -37.32 9.65
N GLN B 55 0.25 -38.23 10.19
CA GLN B 55 -0.28 -39.37 10.93
C GLN B 55 -1.02 -38.93 12.18
N GLU B 56 -0.33 -38.17 13.03
CA GLU B 56 -0.92 -37.68 14.27
C GLU B 56 -1.98 -36.61 13.98
N GLU B 57 -1.73 -35.81 12.95
CA GLU B 57 -2.66 -34.75 12.57
C GLU B 57 -3.94 -35.33 11.99
N MET B 58 -3.83 -36.47 11.31
CA MET B 58 -4.98 -37.13 10.71
C MET B 58 -5.89 -37.71 11.79
N GLU B 59 -5.32 -38.53 12.66
CA GLU B 59 -6.09 -39.16 13.73
C GLU B 59 -6.60 -38.11 14.71
N LEU B 60 -5.81 -37.07 14.93
CA LEU B 60 -6.19 -36.00 15.85
C LEU B 60 -7.21 -35.07 15.20
N TYR B 61 -7.20 -35.02 13.88
CA TYR B 61 -8.13 -34.17 13.13
C TYR B 61 -9.57 -34.62 13.36
N ARG B 62 -9.84 -35.89 13.09
CA ARG B 62 -11.18 -36.43 13.27
C ARG B 62 -11.49 -36.66 14.75
N GLN B 63 -10.46 -37.01 15.52
CA GLN B 63 -10.63 -37.25 16.94
C GLN B 63 -10.91 -35.95 17.68
N LYS B 64 -10.51 -34.84 17.08
CA LYS B 64 -10.73 -33.52 17.69
C LYS B 64 -12.09 -32.96 17.30
N VAL B 65 -12.43 -33.07 16.02
CA VAL B 65 -13.71 -32.58 15.52
C VAL B 65 -14.87 -33.28 16.21
N GLU B 66 -14.67 -34.53 16.58
CA GLU B 66 -15.70 -35.31 17.26
C GLU B 66 -16.16 -34.61 18.54
N PRO B 67 -15.24 -34.50 19.52
CA PRO B 67 -15.53 -33.86 20.80
C PRO B 67 -15.70 -32.35 20.67
N LEU B 68 -14.74 -31.70 20.03
CA LEU B 68 -14.79 -30.25 19.83
C LEU B 68 -15.88 -29.87 18.84
N GLY B 69 -15.69 -30.28 17.58
CA GLY B 69 -16.67 -29.99 16.55
C GLY B 69 -18.10 -30.16 17.03
N GLU B 70 -18.31 -31.15 17.91
CA GLU B 70 -19.63 -31.43 18.44
C GLU B 70 -20.01 -30.40 19.52
N GLU B 71 -19.08 -30.15 20.44
CA GLU B 71 -19.31 -29.21 21.52
C GLU B 71 -19.47 -27.79 20.98
N MET B 72 -18.56 -27.40 20.10
CA MET B 72 -18.60 -26.06 19.50
C MET B 72 -19.85 -25.88 18.65
N ARG B 73 -20.08 -26.84 17.74
CA ARG B 73 -21.23 -26.78 16.86
C ARG B 73 -22.53 -26.78 17.67
N ASP B 74 -22.60 -27.64 18.68
CA ASP B 74 -23.77 -27.75 19.52
C ASP B 74 -23.97 -26.47 20.34
N ARG B 75 -22.92 -26.06 21.03
CA ARG B 75 -22.98 -24.85 21.86
C ARG B 75 -23.28 -23.63 21.01
N ALA B 76 -22.79 -23.63 19.77
CA ALA B 76 -23.01 -22.52 18.85
C ALA B 76 -24.49 -22.37 18.52
N ARG B 77 -25.14 -23.49 18.21
CA ARG B 77 -26.56 -23.48 17.86
C ARG B 77 -27.39 -22.92 19.01
N ALA B 78 -27.21 -23.48 20.20
CA ALA B 78 -27.93 -23.03 21.38
C ALA B 78 -27.68 -21.54 21.65
N HIS B 79 -26.42 -21.17 21.77
CA HIS B 79 -26.04 -19.79 22.03
C HIS B 79 -26.59 -18.87 20.94
N VAL B 80 -26.48 -19.30 19.69
CA VAL B 80 -26.96 -18.52 18.55
C VAL B 80 -28.46 -18.29 18.66
N ASP B 81 -29.22 -19.36 18.85
CA ASP B 81 -30.67 -19.27 18.97
C ASP B 81 -31.07 -18.16 19.94
N ALA B 82 -30.48 -18.19 21.13
CA ALA B 82 -30.77 -17.19 22.15
C ALA B 82 -30.31 -15.80 21.71
N LEU B 83 -29.10 -15.73 21.16
CA LEU B 83 -28.54 -14.47 20.70
C LEU B 83 -29.44 -13.82 19.66
N ARG B 84 -29.97 -14.63 18.75
CA ARG B 84 -30.86 -14.15 17.70
C ARG B 84 -32.18 -13.66 18.29
N THR B 85 -32.75 -14.45 19.19
CA THR B 85 -34.01 -14.10 19.83
C THR B 85 -33.94 -12.74 20.50
N HIS B 86 -32.81 -12.48 21.15
CA HIS B 86 -32.61 -11.21 21.84
C HIS B 86 -32.16 -10.13 20.87
N LEU B 87 -31.39 -10.53 19.87
CA LEU B 87 -30.90 -9.59 18.86
C LEU B 87 -32.03 -9.11 17.96
N ALA B 88 -33.08 -9.91 17.87
CA ALA B 88 -34.25 -9.57 17.04
C ALA B 88 -34.80 -8.20 17.42
N PRO B 89 -35.28 -8.08 18.67
CA PRO B 89 -35.84 -6.84 19.19
C PRO B 89 -34.79 -5.75 19.38
N TYR B 90 -33.63 -6.14 19.90
CA TYR B 90 -32.55 -5.20 20.13
C TYR B 90 -32.07 -4.58 18.82
N SER B 91 -32.20 -5.34 17.73
CA SER B 91 -31.78 -4.87 16.42
C SER B 91 -32.53 -3.60 16.03
N ASP B 92 -33.85 -3.65 16.12
CA ASP B 92 -34.68 -2.50 15.79
C ASP B 92 -34.44 -1.35 16.75
N GLU B 93 -34.47 -1.65 18.04
CA GLU B 93 -34.26 -0.63 19.08
C GLU B 93 -32.91 0.06 18.88
N LEU B 94 -31.85 -0.74 18.76
CA LEU B 94 -30.50 -0.21 18.57
C LEU B 94 -30.42 0.61 17.28
N ARG B 95 -30.95 0.05 16.20
CA ARG B 95 -30.94 0.73 14.91
C ARG B 95 -31.60 2.09 15.00
N GLN B 96 -32.73 2.15 15.70
CA GLN B 96 -33.48 3.39 15.87
C GLN B 96 -32.66 4.41 16.66
N ARG B 97 -31.88 3.93 17.61
CA ARG B 97 -31.05 4.79 18.44
C ARG B 97 -29.93 5.41 17.62
N LEU B 98 -29.22 4.58 16.86
CA LEU B 98 -28.12 5.06 16.03
C LEU B 98 -28.64 5.88 14.86
N ALA B 99 -29.61 5.33 14.14
CA ALA B 99 -30.20 6.03 12.99
C ALA B 99 -30.71 7.41 13.39
N ALA B 100 -31.23 7.50 14.61
CA ALA B 100 -31.77 8.77 15.11
C ALA B 100 -30.63 9.70 15.54
N ARG B 101 -29.57 9.13 16.07
CA ARG B 101 -28.43 9.91 16.52
C ARG B 101 -27.79 10.68 15.36
N LEU B 102 -27.56 9.97 14.26
CA LEU B 102 -26.97 10.60 13.07
C LEU B 102 -27.93 11.58 12.43
N GLU B 103 -29.17 11.13 12.22
CA GLU B 103 -30.19 11.97 11.61
C GLU B 103 -30.41 13.24 12.43
N ALA B 104 -30.62 13.07 13.73
CA ALA B 104 -30.84 14.20 14.62
C ALA B 104 -29.62 15.10 14.69
N LEU B 105 -28.43 14.49 14.67
CA LEU B 105 -27.18 15.23 14.73
C LEU B 105 -26.97 16.05 13.45
N LYS B 106 -27.41 15.49 12.33
CA LYS B 106 -27.28 16.16 11.04
C LYS B 106 -28.24 17.35 10.94
N GLU B 107 -29.39 17.23 11.59
CA GLU B 107 -30.38 18.29 11.59
C GLU B 107 -29.78 19.62 12.06
N ASN B 108 -29.20 19.59 13.25
CA ASN B 108 -28.59 20.79 13.82
C ASN B 108 -27.37 21.21 13.02
N GLY B 109 -26.75 20.24 12.35
CA GLY B 109 -25.56 20.53 11.54
C GLY B 109 -25.79 21.66 10.56
N GLY B 110 -27.02 21.76 10.05
CA GLY B 110 -27.34 22.81 9.10
C GLY B 110 -26.96 24.18 9.60
N ALA B 111 -27.07 24.38 10.91
CA ALA B 111 -26.73 25.67 11.51
C ALA B 111 -25.22 25.79 11.72
N ARG B 112 -24.54 24.66 11.81
CA ARG B 112 -23.10 24.64 12.02
C ARG B 112 -22.37 25.09 10.75
N LEU B 113 -22.95 24.78 9.60
CA LEU B 113 -22.35 25.14 8.31
C LEU B 113 -22.28 26.66 8.17
N ALA B 114 -23.29 27.35 8.67
CA ALA B 114 -23.33 28.81 8.59
C ALA B 114 -22.33 29.43 9.56
N GLU B 115 -22.36 28.99 10.81
CA GLU B 115 -21.46 29.51 11.83
C GLU B 115 -20.01 29.18 11.49
N TYR B 116 -19.77 27.94 11.08
CA TYR B 116 -18.43 27.50 10.72
C TYR B 116 -17.87 28.32 9.56
N HIS B 117 -18.69 28.51 8.53
CA HIS B 117 -18.27 29.27 7.36
C HIS B 117 -17.77 30.66 7.77
N ALA B 118 -18.54 31.34 8.60
CA ALA B 118 -18.18 32.68 9.06
C ALA B 118 -16.86 32.65 9.83
N LYS B 119 -16.59 31.53 10.50
CA LYS B 119 -15.37 31.37 11.27
C LYS B 119 -14.18 31.10 10.35
N ALA B 120 -14.35 30.14 9.44
CA ALA B 120 -13.30 29.79 8.50
C ALA B 120 -13.02 30.92 7.53
N THR B 121 -14.06 31.66 7.16
CA THR B 121 -13.93 32.78 6.24
C THR B 121 -13.11 33.90 6.85
N GLU B 122 -13.43 34.26 8.09
CA GLU B 122 -12.72 35.33 8.79
C GLU B 122 -11.30 34.88 9.14
N HIS B 123 -11.15 33.61 9.49
CA HIS B 123 -9.85 33.05 9.86
C HIS B 123 -8.86 33.22 8.71
N LEU B 124 -9.28 32.87 7.51
CA LEU B 124 -8.42 32.97 6.33
C LEU B 124 -8.22 34.42 5.93
N SER B 125 -9.22 35.26 6.22
CA SER B 125 -9.14 36.68 5.89
C SER B 125 -7.92 37.32 6.53
N THR B 126 -7.76 37.11 7.83
CA THR B 126 -6.64 37.67 8.57
C THR B 126 -5.32 37.02 8.15
N LEU B 127 -5.31 35.69 8.15
CA LEU B 127 -4.12 34.94 7.77
C LEU B 127 -3.62 35.37 6.39
N SER B 128 -4.50 35.31 5.40
CA SER B 128 -4.16 35.69 4.03
C SER B 128 -3.59 37.10 4.00
N GLU B 129 -4.12 37.97 4.85
CA GLU B 129 -3.67 39.36 4.92
C GLU B 129 -2.17 39.43 5.24
N LYS B 130 -1.76 38.68 6.25
CA LYS B 130 -0.36 38.65 6.66
C LYS B 130 0.46 37.77 5.72
N ALA B 131 -0.19 36.78 5.13
CA ALA B 131 0.49 35.87 4.20
C ALA B 131 0.89 36.59 2.92
N LYS B 132 0.23 37.69 2.64
CA LYS B 132 0.52 38.48 1.44
C LYS B 132 1.95 38.99 1.46
N PRO B 133 2.27 39.84 2.46
CA PRO B 133 3.61 40.41 2.61
C PRO B 133 4.63 39.38 3.05
N ALA B 134 4.17 38.33 3.73
CA ALA B 134 5.05 37.27 4.20
C ALA B 134 5.44 36.34 3.06
N LEU B 135 4.52 36.15 2.11
CA LEU B 135 4.77 35.29 0.97
C LEU B 135 5.79 35.89 0.02
N GLU B 136 5.73 37.22 -0.12
CA GLU B 136 6.66 37.94 -1.00
C GLU B 136 8.11 37.60 -0.64
N ASP B 137 8.43 37.72 0.65
CA ASP B 137 9.79 37.44 1.12
C ASP B 137 10.06 35.93 1.13
N LEU B 138 9.00 35.15 1.34
CA LEU B 138 9.12 33.70 1.38
C LEU B 138 9.71 33.17 0.07
N ARG B 139 9.17 33.63 -1.04
CA ARG B 139 9.65 33.21 -2.35
C ARG B 139 11.03 33.78 -2.65
N GLN B 140 11.22 35.05 -2.30
CA GLN B 140 12.49 35.72 -2.52
C GLN B 140 13.60 35.06 -1.71
N GLY B 141 13.22 34.43 -0.61
CA GLY B 141 14.19 33.77 0.25
C GLY B 141 14.63 32.43 -0.29
N LEU B 142 13.66 31.63 -0.74
CA LEU B 142 13.95 30.32 -1.30
C LEU B 142 14.78 30.42 -2.56
N LEU B 143 14.64 31.54 -3.26
CA LEU B 143 15.38 31.76 -4.51
C LEU B 143 16.87 31.51 -4.30
N PRO B 144 17.49 32.32 -3.42
CA PRO B 144 18.92 32.20 -3.11
C PRO B 144 19.24 30.93 -2.33
N VAL B 145 18.42 30.65 -1.32
CA VAL B 145 18.61 29.46 -0.49
C VAL B 145 18.66 28.20 -1.34
N LEU B 146 17.61 28.00 -2.15
CA LEU B 146 17.52 26.83 -3.01
C LEU B 146 18.70 26.78 -3.98
N GLU B 147 19.17 27.95 -4.39
CA GLU B 147 20.29 28.04 -5.32
C GLU B 147 21.57 27.53 -4.68
N SER B 148 21.76 27.86 -3.40
CA SER B 148 22.95 27.44 -2.67
C SER B 148 23.06 25.91 -2.63
N PHE B 149 21.95 25.27 -2.28
CA PHE B 149 21.90 23.81 -2.20
C PHE B 149 22.19 23.19 -3.56
N LYS B 150 21.65 23.79 -4.61
CA LYS B 150 21.85 23.29 -5.96
C LYS B 150 23.29 23.46 -6.40
N VAL B 151 23.89 24.58 -6.01
CA VAL B 151 25.27 24.87 -6.36
C VAL B 151 26.21 23.76 -5.89
N SER B 152 26.06 23.37 -4.62
CA SER B 152 26.89 22.32 -4.05
C SER B 152 26.71 21.01 -4.80
N PHE B 153 25.45 20.60 -4.98
CA PHE B 153 25.13 19.37 -5.68
C PHE B 153 25.65 19.40 -7.11
N LEU B 154 25.56 20.57 -7.74
CA LEU B 154 26.03 20.74 -9.10
C LEU B 154 27.52 20.51 -9.20
N SER B 155 28.27 21.01 -8.22
CA SER B 155 29.71 20.86 -8.20
C SER B 155 30.11 19.39 -8.09
N ALA B 156 29.27 18.61 -7.42
CA ALA B 156 29.52 17.18 -7.24
C ALA B 156 29.37 16.43 -8.56
N LEU B 157 28.30 16.74 -9.29
CA LEU B 157 28.05 16.09 -10.57
C LEU B 157 29.18 16.36 -11.56
N GLU B 158 29.70 17.59 -11.54
CA GLU B 158 30.78 17.97 -12.43
C GLU B 158 32.10 17.36 -11.97
N GLU B 159 32.28 17.27 -10.66
CA GLU B 159 33.50 16.71 -10.09
C GLU B 159 33.60 15.21 -10.39
N TYR B 160 32.52 14.49 -10.12
CA TYR B 160 32.48 13.05 -10.37
C TYR B 160 32.64 12.73 -11.85
N THR B 161 31.97 13.53 -12.69
CA THR B 161 32.03 13.34 -14.13
C THR B 161 33.41 13.72 -14.68
N LYS B 162 33.92 14.87 -14.23
CA LYS B 162 35.22 15.34 -14.68
C LYS B 162 36.30 14.31 -14.40
N LYS B 163 36.41 13.89 -13.15
CA LYS B 163 37.39 12.89 -12.75
C LYS B 163 37.17 11.58 -13.49
N LEU B 164 35.94 11.11 -13.49
CA LEU B 164 35.58 9.86 -14.16
C LEU B 164 35.95 9.92 -15.64
N ASN B 165 35.75 11.09 -16.24
CA ASN B 165 36.05 11.27 -17.66
C ASN B 165 37.55 11.22 -17.90
N THR B 166 38.32 11.64 -16.90
CA THR B 166 39.78 11.64 -17.01
C THR B 166 40.27 12.76 -17.93
N GLN B 167 39.97 12.62 -19.22
CA GLN B 167 40.38 13.62 -20.21
C GLN B 167 39.65 14.94 -19.99
N SER A 1 -39.15 49.05 7.97
CA SER A 1 -37.88 49.24 7.28
C SER A 1 -37.52 48.02 6.47
N THR A 2 -36.95 48.24 5.28
CA THR A 2 -36.56 47.15 4.40
C THR A 2 -35.16 46.64 4.74
N PHE A 3 -34.69 45.64 3.99
CA PHE A 3 -33.38 45.07 4.22
C PHE A 3 -32.89 44.33 2.97
N SER A 4 -33.18 44.89 1.81
CA SER A 4 -32.78 44.28 0.55
C SER A 4 -31.26 44.18 0.45
N LYS A 5 -30.58 45.21 0.96
CA LYS A 5 -29.11 45.24 0.93
C LYS A 5 -28.53 44.21 1.88
N LEU A 6 -29.09 44.11 3.07
CA LEU A 6 -28.63 43.16 4.07
C LEU A 6 -28.80 41.73 3.59
N ARG A 7 -29.93 41.47 2.92
CA ARG A 7 -30.22 40.13 2.41
C ARG A 7 -29.26 39.78 1.27
N GLU A 8 -29.12 40.68 0.31
CA GLU A 8 -28.24 40.46 -0.83
C GLU A 8 -26.79 40.38 -0.39
N GLN A 9 -26.43 41.19 0.61
CA GLN A 9 -25.07 41.20 1.13
C GLN A 9 -24.82 40.00 2.04
N LEU A 10 -25.89 39.48 2.64
CA LEU A 10 -25.78 38.34 3.54
C LEU A 10 -25.06 37.18 2.86
N GLY A 11 -25.40 36.93 1.60
CA GLY A 11 -24.77 35.85 0.87
C GLY A 11 -25.78 34.89 0.27
N PRO A 12 -26.38 35.28 -0.86
CA PRO A 12 -27.38 34.46 -1.56
C PRO A 12 -26.77 33.21 -2.20
N VAL A 13 -25.66 33.41 -2.91
CA VAL A 13 -24.97 32.30 -3.57
C VAL A 13 -24.63 31.20 -2.58
N THR A 14 -24.24 31.59 -1.37
CA THR A 14 -23.88 30.63 -0.33
C THR A 14 -25.12 29.92 0.20
N GLN A 15 -26.09 30.69 0.69
CA GLN A 15 -27.32 30.12 1.22
C GLN A 15 -28.03 29.27 0.18
N GLU A 16 -27.94 29.69 -1.07
CA GLU A 16 -28.57 28.97 -2.17
C GLU A 16 -27.88 27.64 -2.42
N PHE A 17 -26.54 27.67 -2.43
CA PHE A 17 -25.76 26.47 -2.65
C PHE A 17 -26.05 25.41 -1.60
N TRP A 18 -26.01 25.81 -0.34
CA TRP A 18 -26.27 24.90 0.77
C TRP A 18 -27.74 24.47 0.78
N ASP A 19 -28.62 25.40 0.43
CA ASP A 19 -30.06 25.11 0.41
C ASP A 19 -30.38 24.11 -0.68
N ASN A 20 -29.94 24.39 -1.90
CA ASN A 20 -30.20 23.50 -3.04
C ASN A 20 -29.58 22.13 -2.80
N LEU A 21 -28.34 22.10 -2.34
CA LEU A 21 -27.65 20.85 -2.07
C LEU A 21 -28.39 20.04 -1.02
N GLU A 22 -28.61 20.64 0.14
CA GLU A 22 -29.32 19.96 1.23
C GLU A 22 -30.73 19.58 0.80
N LYS A 23 -31.35 20.40 -0.04
CA LYS A 23 -32.70 20.15 -0.53
C LYS A 23 -32.78 18.80 -1.22
N GLU A 24 -31.87 18.56 -2.16
CA GLU A 24 -31.85 17.30 -2.89
C GLU A 24 -31.34 16.17 -2.00
N THR A 25 -30.44 16.50 -1.08
CA THR A 25 -29.88 15.51 -0.17
C THR A 25 -30.95 14.95 0.76
N GLU A 26 -32.01 15.72 0.97
CA GLU A 26 -33.11 15.30 1.85
C GLU A 26 -33.58 13.90 1.48
N GLY A 27 -33.49 13.55 0.20
CA GLY A 27 -33.91 12.25 -0.25
C GLY A 27 -33.30 11.12 0.58
N LEU A 28 -32.12 11.38 1.13
CA LEU A 28 -31.43 10.39 1.96
C LEU A 28 -32.37 9.79 3.00
N ARG A 29 -33.28 10.61 3.51
CA ARG A 29 -34.24 10.17 4.50
C ARG A 29 -35.13 9.05 3.96
N GLN A 30 -35.70 9.29 2.77
CA GLN A 30 -36.57 8.32 2.14
C GLN A 30 -35.83 7.02 1.87
N GLU A 31 -34.60 7.13 1.38
CA GLU A 31 -33.79 5.95 1.08
C GLU A 31 -33.62 5.08 2.31
N MET A 32 -33.23 5.70 3.42
CA MET A 32 -33.04 4.98 4.68
C MET A 32 -34.31 4.26 5.09
N SER A 33 -35.45 4.94 4.93
CA SER A 33 -36.73 4.37 5.31
C SER A 33 -36.99 3.08 4.55
N LYS A 34 -36.82 3.13 3.23
CA LYS A 34 -37.03 1.96 2.39
C LYS A 34 -36.13 0.81 2.80
N ASP A 35 -34.86 1.12 3.06
CA ASP A 35 -33.89 0.12 3.48
C ASP A 35 -34.37 -0.62 4.73
N LEU A 36 -34.83 0.14 5.72
CA LEU A 36 -35.31 -0.44 6.97
C LEU A 36 -36.45 -1.41 6.70
N GLU A 37 -37.44 -0.97 5.93
CA GLU A 37 -38.59 -1.81 5.60
C GLU A 37 -38.14 -3.14 5.01
N GLU A 38 -37.23 -3.07 4.05
CA GLU A 38 -36.72 -4.27 3.40
C GLU A 38 -35.97 -5.15 4.39
N VAL A 39 -35.27 -4.51 5.33
CA VAL A 39 -34.51 -5.23 6.34
C VAL A 39 -35.43 -6.04 7.26
N LYS A 40 -36.63 -5.50 7.50
CA LYS A 40 -37.60 -6.18 8.36
C LYS A 40 -38.23 -7.36 7.64
N ALA A 41 -38.76 -7.11 6.44
CA ALA A 41 -39.39 -8.17 5.66
C ALA A 41 -38.38 -9.27 5.30
N LYS A 42 -37.14 -8.88 5.11
CA LYS A 42 -36.08 -9.83 4.78
C LYS A 42 -35.63 -10.61 6.01
N VAL A 43 -35.66 -9.94 7.16
CA VAL A 43 -35.26 -10.57 8.41
C VAL A 43 -36.11 -11.81 8.69
N GLN A 44 -37.41 -11.69 8.49
CA GLN A 44 -38.32 -12.81 8.73
C GLN A 44 -37.75 -14.11 8.17
N PRO A 45 -37.60 -14.17 6.84
CA PRO A 45 -37.06 -15.35 6.16
C PRO A 45 -35.58 -15.56 6.43
N TYR A 46 -34.85 -14.46 6.63
CA TYR A 46 -33.43 -14.52 6.91
C TYR A 46 -33.14 -15.36 8.15
N LEU A 47 -34.13 -15.44 9.03
CA LEU A 47 -33.98 -16.21 10.26
C LEU A 47 -33.98 -17.70 9.97
N ASP A 48 -34.97 -18.16 9.20
CA ASP A 48 -35.09 -19.57 8.84
C ASP A 48 -33.90 -20.00 7.99
N ASP A 49 -33.42 -19.10 7.14
CA ASP A 49 -32.30 -19.39 6.26
C ASP A 49 -31.03 -19.63 7.08
N PHE A 50 -30.75 -18.75 8.03
CA PHE A 50 -29.58 -18.87 8.88
C PHE A 50 -29.55 -20.22 9.59
N GLN A 51 -30.66 -20.52 10.28
CA GLN A 51 -30.78 -21.78 11.01
C GLN A 51 -30.74 -22.98 10.07
N LYS A 52 -31.46 -22.87 8.95
CA LYS A 52 -31.52 -23.94 7.96
C LYS A 52 -30.14 -24.16 7.33
N LYS A 53 -29.30 -23.12 7.38
CA LYS A 53 -27.96 -23.21 6.81
C LYS A 53 -27.06 -24.09 7.67
N TRP A 54 -27.06 -23.84 8.97
CA TRP A 54 -26.23 -24.61 9.89
C TRP A 54 -26.70 -26.06 9.94
N GLN A 55 -28.00 -26.27 9.70
CA GLN A 55 -28.57 -27.62 9.73
C GLN A 55 -27.97 -28.48 8.62
N GLU A 56 -28.09 -28.01 7.38
CA GLU A 56 -27.57 -28.74 6.24
C GLU A 56 -26.05 -28.71 6.22
N GLU A 57 -25.48 -27.59 6.67
CA GLU A 57 -24.03 -27.43 6.71
C GLU A 57 -23.41 -28.35 7.75
N MET A 58 -24.12 -28.55 8.85
CA MET A 58 -23.63 -29.41 9.93
C MET A 58 -23.60 -30.86 9.49
N GLU A 59 -24.74 -31.36 9.00
CA GLU A 59 -24.83 -32.74 8.55
C GLU A 59 -23.94 -32.98 7.34
N LEU A 60 -23.82 -31.98 6.48
CA LEU A 60 -23.00 -32.08 5.28
C LEU A 60 -21.52 -31.93 5.62
N TYR A 61 -21.24 -31.23 6.72
CA TYR A 61 -19.86 -31.02 7.15
C TYR A 61 -19.19 -32.35 7.49
N ARG A 62 -19.81 -33.11 8.38
CA ARG A 62 -19.27 -34.40 8.79
C ARG A 62 -19.48 -35.45 7.70
N GLN A 63 -20.59 -35.33 6.99
CA GLN A 63 -20.92 -36.27 5.91
C GLN A 63 -19.97 -36.11 4.74
N LYS A 64 -19.36 -34.92 4.63
CA LYS A 64 -18.43 -34.65 3.56
C LYS A 64 -17.01 -35.08 3.93
N VAL A 65 -16.61 -34.77 5.17
CA VAL A 65 -15.29 -35.12 5.65
C VAL A 65 -15.08 -36.63 5.61
N GLU A 66 -16.15 -37.39 5.82
CA GLU A 66 -16.08 -38.84 5.81
C GLU A 66 -15.53 -39.35 4.48
N PRO A 67 -16.28 -39.11 3.39
CA PRO A 67 -15.88 -39.54 2.05
C PRO A 67 -14.70 -38.75 1.52
N LEU A 68 -14.81 -37.42 1.56
CA LEU A 68 -13.76 -36.55 1.09
C LEU A 68 -12.52 -36.63 1.98
N GLY A 69 -12.68 -36.21 3.23
CA GLY A 69 -11.57 -36.26 4.17
C GLY A 69 -10.81 -37.57 4.10
N GLU A 70 -11.52 -38.65 3.80
CA GLU A 70 -10.90 -39.97 3.70
C GLU A 70 -10.11 -40.11 2.40
N GLU A 71 -10.72 -39.67 1.30
CA GLU A 71 -10.08 -39.75 -0.01
C GLU A 71 -8.89 -38.81 -0.09
N MET A 72 -9.06 -37.61 0.45
CA MET A 72 -8.00 -36.61 0.44
C MET A 72 -6.83 -37.04 1.33
N ARG A 73 -7.16 -37.50 2.53
CA ARG A 73 -6.14 -37.95 3.47
C ARG A 73 -5.43 -39.21 2.96
N ASP A 74 -6.20 -40.12 2.40
CA ASP A 74 -5.65 -41.36 1.86
C ASP A 74 -4.84 -41.10 0.60
N ARG A 75 -5.45 -40.42 -0.36
CA ARG A 75 -4.79 -40.11 -1.62
C ARG A 75 -3.54 -39.27 -1.38
N ALA A 76 -3.62 -38.34 -0.44
CA ALA A 76 -2.50 -37.48 -0.12
C ALA A 76 -1.33 -38.29 0.43
N ARG A 77 -1.64 -39.26 1.28
CA ARG A 77 -0.61 -40.12 1.87
C ARG A 77 0.18 -40.85 0.79
N ALA A 78 -0.54 -41.54 -0.10
CA ALA A 78 0.09 -42.28 -1.17
C ALA A 78 0.87 -41.36 -2.10
N HIS A 79 0.19 -40.33 -2.61
CA HIS A 79 0.83 -39.37 -3.51
C HIS A 79 2.06 -38.74 -2.85
N VAL A 80 1.92 -38.34 -1.59
CA VAL A 80 3.01 -37.72 -0.86
C VAL A 80 4.21 -38.67 -0.76
N ASP A 81 3.95 -39.90 -0.30
CA ASP A 81 5.01 -40.89 -0.16
C ASP A 81 5.86 -40.95 -1.42
N ALA A 82 5.21 -41.12 -2.56
CA ALA A 82 5.92 -41.19 -3.84
C ALA A 82 6.61 -39.87 -4.16
N LEU A 83 5.92 -38.76 -3.91
CA LEU A 83 6.47 -37.44 -4.17
C LEU A 83 7.76 -37.22 -3.40
N ARG A 84 7.78 -37.62 -2.13
CA ARG A 84 8.95 -37.48 -1.29
C ARG A 84 10.08 -38.38 -1.77
N THR A 85 9.74 -39.63 -2.09
CA THR A 85 10.72 -40.59 -2.56
C THR A 85 11.47 -40.06 -3.79
N HIS A 86 10.74 -39.45 -4.69
CA HIS A 86 11.33 -38.90 -5.91
C HIS A 86 11.95 -37.53 -5.64
N LEU A 87 11.35 -36.78 -4.72
CA LEU A 87 11.83 -35.46 -4.37
C LEU A 87 13.15 -35.54 -3.62
N ALA A 88 13.38 -36.68 -2.97
CA ALA A 88 14.61 -36.90 -2.21
C ALA A 88 15.84 -36.65 -3.08
N PRO A 89 16.00 -37.46 -4.14
CA PRO A 89 17.12 -37.35 -5.06
C PRO A 89 17.05 -36.09 -5.93
N TYR A 90 15.86 -35.80 -6.43
CA TYR A 90 15.64 -34.62 -7.27
C TYR A 90 16.05 -33.35 -6.52
N SER A 91 15.83 -33.35 -5.21
CA SER A 91 16.16 -32.20 -4.39
C SER A 91 17.63 -31.80 -4.56
N ASP A 92 18.51 -32.78 -4.38
CA ASP A 92 19.95 -32.54 -4.51
C ASP A 92 20.31 -32.21 -5.96
N GLU A 93 19.57 -32.79 -6.89
CA GLU A 93 19.82 -32.55 -8.32
C GLU A 93 19.52 -31.10 -8.69
N LEU A 94 18.32 -30.64 -8.32
CA LEU A 94 17.90 -29.27 -8.61
C LEU A 94 18.87 -28.27 -8.01
N ARG A 95 19.18 -28.44 -6.73
CA ARG A 95 20.10 -27.55 -6.03
C ARG A 95 21.46 -27.52 -6.73
N GLN A 96 21.88 -28.67 -7.25
CA GLN A 96 23.16 -28.76 -7.93
C GLN A 96 23.18 -27.88 -9.17
N ARG A 97 22.18 -28.05 -10.03
CA ARG A 97 22.08 -27.27 -11.26
C ARG A 97 21.89 -25.79 -10.95
N LEU A 98 20.96 -25.49 -10.05
CA LEU A 98 20.67 -24.12 -9.66
C LEU A 98 21.91 -23.45 -9.06
N ALA A 99 22.53 -24.12 -8.09
CA ALA A 99 23.72 -23.59 -7.44
C ALA A 99 24.80 -23.27 -8.45
N ALA A 100 24.89 -24.09 -9.50
CA ALA A 100 25.88 -23.90 -10.55
C ALA A 100 25.46 -22.79 -11.50
N ARG A 101 24.15 -22.65 -11.70
CA ARG A 101 23.63 -21.63 -12.59
C ARG A 101 23.82 -20.23 -12.00
N LEU A 102 23.45 -20.08 -10.74
CA LEU A 102 23.58 -18.80 -10.05
C LEU A 102 25.04 -18.44 -9.85
N GLU A 103 25.81 -19.37 -9.32
CA GLU A 103 27.24 -19.15 -9.08
C GLU A 103 27.96 -18.83 -10.38
N ALA A 104 27.51 -19.43 -11.48
CA ALA A 104 28.11 -19.21 -12.78
C ALA A 104 27.73 -17.83 -13.33
N LEU A 105 26.45 -17.49 -13.23
CA LEU A 105 25.96 -16.22 -13.71
C LEU A 105 26.71 -15.06 -13.07
N LYS A 106 26.97 -15.18 -11.77
CA LYS A 106 27.68 -14.15 -11.04
C LYS A 106 29.17 -14.18 -11.36
N GLU A 107 29.70 -15.38 -11.64
CA GLU A 107 31.10 -15.55 -11.96
C GLU A 107 31.50 -14.66 -13.13
N ASN A 108 30.81 -14.82 -14.25
CA ASN A 108 31.09 -14.04 -15.45
C ASN A 108 30.59 -12.61 -15.29
N GLY A 109 29.58 -12.43 -14.44
CA GLY A 109 29.03 -11.10 -14.21
C GLY A 109 30.09 -10.09 -13.84
N GLY A 110 31.11 -10.54 -13.10
CA GLY A 110 32.17 -9.65 -12.70
C GLY A 110 32.78 -8.88 -13.86
N ALA A 111 32.82 -9.52 -15.03
CA ALA A 111 33.37 -8.88 -16.22
C ALA A 111 32.35 -7.95 -16.86
N ARG A 112 31.07 -8.22 -16.62
CA ARG A 112 30.00 -7.39 -17.17
C ARG A 112 29.93 -6.05 -16.46
N LEU A 113 30.25 -6.05 -15.17
CA LEU A 113 30.21 -4.82 -14.37
C LEU A 113 31.23 -3.81 -14.89
N ALA A 114 32.38 -4.30 -15.31
CA ALA A 114 33.44 -3.43 -15.83
C ALA A 114 33.07 -2.89 -17.21
N GLU A 115 32.67 -3.79 -18.10
CA GLU A 115 32.29 -3.40 -19.46
C GLU A 115 31.07 -2.49 -19.44
N TYR A 116 30.09 -2.83 -18.60
CA TYR A 116 28.87 -2.05 -18.49
C TYR A 116 29.16 -0.64 -17.99
N HIS A 117 29.99 -0.55 -16.96
CA HIS A 117 30.37 0.74 -16.38
C HIS A 117 30.91 1.67 -17.45
N ALA A 118 31.84 1.16 -18.26
CA ALA A 118 32.45 1.95 -19.32
C ALA A 118 31.40 2.40 -20.34
N LYS A 119 30.37 1.56 -20.53
CA LYS A 119 29.30 1.87 -21.48
C LYS A 119 28.36 2.92 -20.90
N ALA A 120 27.89 2.70 -19.68
CA ALA A 120 26.98 3.62 -19.03
C ALA A 120 27.67 4.95 -18.75
N THR A 121 28.92 4.89 -18.33
CA THR A 121 29.69 6.09 -18.02
C THR A 121 29.85 6.97 -19.26
N GLU A 122 30.22 6.36 -20.38
CA GLU A 122 30.40 7.10 -21.62
C GLU A 122 29.07 7.65 -22.13
N HIS A 123 28.01 6.87 -21.93
CA HIS A 123 26.68 7.29 -22.36
C HIS A 123 26.27 8.61 -21.72
N LEU A 124 26.53 8.73 -20.41
CA LEU A 124 26.19 9.93 -19.68
C LEU A 124 27.13 11.08 -20.05
N SER A 125 28.36 10.73 -20.42
CA SER A 125 29.35 11.73 -20.80
C SER A 125 28.85 12.58 -21.96
N THR A 126 28.39 11.91 -23.02
CA THR A 126 27.88 12.61 -24.19
C THR A 126 26.58 13.33 -23.88
N LEU A 127 25.63 12.61 -23.30
CA LEU A 127 24.33 13.19 -22.95
C LEU A 127 24.51 14.44 -22.09
N SER A 128 25.23 14.28 -20.98
CA SER A 128 25.47 15.40 -20.07
C SER A 128 26.08 16.58 -20.81
N GLU A 129 26.91 16.30 -21.80
CA GLU A 129 27.57 17.34 -22.58
C GLU A 129 26.53 18.22 -23.27
N LYS A 130 25.56 17.59 -23.91
CA LYS A 130 24.51 18.32 -24.61
C LYS A 130 23.47 18.86 -23.63
N ALA A 131 23.28 18.15 -22.53
CA ALA A 131 22.32 18.55 -21.50
C ALA A 131 22.78 19.83 -20.80
N LYS A 132 24.09 20.10 -20.86
CA LYS A 132 24.65 21.28 -20.24
C LYS A 132 24.02 22.55 -20.79
N PRO A 133 24.23 22.79 -22.10
CA PRO A 133 23.69 23.97 -22.78
C PRO A 133 22.17 23.90 -22.94
N ALA A 134 21.63 22.68 -22.93
CA ALA A 134 20.19 22.49 -23.07
C ALA A 134 19.47 22.82 -21.77
N LEU A 135 20.14 22.57 -20.64
CA LEU A 135 19.56 22.84 -19.33
C LEU A 135 19.51 24.34 -19.06
N GLU A 136 20.53 25.05 -19.52
CA GLU A 136 20.62 26.49 -19.32
C GLU A 136 19.35 27.18 -19.83
N ASP A 137 18.96 26.88 -21.06
CA ASP A 137 17.77 27.47 -21.66
C ASP A 137 16.51 26.81 -21.10
N LEU A 138 16.62 25.54 -20.75
CA LEU A 138 15.48 24.80 -20.21
C LEU A 138 15.00 25.41 -18.91
N ARG A 139 15.94 25.63 -17.98
CA ARG A 139 15.60 26.21 -16.68
C ARG A 139 15.15 27.66 -16.84
N GLN A 140 15.77 28.38 -17.77
CA GLN A 140 15.43 29.77 -18.03
C GLN A 140 13.95 29.91 -18.37
N GLY A 141 13.48 29.09 -19.29
CA GLY A 141 12.08 29.13 -19.69
C GLY A 141 11.15 28.69 -18.59
N LEU A 142 11.63 27.81 -17.72
CA LEU A 142 10.82 27.31 -16.61
C LEU A 142 10.49 28.43 -15.63
N LEU A 143 11.42 29.37 -15.49
CA LEU A 143 11.23 30.49 -14.58
C LEU A 143 9.88 31.16 -14.81
N PRO A 144 9.67 31.68 -16.03
CA PRO A 144 8.42 32.35 -16.40
C PRO A 144 7.25 31.37 -16.51
N VAL A 145 7.52 30.19 -17.06
CA VAL A 145 6.49 29.17 -17.23
C VAL A 145 5.87 28.79 -15.88
N LEU A 146 6.72 28.42 -14.93
CA LEU A 146 6.25 28.02 -13.61
C LEU A 146 5.51 29.18 -12.93
N GLU A 147 5.97 30.40 -13.19
CA GLU A 147 5.35 31.58 -12.61
C GLU A 147 3.93 31.77 -13.15
N SER A 148 3.73 31.43 -14.42
CA SER A 148 2.43 31.56 -15.06
C SER A 148 1.38 30.73 -14.32
N PHE A 149 1.72 29.48 -14.05
CA PHE A 149 0.81 28.57 -13.36
C PHE A 149 0.53 29.06 -11.94
N LYS A 150 1.58 29.51 -11.26
CA LYS A 150 1.46 30.01 -9.90
C LYS A 150 0.59 31.26 -9.86
N VAL A 151 0.80 32.16 -10.81
CA VAL A 151 0.03 33.40 -10.88
C VAL A 151 -1.47 33.12 -10.93
N SER A 152 -1.85 32.13 -11.75
CA SER A 152 -3.25 31.77 -11.89
C SER A 152 -3.84 31.34 -10.55
N PHE A 153 -3.15 30.43 -9.86
CA PHE A 153 -3.61 29.95 -8.57
C PHE A 153 -3.70 31.09 -7.56
N LEU A 154 -2.74 31.99 -7.61
CA LEU A 154 -2.71 33.14 -6.71
C LEU A 154 -3.93 34.02 -6.89
N SER A 155 -4.41 34.10 -8.13
CA SER A 155 -5.59 34.91 -8.44
C SER A 155 -6.85 34.27 -7.89
N ALA A 156 -6.86 32.95 -7.83
CA ALA A 156 -8.02 32.22 -7.32
C ALA A 156 -8.22 32.49 -5.82
N LEU A 157 -7.16 32.28 -5.05
CA LEU A 157 -7.23 32.51 -3.60
C LEU A 157 -7.43 33.98 -3.29
N GLU A 158 -6.70 34.84 -3.99
CA GLU A 158 -6.82 36.28 -3.79
C GLU A 158 -8.21 36.78 -4.15
N GLU A 159 -8.81 36.16 -5.17
CA GLU A 159 -10.13 36.54 -5.61
C GLU A 159 -11.17 36.32 -4.51
N TYR A 160 -11.15 35.13 -3.93
CA TYR A 160 -12.07 34.79 -2.86
C TYR A 160 -11.96 35.76 -1.69
N THR A 161 -10.72 36.05 -1.30
CA THR A 161 -10.46 36.97 -0.19
C THR A 161 -10.96 38.37 -0.52
N LYS A 162 -10.65 38.84 -1.72
CA LYS A 162 -11.06 40.16 -2.15
C LYS A 162 -12.57 40.33 -2.04
N LYS A 163 -13.31 39.41 -2.64
CA LYS A 163 -14.76 39.46 -2.61
C LYS A 163 -15.27 39.48 -1.17
N LEU A 164 -14.71 38.62 -0.33
CA LEU A 164 -15.10 38.56 1.08
C LEU A 164 -14.93 39.92 1.75
N ASN A 165 -13.88 40.63 1.38
CA ASN A 165 -13.60 41.95 1.95
C ASN A 165 -13.10 41.82 3.38
N THR A 166 -13.98 41.40 4.28
CA THR A 166 -13.62 41.24 5.69
C THR A 166 -13.55 42.58 6.39
N GLN A 167 -12.72 43.48 5.85
CA GLN A 167 -12.57 44.82 6.43
C GLN A 167 -11.81 45.74 5.48
N SER B 1 59.10 -2.59 -22.45
CA SER B 1 58.46 -1.29 -22.22
C SER B 1 57.54 -1.35 -21.00
N THR B 2 57.53 -0.27 -20.23
CA THR B 2 56.70 -0.20 -19.03
C THR B 2 55.30 0.30 -19.37
N PHE B 3 54.46 0.41 -18.34
CA PHE B 3 53.09 0.86 -18.52
C PHE B 3 52.50 1.37 -17.21
N SER B 4 53.32 2.07 -16.44
CA SER B 4 52.89 2.61 -15.15
C SER B 4 51.77 3.63 -15.34
N LYS B 5 51.86 4.42 -16.41
CA LYS B 5 50.86 5.42 -16.71
C LYS B 5 49.55 4.78 -17.13
N LEU B 6 49.64 3.76 -17.98
CA LEU B 6 48.46 3.05 -18.47
C LEU B 6 47.72 2.36 -17.33
N ARG B 7 48.50 1.79 -16.40
CA ARG B 7 47.92 1.10 -15.25
C ARG B 7 47.23 2.09 -14.31
N GLU B 8 47.93 3.16 -13.97
CA GLU B 8 47.39 4.18 -13.07
C GLU B 8 46.22 4.89 -13.71
N GLN B 9 46.29 5.10 -15.03
CA GLN B 9 45.23 5.76 -15.75
C GLN B 9 44.06 4.82 -16.01
N LEU B 10 44.34 3.53 -16.04
CA LEU B 10 43.32 2.52 -16.26
C LEU B 10 42.16 2.68 -15.28
N GLY B 11 42.50 2.92 -14.01
CA GLY B 11 41.48 3.10 -13.00
C GLY B 11 41.69 2.16 -11.81
N PRO B 12 42.61 2.54 -10.91
CA PRO B 12 42.91 1.74 -9.72
C PRO B 12 41.77 1.77 -8.70
N VAL B 13 41.27 2.96 -8.42
CA VAL B 13 40.18 3.13 -7.47
C VAL B 13 38.98 2.26 -7.84
N THR B 14 38.72 2.15 -9.14
CA THR B 14 37.61 1.34 -9.63
C THR B 14 37.89 -0.14 -9.47
N GLN B 15 39.00 -0.60 -10.06
CA GLN B 15 39.38 -2.00 -9.99
C GLN B 15 39.54 -2.45 -8.54
N GLU B 16 40.02 -1.54 -7.69
CA GLU B 16 40.22 -1.84 -6.28
C GLU B 16 38.87 -1.99 -5.56
N PHE B 17 37.95 -1.08 -5.85
CA PHE B 17 36.64 -1.10 -5.23
C PHE B 17 35.91 -2.42 -5.55
N TRP B 18 35.90 -2.78 -6.82
CA TRP B 18 35.24 -4.01 -7.26
C TRP B 18 36.00 -5.23 -6.76
N ASP B 19 37.32 -5.14 -6.73
CA ASP B 19 38.15 -6.24 -6.27
C ASP B 19 37.95 -6.50 -4.79
N ASN B 20 38.07 -5.45 -3.98
CA ASN B 20 37.89 -5.57 -2.54
C ASN B 20 36.48 -6.04 -2.20
N LEU B 21 35.49 -5.44 -2.84
CA LEU B 21 34.09 -5.81 -2.60
C LEU B 21 33.86 -7.27 -2.93
N GLU B 22 34.17 -7.66 -4.17
CA GLU B 22 33.99 -9.03 -4.61
C GLU B 22 34.83 -9.99 -3.77
N LYS B 23 36.00 -9.52 -3.34
CA LYS B 23 36.90 -10.34 -2.52
C LYS B 23 36.19 -10.82 -1.26
N GLU B 24 35.59 -9.89 -0.53
CA GLU B 24 34.88 -10.22 0.70
C GLU B 24 33.57 -10.95 0.40
N THR B 25 32.96 -10.61 -0.74
CA THR B 25 31.71 -11.24 -1.14
C THR B 25 31.90 -12.72 -1.44
N GLU B 26 33.14 -13.09 -1.77
CA GLU B 26 33.44 -14.49 -2.08
C GLU B 26 32.91 -15.41 -0.99
N GLY B 27 32.89 -14.92 0.24
CA GLY B 27 32.41 -15.73 1.35
C GLY B 27 31.05 -16.34 1.07
N LEU B 28 30.27 -15.68 0.23
CA LEU B 28 28.93 -16.17 -0.12
C LEU B 28 28.99 -17.64 -0.52
N ARG B 29 30.08 -18.03 -1.17
CA ARG B 29 30.24 -19.41 -1.59
C ARG B 29 30.26 -20.36 -0.40
N GLN B 30 31.07 -20.04 0.59
CA GLN B 30 31.18 -20.87 1.79
C GLN B 30 29.83 -20.97 2.50
N GLU B 31 29.14 -19.84 2.61
CA GLU B 31 27.84 -19.80 3.27
C GLU B 31 26.87 -20.78 2.61
N MET B 32 26.77 -20.71 1.29
CA MET B 32 25.89 -21.59 0.54
C MET B 32 26.23 -23.06 0.79
N SER B 33 27.52 -23.36 0.84
CA SER B 33 27.98 -24.72 1.07
C SER B 33 27.46 -25.25 2.40
N LYS B 34 27.64 -24.47 3.45
CA LYS B 34 27.19 -24.86 4.79
C LYS B 34 25.69 -25.11 4.80
N ASP B 35 24.94 -24.20 4.16
CA ASP B 35 23.49 -24.32 4.10
C ASP B 35 23.07 -25.65 3.51
N LEU B 36 23.70 -26.01 2.38
CA LEU B 36 23.39 -27.28 1.70
C LEU B 36 23.61 -28.46 2.64
N GLU B 37 24.78 -28.49 3.27
CA GLU B 37 25.11 -29.57 4.19
C GLU B 37 24.03 -29.73 5.26
N GLU B 38 23.62 -28.62 5.85
CA GLU B 38 22.59 -28.64 6.89
C GLU B 38 21.25 -29.11 6.32
N VAL B 39 21.00 -28.75 5.06
CA VAL B 39 19.75 -29.14 4.40
C VAL B 39 19.69 -30.65 4.20
N LYS B 40 20.84 -31.26 3.98
CA LYS B 40 20.91 -32.71 3.78
C LYS B 40 20.73 -33.45 5.09
N ALA B 41 21.54 -33.09 6.09
CA ALA B 41 21.47 -33.73 7.40
C ALA B 41 20.09 -33.54 8.03
N LYS B 42 19.49 -32.37 7.78
CA LYS B 42 18.17 -32.07 8.32
C LYS B 42 17.08 -32.79 7.53
N VAL B 43 17.31 -32.95 6.23
CA VAL B 43 16.34 -33.63 5.37
C VAL B 43 16.00 -35.01 5.90
N GLN B 44 17.04 -35.77 6.25
CA GLN B 44 16.85 -37.13 6.76
C GLN B 44 15.70 -37.17 7.76
N PRO B 45 15.88 -36.50 8.91
CA PRO B 45 14.86 -36.45 9.96
C PRO B 45 13.64 -35.62 9.56
N TYR B 46 13.87 -34.63 8.71
CA TYR B 46 12.79 -33.75 8.25
C TYR B 46 11.70 -34.57 7.57
N LEU B 47 12.07 -35.74 7.05
CA LEU B 47 11.12 -36.61 6.38
C LEU B 47 10.22 -37.33 7.38
N ASP B 48 10.85 -37.93 8.40
CA ASP B 48 10.11 -38.64 9.43
C ASP B 48 9.13 -37.71 10.15
N ASP B 49 9.53 -36.45 10.30
CA ASP B 49 8.69 -35.46 10.97
C ASP B 49 7.45 -35.15 10.13
N PHE B 50 7.66 -34.90 8.84
CA PHE B 50 6.57 -34.58 7.93
C PHE B 50 5.52 -35.67 7.95
N GLN B 51 5.95 -36.91 7.75
CA GLN B 51 5.03 -38.04 7.74
C GLN B 51 4.40 -38.25 9.10
N LYS B 52 5.21 -38.16 10.15
CA LYS B 52 4.73 -38.32 11.51
C LYS B 52 3.72 -37.23 11.88
N LYS B 53 3.78 -36.12 11.16
CA LYS B 53 2.88 -35.00 11.39
C LYS B 53 1.48 -35.32 10.88
N TRP B 54 1.40 -35.77 9.64
CA TRP B 54 0.12 -36.11 9.03
C TRP B 54 -0.54 -37.28 9.77
N GLN B 55 0.28 -38.15 10.33
CA GLN B 55 -0.23 -39.31 11.07
C GLN B 55 -0.99 -38.86 12.31
N GLU B 56 -0.33 -38.10 13.17
CA GLU B 56 -0.94 -37.61 14.40
C GLU B 56 -2.01 -36.56 14.09
N GLU B 57 -1.76 -35.76 13.06
CA GLU B 57 -2.70 -34.71 12.66
C GLU B 57 -3.97 -35.31 12.08
N MET B 58 -3.83 -36.45 11.42
CA MET B 58 -4.96 -37.13 10.80
C MET B 58 -5.89 -37.71 11.88
N GLU B 59 -5.31 -38.51 12.77
CA GLU B 59 -6.09 -39.13 13.84
C GLU B 59 -6.62 -38.07 14.81
N LEU B 60 -5.84 -37.03 15.03
CA LEU B 60 -6.22 -35.95 15.93
C LEU B 60 -7.26 -35.04 15.27
N TYR B 61 -7.23 -34.98 13.94
CA TYR B 61 -8.16 -34.15 13.20
C TYR B 61 -9.60 -34.60 13.42
N ARG B 62 -9.85 -35.88 13.16
CA ARG B 62 -11.20 -36.44 13.33
C ARG B 62 -11.50 -36.65 14.81
N GLN B 63 -10.48 -36.98 15.58
CA GLN B 63 -10.64 -37.21 17.01
C GLN B 63 -10.97 -35.91 17.74
N LYS B 64 -10.60 -34.79 17.14
CA LYS B 64 -10.84 -33.48 17.72
C LYS B 64 -12.22 -32.95 17.31
N VAL B 65 -12.52 -33.06 16.01
CA VAL B 65 -13.79 -32.59 15.50
C VAL B 65 -14.96 -33.29 16.18
N GLU B 66 -14.74 -34.56 16.55
CA GLU B 66 -15.77 -35.34 17.21
C GLU B 66 -16.25 -34.66 18.48
N PRO B 67 -15.35 -34.55 19.47
CA PRO B 67 -15.65 -33.91 20.76
C PRO B 67 -15.84 -32.41 20.64
N LEU B 68 -14.87 -31.74 20.00
CA LEU B 68 -14.93 -30.30 19.82
C LEU B 68 -16.04 -29.92 18.84
N GLY B 69 -15.87 -30.33 17.59
CA GLY B 69 -16.85 -30.03 16.56
C GLY B 69 -18.28 -30.25 17.05
N GLU B 70 -18.45 -31.23 17.94
CA GLU B 70 -19.77 -31.52 18.49
C GLU B 70 -20.18 -30.50 19.54
N GLU B 71 -19.25 -30.21 20.46
CA GLU B 71 -19.52 -29.24 21.52
C GLU B 71 -19.67 -27.84 20.96
N MET B 72 -18.75 -27.46 20.08
CA MET B 72 -18.79 -26.14 19.45
C MET B 72 -20.04 -25.97 18.60
N ARG B 73 -20.27 -26.92 17.71
CA ARG B 73 -21.43 -26.87 16.82
C ARG B 73 -22.72 -26.88 17.63
N ASP B 74 -22.78 -27.73 18.65
CA ASP B 74 -23.95 -27.83 19.51
C ASP B 74 -24.17 -26.55 20.30
N ARG B 75 -23.12 -26.10 20.98
CA ARG B 75 -23.19 -24.89 21.79
C ARG B 75 -23.53 -23.68 20.92
N ALA B 76 -23.05 -23.69 19.68
CA ALA B 76 -23.32 -22.60 18.75
C ALA B 76 -24.80 -22.50 18.42
N ARG B 77 -25.42 -23.65 18.15
CA ARG B 77 -26.84 -23.68 17.82
C ARG B 77 -27.68 -23.10 18.96
N ALA B 78 -27.47 -23.60 20.17
CA ALA B 78 -28.20 -23.13 21.33
C ALA B 78 -27.96 -21.64 21.56
N HIS B 79 -26.69 -21.26 21.67
CA HIS B 79 -26.33 -19.87 21.89
C HIS B 79 -26.89 -18.97 20.79
N VAL B 80 -26.78 -19.42 19.55
CA VAL B 80 -27.28 -18.67 18.41
C VAL B 80 -28.79 -18.45 18.52
N ASP B 81 -29.53 -19.53 18.75
CA ASP B 81 -30.98 -19.45 18.88
C ASP B 81 -31.38 -18.31 19.83
N ALA B 82 -30.79 -18.30 21.01
CA ALA B 82 -31.07 -17.27 22.00
C ALA B 82 -30.63 -15.89 21.52
N LEU B 83 -29.43 -15.84 20.94
CA LEU B 83 -28.88 -14.59 20.43
C LEU B 83 -29.81 -13.97 19.39
N ARG B 84 -30.34 -14.81 18.50
CA ARG B 84 -31.24 -14.35 17.46
C ARG B 84 -32.56 -13.86 18.06
N THR B 85 -33.11 -14.63 18.98
CA THR B 85 -34.37 -14.28 19.62
C THR B 85 -34.29 -12.90 20.27
N HIS B 86 -33.16 -12.61 20.90
CA HIS B 86 -32.96 -11.33 21.56
C HIS B 86 -32.53 -10.27 20.54
N LEU B 87 -31.78 -10.69 19.53
CA LEU B 87 -31.30 -9.78 18.49
C LEU B 87 -32.45 -9.30 17.62
N ALA B 88 -33.51 -10.10 17.55
CA ALA B 88 -34.68 -9.77 16.76
C ALA B 88 -35.21 -8.38 17.13
N PRO B 89 -35.66 -8.23 18.38
CA PRO B 89 -36.20 -6.97 18.88
C PRO B 89 -35.13 -5.89 19.03
N TYR B 90 -33.98 -6.29 19.54
CA TYR B 90 -32.87 -5.36 19.74
C TYR B 90 -32.44 -4.74 18.42
N SER B 91 -32.54 -5.51 17.34
CA SER B 91 -32.17 -5.04 16.01
C SER B 91 -32.91 -3.76 15.67
N ASP B 92 -34.23 -3.80 15.79
CA ASP B 92 -35.06 -2.64 15.49
C ASP B 92 -34.80 -1.51 16.48
N GLU B 93 -34.48 -1.87 17.72
CA GLU B 93 -34.20 -0.89 18.75
C GLU B 93 -32.93 -0.10 18.44
N LEU B 94 -31.85 -0.83 18.15
CA LEU B 94 -30.57 -0.20 17.83
C LEU B 94 -30.71 0.73 16.62
N ARG B 95 -31.31 0.21 15.55
CA ARG B 95 -31.50 1.00 14.34
C ARG B 95 -32.30 2.26 14.63
N GLN B 96 -33.25 2.16 15.54
CA GLN B 96 -34.09 3.30 15.90
C GLN B 96 -33.26 4.41 16.52
N ARG B 97 -32.48 4.05 17.55
CA ARG B 97 -31.63 5.01 18.23
C ARG B 97 -30.56 5.57 17.29
N LEU B 98 -29.89 4.68 16.58
CA LEU B 98 -28.85 5.07 15.64
C LEU B 98 -29.41 5.99 14.56
N ALA B 99 -30.48 5.55 13.92
CA ALA B 99 -31.12 6.33 12.86
C ALA B 99 -31.47 7.74 13.36
N ALA B 100 -31.86 7.84 14.62
CA ALA B 100 -32.22 9.12 15.21
C ALA B 100 -30.98 9.93 15.57
N ARG B 101 -29.91 9.22 15.94
CA ARG B 101 -28.65 9.88 16.31
C ARG B 101 -27.99 10.50 15.08
N LEU B 102 -27.89 9.72 14.01
CA LEU B 102 -27.27 10.20 12.78
C LEU B 102 -28.11 11.28 12.13
N GLU B 103 -29.41 11.02 11.99
CA GLU B 103 -30.33 11.97 11.38
C GLU B 103 -30.34 13.28 12.17
N ALA B 104 -30.20 13.18 13.49
CA ALA B 104 -30.19 14.35 14.36
C ALA B 104 -28.89 15.12 14.22
N LEU B 105 -27.78 14.40 14.24
CA LEU B 105 -26.45 15.02 14.13
C LEU B 105 -26.35 15.85 12.85
N LYS B 106 -26.90 15.32 11.76
CA LYS B 106 -26.87 16.01 10.48
C LYS B 106 -27.88 17.14 10.45
N GLU B 107 -29.01 16.95 11.15
CA GLU B 107 -30.05 17.96 11.20
C GLU B 107 -29.50 19.30 11.68
N ASN B 108 -28.88 19.29 12.86
CA ASN B 108 -28.31 20.50 13.43
C ASN B 108 -27.03 20.90 12.71
N GLY B 109 -26.37 19.91 12.12
CA GLY B 109 -25.13 20.17 11.40
C GLY B 109 -25.29 21.26 10.36
N GLY B 110 -26.47 21.33 9.75
CA GLY B 110 -26.72 22.36 8.74
C GLY B 110 -26.39 23.75 9.23
N ALA B 111 -26.60 23.99 10.52
CA ALA B 111 -26.32 25.29 11.11
C ALA B 111 -24.83 25.46 11.40
N ARG B 112 -24.15 24.33 11.60
CA ARG B 112 -22.72 24.35 11.90
C ARG B 112 -21.91 24.70 10.65
N LEU B 113 -22.41 24.27 9.49
CA LEU B 113 -21.73 24.55 8.23
C LEU B 113 -21.67 26.04 7.96
N ALA B 114 -22.73 26.76 8.30
CA ALA B 114 -22.79 28.20 8.10
C ALA B 114 -21.88 28.93 9.08
N GLU B 115 -22.00 28.59 10.36
CA GLU B 115 -21.20 29.22 11.40
C GLU B 115 -19.72 28.90 11.19
N TYR B 116 -19.43 27.64 10.86
CA TYR B 116 -18.06 27.21 10.65
C TYR B 116 -17.42 27.95 9.47
N HIS B 117 -18.18 28.05 8.37
CA HIS B 117 -17.69 28.73 7.18
C HIS B 117 -17.23 30.16 7.51
N ALA B 118 -18.06 30.88 8.26
CA ALA B 118 -17.74 32.25 8.64
C ALA B 118 -16.49 32.29 9.51
N LYS B 119 -16.27 31.23 10.30
CA LYS B 119 -15.11 31.15 11.17
C LYS B 119 -13.85 30.82 10.38
N ALA B 120 -13.93 29.79 9.55
CA ALA B 120 -12.80 29.38 8.74
C ALA B 120 -12.44 30.45 7.70
N THR B 121 -13.48 31.05 7.11
CA THR B 121 -13.28 32.09 6.11
C THR B 121 -12.54 33.28 6.69
N GLU B 122 -12.98 33.74 7.85
CA GLU B 122 -12.36 34.88 8.52
C GLU B 122 -10.94 34.54 8.95
N HIS B 123 -10.73 33.30 9.39
CA HIS B 123 -9.43 32.85 9.84
C HIS B 123 -8.39 33.00 8.73
N LEU B 124 -8.76 32.60 7.52
CA LEU B 124 -7.86 32.69 6.38
C LEU B 124 -7.69 34.14 5.94
N SER B 125 -8.71 34.95 6.16
CA SER B 125 -8.68 36.36 5.77
C SER B 125 -7.51 37.07 6.46
N THR B 126 -7.41 36.91 7.77
CA THR B 126 -6.33 37.54 8.54
C THR B 126 -4.98 36.91 8.20
N LEU B 127 -4.92 35.59 8.25
CA LEU B 127 -3.68 34.87 7.95
C LEU B 127 -3.15 35.26 6.57
N SER B 128 -3.99 35.12 5.56
CA SER B 128 -3.60 35.46 4.19
C SER B 128 -3.09 36.89 4.11
N GLU B 129 -3.68 37.78 4.91
CA GLU B 129 -3.29 39.18 4.93
C GLU B 129 -1.81 39.31 5.30
N LYS B 130 -1.40 38.63 6.36
CA LYS B 130 -0.02 38.67 6.82
C LYS B 130 0.88 37.80 5.95
N ALA B 131 0.30 36.74 5.39
CA ALA B 131 1.05 35.82 4.53
C ALA B 131 1.43 36.50 3.22
N LYS B 132 0.69 37.55 2.86
CA LYS B 132 0.95 38.28 1.63
C LYS B 132 2.36 38.85 1.62
N PRO B 133 2.64 39.76 2.56
CA PRO B 133 3.96 40.39 2.68
C PRO B 133 5.02 39.42 3.17
N ALA B 134 4.60 38.37 3.87
CA ALA B 134 5.53 37.37 4.38
C ALA B 134 5.99 36.43 3.28
N LEU B 135 5.12 36.19 2.31
CA LEU B 135 5.44 35.31 1.19
C LEU B 135 6.41 35.98 0.23
N GLU B 136 6.26 37.30 0.06
CA GLU B 136 7.13 38.06 -0.83
C GLU B 136 8.59 37.83 -0.47
N ASP B 137 8.93 38.01 0.80
CA ASP B 137 10.30 37.84 1.26
C ASP B 137 10.64 36.36 1.38
N LEU B 138 9.64 35.54 1.68
CA LEU B 138 9.83 34.11 1.83
C LEU B 138 10.31 33.49 0.52
N ARG B 139 9.60 33.77 -0.56
CA ARG B 139 9.96 33.25 -1.88
C ARG B 139 11.29 33.84 -2.35
N GLN B 140 11.52 35.10 -2.04
CA GLN B 140 12.75 35.78 -2.44
C GLN B 140 13.96 35.03 -1.91
N GLY B 141 13.94 34.71 -0.63
CA GLY B 141 15.05 33.99 -0.01
C GLY B 141 15.19 32.58 -0.54
N LEU B 142 14.08 31.98 -0.95
CA LEU B 142 14.08 30.62 -1.47
C LEU B 142 14.85 30.55 -2.78
N LEU B 143 14.80 31.63 -3.56
CA LEU B 143 15.50 31.69 -4.84
C LEU B 143 16.95 31.27 -4.68
N PRO B 144 17.70 32.01 -3.86
CA PRO B 144 19.12 31.73 -3.60
C PRO B 144 19.32 30.45 -2.79
N VAL B 145 18.46 30.24 -1.81
CA VAL B 145 18.53 29.06 -0.95
C VAL B 145 18.45 27.79 -1.78
N LEU B 146 17.39 27.67 -2.57
CA LEU B 146 17.19 26.50 -3.41
C LEU B 146 18.35 26.32 -4.39
N GLU B 147 18.89 27.43 -4.86
CA GLU B 147 20.00 27.40 -5.80
C GLU B 147 21.26 26.82 -5.14
N SER B 148 21.43 27.11 -3.85
CA SER B 148 22.58 26.62 -3.11
C SER B 148 22.61 25.09 -3.10
N PHE B 149 21.48 24.49 -2.79
CA PHE B 149 21.37 23.03 -2.75
C PHE B 149 21.59 22.43 -4.14
N LYS B 150 21.02 23.06 -5.15
CA LYS B 150 21.15 22.59 -6.52
C LYS B 150 22.60 22.69 -6.99
N VAL B 151 23.25 23.79 -6.66
CA VAL B 151 24.64 24.00 -7.04
C VAL B 151 25.52 22.87 -6.54
N SER B 152 25.31 22.46 -5.30
CA SER B 152 26.09 21.38 -4.70
C SER B 152 25.94 20.10 -5.50
N PHE B 153 24.70 19.71 -5.79
CA PHE B 153 24.43 18.50 -6.56
C PHE B 153 25.06 18.58 -7.95
N LEU B 154 24.99 19.77 -8.55
CA LEU B 154 25.54 19.99 -9.88
C LEU B 154 27.04 19.75 -9.89
N SER B 155 27.69 20.08 -8.78
CA SER B 155 29.14 19.90 -8.66
C SER B 155 29.50 18.42 -8.55
N ALA B 156 28.61 17.64 -7.97
CA ALA B 156 28.83 16.21 -7.80
C ALA B 156 28.84 15.50 -9.15
N LEU B 157 27.79 15.71 -9.93
CA LEU B 157 27.68 15.10 -11.25
C LEU B 157 28.75 15.63 -12.19
N GLU B 158 28.95 16.94 -12.16
CA GLU B 158 29.96 17.57 -13.02
C GLU B 158 31.36 17.09 -12.66
N GLU B 159 31.58 16.84 -11.38
CA GLU B 159 32.89 16.38 -10.91
C GLU B 159 33.24 15.02 -11.52
N TYR B 160 32.29 14.09 -11.44
CA TYR B 160 32.51 12.75 -11.98
C TYR B 160 32.83 12.81 -13.47
N THR B 161 32.06 13.61 -14.20
CA THR B 161 32.26 13.76 -15.64
C THR B 161 33.62 14.37 -15.95
N LYS B 162 33.96 15.43 -15.22
CA LYS B 162 35.24 16.11 -15.42
C LYS B 162 36.40 15.12 -15.27
N LYS B 163 36.43 14.41 -14.15
CA LYS B 163 37.49 13.43 -13.90
C LYS B 163 37.57 12.42 -15.04
N LEU B 164 36.41 11.90 -15.45
CA LEU B 164 36.37 10.92 -16.52
C LEU B 164 37.01 11.46 -17.79
N ASN B 165 36.82 12.75 -18.05
CA ASN B 165 37.38 13.39 -19.23
C ASN B 165 36.64 12.97 -20.49
N THR B 166 36.79 11.70 -20.86
CA THR B 166 36.13 11.17 -22.05
C THR B 166 36.84 11.62 -23.32
N GLN B 167 36.97 12.93 -23.47
CA GLN B 167 37.62 13.51 -24.64
C GLN B 167 37.91 14.99 -24.44
N SER A 1 -37.12 5.78 -9.25
CA SER A 1 -36.05 6.76 -9.11
C SER A 1 -36.03 7.71 -10.31
N THR A 2 -35.68 8.97 -10.04
CA THR A 2 -35.63 9.98 -11.09
C THR A 2 -34.93 11.24 -10.60
N PHE A 3 -34.25 11.93 -11.51
CA PHE A 3 -33.54 13.16 -11.16
C PHE A 3 -33.64 14.17 -12.30
N SER A 4 -34.80 14.25 -12.93
CA SER A 4 -35.03 15.17 -14.04
C SER A 4 -35.19 16.60 -13.52
N LYS A 5 -35.95 16.74 -12.44
CA LYS A 5 -36.19 18.06 -11.85
C LYS A 5 -34.94 18.57 -11.15
N LEU A 6 -34.18 17.65 -10.55
CA LEU A 6 -32.95 18.01 -9.84
C LEU A 6 -31.88 18.46 -10.82
N ARG A 7 -31.74 17.72 -11.92
CA ARG A 7 -30.74 18.05 -12.94
C ARG A 7 -31.14 19.30 -13.70
N GLU A 8 -32.45 19.48 -13.91
CA GLU A 8 -32.95 20.64 -14.63
C GLU A 8 -32.91 21.89 -13.75
N GLN A 9 -33.44 21.77 -12.54
CA GLN A 9 -33.46 22.89 -11.61
C GLN A 9 -32.06 23.30 -11.20
N LEU A 10 -31.11 22.36 -11.33
CA LEU A 10 -29.73 22.62 -10.98
C LEU A 10 -29.23 23.91 -11.62
N GLY A 11 -29.94 24.37 -12.65
CA GLY A 11 -29.56 25.59 -13.33
C GLY A 11 -28.69 26.49 -12.47
N PRO A 12 -29.33 27.34 -11.67
CA PRO A 12 -28.62 28.27 -10.78
C PRO A 12 -27.92 27.56 -9.63
N VAL A 13 -27.14 28.31 -8.86
CA VAL A 13 -26.41 27.75 -7.73
C VAL A 13 -27.35 27.49 -6.55
N THR A 14 -28.14 28.50 -6.19
CA THR A 14 -29.07 28.39 -5.08
C THR A 14 -29.94 27.14 -5.21
N GLN A 15 -30.16 26.71 -6.46
CA GLN A 15 -30.97 25.52 -6.72
C GLN A 15 -30.25 24.26 -6.28
N GLU A 16 -28.97 24.16 -6.62
CA GLU A 16 -28.17 23.00 -6.26
C GLU A 16 -28.06 22.87 -4.74
N PHE A 17 -27.84 24.00 -4.07
CA PHE A 17 -27.71 24.02 -2.62
C PHE A 17 -29.01 23.57 -1.95
N TRP A 18 -30.09 24.31 -2.22
CA TRP A 18 -31.40 23.99 -1.64
C TRP A 18 -31.84 22.58 -2.04
N ASP A 19 -31.36 22.12 -3.19
CA ASP A 19 -31.71 20.80 -3.69
C ASP A 19 -31.11 19.71 -2.79
N ASN A 20 -29.80 19.79 -2.57
CA ASN A 20 -29.11 18.82 -1.74
C ASN A 20 -29.57 18.91 -0.28
N LEU A 21 -29.88 20.12 0.16
CA LEU A 21 -30.34 20.34 1.52
C LEU A 21 -31.75 19.80 1.72
N GLU A 22 -32.63 20.09 0.76
CA GLU A 22 -34.02 19.64 0.83
C GLU A 22 -34.10 18.14 0.56
N LYS A 23 -33.22 17.65 -0.32
CA LYS A 23 -33.19 16.23 -0.67
C LYS A 23 -32.64 15.39 0.48
N GLU A 24 -31.72 15.98 1.24
CA GLU A 24 -31.12 15.29 2.37
C GLU A 24 -32.19 14.82 3.36
N THR A 25 -33.09 15.73 3.73
CA THR A 25 -34.16 15.42 4.66
C THR A 25 -35.26 14.60 3.98
N GLU A 26 -35.65 15.02 2.79
CA GLU A 26 -36.70 14.32 2.04
C GLU A 26 -36.30 12.86 1.78
N GLY A 27 -35.00 12.62 1.66
CA GLY A 27 -34.52 11.28 1.42
C GLY A 27 -34.58 10.40 2.65
N LEU A 28 -34.38 11.01 3.82
CA LEU A 28 -34.42 10.28 5.08
C LEU A 28 -35.77 9.61 5.28
N ARG A 29 -36.83 10.27 4.83
CA ARG A 29 -38.18 9.74 4.96
C ARG A 29 -38.30 8.40 4.23
N GLN A 30 -37.85 8.36 2.98
CA GLN A 30 -37.91 7.15 2.18
C GLN A 30 -36.96 6.09 2.71
N GLU A 31 -35.72 6.50 2.97
CA GLU A 31 -34.71 5.58 3.49
C GLU A 31 -35.13 5.03 4.84
N MET A 32 -35.91 5.80 5.59
CA MET A 32 -36.38 5.38 6.91
C MET A 32 -37.48 4.34 6.78
N SER A 33 -38.50 4.64 5.98
CA SER A 33 -39.62 3.73 5.78
C SER A 33 -39.17 2.46 5.06
N LYS A 34 -38.22 2.63 4.14
CA LYS A 34 -37.70 1.50 3.38
C LYS A 34 -36.80 0.63 4.25
N ASP A 35 -35.98 1.26 5.08
CA ASP A 35 -35.07 0.55 5.97
C ASP A 35 -35.85 -0.32 6.95
N LEU A 36 -36.86 0.26 7.57
CA LEU A 36 -37.68 -0.46 8.54
C LEU A 36 -38.51 -1.55 7.85
N GLU A 37 -39.22 -1.16 6.79
CA GLU A 37 -40.04 -2.10 6.05
C GLU A 37 -39.21 -3.26 5.52
N GLU A 38 -38.02 -2.94 5.00
CA GLU A 38 -37.12 -3.96 4.46
C GLU A 38 -36.51 -4.79 5.57
N VAL A 39 -36.00 -4.11 6.60
CA VAL A 39 -35.38 -4.78 7.74
C VAL A 39 -36.34 -5.77 8.38
N LYS A 40 -37.62 -5.43 8.36
CA LYS A 40 -38.65 -6.28 8.95
C LYS A 40 -38.95 -7.47 8.04
N ALA A 41 -39.24 -7.19 6.77
CA ALA A 41 -39.54 -8.24 5.81
C ALA A 41 -38.36 -9.19 5.64
N LYS A 42 -37.15 -8.64 5.72
CA LYS A 42 -35.94 -9.45 5.58
C LYS A 42 -35.62 -10.18 6.88
N VAL A 43 -35.92 -9.54 8.01
CA VAL A 43 -35.67 -10.14 9.31
C VAL A 43 -36.31 -11.51 9.42
N GLN A 44 -37.55 -11.62 8.96
CA GLN A 44 -38.27 -12.88 9.00
C GLN A 44 -37.41 -14.02 8.47
N PRO A 45 -37.10 -13.97 7.17
CA PRO A 45 -36.28 -14.99 6.51
C PRO A 45 -34.83 -14.95 6.97
N TYR A 46 -34.39 -13.78 7.44
CA TYR A 46 -33.02 -13.61 7.90
C TYR A 46 -32.73 -14.54 9.08
N LEU A 47 -33.73 -14.75 9.92
CA LEU A 47 -33.58 -15.60 11.09
C LEU A 47 -33.54 -17.08 10.68
N ASP A 48 -34.53 -17.50 9.89
CA ASP A 48 -34.60 -18.88 9.42
C ASP A 48 -33.41 -19.21 8.53
N ASP A 49 -32.95 -18.22 7.77
CA ASP A 49 -31.82 -18.42 6.87
C ASP A 49 -30.54 -18.68 7.65
N PHE A 50 -30.29 -17.87 8.67
CA PHE A 50 -29.10 -18.01 9.50
C PHE A 50 -29.07 -19.40 10.16
N GLN A 51 -30.16 -19.75 10.82
CA GLN A 51 -30.25 -21.04 11.50
C GLN A 51 -30.20 -22.19 10.49
N LYS A 52 -31.00 -22.07 9.43
CA LYS A 52 -31.05 -23.09 8.39
C LYS A 52 -29.70 -23.22 7.68
N LYS A 53 -28.91 -22.15 7.74
CA LYS A 53 -27.60 -22.13 7.11
C LYS A 53 -26.62 -23.03 7.85
N TRP A 54 -26.56 -22.89 9.17
CA TRP A 54 -25.67 -23.69 9.99
C TRP A 54 -26.21 -25.11 10.15
N GLN A 55 -27.52 -25.26 9.98
CA GLN A 55 -28.16 -26.57 10.11
C GLN A 55 -27.67 -27.52 9.02
N GLU A 56 -27.89 -27.15 7.77
CA GLU A 56 -27.48 -27.97 6.63
C GLU A 56 -25.96 -27.98 6.50
N GLU A 57 -25.33 -26.85 6.84
CA GLU A 57 -23.89 -26.73 6.75
C GLU A 57 -23.20 -27.61 7.79
N MET A 58 -23.88 -27.81 8.93
CA MET A 58 -23.34 -28.63 10.01
C MET A 58 -23.37 -30.11 9.63
N GLU A 59 -24.54 -30.59 9.22
CA GLU A 59 -24.69 -31.99 8.83
C GLU A 59 -23.89 -32.29 7.57
N LEU A 60 -23.82 -31.32 6.67
CA LEU A 60 -23.09 -31.48 5.42
C LEU A 60 -21.59 -31.37 5.65
N TYR A 61 -21.20 -30.66 6.70
CA TYR A 61 -19.80 -30.47 7.02
C TYR A 61 -19.15 -31.80 7.43
N ARG A 62 -19.75 -32.46 8.41
CA ARG A 62 -19.24 -33.74 8.88
C ARG A 62 -19.51 -34.85 7.88
N GLN A 63 -20.65 -34.75 7.18
CA GLN A 63 -21.03 -35.74 6.19
C GLN A 63 -20.13 -35.66 4.96
N LYS A 64 -19.51 -34.50 4.76
CA LYS A 64 -18.62 -34.29 3.62
C LYS A 64 -17.19 -34.65 3.99
N VAL A 65 -16.74 -34.19 5.16
CA VAL A 65 -15.39 -34.47 5.62
C VAL A 65 -15.15 -35.97 5.75
N GLU A 66 -16.20 -36.71 6.10
CA GLU A 66 -16.11 -38.15 6.25
C GLU A 66 -15.61 -38.81 4.96
N PRO A 67 -16.42 -38.70 3.90
CA PRO A 67 -16.09 -39.27 2.60
C PRO A 67 -14.94 -38.54 1.91
N LEU A 68 -15.06 -37.22 1.82
CA LEU A 68 -14.03 -36.40 1.20
C LEU A 68 -12.74 -36.43 2.01
N GLY A 69 -12.81 -35.91 3.24
CA GLY A 69 -11.64 -35.88 4.10
C GLY A 69 -10.91 -37.21 4.12
N GLU A 70 -11.65 -38.29 3.95
CA GLU A 70 -11.06 -39.63 3.95
C GLU A 70 -10.30 -39.89 2.65
N GLU A 71 -10.89 -39.50 1.54
CA GLU A 71 -10.27 -39.69 0.23
C GLU A 71 -9.12 -38.70 0.02
N MET A 72 -9.28 -37.50 0.57
CA MET A 72 -8.26 -36.47 0.44
C MET A 72 -7.00 -36.86 1.20
N ARG A 73 -7.17 -37.28 2.46
CA ARG A 73 -6.04 -37.67 3.29
C ARG A 73 -5.39 -38.94 2.73
N ASP A 74 -6.20 -39.86 2.25
CA ASP A 74 -5.71 -41.12 1.70
C ASP A 74 -5.01 -40.88 0.35
N ARG A 75 -5.70 -40.22 -0.56
CA ARG A 75 -5.15 -39.93 -1.88
C ARG A 75 -3.92 -39.04 -1.77
N ALA A 76 -3.97 -38.08 -0.84
CA ALA A 76 -2.85 -37.16 -0.64
C ALA A 76 -1.61 -37.91 -0.15
N ARG A 77 -1.82 -38.90 0.70
CA ARG A 77 -0.71 -39.69 1.24
C ARG A 77 0.00 -40.46 0.13
N ALA A 78 -0.77 -41.16 -0.69
CA ALA A 78 -0.21 -41.93 -1.79
C ALA A 78 0.30 -41.02 -2.90
N HIS A 79 -0.43 -39.94 -3.16
CA HIS A 79 -0.06 -38.98 -4.20
C HIS A 79 1.23 -38.25 -3.82
N VAL A 80 1.25 -37.71 -2.61
CA VAL A 80 2.41 -36.97 -2.12
C VAL A 80 3.63 -37.90 -2.00
N ASP A 81 3.39 -39.11 -1.51
CA ASP A 81 4.46 -40.09 -1.34
C ASP A 81 5.24 -40.26 -2.64
N ALA A 82 4.53 -40.50 -3.73
CA ALA A 82 5.15 -40.69 -5.02
C ALA A 82 5.83 -39.41 -5.51
N LEU A 83 5.10 -38.29 -5.43
CA LEU A 83 5.63 -37.00 -5.85
C LEU A 83 6.91 -36.66 -5.09
N ARG A 84 6.93 -37.00 -3.81
CA ARG A 84 8.10 -36.74 -2.97
C ARG A 84 9.29 -37.60 -3.39
N THR A 85 9.02 -38.89 -3.61
CA THR A 85 10.06 -39.83 -4.01
C THR A 85 10.77 -39.35 -5.27
N HIS A 86 10.00 -38.83 -6.22
CA HIS A 86 10.56 -38.33 -7.47
C HIS A 86 11.11 -36.92 -7.30
N LEU A 87 10.47 -36.14 -6.45
CA LEU A 87 10.91 -34.76 -6.19
C LEU A 87 12.21 -34.75 -5.39
N ALA A 88 12.49 -35.85 -4.70
CA ALA A 88 13.70 -35.97 -3.91
C ALA A 88 14.95 -35.72 -4.76
N PRO A 89 15.15 -36.58 -5.76
CA PRO A 89 16.30 -36.49 -6.66
C PRO A 89 16.20 -35.29 -7.60
N TYR A 90 15.01 -35.06 -8.13
CA TYR A 90 14.77 -33.94 -9.04
C TYR A 90 15.19 -32.62 -8.40
N SER A 91 15.01 -32.52 -7.09
CA SER A 91 15.35 -31.32 -6.36
C SER A 91 16.83 -30.98 -6.53
N ASP A 92 17.69 -31.97 -6.27
CA ASP A 92 19.13 -31.79 -6.40
C ASP A 92 19.51 -31.47 -7.84
N GLU A 93 18.77 -32.03 -8.78
CA GLU A 93 19.03 -31.80 -10.20
C GLU A 93 18.85 -30.33 -10.56
N LEU A 94 17.73 -29.76 -10.16
CA LEU A 94 17.43 -28.36 -10.43
C LEU A 94 18.49 -27.46 -9.83
N ARG A 95 18.80 -27.67 -8.56
CA ARG A 95 19.80 -26.86 -7.86
C ARG A 95 21.15 -26.97 -8.56
N GLN A 96 21.46 -28.16 -9.05
CA GLN A 96 22.74 -28.39 -9.74
C GLN A 96 22.88 -27.46 -10.94
N ARG A 97 21.87 -27.45 -11.80
CA ARG A 97 21.87 -26.61 -12.99
C ARG A 97 22.00 -25.13 -12.61
N LEU A 98 21.33 -24.74 -11.54
CA LEU A 98 21.37 -23.36 -11.07
C LEU A 98 22.74 -23.02 -10.51
N ALA A 99 23.33 -23.94 -9.75
CA ALA A 99 24.64 -23.73 -9.16
C ALA A 99 25.67 -23.38 -10.23
N ALA A 100 25.66 -24.13 -11.33
CA ALA A 100 26.59 -23.89 -12.43
C ALA A 100 26.25 -22.60 -13.17
N ARG A 101 24.96 -22.30 -13.27
CA ARG A 101 24.50 -21.09 -13.96
C ARG A 101 24.98 -19.85 -13.23
N LEU A 102 24.99 -19.90 -11.89
CA LEU A 102 25.42 -18.78 -11.08
C LEU A 102 26.92 -18.52 -11.25
N GLU A 103 27.71 -19.58 -11.07
CA GLU A 103 29.15 -19.48 -11.20
C GLU A 103 29.55 -19.16 -12.63
N ALA A 104 28.87 -19.79 -13.59
CA ALA A 104 29.15 -19.57 -15.00
C ALA A 104 29.05 -18.09 -15.36
N LEU A 105 27.98 -17.45 -14.90
CA LEU A 105 27.77 -16.03 -15.16
C LEU A 105 28.81 -15.18 -14.45
N LYS A 106 29.19 -15.60 -13.25
CA LYS A 106 30.19 -14.87 -12.47
C LYS A 106 31.50 -14.76 -13.24
N GLU A 107 31.80 -15.77 -14.05
CA GLU A 107 33.03 -15.78 -14.83
C GLU A 107 33.16 -14.51 -15.67
N ASN A 108 32.14 -14.25 -16.49
CA ASN A 108 32.14 -13.06 -17.34
C ASN A 108 32.24 -11.80 -16.52
N GLY A 109 31.80 -11.88 -15.26
CA GLY A 109 31.85 -10.72 -14.38
C GLY A 109 33.24 -10.12 -14.30
N GLY A 110 34.25 -10.97 -14.42
CA GLY A 110 35.63 -10.49 -14.35
C GLY A 110 35.97 -9.55 -15.48
N ALA A 111 35.67 -9.96 -16.71
CA ALA A 111 35.94 -9.14 -17.88
C ALA A 111 34.89 -8.05 -18.06
N ARG A 112 33.72 -8.27 -17.47
CA ARG A 112 32.62 -7.31 -17.57
C ARG A 112 32.92 -6.07 -16.73
N LEU A 113 33.68 -6.26 -15.66
CA LEU A 113 34.04 -5.15 -14.78
C LEU A 113 34.80 -4.06 -15.55
N ALA A 114 35.83 -4.46 -16.29
CA ALA A 114 36.62 -3.53 -17.06
C ALA A 114 35.79 -2.92 -18.19
N GLU A 115 35.10 -3.76 -18.95
CA GLU A 115 34.28 -3.29 -20.05
C GLU A 115 33.16 -2.38 -19.56
N TYR A 116 32.65 -2.67 -18.36
CA TYR A 116 31.58 -1.88 -17.77
C TYR A 116 32.03 -0.46 -17.52
N HIS A 117 33.17 -0.31 -16.84
CA HIS A 117 33.71 1.00 -16.52
C HIS A 117 33.87 1.85 -17.79
N ALA A 118 34.47 1.26 -18.82
CA ALA A 118 34.68 1.95 -20.09
C ALA A 118 33.35 2.42 -20.67
N LYS A 119 32.30 1.63 -20.47
CA LYS A 119 30.98 1.98 -20.97
C LYS A 119 30.33 3.06 -20.12
N ALA A 120 30.47 2.93 -18.80
CA ALA A 120 29.90 3.90 -17.87
C ALA A 120 30.58 5.26 -18.02
N THR A 121 31.90 5.25 -18.04
CA THR A 121 32.67 6.48 -18.16
C THR A 121 32.34 7.21 -19.47
N GLU A 122 32.31 6.45 -20.56
CA GLU A 122 32.00 7.03 -21.86
C GLU A 122 30.53 7.44 -21.96
N HIS A 123 29.67 6.65 -21.32
CA HIS A 123 28.24 6.93 -21.32
C HIS A 123 27.95 8.28 -20.68
N LEU A 124 28.44 8.46 -19.45
CA LEU A 124 28.22 9.71 -18.73
C LEU A 124 29.05 10.84 -19.33
N SER A 125 30.17 10.49 -19.94
CA SER A 125 31.05 11.47 -20.56
C SER A 125 30.29 12.29 -21.60
N THR A 126 29.62 11.59 -22.51
CA THR A 126 28.86 12.25 -23.56
C THR A 126 27.62 12.93 -23.00
N LEU A 127 26.84 12.18 -22.23
CA LEU A 127 25.62 12.71 -21.63
C LEU A 127 25.91 13.98 -20.84
N SER A 128 26.81 13.88 -19.87
CA SER A 128 27.18 15.03 -19.04
C SER A 128 27.63 16.20 -19.90
N GLU A 129 28.30 15.90 -21.01
CA GLU A 129 28.78 16.93 -21.92
C GLU A 129 27.63 17.79 -22.43
N LYS A 130 26.57 17.12 -22.88
CA LYS A 130 25.39 17.82 -23.41
C LYS A 130 24.52 18.35 -22.26
N ALA A 131 24.59 17.67 -21.12
CA ALA A 131 23.81 18.07 -19.95
C ALA A 131 24.27 19.42 -19.42
N LYS A 132 25.50 19.78 -19.73
CA LYS A 132 26.06 21.05 -19.29
C LYS A 132 25.32 22.23 -19.92
N PRO A 133 25.40 22.33 -21.26
CA PRO A 133 24.73 23.40 -22.01
C PRO A 133 23.22 23.25 -22.02
N ALA A 134 22.75 22.02 -21.88
CA ALA A 134 21.32 21.73 -21.86
C ALA A 134 20.70 22.13 -20.53
N LEU A 135 21.48 22.01 -19.46
CA LEU A 135 21.00 22.36 -18.12
C LEU A 135 20.84 23.87 -17.98
N GLU A 136 21.80 24.62 -18.52
CA GLU A 136 21.76 26.08 -18.45
C GLU A 136 20.44 26.61 -19.00
N ASP A 137 20.08 26.17 -20.20
CA ASP A 137 18.84 26.60 -20.84
C ASP A 137 17.64 25.92 -20.21
N LEU A 138 17.85 24.69 -19.72
CA LEU A 138 16.78 23.93 -19.10
C LEU A 138 16.20 24.67 -17.90
N ARG A 139 17.09 25.19 -17.05
CA ARG A 139 16.67 25.92 -15.86
C ARG A 139 16.11 27.29 -16.24
N GLN A 140 16.75 27.94 -17.21
CA GLN A 140 16.30 29.26 -17.66
C GLN A 140 14.96 29.17 -18.37
N GLY A 141 14.66 28.00 -18.92
CA GLY A 141 13.41 27.80 -19.63
C GLY A 141 12.25 27.53 -18.68
N LEU A 142 12.44 26.60 -17.77
CA LEU A 142 11.41 26.25 -16.80
C LEU A 142 11.09 27.42 -15.89
N LEU A 143 12.07 28.29 -15.68
CA LEU A 143 11.91 29.46 -14.82
C LEU A 143 10.66 30.24 -15.22
N PRO A 144 10.65 30.77 -16.45
CA PRO A 144 9.52 31.54 -16.97
C PRO A 144 8.30 30.68 -17.25
N VAL A 145 8.51 29.54 -17.90
CA VAL A 145 7.43 28.62 -18.20
C VAL A 145 6.65 28.24 -16.95
N LEU A 146 7.36 27.72 -15.95
CA LEU A 146 6.74 27.32 -14.70
C LEU A 146 6.05 28.51 -14.03
N GLU A 147 6.60 29.70 -14.23
CA GLU A 147 6.04 30.91 -13.65
C GLU A 147 4.70 31.25 -14.30
N SER A 148 4.60 31.01 -15.60
CA SER A 148 3.38 31.29 -16.33
C SER A 148 2.22 30.46 -15.81
N PHE A 149 2.45 29.16 -15.64
CA PHE A 149 1.42 28.26 -15.15
C PHE A 149 0.97 28.66 -13.75
N LYS A 150 1.92 28.99 -12.89
CA LYS A 150 1.62 29.40 -11.52
C LYS A 150 0.84 30.70 -11.51
N VAL A 151 1.21 31.63 -12.38
CA VAL A 151 0.53 32.91 -12.48
C VAL A 151 -0.97 32.74 -12.70
N SER A 152 -1.32 31.89 -13.66
CA SER A 152 -2.71 31.63 -13.98
C SER A 152 -3.46 31.09 -12.75
N PHE A 153 -2.88 30.07 -12.13
CA PHE A 153 -3.49 29.46 -10.95
C PHE A 153 -3.58 30.46 -9.80
N LEU A 154 -2.59 31.33 -9.70
CA LEU A 154 -2.55 32.34 -8.65
C LEU A 154 -3.71 33.32 -8.79
N SER A 155 -4.09 33.60 -10.04
CA SER A 155 -5.19 34.52 -10.31
C SER A 155 -6.53 33.88 -9.98
N ALA A 156 -6.61 32.56 -10.15
CA ALA A 156 -7.83 31.82 -9.87
C ALA A 156 -8.17 31.86 -8.38
N LEU A 157 -7.19 31.50 -7.54
CA LEU A 157 -7.38 31.50 -6.10
C LEU A 157 -7.63 32.91 -5.58
N GLU A 158 -6.92 33.88 -6.16
CA GLU A 158 -7.07 35.27 -5.75
C GLU A 158 -8.39 35.85 -6.23
N GLU A 159 -8.84 35.40 -7.40
CA GLU A 159 -10.10 35.88 -7.96
C GLU A 159 -11.28 35.38 -7.14
N TYR A 160 -11.30 34.07 -6.87
CA TYR A 160 -12.38 33.47 -6.10
C TYR A 160 -12.49 34.10 -4.72
N THR A 161 -11.35 34.25 -4.05
CA THR A 161 -11.31 34.83 -2.72
C THR A 161 -11.65 36.32 -2.77
N LYS A 162 -11.16 37.00 -3.79
CA LYS A 162 -11.42 38.43 -3.95
C LYS A 162 -12.92 38.71 -4.00
N LYS A 163 -13.62 38.02 -4.90
CA LYS A 163 -15.06 38.19 -5.04
C LYS A 163 -15.78 37.79 -3.76
N LEU A 164 -15.44 36.62 -3.24
CA LEU A 164 -16.06 36.12 -2.02
C LEU A 164 -15.86 37.09 -0.86
N ASN A 165 -14.71 37.77 -0.87
CA ASN A 165 -14.39 38.73 0.17
C ASN A 165 -15.01 40.10 -0.13
N THR A 166 -15.31 40.33 -1.40
CA THR A 166 -15.92 41.59 -1.82
C THR A 166 -14.88 42.72 -1.81
N GLN A 167 -14.46 43.10 -0.61
CA GLN A 167 -13.48 44.17 -0.45
C GLN A 167 -12.45 43.81 0.61
N SER B 1 32.23 -17.16 12.84
CA SER B 1 32.10 -15.96 12.03
C SER B 1 32.97 -14.84 12.57
N THR B 2 33.51 -14.03 11.67
CA THR B 2 34.37 -12.91 12.05
C THR B 2 34.62 -11.97 10.88
N PHE B 3 34.79 -10.69 11.17
CA PHE B 3 35.03 -9.70 10.13
C PHE B 3 36.02 -8.64 10.62
N SER B 4 37.03 -9.08 11.37
CA SER B 4 38.04 -8.18 11.90
C SER B 4 39.01 -7.73 10.81
N LYS B 5 39.43 -8.69 9.99
CA LYS B 5 40.35 -8.40 8.89
C LYS B 5 39.66 -7.61 7.78
N LEU B 6 38.38 -7.90 7.57
CA LEU B 6 37.60 -7.22 6.53
C LEU B 6 37.34 -5.77 6.93
N ARG B 7 36.98 -5.56 8.18
CA ARG B 7 36.69 -4.22 8.68
C ARG B 7 37.99 -3.41 8.81
N GLU B 8 39.07 -4.08 9.16
CA GLU B 8 40.37 -3.42 9.32
C GLU B 8 40.99 -3.12 7.96
N GLN B 9 41.04 -4.13 7.10
CA GLN B 9 41.61 -3.97 5.77
C GLN B 9 40.79 -3.00 4.93
N LEU B 10 39.52 -2.83 5.30
CA LEU B 10 38.63 -1.92 4.59
C LEU B 10 39.27 -0.56 4.40
N GLY B 11 40.30 -0.28 5.20
CA GLY B 11 41.00 0.99 5.10
C GLY B 11 40.79 1.66 3.76
N PRO B 12 41.66 1.31 2.80
CA PRO B 12 41.59 1.88 1.44
C PRO B 12 40.37 1.39 0.66
N VAL B 13 40.17 1.97 -0.51
CA VAL B 13 39.03 1.59 -1.36
C VAL B 13 39.28 0.25 -2.04
N THR B 14 40.45 0.11 -2.66
CA THR B 14 40.80 -1.11 -3.35
C THR B 14 40.61 -2.34 -2.46
N GLN B 15 40.74 -2.12 -1.15
CA GLN B 15 40.57 -3.20 -0.19
C GLN B 15 39.12 -3.64 -0.10
N GLU B 16 38.22 -2.68 -0.02
CA GLU B 16 36.79 -2.97 0.06
C GLU B 16 36.30 -3.71 -1.19
N PHE B 17 36.77 -3.25 -2.35
CA PHE B 17 36.39 -3.86 -3.61
C PHE B 17 36.88 -5.30 -3.69
N TRP B 18 38.19 -5.48 -3.60
CA TRP B 18 38.78 -6.81 -3.65
C TRP B 18 38.25 -7.70 -2.54
N ASP B 19 37.84 -7.08 -1.44
CA ASP B 19 37.30 -7.82 -0.31
C ASP B 19 35.96 -8.45 -0.66
N ASN B 20 35.03 -7.64 -1.17
CA ASN B 20 33.71 -8.12 -1.55
C ASN B 20 33.80 -9.10 -2.73
N LEU B 21 34.74 -8.83 -3.62
CA LEU B 21 34.93 -9.68 -4.79
C LEU B 21 35.54 -11.03 -4.40
N GLU B 22 36.55 -10.99 -3.55
CA GLU B 22 37.21 -12.21 -3.10
C GLU B 22 36.33 -12.97 -2.10
N LYS B 23 35.56 -12.23 -1.32
CA LYS B 23 34.67 -12.84 -0.33
C LYS B 23 33.47 -13.49 -1.02
N GLU B 24 33.05 -12.92 -2.14
CA GLU B 24 31.92 -13.46 -2.90
C GLU B 24 32.16 -14.91 -3.28
N THR B 25 33.34 -15.19 -3.84
CA THR B 25 33.70 -16.53 -4.26
C THR B 25 34.07 -17.40 -3.06
N GLU B 26 34.88 -16.85 -2.16
CA GLU B 26 35.31 -17.57 -0.97
C GLU B 26 34.11 -18.00 -0.13
N GLY B 27 33.04 -17.20 -0.18
CA GLY B 27 31.85 -17.52 0.59
C GLY B 27 31.06 -18.65 -0.03
N LEU B 28 31.08 -18.74 -1.35
CA LEU B 28 30.35 -19.79 -2.06
C LEU B 28 30.82 -21.17 -1.62
N ARG B 29 32.11 -21.28 -1.34
CA ARG B 29 32.69 -22.56 -0.90
C ARG B 29 32.04 -23.04 0.39
N GLN B 30 31.96 -22.14 1.38
CA GLN B 30 31.36 -22.48 2.67
C GLN B 30 29.85 -22.69 2.52
N GLU B 31 29.19 -21.76 1.84
CA GLU B 31 27.75 -21.84 1.64
C GLU B 31 27.38 -23.10 0.85
N MET B 32 28.31 -23.55 0.01
CA MET B 32 28.08 -24.74 -0.80
C MET B 32 28.19 -26.00 0.05
N SER B 33 29.29 -26.12 0.78
CA SER B 33 29.52 -27.28 1.64
C SER B 33 28.50 -27.33 2.77
N LYS B 34 28.12 -26.16 3.28
CA LYS B 34 27.15 -26.07 4.36
C LYS B 34 25.75 -26.38 3.86
N ASP B 35 25.42 -25.87 2.68
CA ASP B 35 24.11 -26.09 2.08
C ASP B 35 23.87 -27.59 1.83
N LEU B 36 24.85 -28.24 1.21
CA LEU B 36 24.74 -29.66 0.91
C LEU B 36 24.75 -30.49 2.20
N GLU B 37 25.74 -30.24 3.05
CA GLU B 37 25.86 -30.96 4.32
C GLU B 37 24.60 -30.79 5.15
N GLU B 38 24.07 -29.57 5.20
CA GLU B 38 22.86 -29.28 5.96
C GLU B 38 21.63 -29.88 5.28
N VAL B 39 21.54 -29.68 3.97
CA VAL B 39 20.41 -30.19 3.19
C VAL B 39 20.31 -31.70 3.31
N LYS B 40 21.46 -32.36 3.41
CA LYS B 40 21.50 -33.82 3.53
C LYS B 40 21.12 -34.26 4.93
N ALA B 41 21.80 -33.72 5.93
CA ALA B 41 21.53 -34.06 7.31
C ALA B 41 20.09 -33.71 7.70
N LYS B 42 19.58 -32.61 7.14
CA LYS B 42 18.22 -32.18 7.41
C LYS B 42 17.22 -32.99 6.60
N VAL B 43 17.60 -33.34 5.38
CA VAL B 43 16.72 -34.11 4.50
C VAL B 43 16.19 -35.35 5.21
N GLN B 44 17.09 -36.08 5.86
CA GLN B 44 16.71 -37.29 6.58
C GLN B 44 15.45 -37.06 7.42
N PRO B 45 15.59 -36.23 8.47
CA PRO B 45 14.48 -35.89 9.37
C PRO B 45 13.42 -35.03 8.69
N TYR B 46 13.80 -34.40 7.58
CA TYR B 46 12.88 -33.54 6.84
C TYR B 46 11.74 -34.35 6.24
N LEU B 47 12.05 -35.58 5.83
CA LEU B 47 11.04 -36.46 5.24
C LEU B 47 10.15 -37.06 6.32
N ASP B 48 10.77 -37.64 7.34
CA ASP B 48 10.02 -38.26 8.43
C ASP B 48 9.13 -37.23 9.12
N ASP B 49 9.61 -36.00 9.21
CA ASP B 49 8.84 -34.93 9.85
C ASP B 49 7.60 -34.60 9.03
N PHE B 50 7.77 -34.44 7.73
CA PHE B 50 6.67 -34.13 6.84
C PHE B 50 5.57 -35.18 6.93
N GLN B 51 5.95 -36.45 6.76
CA GLN B 51 5.01 -37.55 6.82
C GLN B 51 4.42 -37.69 8.22
N LYS B 52 5.29 -37.67 9.23
CA LYS B 52 4.86 -37.79 10.61
C LYS B 52 3.96 -36.63 11.01
N LYS B 53 4.08 -35.51 10.28
CA LYS B 53 3.27 -34.33 10.55
C LYS B 53 1.83 -34.55 10.13
N TRP B 54 1.64 -35.05 8.92
CA TRP B 54 0.30 -35.31 8.39
C TRP B 54 -0.31 -36.54 9.05
N GLN B 55 0.55 -37.43 9.53
CA GLN B 55 0.08 -38.65 10.18
C GLN B 55 -0.66 -38.34 11.47
N GLU B 56 0.03 -37.71 12.41
CA GLU B 56 -0.56 -37.35 13.69
C GLU B 56 -1.63 -36.28 13.51
N GLU B 57 -1.42 -35.38 12.56
CA GLU B 57 -2.37 -34.31 12.28
C GLU B 57 -3.65 -34.87 11.67
N MET B 58 -3.53 -35.96 10.93
CA MET B 58 -4.68 -36.59 10.30
C MET B 58 -5.58 -37.24 11.34
N GLU B 59 -5.01 -38.10 12.17
CA GLU B 59 -5.76 -38.79 13.21
C GLU B 59 -6.25 -37.82 14.26
N LEU B 60 -5.46 -36.80 14.54
CA LEU B 60 -5.81 -35.78 15.52
C LEU B 60 -6.85 -34.82 14.97
N TYR B 61 -6.87 -34.67 13.65
CA TYR B 61 -7.81 -33.78 12.99
C TYR B 61 -9.25 -34.28 13.17
N ARG B 62 -9.48 -35.52 12.78
CA ARG B 62 -10.80 -36.12 12.88
C ARG B 62 -11.13 -36.45 14.34
N GLN B 63 -10.11 -36.81 15.11
CA GLN B 63 -10.29 -37.15 16.52
C GLN B 63 -10.62 -35.91 17.33
N LYS B 64 -10.24 -34.74 16.81
CA LYS B 64 -10.49 -33.48 17.49
C LYS B 64 -11.82 -32.88 17.06
N VAL B 65 -12.07 -32.88 15.76
CA VAL B 65 -13.31 -32.35 15.22
C VAL B 65 -14.53 -33.09 15.76
N GLU B 66 -14.35 -34.38 16.03
CA GLU B 66 -15.42 -35.21 16.55
C GLU B 66 -15.95 -34.65 17.87
N PRO B 67 -15.07 -34.64 18.90
CA PRO B 67 -15.43 -34.13 20.23
C PRO B 67 -15.60 -32.63 20.24
N LEU B 68 -14.61 -31.91 19.70
CA LEU B 68 -14.66 -30.45 19.65
C LEU B 68 -15.77 -29.98 18.71
N GLY B 69 -15.63 -30.29 17.43
CA GLY B 69 -16.64 -29.89 16.46
C GLY B 69 -18.05 -30.18 16.93
N GLU B 70 -18.20 -31.19 17.76
CA GLU B 70 -19.51 -31.57 18.29
C GLU B 70 -19.97 -30.59 19.36
N GLU B 71 -19.06 -30.26 20.27
CA GLU B 71 -19.38 -29.32 21.36
C GLU B 71 -19.43 -27.89 20.85
N MET B 72 -18.57 -27.57 19.88
CA MET B 72 -18.52 -26.24 19.31
C MET B 72 -19.80 -25.94 18.53
N ARG B 73 -20.13 -26.81 17.59
CA ARG B 73 -21.32 -26.64 16.77
C ARG B 73 -22.58 -26.68 17.63
N ASP B 74 -22.59 -27.57 18.62
CA ASP B 74 -23.73 -27.71 19.51
C ASP B 74 -23.87 -26.48 20.41
N ARG B 75 -22.79 -26.12 21.09
CA ARG B 75 -22.79 -24.97 21.98
C ARG B 75 -23.05 -23.68 21.20
N ALA B 76 -22.58 -23.64 19.95
CA ALA B 76 -22.74 -22.47 19.10
C ALA B 76 -24.22 -22.24 18.78
N ARG B 77 -24.93 -23.32 18.48
CA ARG B 77 -26.34 -23.23 18.15
C ARG B 77 -27.15 -22.69 19.33
N ALA B 78 -26.88 -23.23 20.52
CA ALA B 78 -27.58 -22.80 21.73
C ALA B 78 -27.12 -21.42 22.16
N HIS B 79 -25.81 -21.16 22.03
CA HIS B 79 -25.25 -19.87 22.41
C HIS B 79 -25.76 -18.76 21.49
N VAL B 80 -25.66 -18.99 20.19
CA VAL B 80 -26.11 -18.01 19.21
C VAL B 80 -27.62 -17.79 19.31
N ASP B 81 -28.35 -18.87 19.52
CA ASP B 81 -29.80 -18.79 19.63
C ASP B 81 -30.22 -17.76 20.68
N ALA B 82 -29.62 -17.86 21.86
CA ALA B 82 -29.92 -16.93 22.95
C ALA B 82 -29.45 -15.51 22.60
N LEU B 83 -28.19 -15.40 22.16
CA LEU B 83 -27.62 -14.11 21.80
C LEU B 83 -28.46 -13.42 20.73
N ARG B 84 -28.97 -14.21 19.79
CA ARG B 84 -29.79 -13.68 18.71
C ARG B 84 -31.12 -13.17 19.24
N THR B 85 -31.75 -13.97 20.10
CA THR B 85 -33.04 -13.60 20.68
C THR B 85 -32.97 -12.25 21.38
N HIS B 86 -31.86 -12.02 22.09
CA HIS B 86 -31.67 -10.77 22.81
C HIS B 86 -31.16 -9.68 21.87
N LEU B 87 -30.34 -10.08 20.90
CA LEU B 87 -29.78 -9.14 19.94
C LEU B 87 -30.86 -8.63 18.98
N ALA B 88 -31.93 -9.40 18.85
CA ALA B 88 -33.03 -9.04 17.96
C ALA B 88 -33.58 -7.65 18.31
N PRO B 89 -34.11 -7.51 19.53
CA PRO B 89 -34.68 -6.26 20.02
C PRO B 89 -33.61 -5.19 20.26
N TYR B 90 -32.49 -5.61 20.84
CA TYR B 90 -31.39 -4.70 21.13
C TYR B 90 -30.92 -3.99 19.85
N SER B 91 -30.99 -4.70 18.73
CA SER B 91 -30.57 -4.14 17.45
C SER B 91 -31.38 -2.88 17.12
N ASP B 92 -32.69 -2.99 17.20
CA ASP B 92 -33.57 -1.86 16.91
C ASP B 92 -33.33 -0.72 17.90
N GLU B 93 -32.98 -1.07 19.13
CA GLU B 93 -32.73 -0.09 20.17
C GLU B 93 -31.54 0.79 19.80
N LEU B 94 -30.44 0.16 19.43
CA LEU B 94 -29.22 0.88 19.05
C LEU B 94 -29.49 1.80 17.88
N ARG B 95 -30.12 1.27 16.83
CA ARG B 95 -30.43 2.06 15.64
C ARG B 95 -31.31 3.25 16.00
N GLN B 96 -32.24 3.04 16.92
CA GLN B 96 -33.15 4.09 17.35
C GLN B 96 -32.38 5.29 17.90
N ARG B 97 -31.47 5.03 18.83
CA ARG B 97 -30.67 6.08 19.44
C ARG B 97 -29.85 6.82 18.38
N LEU B 98 -29.33 6.07 17.41
CA LEU B 98 -28.53 6.65 16.34
C LEU B 98 -29.40 7.50 15.41
N ALA B 99 -30.58 7.00 15.11
CA ALA B 99 -31.51 7.71 14.23
C ALA B 99 -31.79 9.12 14.76
N ALA B 100 -32.03 9.22 16.06
CA ALA B 100 -32.31 10.51 16.69
C ALA B 100 -31.05 11.37 16.76
N ARG B 101 -29.91 10.72 16.95
CA ARG B 101 -28.63 11.44 17.04
C ARG B 101 -28.29 12.10 15.71
N LEU B 102 -28.63 11.42 14.61
CA LEU B 102 -28.35 11.95 13.28
C LEU B 102 -29.23 13.17 12.99
N GLU B 103 -30.54 13.02 13.20
CA GLU B 103 -31.47 14.11 12.96
C GLU B 103 -31.23 15.26 13.92
N ALA B 104 -30.98 14.93 15.19
CA ALA B 104 -30.73 15.94 16.21
C ALA B 104 -29.57 16.85 15.81
N LEU B 105 -28.50 16.25 15.31
CA LEU B 105 -27.33 17.01 14.89
C LEU B 105 -27.63 17.84 13.65
N LYS B 106 -28.46 17.29 12.77
CA LYS B 106 -28.84 17.99 11.54
C LYS B 106 -29.54 19.30 11.85
N GLU B 107 -30.26 19.34 12.97
CA GLU B 107 -30.98 20.53 13.38
C GLU B 107 -30.04 21.74 13.44
N ASN B 108 -28.98 21.60 14.22
CA ASN B 108 -28.00 22.68 14.37
C ASN B 108 -27.40 23.06 13.01
N GLY B 109 -27.40 22.10 12.08
CA GLY B 109 -26.85 22.35 10.76
C GLY B 109 -27.46 23.58 10.11
N GLY B 110 -28.72 23.84 10.41
CA GLY B 110 -29.40 24.99 9.83
C GLY B 110 -28.78 26.30 10.26
N ALA B 111 -28.57 26.47 11.57
CA ALA B 111 -27.99 27.69 12.10
C ALA B 111 -26.47 27.67 11.95
N ARG B 112 -25.90 26.48 11.79
CA ARG B 112 -24.46 26.34 11.64
C ARG B 112 -24.01 26.82 10.26
N LEU B 113 -24.90 26.71 9.28
CA LEU B 113 -24.59 27.14 7.93
C LEU B 113 -24.25 28.62 7.88
N ALA B 114 -25.09 29.44 8.49
CA ALA B 114 -24.87 30.88 8.54
C ALA B 114 -23.64 31.22 9.36
N GLU B 115 -23.55 30.66 10.55
CA GLU B 115 -22.43 30.90 11.44
C GLU B 115 -21.12 30.42 10.80
N TYR B 116 -21.21 29.33 10.04
CA TYR B 116 -20.04 28.77 9.39
C TYR B 116 -19.45 29.75 8.37
N HIS B 117 -20.30 30.26 7.49
CA HIS B 117 -19.87 31.21 6.48
C HIS B 117 -19.16 32.39 7.10
N ALA B 118 -19.78 32.97 8.13
CA ALA B 118 -19.19 34.12 8.83
C ALA B 118 -17.80 33.78 9.37
N LYS B 119 -17.63 32.54 9.80
CA LYS B 119 -16.35 32.09 10.34
C LYS B 119 -15.34 31.84 9.23
N ALA B 120 -15.80 31.22 8.14
CA ALA B 120 -14.94 30.92 7.01
C ALA B 120 -14.48 32.21 6.32
N THR B 121 -15.43 33.11 6.06
CA THR B 121 -15.12 34.37 5.41
C THR B 121 -14.13 35.19 6.23
N GLU B 122 -14.38 35.29 7.53
CA GLU B 122 -13.51 36.04 8.43
C GLU B 122 -12.17 35.32 8.61
N HIS B 123 -12.21 34.01 8.63
CA HIS B 123 -11.01 33.20 8.80
C HIS B 123 -10.03 33.45 7.65
N LEU B 124 -10.50 33.27 6.43
CA LEU B 124 -9.67 33.47 5.24
C LEU B 124 -9.37 34.95 5.04
N SER B 125 -10.29 35.81 5.49
CA SER B 125 -10.13 37.25 5.34
C SER B 125 -8.83 37.71 5.99
N THR B 126 -8.62 37.31 7.24
CA THR B 126 -7.42 37.69 7.97
C THR B 126 -6.20 36.96 7.43
N LEU B 127 -6.30 35.64 7.30
CA LEU B 127 -5.20 34.83 6.79
C LEU B 127 -4.73 35.36 5.44
N SER B 128 -5.64 35.43 4.47
CA SER B 128 -5.31 35.91 3.14
C SER B 128 -4.66 37.29 3.20
N GLU B 129 -5.11 38.11 4.14
CA GLU B 129 -4.57 39.45 4.31
C GLU B 129 -3.07 39.41 4.57
N LYS B 130 -2.67 38.54 5.49
CA LYS B 130 -1.25 38.40 5.84
C LYS B 130 -0.52 37.56 4.80
N ALA B 131 -1.25 36.67 4.14
CA ALA B 131 -0.67 35.80 3.13
C ALA B 131 -0.21 36.61 1.92
N LYS B 132 -0.78 37.80 1.75
CA LYS B 132 -0.42 38.66 0.64
C LYS B 132 1.02 39.13 0.75
N PRO B 133 1.32 39.89 1.82
CA PRO B 133 2.66 40.41 2.07
C PRO B 133 3.64 39.31 2.46
N ALA B 134 3.12 38.23 3.05
CA ALA B 134 3.95 37.11 3.47
C ALA B 134 4.38 36.27 2.28
N LEU B 135 3.53 36.21 1.26
CA LEU B 135 3.81 35.43 0.07
C LEU B 135 4.91 36.10 -0.76
N GLU B 136 4.84 37.42 -0.86
CA GLU B 136 5.84 38.18 -1.62
C GLU B 136 7.25 37.86 -1.14
N ASP B 137 7.46 37.96 0.17
CA ASP B 137 8.76 37.68 0.76
C ASP B 137 9.02 36.19 0.82
N LEU B 138 7.96 35.41 0.94
CA LEU B 138 8.07 33.95 1.01
C LEU B 138 8.72 33.40 -0.25
N ARG B 139 8.27 33.88 -1.40
CA ARG B 139 8.81 33.42 -2.67
C ARG B 139 10.21 33.99 -2.90
N GLN B 140 10.40 35.26 -2.53
CA GLN B 140 11.68 35.92 -2.70
C GLN B 140 12.74 35.32 -1.77
N GLY B 141 12.27 34.72 -0.67
CA GLY B 141 13.18 34.12 0.28
C GLY B 141 13.63 32.73 -0.14
N LEU B 142 12.67 31.88 -0.50
CA LEU B 142 12.97 30.53 -0.93
C LEU B 142 13.79 30.53 -2.21
N LEU B 143 13.62 31.58 -3.02
CA LEU B 143 14.35 31.70 -4.27
C LEU B 143 15.85 31.49 -4.06
N PRO B 144 16.47 32.39 -3.28
CA PRO B 144 17.90 32.32 -2.98
C PRO B 144 18.25 31.15 -2.07
N VAL B 145 17.47 30.97 -1.01
CA VAL B 145 17.69 29.89 -0.06
C VAL B 145 17.73 28.54 -0.78
N LEU B 146 16.67 28.24 -1.53
CA LEU B 146 16.58 26.99 -2.26
C LEU B 146 17.72 26.85 -3.27
N GLU B 147 18.17 27.99 -3.79
CA GLU B 147 19.26 28.01 -4.76
C GLU B 147 20.57 27.62 -4.10
N SER B 148 20.76 28.05 -2.85
CA SER B 148 21.97 27.76 -2.11
C SER B 148 22.14 26.25 -1.91
N PHE B 149 21.06 25.60 -1.47
CA PHE B 149 21.08 24.16 -1.24
C PHE B 149 21.38 23.41 -2.52
N LYS B 150 20.74 23.81 -3.61
CA LYS B 150 20.95 23.17 -4.90
C LYS B 150 22.38 23.36 -5.39
N VAL B 151 22.92 24.56 -5.17
CA VAL B 151 24.29 24.87 -5.59
C VAL B 151 25.27 23.88 -4.99
N SER B 152 25.15 23.64 -3.69
CA SER B 152 26.05 22.71 -3.00
C SER B 152 25.96 21.31 -3.62
N PHE B 153 24.74 20.82 -3.77
CA PHE B 153 24.51 19.50 -4.34
C PHE B 153 25.00 19.44 -5.78
N LEU B 154 24.86 20.54 -6.51
CA LEU B 154 25.29 20.62 -7.89
C LEU B 154 26.79 20.46 -8.00
N SER B 155 27.52 20.97 -7.00
CA SER B 155 28.97 20.88 -7.00
C SER B 155 29.43 19.46 -6.68
N ALA B 156 28.63 18.75 -5.88
CA ALA B 156 28.95 17.39 -5.50
C ALA B 156 28.91 16.46 -6.71
N LEU B 157 27.80 16.50 -7.44
CA LEU B 157 27.63 15.66 -8.62
C LEU B 157 28.64 16.04 -9.71
N GLU B 158 28.91 17.33 -9.84
CA GLU B 158 29.86 17.82 -10.83
C GLU B 158 31.29 17.48 -10.43
N GLU B 159 31.56 17.51 -9.13
CA GLU B 159 32.89 17.21 -8.61
C GLU B 159 33.23 15.73 -8.81
N TYR B 160 32.31 14.86 -8.40
CA TYR B 160 32.51 13.43 -8.53
C TYR B 160 32.73 13.03 -10.00
N THR B 161 31.86 13.55 -10.87
CA THR B 161 31.95 13.26 -12.30
C THR B 161 33.20 13.87 -12.91
N LYS B 162 33.53 15.09 -12.48
CA LYS B 162 34.70 15.79 -12.98
C LYS B 162 35.96 14.97 -12.77
N LYS B 163 36.19 14.56 -11.53
CA LYS B 163 37.36 13.75 -11.18
C LYS B 163 37.34 12.42 -11.92
N LEU B 164 36.21 11.74 -11.86
CA LEU B 164 36.05 10.44 -12.53
C LEU B 164 36.31 10.57 -14.02
N ASN B 165 35.96 11.71 -14.59
CA ASN B 165 36.15 11.96 -16.01
C ASN B 165 37.57 12.45 -16.28
N THR B 166 38.21 13.00 -15.25
CA THR B 166 39.58 13.51 -15.39
C THR B 166 39.60 14.82 -16.17
N GLN B 167 39.30 14.74 -17.46
CA GLN B 167 39.29 15.92 -18.32
C GLN B 167 38.09 15.89 -19.26
N SER A 1 -1.89 18.17 -13.67
CA SER A 1 -1.41 18.24 -12.30
C SER A 1 -1.44 19.68 -11.78
N THR A 2 -2.64 20.17 -11.49
CA THR A 2 -2.81 21.53 -10.99
C THR A 2 -3.99 21.62 -10.04
N PHE A 3 -4.15 22.78 -9.40
CA PHE A 3 -5.25 23.00 -8.46
C PHE A 3 -6.46 23.58 -9.18
N SER A 4 -6.83 22.96 -10.30
CA SER A 4 -7.97 23.42 -11.07
C SER A 4 -9.27 23.25 -10.28
N LYS A 5 -9.36 22.16 -9.52
CA LYS A 5 -10.54 21.89 -8.71
C LYS A 5 -10.56 22.77 -7.46
N LEU A 6 -9.41 22.84 -6.78
CA LEU A 6 -9.30 23.65 -5.56
C LEU A 6 -9.51 25.13 -5.88
N ARG A 7 -8.97 25.57 -7.01
CA ARG A 7 -9.10 26.96 -7.43
C ARG A 7 -10.52 27.28 -7.85
N GLU A 8 -11.11 26.40 -8.64
CA GLU A 8 -12.48 26.58 -9.12
C GLU A 8 -13.45 26.68 -7.95
N GLN A 9 -13.26 25.81 -6.96
CA GLN A 9 -14.12 25.80 -5.79
C GLN A 9 -13.76 26.93 -4.82
N LEU A 10 -12.53 27.41 -4.93
CA LEU A 10 -12.06 28.49 -4.07
C LEU A 10 -12.98 29.71 -4.17
N GLY A 11 -13.45 29.99 -5.38
CA GLY A 11 -14.33 31.12 -5.59
C GLY A 11 -15.51 31.11 -4.64
N PRO A 12 -16.36 32.15 -4.72
CA PRO A 12 -17.54 32.29 -3.88
C PRO A 12 -18.62 31.26 -4.22
N VAL A 13 -18.38 30.49 -5.27
CA VAL A 13 -19.32 29.47 -5.70
C VAL A 13 -19.49 28.38 -4.65
N THR A 14 -18.43 28.17 -3.86
CA THR A 14 -18.46 27.16 -2.81
C THR A 14 -19.77 27.21 -2.04
N GLN A 15 -20.31 28.41 -1.88
CA GLN A 15 -21.57 28.59 -1.15
C GLN A 15 -22.69 27.77 -1.78
N GLU A 16 -22.84 27.90 -3.09
CA GLU A 16 -23.88 27.17 -3.82
C GLU A 16 -23.53 25.68 -3.92
N PHE A 17 -22.23 25.39 -3.91
CA PHE A 17 -21.76 24.01 -4.00
C PHE A 17 -22.24 23.19 -2.81
N TRP A 18 -21.93 23.66 -1.61
CA TRP A 18 -22.33 22.98 -0.39
C TRP A 18 -23.83 23.08 -0.16
N ASP A 19 -24.40 24.22 -0.55
CA ASP A 19 -25.83 24.45 -0.39
C ASP A 19 -26.63 23.54 -1.30
N ASN A 20 -26.32 23.56 -2.60
CA ASN A 20 -27.01 22.73 -3.56
C ASN A 20 -26.75 21.25 -3.31
N LEU A 21 -25.52 20.93 -2.93
CA LEU A 21 -25.14 19.54 -2.65
C LEU A 21 -25.97 18.99 -1.49
N GLU A 22 -25.94 19.68 -0.36
CA GLU A 22 -26.70 19.25 0.82
C GLU A 22 -28.19 19.19 0.52
N LYS A 23 -28.66 20.12 -0.31
CA LYS A 23 -30.07 20.18 -0.67
C LYS A 23 -30.52 18.86 -1.29
N GLU A 24 -29.77 18.39 -2.29
CA GLU A 24 -30.10 17.14 -2.97
C GLU A 24 -29.75 15.94 -2.09
N THR A 25 -28.71 16.10 -1.27
CA THR A 25 -28.27 15.02 -0.39
C THR A 25 -29.38 14.61 0.57
N GLU A 26 -30.34 15.50 0.77
CA GLU A 26 -31.47 15.22 1.65
C GLU A 26 -32.11 13.87 1.32
N GLY A 27 -32.10 13.52 0.04
CA GLY A 27 -32.68 12.26 -0.39
C GLY A 27 -32.14 11.08 0.39
N LEU A 28 -30.92 11.23 0.90
CA LEU A 28 -30.29 10.16 1.67
C LEU A 28 -31.23 9.62 2.73
N ARG A 29 -32.04 10.51 3.31
CA ARG A 29 -32.99 10.11 4.34
C ARG A 29 -33.98 9.09 3.80
N GLN A 30 -34.58 9.40 2.66
CA GLN A 30 -35.56 8.50 2.04
C GLN A 30 -34.92 7.15 1.71
N GLU A 31 -33.72 7.19 1.12
CA GLU A 31 -33.00 5.97 0.76
C GLU A 31 -32.83 5.06 1.96
N MET A 32 -32.37 5.63 3.07
CA MET A 32 -32.16 4.86 4.30
C MET A 32 -33.46 4.22 4.76
N SER A 33 -34.55 4.98 4.67
CA SER A 33 -35.86 4.50 5.09
C SER A 33 -36.25 3.24 4.32
N LYS A 34 -36.15 3.31 2.99
CA LYS A 34 -36.49 2.19 2.14
C LYS A 34 -35.64 0.97 2.49
N ASP A 35 -34.34 1.19 2.64
CA ASP A 35 -33.40 0.11 2.96
C ASP A 35 -33.85 -0.62 4.25
N LEU A 36 -34.20 0.17 5.26
CA LEU A 36 -34.63 -0.39 6.54
C LEU A 36 -35.83 -1.31 6.35
N GLU A 37 -36.84 -0.81 5.64
CA GLU A 37 -38.06 -1.59 5.39
C GLU A 37 -37.72 -2.93 4.77
N GLU A 38 -36.88 -2.90 3.73
CA GLU A 38 -36.47 -4.12 3.03
C GLU A 38 -35.68 -5.04 3.96
N VAL A 39 -34.86 -4.43 4.82
CA VAL A 39 -34.05 -5.19 5.76
C VAL A 39 -34.92 -5.93 6.76
N LYS A 40 -36.06 -5.34 7.10
CA LYS A 40 -37.00 -5.95 8.05
C LYS A 40 -37.72 -7.13 7.42
N ALA A 41 -38.33 -6.90 6.26
CA ALA A 41 -39.06 -7.94 5.55
C ALA A 41 -38.14 -9.10 5.18
N LYS A 42 -36.88 -8.77 4.88
CA LYS A 42 -35.90 -9.79 4.51
C LYS A 42 -35.38 -10.52 5.74
N VAL A 43 -35.31 -9.82 6.86
CA VAL A 43 -34.84 -10.41 8.10
C VAL A 43 -35.69 -11.61 8.51
N GLN A 44 -37.01 -11.44 8.39
CA GLN A 44 -37.94 -12.52 8.74
C GLN A 44 -37.45 -13.86 8.21
N PRO A 45 -37.39 -13.99 6.88
CA PRO A 45 -36.93 -15.23 6.23
C PRO A 45 -35.44 -15.47 6.41
N TYR A 46 -34.68 -14.38 6.49
CA TYR A 46 -33.23 -14.48 6.67
C TYR A 46 -32.88 -15.24 7.94
N LEU A 47 -33.81 -15.23 8.91
CA LEU A 47 -33.61 -15.91 10.17
C LEU A 47 -33.67 -17.42 9.99
N ASP A 48 -34.73 -17.89 9.34
CA ASP A 48 -34.92 -19.33 9.09
C ASP A 48 -33.81 -19.86 8.20
N ASP A 49 -33.33 -19.02 7.29
CA ASP A 49 -32.27 -19.42 6.37
C ASP A 49 -30.95 -19.63 7.12
N PHE A 50 -30.61 -18.68 7.98
CA PHE A 50 -29.37 -18.76 8.76
C PHE A 50 -29.33 -20.05 9.56
N GLN A 51 -30.38 -20.31 10.33
CA GLN A 51 -30.46 -21.51 11.16
C GLN A 51 -30.49 -22.75 10.28
N LYS A 52 -31.34 -22.74 9.26
CA LYS A 52 -31.47 -23.88 8.36
C LYS A 52 -30.15 -24.17 7.66
N LYS A 53 -29.29 -23.16 7.59
CA LYS A 53 -27.99 -23.31 6.95
C LYS A 53 -27.03 -24.11 7.84
N TRP A 54 -26.98 -23.74 9.12
CA TRP A 54 -26.11 -24.42 10.07
C TRP A 54 -26.51 -25.89 10.22
N GLN A 55 -27.79 -26.17 10.03
CA GLN A 55 -28.29 -27.53 10.14
C GLN A 55 -27.77 -28.41 9.01
N GLU A 56 -28.00 -27.96 7.77
CA GLU A 56 -27.55 -28.70 6.60
C GLU A 56 -26.02 -28.65 6.48
N GLU A 57 -25.44 -27.52 6.86
CA GLU A 57 -24.00 -27.35 6.79
C GLU A 57 -23.30 -28.21 7.83
N MET A 58 -23.97 -28.44 8.95
CA MET A 58 -23.41 -29.25 10.03
C MET A 58 -23.36 -30.73 9.64
N GLU A 59 -24.51 -31.26 9.22
CA GLU A 59 -24.59 -32.65 8.80
C GLU A 59 -23.78 -32.90 7.54
N LEU A 60 -23.74 -31.92 6.66
CA LEU A 60 -22.99 -32.03 5.41
C LEU A 60 -21.50 -31.87 5.66
N TYR A 61 -21.15 -31.15 6.73
CA TYR A 61 -19.76 -30.93 7.07
C TYR A 61 -19.07 -32.22 7.47
N ARG A 62 -19.66 -32.92 8.45
CA ARG A 62 -19.11 -34.18 8.93
C ARG A 62 -19.32 -35.29 7.90
N GLN A 63 -20.44 -35.22 7.20
CA GLN A 63 -20.77 -36.23 6.18
C GLN A 63 -19.84 -36.10 4.98
N LYS A 64 -19.29 -34.91 4.79
CA LYS A 64 -18.40 -34.65 3.66
C LYS A 64 -16.95 -34.97 4.05
N VAL A 65 -16.54 -34.52 5.22
CA VAL A 65 -15.19 -34.74 5.70
C VAL A 65 -14.90 -36.24 5.85
N GLU A 66 -15.94 -37.01 6.18
CA GLU A 66 -15.80 -38.45 6.35
C GLU A 66 -15.23 -39.09 5.08
N PRO A 67 -15.99 -39.02 3.99
CA PRO A 67 -15.59 -39.58 2.70
C PRO A 67 -14.44 -38.81 2.07
N LEU A 68 -14.60 -37.50 1.96
CA LEU A 68 -13.57 -36.65 1.36
C LEU A 68 -12.31 -36.65 2.22
N GLY A 69 -12.44 -36.15 3.45
CA GLY A 69 -11.31 -36.09 4.35
C GLY A 69 -10.50 -37.38 4.36
N GLU A 70 -11.19 -38.50 4.15
CA GLU A 70 -10.53 -39.80 4.12
C GLU A 70 -9.76 -40.00 2.82
N GLU A 71 -10.39 -39.64 1.71
CA GLU A 71 -9.77 -39.78 0.39
C GLU A 71 -8.63 -38.77 0.23
N MET A 72 -8.82 -37.57 0.76
CA MET A 72 -7.81 -36.53 0.68
C MET A 72 -6.57 -36.89 1.49
N ARG A 73 -6.79 -37.31 2.74
CA ARG A 73 -5.69 -37.69 3.61
C ARG A 73 -5.02 -38.96 3.13
N ASP A 74 -5.83 -39.89 2.63
CA ASP A 74 -5.31 -41.17 2.13
C ASP A 74 -4.54 -40.97 0.83
N ARG A 75 -5.19 -40.33 -0.14
CA ARG A 75 -4.58 -40.07 -1.44
C ARG A 75 -3.34 -39.18 -1.29
N ALA A 76 -3.44 -38.18 -0.43
CA ALA A 76 -2.33 -37.26 -0.20
C ALA A 76 -1.12 -38.00 0.37
N ARG A 77 -1.38 -38.94 1.27
CA ARG A 77 -0.31 -39.71 1.90
C ARG A 77 0.45 -40.53 0.85
N ALA A 78 -0.29 -41.30 0.06
CA ALA A 78 0.32 -42.13 -0.98
C ALA A 78 1.14 -41.29 -1.95
N HIS A 79 0.51 -40.25 -2.49
CA HIS A 79 1.17 -39.36 -3.44
C HIS A 79 2.38 -38.68 -2.79
N VAL A 80 2.19 -38.19 -1.57
CA VAL A 80 3.26 -37.52 -0.83
C VAL A 80 4.45 -38.45 -0.63
N ASP A 81 4.19 -39.62 -0.08
CA ASP A 81 5.25 -40.60 0.17
C ASP A 81 6.11 -40.80 -1.08
N ALA A 82 5.46 -41.08 -2.20
CA ALA A 82 6.17 -41.29 -3.46
C ALA A 82 6.92 -40.03 -3.87
N LEU A 83 6.25 -38.88 -3.76
CA LEU A 83 6.87 -37.61 -4.13
C LEU A 83 8.13 -37.36 -3.33
N ARG A 84 8.08 -37.68 -2.04
CA ARG A 84 9.23 -37.48 -1.16
C ARG A 84 10.38 -38.41 -1.57
N THR A 85 10.07 -39.68 -1.76
CA THR A 85 11.08 -40.66 -2.15
C THR A 85 11.81 -40.23 -3.41
N HIS A 86 11.05 -39.72 -4.38
CA HIS A 86 11.64 -39.26 -5.65
C HIS A 86 12.30 -37.91 -5.48
N LEU A 87 11.74 -37.08 -4.59
CA LEU A 87 12.28 -35.75 -4.34
C LEU A 87 13.62 -35.83 -3.60
N ALA A 88 13.88 -36.98 -2.98
CA ALA A 88 15.12 -37.18 -2.25
C ALA A 88 16.33 -37.04 -3.17
N PRO A 89 16.40 -37.92 -4.18
CA PRO A 89 17.51 -37.92 -5.15
C PRO A 89 17.45 -36.71 -6.08
N TYR A 90 16.27 -36.45 -6.63
CA TYR A 90 16.09 -35.32 -7.53
C TYR A 90 16.53 -34.01 -6.89
N SER A 91 16.45 -33.96 -5.56
CA SER A 91 16.84 -32.77 -4.82
C SER A 91 18.32 -32.49 -4.99
N ASP A 92 19.15 -33.50 -4.75
CA ASP A 92 20.60 -33.36 -4.87
C ASP A 92 20.99 -33.07 -6.32
N GLU A 93 20.24 -33.65 -7.25
CA GLU A 93 20.51 -33.45 -8.67
C GLU A 93 20.14 -32.04 -9.11
N LEU A 94 18.91 -31.64 -8.80
CA LEU A 94 18.43 -30.31 -9.16
C LEU A 94 19.28 -29.22 -8.50
N ARG A 95 19.49 -29.36 -7.19
CA ARG A 95 20.28 -28.40 -6.45
C ARG A 95 21.71 -28.33 -6.98
N GLN A 96 22.21 -29.47 -7.44
CA GLN A 96 23.57 -29.54 -7.97
C GLN A 96 23.73 -28.65 -9.20
N ARG A 97 22.82 -28.81 -10.16
CA ARG A 97 22.86 -28.02 -11.39
C ARG A 97 22.47 -26.57 -11.10
N LEU A 98 21.43 -26.39 -10.29
CA LEU A 98 20.95 -25.06 -9.95
C LEU A 98 22.04 -24.26 -9.22
N ALA A 99 22.62 -24.86 -8.20
CA ALA A 99 23.68 -24.22 -7.43
C ALA A 99 24.89 -23.94 -8.29
N ALA A 100 25.14 -24.81 -9.26
CA ALA A 100 26.27 -24.66 -10.16
C ALA A 100 26.02 -23.54 -11.17
N ARG A 101 24.80 -23.50 -11.70
CA ARG A 101 24.44 -22.49 -12.68
C ARG A 101 24.26 -21.12 -12.02
N LEU A 102 23.80 -21.14 -10.77
CA LEU A 102 23.59 -19.90 -10.02
C LEU A 102 24.92 -19.21 -9.72
N GLU A 103 25.86 -19.97 -9.19
CA GLU A 103 27.18 -19.44 -8.86
C GLU A 103 27.98 -19.12 -10.11
N ALA A 104 27.81 -19.95 -11.13
CA ALA A 104 28.51 -19.77 -12.40
C ALA A 104 27.99 -18.55 -13.15
N LEU A 105 26.66 -18.45 -13.25
CA LEU A 105 26.04 -17.33 -13.95
C LEU A 105 26.41 -16.00 -13.29
N LYS A 106 26.40 -15.98 -11.96
CA LYS A 106 26.75 -14.77 -11.22
C LYS A 106 28.24 -14.47 -11.33
N GLU A 107 29.04 -15.54 -11.43
CA GLU A 107 30.49 -15.39 -11.54
C GLU A 107 30.85 -14.50 -12.72
N ASN A 108 30.30 -14.81 -13.88
CA ASN A 108 30.57 -14.04 -15.09
C ASN A 108 29.95 -12.65 -15.00
N GLY A 109 28.88 -12.53 -14.22
CA GLY A 109 28.21 -11.26 -14.06
C GLY A 109 29.16 -10.14 -13.67
N GLY A 110 30.17 -10.49 -12.87
CA GLY A 110 31.13 -9.50 -12.44
C GLY A 110 31.73 -8.72 -13.60
N ALA A 111 31.85 -9.38 -14.75
CA ALA A 111 32.42 -8.73 -15.93
C ALA A 111 31.37 -7.86 -16.63
N ARG A 112 30.10 -8.19 -16.43
CA ARG A 112 29.01 -7.43 -17.03
C ARG A 112 28.83 -6.10 -16.33
N LEU A 113 28.99 -6.09 -15.01
CA LEU A 113 28.84 -4.87 -14.23
C LEU A 113 29.85 -3.82 -14.66
N ALA A 114 31.06 -4.26 -15.00
CA ALA A 114 32.12 -3.35 -15.44
C ALA A 114 31.83 -2.82 -16.84
N GLU A 115 31.50 -3.72 -17.76
CA GLU A 115 31.21 -3.34 -19.13
C GLU A 115 29.99 -2.42 -19.19
N TYR A 116 28.92 -2.82 -18.51
CA TYR A 116 27.69 -2.04 -18.49
C TYR A 116 27.94 -0.65 -17.90
N HIS A 117 28.69 -0.60 -16.81
CA HIS A 117 29.01 0.67 -16.15
C HIS A 117 29.62 1.65 -17.15
N ALA A 118 30.59 1.18 -17.92
CA ALA A 118 31.27 2.02 -18.90
C ALA A 118 30.30 2.46 -19.99
N LYS A 119 29.31 1.62 -20.28
CA LYS A 119 28.31 1.93 -21.29
C LYS A 119 27.31 2.96 -20.79
N ALA A 120 26.74 2.69 -19.62
CA ALA A 120 25.76 3.60 -19.02
C ALA A 120 26.41 4.92 -18.62
N THR A 121 27.58 4.83 -17.98
CA THR A 121 28.29 6.03 -17.54
C THR A 121 28.65 6.92 -18.72
N GLU A 122 29.18 6.31 -19.78
CA GLU A 122 29.55 7.05 -20.98
C GLU A 122 28.32 7.70 -21.64
N HIS A 123 27.22 6.97 -21.63
CA HIS A 123 25.98 7.46 -22.22
C HIS A 123 25.54 8.77 -21.56
N LEU A 124 25.68 8.83 -20.24
CA LEU A 124 25.30 10.02 -19.49
C LEU A 124 26.29 11.16 -19.72
N SER A 125 27.55 10.80 -19.95
CA SER A 125 28.60 11.78 -20.18
C SER A 125 28.26 12.66 -21.39
N THR A 126 27.92 12.02 -22.50
CA THR A 126 27.57 12.73 -23.71
C THR A 126 26.27 13.52 -23.54
N LEU A 127 25.24 12.83 -23.07
CA LEU A 127 23.94 13.47 -22.86
C LEU A 127 24.08 14.69 -21.96
N SER A 128 24.75 14.52 -20.82
CA SER A 128 24.94 15.62 -19.89
C SER A 128 25.64 16.80 -20.55
N GLU A 129 26.54 16.49 -21.48
CA GLU A 129 27.27 17.54 -22.20
C GLU A 129 26.32 18.45 -22.97
N LYS A 130 25.38 17.84 -23.70
CA LYS A 130 24.41 18.59 -24.47
C LYS A 130 23.32 19.16 -23.57
N ALA A 131 23.01 18.44 -22.49
CA ALA A 131 21.99 18.87 -21.55
C ALA A 131 22.44 20.10 -20.77
N LYS A 132 23.76 20.31 -20.73
CA LYS A 132 24.32 21.46 -20.02
C LYS A 132 23.81 22.77 -20.60
N PRO A 133 24.12 23.03 -21.87
CA PRO A 133 23.70 24.25 -22.57
C PRO A 133 22.20 24.26 -22.84
N ALA A 134 21.61 23.08 -22.97
CA ALA A 134 20.18 22.96 -23.23
C ALA A 134 19.38 23.23 -21.97
N LEU A 135 19.94 22.88 -20.81
CA LEU A 135 19.28 23.07 -19.54
C LEU A 135 19.24 24.55 -19.16
N GLU A 136 20.31 25.26 -19.49
CA GLU A 136 20.41 26.68 -19.19
C GLU A 136 19.20 27.44 -19.74
N ASP A 137 18.91 27.22 -21.02
CA ASP A 137 17.78 27.88 -21.66
C ASP A 137 16.46 27.27 -21.20
N LEU A 138 16.47 25.97 -20.94
CA LEU A 138 15.27 25.27 -20.49
C LEU A 138 14.78 25.83 -19.17
N ARG A 139 15.69 25.96 -18.20
CA ARG A 139 15.34 26.49 -16.89
C ARG A 139 14.91 27.95 -16.99
N GLN A 140 15.53 28.70 -17.89
CA GLN A 140 15.21 30.11 -18.08
C GLN A 140 13.73 30.27 -18.41
N GLY A 141 13.25 29.49 -19.38
CA GLY A 141 11.85 29.57 -19.78
C GLY A 141 10.91 29.09 -18.69
N LEU A 142 11.38 28.17 -17.86
CA LEU A 142 10.56 27.62 -16.78
C LEU A 142 10.27 28.69 -15.74
N LEU A 143 11.22 29.61 -15.56
CA LEU A 143 11.05 30.69 -14.59
C LEU A 143 9.71 31.37 -14.76
N PRO A 144 9.49 31.96 -15.95
CA PRO A 144 8.23 32.66 -16.27
C PRO A 144 7.05 31.70 -16.41
N VAL A 145 7.31 30.54 -17.01
CA VAL A 145 6.26 29.54 -17.20
C VAL A 145 5.65 29.12 -15.87
N LEU A 146 6.50 28.68 -14.95
CA LEU A 146 6.04 28.25 -13.64
C LEU A 146 5.35 29.38 -12.90
N GLU A 147 5.82 30.60 -13.11
CA GLU A 147 5.25 31.78 -12.48
C GLU A 147 3.82 32.02 -12.98
N SER A 148 3.60 31.74 -14.26
CA SER A 148 2.28 31.92 -14.86
C SER A 148 1.23 31.09 -14.15
N PHE A 149 1.53 29.81 -13.95
CA PHE A 149 0.61 28.90 -13.28
C PHE A 149 0.44 29.27 -11.81
N LYS A 150 1.56 29.59 -11.17
CA LYS A 150 1.55 29.97 -9.75
C LYS A 150 0.73 31.24 -9.54
N VAL A 151 0.98 32.24 -10.38
CA VAL A 151 0.27 33.51 -10.27
C VAL A 151 -1.24 33.30 -10.37
N SER A 152 -1.66 32.40 -11.25
CA SER A 152 -3.07 32.12 -11.44
C SER A 152 -3.71 31.65 -10.13
N PHE A 153 -3.07 30.66 -9.50
CA PHE A 153 -3.57 30.12 -8.24
C PHE A 153 -3.62 31.19 -7.17
N LEU A 154 -2.64 32.08 -7.17
CA LEU A 154 -2.57 33.17 -6.20
C LEU A 154 -3.76 34.11 -6.34
N SER A 155 -4.21 34.30 -7.58
CA SER A 155 -5.34 35.17 -7.86
C SER A 155 -6.64 34.55 -7.37
N ALA A 156 -6.71 33.22 -7.39
CA ALA A 156 -7.90 32.51 -6.94
C ALA A 156 -8.11 32.67 -5.45
N LEU A 157 -7.06 32.40 -4.68
CA LEU A 157 -7.13 32.51 -3.22
C LEU A 157 -7.30 33.97 -2.79
N GLU A 158 -6.51 34.84 -3.41
CA GLU A 158 -6.56 36.27 -3.10
C GLU A 158 -7.94 36.85 -3.42
N GLU A 159 -8.55 36.35 -4.48
CA GLU A 159 -9.87 36.81 -4.90
C GLU A 159 -10.93 36.41 -3.88
N TYR A 160 -10.92 35.14 -3.49
CA TYR A 160 -11.89 34.64 -2.52
C TYR A 160 -11.87 35.47 -1.24
N THR A 161 -10.66 35.86 -0.82
CA THR A 161 -10.52 36.67 0.40
C THR A 161 -10.96 38.10 0.16
N LYS A 162 -10.62 38.64 -1.02
CA LYS A 162 -10.99 40.01 -1.37
C LYS A 162 -12.49 40.21 -1.25
N LYS A 163 -13.26 39.37 -1.94
CA LYS A 163 -14.71 39.45 -1.91
C LYS A 163 -15.26 39.06 -0.54
N LEU A 164 -14.62 38.07 0.07
CA LEU A 164 -15.05 37.59 1.39
C LEU A 164 -15.03 38.73 2.41
N ASN A 165 -14.02 39.60 2.30
CA ASN A 165 -13.88 40.73 3.21
C ASN A 165 -12.75 41.65 2.76
N THR A 166 -13.07 42.60 1.88
CA THR A 166 -12.09 43.54 1.38
C THR A 166 -11.33 44.21 2.52
N GLN A 167 -10.00 44.18 2.43
CA GLN A 167 -9.16 44.78 3.46
C GLN A 167 -8.49 46.05 2.94
N SER B 1 16.41 15.55 3.18
CA SER B 1 15.82 15.25 1.88
C SER B 1 16.69 15.78 0.75
N THR B 2 17.81 15.10 0.51
CA THR B 2 18.74 15.51 -0.54
C THR B 2 19.45 14.30 -1.14
N PHE B 3 20.20 14.53 -2.21
CA PHE B 3 20.93 13.47 -2.90
C PHE B 3 22.32 13.32 -2.32
N SER B 4 22.41 13.28 -0.99
CA SER B 4 23.70 13.15 -0.31
C SER B 4 24.35 11.80 -0.64
N LYS B 5 23.52 10.76 -0.73
CA LYS B 5 24.01 9.43 -1.04
C LYS B 5 24.35 9.30 -2.53
N LEU B 6 23.45 9.77 -3.38
CA LEU B 6 23.65 9.71 -4.82
C LEU B 6 24.84 10.55 -5.24
N ARG B 7 25.00 11.71 -4.60
CA ARG B 7 26.11 12.61 -4.90
C ARG B 7 27.43 12.03 -4.40
N GLU B 8 27.42 11.53 -3.16
CA GLU B 8 28.62 10.95 -2.57
C GLU B 8 29.13 9.78 -3.40
N GLN B 9 28.20 8.94 -3.86
CA GLN B 9 28.57 7.79 -4.67
C GLN B 9 28.86 8.19 -6.11
N LEU B 10 28.33 9.34 -6.52
CA LEU B 10 28.54 9.85 -7.87
C LEU B 10 30.03 9.95 -8.18
N GLY B 11 30.81 10.38 -7.20
CA GLY B 11 32.24 10.52 -7.40
C GLY B 11 32.88 9.26 -7.94
N PRO B 12 34.19 9.32 -8.21
CA PRO B 12 34.95 8.19 -8.74
C PRO B 12 35.10 7.06 -7.72
N VAL B 13 34.63 7.31 -6.51
CA VAL B 13 34.71 6.30 -5.44
C VAL B 13 33.88 5.08 -5.77
N THR B 14 32.82 5.27 -6.56
CA THR B 14 31.94 4.18 -6.95
C THR B 14 32.74 2.96 -7.36
N GLN B 15 33.91 3.19 -7.97
CA GLN B 15 34.76 2.09 -8.40
C GLN B 15 35.14 1.19 -7.24
N GLU B 16 35.62 1.80 -6.16
CA GLU B 16 36.01 1.05 -4.97
C GLU B 16 34.79 0.51 -4.23
N PHE B 17 33.67 1.20 -4.36
CA PHE B 17 32.43 0.79 -3.71
C PHE B 17 31.97 -0.57 -4.22
N TRP B 18 31.82 -0.68 -5.54
CA TRP B 18 31.38 -1.93 -6.15
C TRP B 18 32.48 -2.98 -6.08
N ASP B 19 33.73 -2.54 -6.19
CA ASP B 19 34.87 -3.44 -6.15
C ASP B 19 35.02 -4.06 -4.75
N ASN B 20 35.07 -3.21 -3.74
CA ASN B 20 35.22 -3.66 -2.36
C ASN B 20 33.98 -4.44 -1.92
N LEU B 21 32.81 -3.98 -2.33
CA LEU B 21 31.56 -4.63 -1.99
C LEU B 21 31.53 -6.07 -2.51
N GLU B 22 31.74 -6.22 -3.81
CA GLU B 22 31.74 -7.53 -4.45
C GLU B 22 32.84 -8.42 -3.85
N LYS B 23 33.97 -7.81 -3.51
CA LYS B 23 35.09 -8.55 -2.93
C LYS B 23 34.66 -9.28 -1.67
N GLU B 24 34.01 -8.56 -0.76
CA GLU B 24 33.54 -9.14 0.49
C GLU B 24 32.31 -10.01 0.27
N THR B 25 31.50 -9.63 -0.72
CA THR B 25 30.29 -10.36 -1.04
C THR B 25 30.60 -11.81 -1.41
N GLU B 26 31.84 -12.06 -1.82
CA GLU B 26 32.27 -13.40 -2.19
C GLU B 26 31.88 -14.42 -1.12
N GLY B 27 31.92 -13.98 0.14
CA GLY B 27 31.58 -14.87 1.23
C GLY B 27 30.23 -15.54 1.04
N LEU B 28 29.36 -14.89 0.29
CA LEU B 28 28.03 -15.44 0.02
C LEU B 28 28.12 -16.89 -0.42
N ARG B 29 29.16 -17.21 -1.18
CA ARG B 29 29.37 -18.57 -1.67
C ARG B 29 29.50 -19.56 -0.51
N GLN B 30 30.36 -19.23 0.44
CA GLN B 30 30.59 -20.08 1.61
C GLN B 30 29.30 -20.25 2.41
N GLU B 31 28.60 -19.14 2.63
CA GLU B 31 27.36 -19.15 3.39
C GLU B 31 26.36 -20.15 2.78
N MET B 32 26.18 -20.05 1.47
CA MET B 32 25.25 -20.93 0.76
C MET B 32 25.67 -22.39 0.94
N SER B 33 26.96 -22.66 0.88
CA SER B 33 27.49 -24.01 1.02
C SER B 33 27.09 -24.60 2.37
N LYS B 34 27.34 -23.85 3.43
CA LYS B 34 27.00 -24.30 4.79
C LYS B 34 25.51 -24.57 4.90
N ASP B 35 24.70 -23.66 4.41
CA ASP B 35 23.24 -23.80 4.47
C ASP B 35 22.81 -25.11 3.82
N LEU B 36 23.35 -25.40 2.64
CA LEU B 36 23.02 -26.62 1.92
C LEU B 36 23.31 -27.85 2.77
N GLU B 37 24.51 -27.91 3.33
CA GLU B 37 24.92 -29.03 4.17
C GLU B 37 23.90 -29.26 5.29
N GLU B 38 23.55 -28.19 5.99
CA GLU B 38 22.60 -28.28 7.08
C GLU B 38 21.22 -28.71 6.57
N VAL B 39 20.86 -28.23 5.39
CA VAL B 39 19.57 -28.57 4.79
C VAL B 39 19.48 -30.06 4.47
N LYS B 40 20.62 -30.65 4.13
CA LYS B 40 20.68 -32.07 3.80
C LYS B 40 20.56 -32.92 5.07
N ALA B 41 21.41 -32.64 6.04
CA ALA B 41 21.40 -33.38 7.30
C ALA B 41 20.05 -33.27 8.00
N LYS B 42 19.41 -32.10 7.86
CA LYS B 42 18.12 -31.86 8.48
C LYS B 42 17.00 -32.52 7.66
N VAL B 43 17.19 -32.56 6.34
CA VAL B 43 16.20 -33.16 5.45
C VAL B 43 15.89 -34.59 5.87
N GLN B 44 16.93 -35.37 6.14
CA GLN B 44 16.76 -36.76 6.54
C GLN B 44 15.64 -36.90 7.56
N PRO B 45 15.84 -36.33 8.75
CA PRO B 45 14.85 -36.37 9.83
C PRO B 45 13.61 -35.53 9.52
N TYR B 46 13.82 -34.45 8.78
CA TYR B 46 12.72 -33.55 8.42
C TYR B 46 11.63 -34.31 7.66
N LEU B 47 12.02 -35.41 7.02
CA LEU B 47 11.08 -36.22 6.26
C LEU B 47 10.19 -37.04 7.18
N ASP B 48 10.81 -37.74 8.13
CA ASP B 48 10.07 -38.56 9.08
C ASP B 48 9.10 -37.71 9.89
N ASP B 49 9.48 -36.47 10.15
CA ASP B 49 8.63 -35.55 10.91
C ASP B 49 7.40 -35.15 10.11
N PHE B 50 7.61 -34.79 8.85
CA PHE B 50 6.51 -34.38 7.98
C PHE B 50 5.44 -35.47 7.91
N GLN B 51 5.87 -36.68 7.57
CA GLN B 51 4.95 -37.81 7.47
C GLN B 51 4.31 -38.12 8.81
N LYS B 52 5.14 -38.20 9.85
CA LYS B 52 4.65 -38.48 11.20
C LYS B 52 3.69 -37.41 11.67
N LYS B 53 3.78 -36.23 11.06
CA LYS B 53 2.90 -35.12 11.42
C LYS B 53 1.48 -35.36 10.90
N TRP B 54 1.37 -35.74 9.64
CA TRP B 54 0.07 -36.00 9.04
C TRP B 54 -0.63 -37.17 9.71
N GLN B 55 0.17 -38.12 10.21
CA GLN B 55 -0.38 -39.29 10.88
C GLN B 55 -1.11 -38.89 12.16
N GLU B 56 -0.41 -38.18 13.05
CA GLU B 56 -1.01 -37.74 14.30
C GLU B 56 -2.03 -36.63 14.07
N GLU B 57 -1.76 -35.80 13.08
CA GLU B 57 -2.66 -34.69 12.74
C GLU B 57 -3.95 -35.20 12.13
N MET B 58 -3.85 -36.31 11.38
CA MET B 58 -5.01 -36.90 10.74
C MET B 58 -5.94 -37.52 11.76
N GLU B 59 -5.40 -38.39 12.61
CA GLU B 59 -6.19 -39.06 13.64
C GLU B 59 -6.71 -38.05 14.67
N LEU B 60 -5.90 -37.03 14.95
CA LEU B 60 -6.26 -36.00 15.92
C LEU B 60 -7.26 -35.03 15.31
N TYR B 61 -7.23 -34.90 13.99
CA TYR B 61 -8.12 -33.99 13.27
C TYR B 61 -9.57 -34.45 13.41
N ARG B 62 -9.82 -35.71 13.04
CA ARG B 62 -11.17 -36.27 13.11
C ARG B 62 -11.55 -36.56 14.56
N GLN B 63 -10.57 -36.93 15.37
CA GLN B 63 -10.81 -37.24 16.77
C GLN B 63 -11.13 -35.98 17.55
N LYS B 64 -10.70 -34.84 17.04
CA LYS B 64 -10.93 -33.56 17.69
C LYS B 64 -12.24 -32.93 17.20
N VAL B 65 -12.44 -32.96 15.88
CA VAL B 65 -13.64 -32.40 15.28
C VAL B 65 -14.90 -33.10 15.80
N GLU B 66 -14.76 -34.40 16.10
CA GLU B 66 -15.88 -35.18 16.59
C GLU B 66 -16.44 -34.59 17.88
N PRO B 67 -15.61 -34.58 18.94
CA PRO B 67 -15.99 -34.04 20.24
C PRO B 67 -16.13 -32.52 20.22
N LEU B 68 -15.12 -31.84 19.71
CA LEU B 68 -15.13 -30.38 19.63
C LEU B 68 -16.17 -29.90 18.62
N GLY B 69 -15.95 -30.24 17.35
CA GLY B 69 -16.87 -29.83 16.30
C GLY B 69 -18.32 -30.04 16.69
N GLU B 70 -18.57 -31.08 17.49
CA GLU B 70 -19.92 -31.38 17.94
C GLU B 70 -20.37 -30.41 19.03
N GLU B 71 -19.49 -30.17 20.00
CA GLU B 71 -19.81 -29.27 21.10
C GLU B 71 -19.88 -27.83 20.61
N MET B 72 -18.95 -27.46 19.73
CA MET B 72 -18.91 -26.11 19.19
C MET B 72 -20.15 -25.81 18.35
N ARG B 73 -20.45 -26.70 17.41
CA ARG B 73 -21.61 -26.54 16.54
C ARG B 73 -22.90 -26.62 17.34
N ASP B 74 -22.92 -27.50 18.35
CA ASP B 74 -24.09 -27.67 19.19
C ASP B 74 -24.34 -26.43 20.04
N ARG B 75 -23.29 -25.98 20.75
CA ARG B 75 -23.40 -24.80 21.60
C ARG B 75 -23.67 -23.55 20.77
N ALA B 76 -23.10 -23.51 19.58
CA ALA B 76 -23.28 -22.36 18.68
C ALA B 76 -24.74 -22.23 18.26
N ARG B 77 -25.35 -23.35 17.88
CA ARG B 77 -26.75 -23.35 17.46
C ARG B 77 -27.65 -22.86 18.57
N ALA B 78 -27.53 -23.46 19.75
CA ALA B 78 -28.33 -23.07 20.90
C ALA B 78 -28.20 -21.58 21.19
N HIS B 79 -26.96 -21.13 21.36
CA HIS B 79 -26.70 -19.72 21.65
C HIS B 79 -27.18 -18.83 20.51
N VAL B 80 -26.96 -19.29 19.29
CA VAL B 80 -27.37 -18.53 18.11
C VAL B 80 -28.88 -18.31 18.09
N ASP B 81 -29.63 -19.39 18.23
CA ASP B 81 -31.09 -19.32 18.24
C ASP B 81 -31.57 -18.27 19.24
N ALA B 82 -31.08 -18.36 20.47
CA ALA B 82 -31.46 -17.42 21.52
C ALA B 82 -31.06 -15.99 21.14
N LEU B 83 -29.84 -15.83 20.66
CA LEU B 83 -29.33 -14.52 20.26
C LEU B 83 -30.23 -13.89 19.20
N ARG B 84 -30.67 -14.71 18.25
CA ARG B 84 -31.53 -14.25 17.17
C ARG B 84 -32.89 -13.79 17.72
N THR B 85 -33.49 -14.62 18.56
CA THR B 85 -34.79 -14.31 19.15
C THR B 85 -34.74 -12.97 19.88
N HIS B 86 -33.67 -12.74 20.62
CA HIS B 86 -33.51 -11.51 21.37
C HIS B 86 -33.10 -10.36 20.46
N LEU B 87 -32.33 -10.69 19.43
CA LEU B 87 -31.86 -9.70 18.47
C LEU B 87 -33.00 -9.18 17.60
N ALA B 88 -34.08 -9.95 17.55
CA ALA B 88 -35.25 -9.58 16.77
C ALA B 88 -35.83 -8.24 17.24
N PRO B 89 -36.29 -8.21 18.49
CA PRO B 89 -36.87 -7.01 19.09
C PRO B 89 -35.83 -5.92 19.33
N TYR B 90 -34.69 -6.31 19.91
CA TYR B 90 -33.62 -5.35 20.19
C TYR B 90 -33.17 -4.64 18.92
N SER B 91 -33.35 -5.30 17.77
CA SER B 91 -32.97 -4.73 16.49
C SER B 91 -33.80 -3.48 16.19
N ASP B 92 -35.12 -3.62 16.29
CA ASP B 92 -36.02 -2.51 16.02
C ASP B 92 -35.80 -1.38 17.03
N GLU B 93 -35.48 -1.75 18.27
CA GLU B 93 -35.25 -0.77 19.32
C GLU B 93 -33.95 -0.02 19.09
N LEU B 94 -32.87 -0.77 18.90
CA LEU B 94 -31.55 -0.18 18.67
C LEU B 94 -31.56 0.67 17.40
N ARG B 95 -32.07 0.12 16.32
CA ARG B 95 -32.13 0.83 15.05
C ARG B 95 -32.99 2.08 15.17
N GLN B 96 -34.02 2.00 15.99
CA GLN B 96 -34.93 3.13 16.19
C GLN B 96 -34.17 4.33 16.77
N ARG B 97 -33.45 4.09 17.86
CA ARG B 97 -32.69 5.16 18.51
C ARG B 97 -31.50 5.57 17.66
N LEU B 98 -30.80 4.59 17.11
CA LEU B 98 -29.64 4.85 16.27
C LEU B 98 -30.02 5.67 15.04
N ALA B 99 -31.06 5.22 14.34
CA ALA B 99 -31.53 5.92 13.15
C ALA B 99 -32.03 7.32 13.49
N ALA B 100 -32.59 7.46 14.69
CA ALA B 100 -33.11 8.75 15.14
C ALA B 100 -31.98 9.69 15.51
N ARG B 101 -30.97 9.16 16.20
CA ARG B 101 -29.83 9.96 16.62
C ARG B 101 -28.92 10.28 15.43
N LEU B 102 -28.87 9.37 14.48
CA LEU B 102 -28.04 9.55 13.28
C LEU B 102 -28.58 10.69 12.42
N GLU B 103 -29.88 10.66 12.15
CA GLU B 103 -30.51 11.68 11.34
C GLU B 103 -30.58 13.00 12.09
N ALA B 104 -30.87 12.93 13.39
CA ALA B 104 -30.96 14.12 14.23
C ALA B 104 -29.61 14.80 14.37
N LEU B 105 -28.59 14.01 14.66
CA LEU B 105 -27.23 14.54 14.83
C LEU B 105 -26.74 15.21 13.55
N LYS B 106 -27.02 14.57 12.42
CA LYS B 106 -26.62 15.10 11.12
C LYS B 106 -27.45 16.31 10.74
N GLU B 107 -28.72 16.31 11.16
CA GLU B 107 -29.62 17.42 10.87
C GLU B 107 -29.04 18.74 11.36
N ASN B 108 -28.62 18.76 12.62
CA ASN B 108 -28.04 19.96 13.22
C ASN B 108 -26.68 20.28 12.60
N GLY B 109 -26.01 19.24 12.10
CA GLY B 109 -24.70 19.43 11.49
C GLY B 109 -24.72 20.51 10.42
N GLY B 110 -25.84 20.60 9.69
CA GLY B 110 -25.95 21.60 8.64
C GLY B 110 -25.61 23.00 9.13
N ALA B 111 -25.89 23.27 10.40
CA ALA B 111 -25.62 24.58 10.98
C ALA B 111 -24.15 24.71 11.36
N ARG B 112 -23.50 23.58 11.61
CA ARG B 112 -22.10 23.56 11.99
C ARG B 112 -21.21 23.86 10.78
N LEU B 113 -21.60 23.32 9.63
CA LEU B 113 -20.84 23.52 8.40
C LEU B 113 -20.76 25.00 8.03
N ALA B 114 -21.85 25.72 8.28
CA ALA B 114 -21.89 27.14 8.00
C ALA B 114 -21.04 27.94 8.98
N GLU B 115 -21.23 27.66 10.27
CA GLU B 115 -20.48 28.35 11.31
C GLU B 115 -18.98 28.08 11.17
N TYR B 116 -18.63 26.81 11.00
CA TYR B 116 -17.24 26.41 10.87
C TYR B 116 -16.59 27.07 9.64
N HIS B 117 -17.33 27.07 8.53
CA HIS B 117 -16.84 27.67 7.30
C HIS B 117 -16.41 29.11 7.52
N ALA B 118 -17.26 29.88 8.21
CA ALA B 118 -16.97 31.27 8.49
C ALA B 118 -15.76 31.41 9.41
N LYS B 119 -15.56 30.41 10.26
CA LYS B 119 -14.43 30.41 11.18
C LYS B 119 -13.13 30.06 10.46
N ALA B 120 -13.14 28.97 9.72
CA ALA B 120 -11.97 28.53 8.98
C ALA B 120 -11.63 29.51 7.86
N THR B 121 -12.65 29.93 7.11
CA THR B 121 -12.46 30.86 6.01
C THR B 121 -11.86 32.17 6.51
N GLU B 122 -12.42 32.70 7.59
CA GLU B 122 -11.94 33.96 8.16
C GLU B 122 -10.50 33.81 8.66
N HIS B 123 -10.20 32.66 9.24
CA HIS B 123 -8.86 32.40 9.77
C HIS B 123 -7.81 32.51 8.66
N LEU B 124 -8.15 32.00 7.48
CA LEU B 124 -7.24 32.04 6.34
C LEU B 124 -7.14 33.46 5.78
N SER B 125 -8.23 34.21 5.88
CA SER B 125 -8.26 35.58 5.38
C SER B 125 -7.18 36.42 6.04
N THR B 126 -7.14 36.38 7.38
CA THR B 126 -6.15 37.14 8.13
C THR B 126 -4.74 36.63 7.88
N LEU B 127 -4.56 35.33 8.03
CA LEU B 127 -3.25 34.70 7.81
C LEU B 127 -2.72 35.04 6.43
N SER B 128 -3.55 34.85 5.40
CA SER B 128 -3.15 35.13 4.03
C SER B 128 -2.71 36.58 3.88
N GLU B 129 -3.36 37.47 4.62
CA GLU B 129 -3.05 38.89 4.57
C GLU B 129 -1.59 39.15 4.98
N LYS B 130 -1.18 38.54 6.09
CA LYS B 130 0.18 38.68 6.58
C LYS B 130 1.15 37.83 5.77
N ALA B 131 0.67 36.69 5.28
CA ALA B 131 1.49 35.79 4.49
C ALA B 131 1.82 36.40 3.12
N LYS B 132 1.02 37.38 2.72
CA LYS B 132 1.23 38.05 1.43
C LYS B 132 2.59 38.72 1.38
N PRO B 133 2.80 39.71 2.27
CA PRO B 133 4.06 40.45 2.35
C PRO B 133 5.21 39.59 2.89
N ALA B 134 4.86 38.60 3.70
CA ALA B 134 5.86 37.71 4.28
C ALA B 134 6.35 36.69 3.26
N LEU B 135 5.47 36.31 2.34
CA LEU B 135 5.81 35.34 1.31
C LEU B 135 6.75 35.96 0.27
N GLU B 136 6.53 37.24 -0.03
CA GLU B 136 7.35 37.95 -1.00
C GLU B 136 8.84 37.83 -0.64
N ASP B 137 9.17 38.14 0.61
CA ASP B 137 10.55 38.07 1.07
C ASP B 137 10.98 36.62 1.25
N LEU B 138 10.04 35.77 1.67
CA LEU B 138 10.33 34.36 1.88
C LEU B 138 10.79 33.69 0.59
N ARG B 139 10.03 33.90 -0.48
CA ARG B 139 10.35 33.33 -1.79
C ARG B 139 11.66 33.90 -2.32
N GLN B 140 11.90 35.17 -2.05
CA GLN B 140 13.11 35.83 -2.50
C GLN B 140 14.36 35.10 -1.99
N GLY B 141 14.37 34.81 -0.69
CA GLY B 141 15.50 34.12 -0.10
C GLY B 141 15.62 32.69 -0.59
N LEU B 142 14.49 32.08 -0.93
CA LEU B 142 14.48 30.71 -1.42
C LEU B 142 15.20 30.60 -2.76
N LEU B 143 15.09 31.65 -3.56
CA LEU B 143 15.73 31.68 -4.89
C LEU B 143 17.20 31.25 -4.79
N PRO B 144 17.99 32.00 -4.01
CA PRO B 144 19.42 31.72 -3.82
C PRO B 144 19.65 30.46 -2.99
N VAL B 145 18.81 30.26 -1.97
CA VAL B 145 18.92 29.10 -1.10
C VAL B 145 18.80 27.81 -1.90
N LEU B 146 17.71 27.68 -2.64
CA LEU B 146 17.47 26.48 -3.44
C LEU B 146 18.58 26.30 -4.48
N GLU B 147 19.10 27.41 -4.99
CA GLU B 147 20.17 27.36 -5.98
C GLU B 147 21.45 26.80 -5.38
N SER B 148 21.68 27.10 -4.10
CA SER B 148 22.87 26.63 -3.41
C SER B 148 22.91 25.11 -3.38
N PHE B 149 21.79 24.50 -3.00
CA PHE B 149 21.70 23.05 -2.92
C PHE B 149 21.75 22.42 -4.32
N LYS B 150 21.05 23.04 -5.25
CA LYS B 150 21.01 22.55 -6.63
C LYS B 150 22.40 22.61 -7.26
N VAL B 151 23.07 23.75 -7.09
CA VAL B 151 24.41 23.93 -7.64
C VAL B 151 25.36 22.85 -7.15
N SER B 152 25.24 22.49 -5.88
CA SER B 152 26.09 21.48 -5.27
C SER B 152 25.96 20.15 -6.02
N PHE B 153 24.71 19.71 -6.21
CA PHE B 153 24.45 18.46 -6.91
C PHE B 153 24.98 18.51 -8.33
N LEU B 154 24.87 19.67 -8.96
CA LEU B 154 25.34 19.84 -10.34
C LEU B 154 26.86 19.64 -10.42
N SER B 155 27.56 20.05 -9.37
CA SER B 155 29.01 19.92 -9.32
C SER B 155 29.42 18.45 -9.16
N ALA B 156 28.58 17.68 -8.49
CA ALA B 156 28.85 16.27 -8.26
C ALA B 156 28.80 15.49 -9.56
N LEU B 157 27.71 15.66 -10.30
CA LEU B 157 27.53 14.96 -11.58
C LEU B 157 28.53 15.47 -12.61
N GLU B 158 28.70 16.79 -12.69
CA GLU B 158 29.62 17.40 -13.63
C GLU B 158 31.05 16.95 -13.35
N GLU B 159 31.37 16.78 -12.07
CA GLU B 159 32.71 16.36 -11.67
C GLU B 159 32.99 14.93 -12.13
N TYR B 160 32.05 14.03 -11.84
CA TYR B 160 32.19 12.63 -12.21
C TYR B 160 32.48 12.49 -13.71
N THR B 161 31.79 13.29 -14.51
CA THR B 161 31.96 13.26 -15.95
C THR B 161 33.29 13.88 -16.36
N LYS B 162 33.66 14.98 -15.70
CA LYS B 162 34.91 15.67 -15.99
C LYS B 162 36.09 14.72 -15.87
N LYS B 163 36.21 14.07 -14.72
CA LYS B 163 37.31 13.14 -14.48
C LYS B 163 37.15 11.88 -15.34
N LEU B 164 35.91 11.44 -15.51
CA LEU B 164 35.61 10.26 -16.30
C LEU B 164 36.14 10.41 -17.72
N ASN B 165 36.03 11.63 -18.27
CA ASN B 165 36.50 11.90 -19.62
C ASN B 165 36.41 13.40 -19.92
N THR B 166 37.46 14.13 -19.57
CA THR B 166 37.50 15.57 -19.81
C THR B 166 37.17 15.89 -21.26
N GLN B 167 36.22 16.81 -21.45
CA GLN B 167 35.81 17.22 -22.79
C GLN B 167 36.30 18.62 -23.11
N SER A 1 -34.70 49.10 -3.38
CA SER A 1 -34.02 48.40 -2.31
C SER A 1 -33.18 49.35 -1.47
N THR A 2 -33.47 49.42 -0.17
CA THR A 2 -32.75 50.29 0.74
C THR A 2 -31.34 49.78 0.99
N PHE A 3 -31.19 48.46 1.05
CA PHE A 3 -29.89 47.83 1.28
C PHE A 3 -29.49 46.95 0.10
N SER A 4 -29.82 47.40 -1.10
CA SER A 4 -29.50 46.64 -2.31
C SER A 4 -28.02 46.28 -2.34
N LYS A 5 -27.17 47.24 -1.98
CA LYS A 5 -25.73 47.03 -1.97
C LYS A 5 -25.34 46.06 -0.86
N LEU A 6 -25.96 46.22 0.31
CA LEU A 6 -25.68 45.36 1.45
C LEU A 6 -26.02 43.91 1.14
N ARG A 7 -27.19 43.70 0.55
CA ARG A 7 -27.64 42.35 0.20
C ARG A 7 -26.75 41.74 -0.87
N GLU A 8 -26.47 42.52 -1.92
CA GLU A 8 -25.62 42.06 -3.01
C GLU A 8 -24.25 41.63 -2.50
N GLN A 9 -23.69 42.43 -1.61
CA GLN A 9 -22.37 42.13 -1.03
C GLN A 9 -22.49 41.05 0.03
N LEU A 10 -23.66 40.91 0.62
CA LEU A 10 -23.89 39.91 1.65
C LEU A 10 -23.50 38.52 1.17
N GLY A 11 -23.84 38.21 -0.08
CA GLY A 11 -23.51 36.92 -0.65
C GLY A 11 -24.71 35.99 -0.70
N PRO A 12 -25.64 36.26 -1.63
CA PRO A 12 -26.86 35.45 -1.80
C PRO A 12 -26.54 34.07 -2.36
N VAL A 13 -25.52 33.98 -3.19
CA VAL A 13 -25.13 32.72 -3.81
C VAL A 13 -24.86 31.66 -2.74
N THR A 14 -24.34 32.10 -1.60
CA THR A 14 -24.04 31.18 -0.51
C THR A 14 -25.32 30.59 0.08
N GLN A 15 -26.30 31.45 0.35
CA GLN A 15 -27.57 31.01 0.92
C GLN A 15 -28.19 29.91 0.05
N GLU A 16 -28.24 30.15 -1.25
CA GLU A 16 -28.81 29.18 -2.18
C GLU A 16 -27.95 27.93 -2.28
N PHE A 17 -26.64 28.11 -2.09
CA PHE A 17 -25.70 27.00 -2.16
C PHE A 17 -26.05 25.93 -1.13
N TRP A 18 -26.06 26.32 0.14
CA TRP A 18 -26.37 25.39 1.22
C TRP A 18 -27.84 24.97 1.17
N ASP A 19 -28.72 25.95 0.95
CA ASP A 19 -30.15 25.68 0.88
C ASP A 19 -30.45 24.64 -0.18
N ASN A 20 -29.90 24.84 -1.38
CA ASN A 20 -30.12 23.92 -2.49
C ASN A 20 -29.54 22.54 -2.17
N LEU A 21 -28.32 22.52 -1.66
CA LEU A 21 -27.65 21.27 -1.31
C LEU A 21 -28.46 20.50 -0.27
N GLU A 22 -28.73 21.15 0.87
CA GLU A 22 -29.49 20.52 1.94
C GLU A 22 -30.87 20.10 1.45
N LYS A 23 -31.44 20.90 0.55
CA LYS A 23 -32.76 20.61 0.01
C LYS A 23 -32.80 19.23 -0.63
N GLU A 24 -31.84 18.96 -1.51
CA GLU A 24 -31.77 17.68 -2.19
C GLU A 24 -31.29 16.58 -1.23
N THR A 25 -30.44 16.96 -0.28
CA THR A 25 -29.91 16.02 0.70
C THR A 25 -31.03 15.42 1.54
N GLU A 26 -32.14 16.15 1.66
CA GLU A 26 -33.27 15.69 2.43
C GLU A 26 -33.67 14.27 2.04
N GLY A 27 -33.49 13.94 0.76
CA GLY A 27 -33.83 12.62 0.28
C GLY A 27 -33.24 11.52 1.14
N LEU A 28 -32.13 11.82 1.80
CA LEU A 28 -31.46 10.84 2.65
C LEU A 28 -32.47 10.14 3.57
N ARG A 29 -33.40 10.92 4.11
CA ARG A 29 -34.42 10.39 5.00
C ARG A 29 -35.24 9.31 4.30
N GLN A 30 -35.72 9.62 3.10
CA GLN A 30 -36.52 8.67 2.34
C GLN A 30 -35.74 7.39 2.06
N GLU A 31 -34.49 7.54 1.61
CA GLU A 31 -33.64 6.41 1.31
C GLU A 31 -33.55 5.46 2.50
N MET A 32 -33.26 6.03 3.68
CA MET A 32 -33.15 5.24 4.89
C MET A 32 -34.45 4.49 5.18
N SER A 33 -35.57 5.15 4.96
CA SER A 33 -36.87 4.54 5.20
C SER A 33 -37.06 3.29 4.34
N LYS A 34 -36.80 3.43 3.04
CA LYS A 34 -36.94 2.32 2.12
C LYS A 34 -36.04 1.15 2.52
N ASP A 35 -34.78 1.47 2.84
CA ASP A 35 -33.82 0.46 3.26
C ASP A 35 -34.36 -0.35 4.44
N LEU A 36 -34.86 0.35 5.45
CA LEU A 36 -35.41 -0.30 6.64
C LEU A 36 -36.52 -1.27 6.26
N GLU A 37 -37.45 -0.81 5.44
CA GLU A 37 -38.57 -1.64 5.01
C GLU A 37 -38.07 -2.93 4.37
N GLU A 38 -37.10 -2.80 3.46
CA GLU A 38 -36.54 -3.97 2.78
C GLU A 38 -35.79 -4.86 3.76
N VAL A 39 -35.11 -4.24 4.72
CA VAL A 39 -34.34 -4.97 5.71
C VAL A 39 -35.27 -5.79 6.62
N LYS A 40 -36.47 -5.28 6.85
CA LYS A 40 -37.44 -5.96 7.69
C LYS A 40 -38.05 -7.15 6.96
N ALA A 41 -38.58 -6.91 5.77
CA ALA A 41 -39.18 -7.97 4.96
C ALA A 41 -38.16 -9.04 4.60
N LYS A 42 -36.92 -8.62 4.40
CA LYS A 42 -35.85 -9.54 4.05
C LYS A 42 -35.37 -10.32 5.28
N VAL A 43 -35.40 -9.66 6.43
CA VAL A 43 -34.96 -10.28 7.68
C VAL A 43 -35.80 -11.53 7.98
N GLN A 44 -37.10 -11.42 7.76
CA GLN A 44 -38.00 -12.55 8.02
C GLN A 44 -37.42 -13.84 7.47
N PRO A 45 -37.28 -13.91 6.14
CA PRO A 45 -36.74 -15.10 5.46
C PRO A 45 -35.25 -15.29 5.73
N TYR A 46 -34.54 -14.18 5.92
CA TYR A 46 -33.11 -14.22 6.19
C TYR A 46 -32.82 -15.00 7.47
N LEU A 47 -33.80 -15.04 8.36
CA LEU A 47 -33.65 -15.75 9.63
C LEU A 47 -33.66 -17.26 9.42
N ASP A 48 -34.67 -17.74 8.70
CA ASP A 48 -34.80 -19.17 8.43
C ASP A 48 -33.65 -19.65 7.54
N ASP A 49 -33.20 -18.78 6.64
CA ASP A 49 -32.10 -19.13 5.73
C ASP A 49 -30.82 -19.35 6.50
N PHE A 50 -30.51 -18.43 7.41
CA PHE A 50 -29.29 -18.52 8.22
C PHE A 50 -29.27 -19.82 9.02
N GLN A 51 -30.34 -20.07 9.75
CA GLN A 51 -30.45 -21.27 10.56
C GLN A 51 -30.44 -22.53 9.70
N LYS A 52 -31.25 -22.50 8.64
CA LYS A 52 -31.34 -23.64 7.72
C LYS A 52 -30.01 -23.86 7.01
N LYS A 53 -29.19 -22.82 6.95
CA LYS A 53 -27.89 -22.91 6.29
C LYS A 53 -26.92 -23.75 7.12
N TRP A 54 -26.89 -23.49 8.42
CA TRP A 54 -26.01 -24.21 9.32
C TRP A 54 -26.50 -25.64 9.53
N GLN A 55 -27.81 -25.85 9.36
CA GLN A 55 -28.40 -27.17 9.52
C GLN A 55 -27.88 -28.14 8.46
N GLU A 56 -28.11 -27.80 7.19
CA GLU A 56 -27.66 -28.64 6.08
C GLU A 56 -26.13 -28.65 5.98
N GLU A 57 -25.52 -27.52 6.31
CA GLU A 57 -24.07 -27.40 6.27
C GLU A 57 -23.41 -28.22 7.37
N MET A 58 -24.11 -28.35 8.49
CA MET A 58 -23.59 -29.12 9.63
C MET A 58 -23.55 -30.60 9.30
N GLU A 59 -24.68 -31.15 8.87
CA GLU A 59 -24.77 -32.57 8.52
C GLU A 59 -23.91 -32.88 7.31
N LEU A 60 -23.84 -31.93 6.38
CA LEU A 60 -23.05 -32.10 5.16
C LEU A 60 -21.56 -31.93 5.45
N TYR A 61 -21.24 -31.15 6.49
CA TYR A 61 -19.86 -30.91 6.87
C TYR A 61 -19.18 -32.20 7.31
N ARG A 62 -19.78 -32.88 8.28
CA ARG A 62 -19.24 -34.14 8.79
C ARG A 62 -19.43 -35.26 7.80
N GLN A 63 -20.54 -35.21 7.06
CA GLN A 63 -20.86 -36.24 6.08
C GLN A 63 -19.92 -36.12 4.87
N LYS A 64 -19.39 -34.93 4.65
CA LYS A 64 -18.49 -34.70 3.52
C LYS A 64 -17.05 -35.01 3.92
N VAL A 65 -16.63 -34.52 5.08
CA VAL A 65 -15.28 -34.75 5.56
C VAL A 65 -15.01 -36.23 5.76
N GLU A 66 -16.06 -36.98 6.11
CA GLU A 66 -15.94 -38.42 6.33
C GLU A 66 -15.32 -39.11 5.11
N PRO A 67 -16.05 -39.07 3.98
CA PRO A 67 -15.59 -39.68 2.73
C PRO A 67 -14.41 -38.93 2.12
N LEU A 68 -14.58 -37.64 1.90
CA LEU A 68 -13.53 -36.81 1.32
C LEU A 68 -12.30 -36.78 2.21
N GLY A 69 -12.47 -36.25 3.42
CA GLY A 69 -11.38 -36.17 4.36
C GLY A 69 -10.59 -37.47 4.46
N GLU A 70 -11.28 -38.58 4.26
CA GLU A 70 -10.65 -39.90 4.31
C GLU A 70 -9.81 -40.16 3.07
N GLU A 71 -10.36 -39.80 1.92
CA GLU A 71 -9.66 -39.99 0.64
C GLU A 71 -8.53 -38.99 0.49
N MET A 72 -8.73 -37.77 1.00
CA MET A 72 -7.73 -36.72 0.92
C MET A 72 -6.52 -37.08 1.76
N ARG A 73 -6.76 -37.46 3.02
CA ARG A 73 -5.69 -37.82 3.93
C ARG A 73 -5.01 -39.12 3.49
N ASP A 74 -5.80 -40.06 2.98
CA ASP A 74 -5.27 -41.34 2.53
C ASP A 74 -4.47 -41.16 1.25
N ARG A 75 -5.07 -40.52 0.25
CA ARG A 75 -4.41 -40.29 -1.02
C ARG A 75 -3.18 -39.41 -0.85
N ALA A 76 -3.27 -38.45 0.06
CA ALA A 76 -2.16 -37.55 0.33
C ALA A 76 -0.95 -38.29 0.90
N ARG A 77 -1.22 -39.23 1.80
CA ARG A 77 -0.16 -40.02 2.42
C ARG A 77 0.58 -40.85 1.37
N ALA A 78 -0.18 -41.54 0.53
CA ALA A 78 0.41 -42.37 -0.52
C ALA A 78 1.02 -41.51 -1.63
N HIS A 79 0.41 -40.35 -1.87
CA HIS A 79 0.89 -39.45 -2.91
C HIS A 79 2.23 -38.82 -2.50
N VAL A 80 2.27 -38.27 -1.29
CA VAL A 80 3.49 -37.64 -0.78
C VAL A 80 4.59 -38.67 -0.58
N ASP A 81 4.22 -39.84 -0.05
CA ASP A 81 5.19 -40.90 0.19
C ASP A 81 5.98 -41.21 -1.08
N ALA A 82 5.26 -41.47 -2.17
CA ALA A 82 5.90 -41.80 -3.45
C ALA A 82 6.69 -40.61 -3.97
N LEU A 83 6.07 -39.44 -3.97
CA LEU A 83 6.72 -38.22 -4.44
C LEU A 83 8.02 -37.97 -3.68
N ARG A 84 7.99 -38.23 -2.38
CA ARG A 84 9.16 -38.02 -1.53
C ARG A 84 10.28 -39.01 -1.89
N THR A 85 9.90 -40.28 -2.09
CA THR A 85 10.86 -41.31 -2.44
C THR A 85 11.63 -40.94 -3.69
N HIS A 86 10.92 -40.42 -4.69
CA HIS A 86 11.54 -40.04 -5.95
C HIS A 86 12.19 -38.66 -5.84
N LEU A 87 11.64 -37.82 -4.97
CA LEU A 87 12.16 -36.48 -4.75
C LEU A 87 13.50 -36.53 -4.02
N ALA A 88 13.78 -37.66 -3.38
CA ALA A 88 15.02 -37.83 -2.66
C ALA A 88 16.23 -37.68 -3.58
N PRO A 89 16.33 -38.59 -4.56
CA PRO A 89 17.44 -38.58 -5.53
C PRO A 89 17.36 -37.40 -6.49
N TYR A 90 16.16 -37.15 -7.01
CA TYR A 90 15.95 -36.05 -7.94
C TYR A 90 16.37 -34.72 -7.31
N SER A 91 16.30 -34.64 -5.99
CA SER A 91 16.67 -33.43 -5.28
C SER A 91 18.15 -33.12 -5.46
N ASP A 92 18.99 -34.13 -5.24
CA ASP A 92 20.43 -33.97 -5.38
C ASP A 92 20.81 -33.60 -6.82
N GLU A 93 20.23 -34.32 -7.77
CA GLU A 93 20.49 -34.07 -9.19
C GLU A 93 19.98 -32.69 -9.60
N LEU A 94 18.71 -32.44 -9.31
CA LEU A 94 18.10 -31.16 -9.65
C LEU A 94 18.86 -29.99 -9.01
N ARG A 95 19.14 -30.13 -7.72
CA ARG A 95 19.85 -29.10 -6.99
C ARG A 95 21.19 -28.79 -7.64
N GLN A 96 21.86 -29.84 -8.14
CA GLN A 96 23.15 -29.68 -8.79
C GLN A 96 23.03 -28.79 -10.02
N ARG A 97 22.06 -29.10 -10.87
CA ARG A 97 21.84 -28.32 -12.10
C ARG A 97 21.52 -26.88 -11.77
N LEU A 98 20.60 -26.67 -10.83
CA LEU A 98 20.20 -25.32 -10.43
C LEU A 98 21.37 -24.57 -9.82
N ALA A 99 22.10 -25.23 -8.93
CA ALA A 99 23.25 -24.63 -8.27
C ALA A 99 24.26 -24.10 -9.30
N ALA A 100 24.40 -24.82 -10.40
CA ALA A 100 25.32 -24.44 -11.46
C ALA A 100 24.77 -23.25 -12.26
N ARG A 101 23.46 -23.22 -12.42
CA ARG A 101 22.81 -22.15 -13.17
C ARG A 101 22.99 -20.80 -12.45
N LEU A 102 23.01 -20.84 -11.13
CA LEU A 102 23.19 -19.63 -10.32
C LEU A 102 24.62 -19.13 -10.39
N GLU A 103 25.57 -20.03 -10.17
CA GLU A 103 26.98 -19.68 -10.20
C GLU A 103 27.42 -19.32 -11.62
N ALA A 104 27.09 -20.18 -12.58
CA ALA A 104 27.44 -19.95 -13.98
C ALA A 104 26.91 -18.61 -14.46
N LEU A 105 25.61 -18.37 -14.22
CA LEU A 105 24.98 -17.13 -14.63
C LEU A 105 25.62 -15.92 -13.94
N LYS A 106 26.03 -16.11 -12.70
CA LYS A 106 26.67 -15.05 -11.93
C LYS A 106 28.01 -14.66 -12.55
N GLU A 107 28.64 -15.62 -13.22
CA GLU A 107 29.94 -15.38 -13.86
C GLU A 107 29.86 -14.16 -14.79
N ASN A 108 28.94 -14.20 -15.73
CA ASN A 108 28.78 -13.10 -16.68
C ASN A 108 28.35 -11.82 -15.96
N GLY A 109 27.34 -11.94 -15.10
CA GLY A 109 26.86 -10.80 -14.37
C GLY A 109 27.95 -10.11 -13.57
N GLY A 110 28.92 -10.90 -13.09
CA GLY A 110 30.01 -10.35 -12.31
C GLY A 110 30.94 -9.49 -13.14
N ALA A 111 31.27 -9.97 -14.34
CA ALA A 111 32.16 -9.24 -15.24
C ALA A 111 31.44 -8.06 -15.89
N ARG A 112 30.30 -8.35 -16.52
CA ARG A 112 29.52 -7.31 -17.19
C ARG A 112 29.15 -6.19 -16.21
N LEU A 113 29.04 -6.54 -14.94
CA LEU A 113 28.70 -5.57 -13.90
C LEU A 113 29.69 -4.41 -13.91
N ALA A 114 30.98 -4.73 -13.94
CA ALA A 114 32.02 -3.70 -13.96
C ALA A 114 32.02 -2.95 -15.28
N GLU A 115 32.01 -3.69 -16.38
CA GLU A 115 32.02 -3.09 -17.71
C GLU A 115 30.79 -2.19 -17.91
N TYR A 116 29.67 -2.59 -17.32
CA TYR A 116 28.44 -1.83 -17.43
C TYR A 116 28.58 -0.45 -16.77
N HIS A 117 29.13 -0.44 -15.56
CA HIS A 117 29.32 0.81 -14.83
C HIS A 117 30.12 1.81 -15.65
N ALA A 118 31.22 1.35 -16.24
CA ALA A 118 32.06 2.20 -17.06
C ALA A 118 31.33 2.67 -18.30
N LYS A 119 30.41 1.85 -18.79
CA LYS A 119 29.63 2.19 -19.98
C LYS A 119 28.57 3.23 -19.65
N ALA A 120 27.80 2.97 -18.59
CA ALA A 120 26.76 3.90 -18.18
C ALA A 120 27.35 5.21 -17.68
N THR A 121 28.45 5.12 -16.95
CA THR A 121 29.11 6.31 -16.42
C THR A 121 29.57 7.24 -17.54
N GLU A 122 30.20 6.67 -18.56
CA GLU A 122 30.68 7.46 -19.69
C GLU A 122 29.51 8.04 -20.47
N HIS A 123 28.45 7.26 -20.63
CA HIS A 123 27.28 7.72 -21.35
C HIS A 123 26.69 8.97 -20.72
N LEU A 124 26.71 9.02 -19.39
CA LEU A 124 26.18 10.17 -18.66
C LEU A 124 27.10 11.37 -18.78
N SER A 125 28.41 11.11 -18.85
CA SER A 125 29.39 12.17 -18.98
C SER A 125 29.13 13.03 -20.21
N THR A 126 28.96 12.37 -21.35
CA THR A 126 28.69 13.06 -22.61
C THR A 126 27.35 13.78 -22.56
N LEU A 127 26.31 13.03 -22.20
CA LEU A 127 24.96 13.60 -22.12
C LEU A 127 24.94 14.83 -21.22
N SER A 128 25.54 14.72 -20.05
CA SER A 128 25.59 15.82 -19.10
C SER A 128 26.28 17.04 -19.71
N GLU A 129 27.26 16.78 -20.56
CA GLU A 129 28.01 17.84 -21.23
C GLU A 129 27.08 18.71 -22.08
N LYS A 130 26.24 18.05 -22.86
CA LYS A 130 25.30 18.76 -23.73
C LYS A 130 24.12 19.31 -22.92
N ALA A 131 23.75 18.59 -21.87
CA ALA A 131 22.64 18.99 -21.02
C ALA A 131 23.00 20.23 -20.21
N LYS A 132 24.29 20.49 -20.06
CA LYS A 132 24.77 21.64 -19.32
C LYS A 132 24.26 22.94 -19.94
N PRO A 133 24.65 23.21 -21.18
CA PRO A 133 24.24 24.41 -21.91
C PRO A 133 22.77 24.39 -22.28
N ALA A 134 22.22 23.18 -22.45
CA ALA A 134 20.82 23.02 -22.80
C ALA A 134 19.92 23.28 -21.61
N LEU A 135 20.37 22.90 -20.42
CA LEU A 135 19.61 23.09 -19.20
C LEU A 135 19.52 24.57 -18.84
N GLU A 136 20.61 25.30 -19.12
CA GLU A 136 20.65 26.73 -18.82
C GLU A 136 19.46 27.45 -19.43
N ASP A 137 19.23 27.23 -20.72
CA ASP A 137 18.12 27.86 -21.42
C ASP A 137 16.79 27.27 -20.97
N LEU A 138 16.79 25.97 -20.67
CA LEU A 138 15.58 25.28 -20.24
C LEU A 138 15.04 25.91 -18.96
N ARG A 139 15.91 26.07 -17.97
CA ARG A 139 15.52 26.66 -16.69
C ARG A 139 15.04 28.11 -16.89
N GLN A 140 15.69 28.82 -17.80
CA GLN A 140 15.34 30.20 -18.07
C GLN A 140 13.87 30.33 -18.46
N GLY A 141 13.44 29.48 -19.39
CA GLY A 141 12.06 29.52 -19.83
C GLY A 141 11.09 29.11 -18.75
N LEU A 142 11.54 28.25 -17.84
CA LEU A 142 10.71 27.78 -16.74
C LEU A 142 10.35 28.92 -15.80
N LEU A 143 11.29 29.86 -15.65
CA LEU A 143 11.07 31.01 -14.76
C LEU A 143 9.72 31.65 -15.03
N PRO A 144 9.53 32.14 -16.27
CA PRO A 144 8.28 32.79 -16.68
C PRO A 144 7.12 31.80 -16.78
N VAL A 145 7.41 30.60 -17.27
CA VAL A 145 6.39 29.57 -17.42
C VAL A 145 5.73 29.25 -16.08
N LEU A 146 6.55 28.91 -15.08
CA LEU A 146 6.06 28.59 -13.75
C LEU A 146 5.30 29.77 -13.15
N GLU A 147 5.75 30.98 -13.46
CA GLU A 147 5.10 32.19 -12.95
C GLU A 147 3.67 32.30 -13.48
N SER A 148 3.49 31.90 -14.73
CA SER A 148 2.17 31.98 -15.36
C SER A 148 1.16 31.11 -14.60
N PHE A 149 1.57 29.90 -14.26
CA PHE A 149 0.70 28.99 -13.53
C PHE A 149 0.53 29.43 -12.08
N LYS A 150 1.60 29.96 -11.51
CA LYS A 150 1.59 30.41 -10.12
C LYS A 150 0.65 31.60 -9.96
N VAL A 151 0.83 32.62 -10.81
CA VAL A 151 -0.01 33.82 -10.76
C VAL A 151 -1.48 33.46 -10.93
N SER A 152 -1.74 32.46 -11.77
CA SER A 152 -3.11 32.03 -12.03
C SER A 152 -3.79 31.57 -10.74
N PHE A 153 -3.13 30.68 -10.01
CA PHE A 153 -3.66 30.15 -8.76
C PHE A 153 -3.78 31.27 -7.72
N LEU A 154 -2.81 32.16 -7.71
CA LEU A 154 -2.79 33.26 -6.76
C LEU A 154 -3.98 34.19 -6.98
N SER A 155 -4.38 34.32 -8.25
CA SER A 155 -5.51 35.18 -8.60
C SER A 155 -6.83 34.57 -8.14
N ALA A 156 -6.88 33.24 -8.13
CA ALA A 156 -8.08 32.53 -7.71
C ALA A 156 -8.35 32.75 -6.22
N LEU A 157 -7.34 32.51 -5.40
CA LEU A 157 -7.48 32.67 -3.95
C LEU A 157 -7.65 34.15 -3.59
N GLU A 158 -6.82 34.99 -4.18
CA GLU A 158 -6.88 36.42 -3.92
C GLU A 158 -8.25 36.99 -4.30
N GLU A 159 -8.83 36.46 -5.36
CA GLU A 159 -10.14 36.90 -5.83
C GLU A 159 -11.22 36.58 -4.79
N TYR A 160 -11.23 35.34 -4.33
CA TYR A 160 -12.21 34.89 -3.34
C TYR A 160 -12.20 35.81 -2.12
N THR A 161 -11.01 36.22 -1.71
CA THR A 161 -10.87 37.10 -0.55
C THR A 161 -11.50 38.47 -0.82
N LYS A 162 -11.19 39.03 -1.99
CA LYS A 162 -11.73 40.33 -2.36
C LYS A 162 -13.25 40.34 -2.30
N LYS A 163 -13.87 39.40 -3.01
CA LYS A 163 -15.32 39.30 -3.05
C LYS A 163 -15.88 39.14 -1.63
N LEU A 164 -15.25 38.27 -0.85
CA LEU A 164 -15.69 38.04 0.53
C LEU A 164 -15.71 39.33 1.33
N ASN A 165 -14.77 40.23 1.03
CA ASN A 165 -14.69 41.50 1.72
C ASN A 165 -14.13 41.32 3.13
N THR A 166 -12.90 40.83 3.22
CA THR A 166 -12.26 40.60 4.51
C THR A 166 -10.89 41.26 4.55
N GLN A 167 -10.78 42.45 3.98
CA GLN A 167 -9.51 43.18 3.95
C GLN A 167 -8.46 42.40 3.19
N SER B 1 58.31 5.95 -13.78
CA SER B 1 57.13 5.47 -14.50
C SER B 1 56.99 6.15 -15.84
N THR B 2 56.97 5.37 -16.91
CA THR B 2 56.85 5.89 -18.26
C THR B 2 55.45 6.43 -18.52
N PHE B 3 54.45 5.75 -17.95
CA PHE B 3 53.07 6.16 -18.11
C PHE B 3 52.43 6.51 -16.77
N SER B 4 53.21 7.13 -15.91
CA SER B 4 52.73 7.51 -14.58
C SER B 4 51.44 8.32 -14.68
N LYS B 5 51.40 9.25 -15.64
CA LYS B 5 50.23 10.08 -15.85
C LYS B 5 49.07 9.27 -16.41
N LEU B 6 49.38 8.38 -17.35
CA LEU B 6 48.36 7.53 -17.96
C LEU B 6 47.69 6.64 -16.92
N ARG B 7 48.51 6.01 -16.08
CA ARG B 7 48.01 5.12 -15.04
C ARG B 7 47.18 5.90 -14.02
N GLU B 8 47.73 7.03 -13.56
CA GLU B 8 47.04 7.87 -12.57
C GLU B 8 45.68 8.30 -13.08
N GLN B 9 45.62 8.69 -14.35
CA GLN B 9 44.36 9.13 -14.96
C GLN B 9 43.49 7.93 -15.32
N LEU B 10 44.12 6.77 -15.50
CA LEU B 10 43.40 5.55 -15.85
C LEU B 10 42.28 5.27 -14.85
N GLY B 11 42.58 5.50 -13.57
CA GLY B 11 41.60 5.26 -12.52
C GLY B 11 41.84 3.97 -11.77
N PRO B 12 42.87 3.96 -10.93
CA PRO B 12 43.24 2.77 -10.13
C PRO B 12 42.21 2.48 -9.04
N VAL B 13 41.59 3.53 -8.52
CA VAL B 13 40.59 3.38 -7.47
C VAL B 13 39.47 2.43 -7.90
N THR B 14 39.13 2.49 -9.19
CA THR B 14 38.08 1.63 -9.73
C THR B 14 38.49 0.16 -9.69
N GLN B 15 39.74 -0.10 -10.05
CA GLN B 15 40.26 -1.48 -10.04
C GLN B 15 40.12 -2.11 -8.66
N GLU B 16 40.64 -1.42 -7.65
CA GLU B 16 40.58 -1.92 -6.28
C GLU B 16 39.14 -1.98 -5.79
N PHE B 17 38.30 -1.09 -6.32
CA PHE B 17 36.89 -1.05 -5.93
C PHE B 17 36.21 -2.39 -6.20
N TRP B 18 36.16 -2.78 -7.47
CA TRP B 18 35.54 -4.03 -7.86
C TRP B 18 36.33 -5.22 -7.34
N ASP B 19 37.64 -5.06 -7.27
CA ASP B 19 38.53 -6.12 -6.79
C ASP B 19 38.24 -6.44 -5.32
N ASN B 20 38.24 -5.40 -4.48
CA ASN B 20 37.98 -5.57 -3.06
C ASN B 20 36.57 -6.09 -2.82
N LEU B 21 35.60 -5.54 -3.54
CA LEU B 21 34.22 -5.95 -3.41
C LEU B 21 34.05 -7.42 -3.76
N GLU B 22 34.46 -7.79 -4.97
CA GLU B 22 34.35 -9.17 -5.43
C GLU B 22 35.15 -10.11 -4.53
N LYS B 23 36.28 -9.61 -4.03
CA LYS B 23 37.14 -10.40 -3.15
C LYS B 23 36.36 -10.90 -1.93
N GLU B 24 35.68 -9.98 -1.25
CA GLU B 24 34.90 -10.31 -0.07
C GLU B 24 33.64 -11.08 -0.46
N THR B 25 33.10 -10.75 -1.63
CA THR B 25 31.89 -11.40 -2.11
C THR B 25 32.10 -12.90 -2.31
N GLU B 26 33.36 -13.28 -2.52
CA GLU B 26 33.70 -14.69 -2.72
C GLU B 26 33.11 -15.56 -1.61
N GLY B 27 33.04 -14.99 -0.40
CA GLY B 27 32.49 -15.73 0.72
C GLY B 27 31.16 -16.37 0.41
N LEU B 28 30.43 -15.77 -0.52
CA LEU B 28 29.11 -16.29 -0.91
C LEU B 28 29.17 -17.79 -1.15
N ARG B 29 30.25 -18.24 -1.78
CA ARG B 29 30.43 -19.66 -2.08
C ARG B 29 30.43 -20.49 -0.79
N GLN B 30 31.24 -20.06 0.18
CA GLN B 30 31.33 -20.76 1.46
C GLN B 30 29.98 -20.81 2.16
N GLU B 31 29.30 -19.66 2.20
CA GLU B 31 27.99 -19.59 2.85
C GLU B 31 27.04 -20.64 2.27
N MET B 32 26.96 -20.69 0.94
CA MET B 32 26.09 -21.65 0.26
C MET B 32 26.45 -23.08 0.65
N SER B 33 27.75 -23.35 0.75
CA SER B 33 28.22 -24.68 1.11
C SER B 33 27.70 -25.09 2.49
N LYS B 34 27.88 -24.21 3.47
CA LYS B 34 27.42 -24.49 4.83
C LYS B 34 25.91 -24.72 4.86
N ASP B 35 25.17 -23.87 4.18
CA ASP B 35 23.71 -23.99 4.12
C ASP B 35 23.30 -25.37 3.62
N LEU B 36 23.92 -25.81 2.53
CA LEU B 36 23.62 -27.11 1.95
C LEU B 36 23.85 -28.22 2.96
N GLU B 37 24.99 -28.18 3.63
CA GLU B 37 25.34 -29.19 4.63
C GLU B 37 24.25 -29.28 5.69
N GLU B 38 23.83 -28.13 6.21
CA GLU B 38 22.79 -28.08 7.23
C GLU B 38 21.45 -28.55 6.69
N VAL B 39 21.18 -28.21 5.42
CA VAL B 39 19.94 -28.59 4.78
C VAL B 39 19.86 -30.10 4.58
N LYS B 40 21.01 -30.72 4.40
CA LYS B 40 21.08 -32.17 4.20
C LYS B 40 20.87 -32.90 5.52
N ALA B 41 21.67 -32.54 6.52
CA ALA B 41 21.58 -33.16 7.84
C ALA B 41 20.20 -32.93 8.46
N LYS B 42 19.62 -31.77 8.19
CA LYS B 42 18.31 -31.44 8.72
C LYS B 42 17.21 -32.13 7.93
N VAL B 43 17.44 -32.29 6.63
CA VAL B 43 16.46 -32.95 5.76
C VAL B 43 16.11 -34.33 6.27
N GLN B 44 17.14 -35.10 6.65
CA GLN B 44 16.94 -36.45 7.16
C GLN B 44 15.78 -36.50 8.15
N PRO B 45 15.96 -35.82 9.29
CA PRO B 45 14.94 -35.77 10.35
C PRO B 45 13.73 -34.94 9.95
N TYR B 46 13.96 -33.94 9.11
CA TYR B 46 12.88 -33.07 8.64
C TYR B 46 11.83 -33.86 7.88
N LEU B 47 12.23 -35.00 7.34
CA LEU B 47 11.33 -35.86 6.58
C LEU B 47 10.40 -36.63 7.52
N ASP B 48 10.99 -37.29 8.52
CA ASP B 48 10.23 -38.06 9.49
C ASP B 48 9.25 -37.17 10.24
N ASP B 49 9.67 -35.92 10.49
CA ASP B 49 8.83 -34.97 11.22
C ASP B 49 7.60 -34.59 10.39
N PHE B 50 7.82 -34.28 9.12
CA PHE B 50 6.74 -33.91 8.23
C PHE B 50 5.67 -35.00 8.15
N GLN B 51 6.12 -36.23 7.87
CA GLN B 51 5.22 -37.36 7.77
C GLN B 51 4.56 -37.65 9.11
N LYS B 52 5.36 -37.69 10.17
CA LYS B 52 4.87 -37.95 11.51
C LYS B 52 3.90 -36.85 11.96
N LYS B 53 4.01 -35.69 11.34
CA LYS B 53 3.15 -34.55 11.66
C LYS B 53 1.73 -34.78 11.16
N TRP B 54 1.63 -35.22 9.90
CA TRP B 54 0.34 -35.47 9.29
C TRP B 54 -0.33 -36.71 9.91
N GLN B 55 0.50 -37.61 10.42
CA GLN B 55 0.00 -38.83 11.04
C GLN B 55 -0.79 -38.53 12.30
N GLU B 56 -0.13 -37.90 13.26
CA GLU B 56 -0.77 -37.53 14.53
C GLU B 56 -1.84 -36.48 14.31
N GLU B 57 -1.59 -35.58 13.37
CA GLU B 57 -2.54 -34.51 13.06
C GLU B 57 -3.79 -35.07 12.39
N MET B 58 -3.62 -36.15 11.64
CA MET B 58 -4.73 -36.79 10.94
C MET B 58 -5.70 -37.43 11.94
N GLU B 59 -5.18 -38.29 12.80
CA GLU B 59 -5.99 -38.97 13.79
C GLU B 59 -6.54 -37.98 14.81
N LEU B 60 -5.75 -36.96 15.12
CA LEU B 60 -6.16 -35.94 16.09
C LEU B 60 -7.16 -34.97 15.46
N TYR B 61 -7.10 -34.83 14.15
CA TYR B 61 -7.99 -33.93 13.43
C TYR B 61 -9.44 -34.43 13.53
N ARG B 62 -9.66 -35.67 13.13
CA ARG B 62 -10.99 -36.27 13.17
C ARG B 62 -11.42 -36.56 14.61
N GLN B 63 -10.44 -36.93 15.45
CA GLN B 63 -10.71 -37.24 16.84
C GLN B 63 -11.06 -35.98 17.62
N LYS B 64 -10.60 -34.83 17.13
CA LYS B 64 -10.85 -33.56 17.79
C LYS B 64 -12.16 -32.95 17.29
N VAL B 65 -12.33 -32.91 15.97
CA VAL B 65 -13.54 -32.35 15.37
C VAL B 65 -14.78 -33.11 15.82
N GLU B 66 -14.61 -34.41 16.09
CA GLU B 66 -15.72 -35.25 16.53
C GLU B 66 -16.37 -34.67 17.79
N PRO B 67 -15.61 -34.63 18.88
CA PRO B 67 -16.09 -34.10 20.16
C PRO B 67 -16.30 -32.58 20.13
N LEU B 68 -15.26 -31.87 19.71
CA LEU B 68 -15.33 -30.41 19.63
C LEU B 68 -16.36 -29.96 18.59
N GLY B 69 -16.10 -30.31 17.34
CA GLY B 69 -17.02 -29.94 16.26
C GLY B 69 -18.47 -30.19 16.64
N GLU B 70 -18.70 -31.21 17.46
CA GLU B 70 -20.06 -31.55 17.88
C GLU B 70 -20.55 -30.60 18.97
N GLU B 71 -19.69 -30.34 19.95
CA GLU B 71 -20.03 -29.44 21.05
C GLU B 71 -20.15 -28.00 20.56
N MET B 72 -19.16 -27.57 19.77
CA MET B 72 -19.16 -26.21 19.24
C MET B 72 -20.36 -25.98 18.32
N ARG B 73 -20.54 -26.88 17.35
CA ARG B 73 -21.64 -26.77 16.41
C ARG B 73 -22.98 -26.82 17.13
N ASP B 74 -23.08 -27.72 18.11
CA ASP B 74 -24.31 -27.86 18.88
C ASP B 74 -24.59 -26.63 19.72
N ARG B 75 -23.58 -26.20 20.48
CA ARG B 75 -23.72 -25.02 21.33
C ARG B 75 -24.01 -23.78 20.50
N ALA B 76 -23.48 -23.75 19.28
CA ALA B 76 -23.69 -22.62 18.38
C ALA B 76 -25.16 -22.49 18.00
N ARG B 77 -25.76 -23.61 17.61
CA ARG B 77 -27.16 -23.62 17.21
C ARG B 77 -28.05 -23.12 18.35
N ALA B 78 -27.80 -23.63 19.55
CA ALA B 78 -28.58 -23.25 20.73
C ALA B 78 -28.24 -21.82 21.16
N HIS B 79 -26.98 -21.44 20.97
CA HIS B 79 -26.53 -20.10 21.35
C HIS B 79 -27.15 -19.04 20.44
N VAL B 80 -27.05 -19.26 19.14
CA VAL B 80 -27.59 -18.32 18.16
C VAL B 80 -29.12 -18.26 18.26
N ASP B 81 -29.74 -19.42 18.43
CA ASP B 81 -31.19 -19.50 18.54
C ASP B 81 -31.71 -18.55 19.61
N ALA B 82 -31.15 -18.66 20.82
CA ALA B 82 -31.54 -17.81 21.93
C ALA B 82 -31.21 -16.34 21.65
N LEU B 83 -29.98 -16.10 21.22
CA LEU B 83 -29.54 -14.74 20.93
C LEU B 83 -30.44 -14.10 19.88
N ARG B 84 -30.87 -14.89 18.91
CA ARG B 84 -31.74 -14.38 17.85
C ARG B 84 -33.12 -14.03 18.39
N THR B 85 -33.66 -14.90 19.24
CA THR B 85 -34.97 -14.67 19.84
C THR B 85 -35.01 -13.33 20.57
N HIS B 86 -33.95 -13.05 21.32
CA HIS B 86 -33.86 -11.81 22.08
C HIS B 86 -33.43 -10.64 21.19
N LEU B 87 -32.64 -10.96 20.16
CA LEU B 87 -32.16 -9.95 19.24
C LEU B 87 -33.29 -9.43 18.36
N ALA B 88 -34.38 -10.18 18.29
CA ALA B 88 -35.53 -9.80 17.49
C ALA B 88 -36.10 -8.46 17.95
N PRO B 89 -36.57 -8.42 19.21
CA PRO B 89 -37.16 -7.21 19.79
C PRO B 89 -36.11 -6.14 20.07
N TYR B 90 -34.97 -6.56 20.62
CA TYR B 90 -33.89 -5.63 20.92
C TYR B 90 -33.42 -4.90 19.67
N SER B 91 -33.58 -5.55 18.52
CA SER B 91 -33.18 -4.96 17.25
C SER B 91 -33.99 -3.70 16.95
N ASP B 92 -35.30 -3.81 17.08
CA ASP B 92 -36.20 -2.69 16.82
C ASP B 92 -35.91 -1.54 17.78
N GLU B 93 -35.80 -1.86 19.06
CA GLU B 93 -35.52 -0.85 20.08
C GLU B 93 -34.15 -0.23 19.87
N LEU B 94 -33.13 -1.07 19.77
CA LEU B 94 -31.76 -0.61 19.58
C LEU B 94 -31.65 0.23 18.30
N ARG B 95 -32.20 -0.29 17.21
CA ARG B 95 -32.16 0.41 15.93
C ARG B 95 -32.78 1.81 16.06
N GLN B 96 -33.84 1.90 16.85
CA GLN B 96 -34.53 3.18 17.06
C GLN B 96 -33.60 4.19 17.73
N ARG B 97 -32.89 3.75 18.76
CA ARG B 97 -31.98 4.61 19.49
C ARG B 97 -30.84 5.08 18.59
N LEU B 98 -30.24 4.14 17.87
CA LEU B 98 -29.13 4.46 16.96
C LEU B 98 -29.60 5.36 15.83
N ALA B 99 -30.76 5.05 15.27
CA ALA B 99 -31.33 5.85 14.18
C ALA B 99 -31.47 7.30 14.59
N ALA B 100 -31.83 7.53 15.84
CA ALA B 100 -32.01 8.89 16.35
C ALA B 100 -30.66 9.57 16.57
N ARG B 101 -29.66 8.79 16.97
CA ARG B 101 -28.33 9.32 17.22
C ARG B 101 -27.71 9.85 15.92
N LEU B 102 -28.04 9.20 14.81
CA LEU B 102 -27.51 9.60 13.51
C LEU B 102 -28.17 10.89 13.03
N GLU B 103 -29.51 10.91 13.09
CA GLU B 103 -30.26 12.08 12.65
C GLU B 103 -30.02 13.27 13.59
N ALA B 104 -30.17 13.02 14.89
CA ALA B 104 -29.96 14.06 15.88
C ALA B 104 -28.57 14.69 15.76
N LEU B 105 -27.56 13.83 15.69
CA LEU B 105 -26.18 14.29 15.57
C LEU B 105 -25.97 15.06 14.26
N LYS B 106 -26.65 14.61 13.21
CA LYS B 106 -26.55 15.26 11.91
C LYS B 106 -27.12 16.67 11.96
N GLU B 107 -28.07 16.90 12.86
CA GLU B 107 -28.69 18.21 13.00
C GLU B 107 -27.64 19.30 13.20
N ASN B 108 -26.80 19.13 14.21
CA ASN B 108 -25.75 20.09 14.51
C ASN B 108 -24.75 20.17 13.37
N GLY B 109 -24.30 19.00 12.89
CA GLY B 109 -23.35 18.96 11.81
C GLY B 109 -23.84 19.68 10.57
N GLY B 110 -25.16 19.66 10.35
CA GLY B 110 -25.73 20.32 9.20
C GLY B 110 -25.65 21.82 9.29
N ALA B 111 -25.95 22.37 10.46
CA ALA B 111 -25.90 23.81 10.68
C ALA B 111 -24.46 24.29 10.80
N ARG B 112 -23.72 23.68 11.72
CA ARG B 112 -22.32 24.07 11.94
C ARG B 112 -21.52 23.97 10.64
N LEU B 113 -21.95 23.07 9.75
CA LEU B 113 -21.27 22.88 8.48
C LEU B 113 -21.18 24.19 7.71
N ALA B 114 -22.31 24.91 7.62
CA ALA B 114 -22.36 26.18 6.91
C ALA B 114 -21.59 27.25 7.66
N GLU B 115 -21.84 27.36 8.97
CA GLU B 115 -21.16 28.35 9.79
C GLU B 115 -19.65 28.13 9.78
N TYR B 116 -19.25 26.87 9.70
CA TYR B 116 -17.83 26.53 9.69
C TYR B 116 -17.15 27.08 8.44
N HIS B 117 -17.78 26.85 7.29
CA HIS B 117 -17.23 27.33 6.02
C HIS B 117 -16.95 28.82 6.07
N ALA B 118 -17.93 29.58 6.56
CA ALA B 118 -17.80 31.04 6.66
C ALA B 118 -16.69 31.41 7.64
N LYS B 119 -16.48 30.56 8.65
CA LYS B 119 -15.47 30.81 9.66
C LYS B 119 -14.08 30.53 9.10
N ALA B 120 -13.92 29.36 8.48
CA ALA B 120 -12.64 28.98 7.91
C ALA B 120 -12.28 29.86 6.71
N THR B 121 -13.28 30.19 5.91
CA THR B 121 -13.07 31.04 4.74
C THR B 121 -12.53 32.41 5.14
N GLU B 122 -13.15 33.02 6.14
CA GLU B 122 -12.74 34.33 6.62
C GLU B 122 -11.34 34.26 7.25
N HIS B 123 -11.08 33.19 7.98
CA HIS B 123 -9.79 33.00 8.62
C HIS B 123 -8.66 33.00 7.59
N LEU B 124 -8.91 32.39 6.44
CA LEU B 124 -7.93 32.33 5.38
C LEU B 124 -7.75 33.68 4.70
N SER B 125 -8.84 34.44 4.61
CA SER B 125 -8.81 35.76 3.99
C SER B 125 -7.79 36.66 4.67
N THR B 126 -7.88 36.73 6.00
CA THR B 126 -6.96 37.56 6.78
C THR B 126 -5.52 37.04 6.68
N LEU B 127 -5.36 35.74 6.96
CA LEU B 127 -4.04 35.12 6.90
C LEU B 127 -3.37 35.35 5.55
N SER B 128 -4.13 35.12 4.48
CA SER B 128 -3.62 35.31 3.13
C SER B 128 -3.17 36.75 2.91
N GLU B 129 -3.87 37.69 3.55
CA GLU B 129 -3.55 39.10 3.43
C GLU B 129 -2.14 39.38 3.92
N LYS B 130 -1.80 38.84 5.09
CA LYS B 130 -0.47 39.03 5.68
C LYS B 130 0.55 38.15 4.97
N ALA B 131 0.12 36.98 4.52
CA ALA B 131 1.00 36.05 3.83
C ALA B 131 1.42 36.59 2.46
N LYS B 132 0.63 37.53 1.94
CA LYS B 132 0.90 38.13 0.64
C LYS B 132 2.26 38.81 0.64
N PRO B 133 2.42 39.85 1.48
CA PRO B 133 3.67 40.60 1.60
C PRO B 133 4.78 39.78 2.24
N ALA B 134 4.40 38.83 3.08
CA ALA B 134 5.37 37.97 3.76
C ALA B 134 5.93 36.93 2.81
N LEU B 135 5.10 36.44 1.90
CA LEU B 135 5.53 35.43 0.93
C LEU B 135 6.50 36.03 -0.08
N GLU B 136 6.29 37.29 -0.42
CA GLU B 136 7.14 37.98 -1.39
C GLU B 136 8.61 37.88 -0.97
N ASP B 137 8.89 38.23 0.29
CA ASP B 137 10.25 38.19 0.80
C ASP B 137 10.71 36.74 0.99
N LEU B 138 9.78 35.88 1.37
CA LEU B 138 10.09 34.47 1.59
C LEU B 138 10.63 33.82 0.31
N ARG B 139 9.91 34.01 -0.79
CA ARG B 139 10.32 33.45 -2.07
C ARG B 139 11.66 34.05 -2.52
N GLN B 140 11.86 35.32 -2.23
CA GLN B 140 13.10 36.00 -2.60
C GLN B 140 14.31 35.28 -2.02
N GLY B 141 14.25 34.97 -0.73
CA GLY B 141 15.35 34.28 -0.08
C GLY B 141 15.54 32.87 -0.59
N LEU B 142 14.44 32.25 -1.05
CA LEU B 142 14.50 30.89 -1.56
C LEU B 142 15.31 30.84 -2.85
N LEU B 143 15.25 31.90 -3.64
CA LEU B 143 15.98 31.98 -4.89
C LEU B 143 17.44 31.56 -4.71
N PRO B 144 18.16 32.31 -3.85
CA PRO B 144 19.57 32.04 -3.55
C PRO B 144 19.76 30.75 -2.75
N VAL B 145 18.85 30.52 -1.80
CA VAL B 145 18.92 29.33 -0.97
C VAL B 145 18.89 28.05 -1.81
N LEU B 146 17.88 27.94 -2.66
CA LEU B 146 17.73 26.77 -3.53
C LEU B 146 18.94 26.62 -4.44
N GLU B 147 19.49 27.76 -4.88
CA GLU B 147 20.66 27.75 -5.76
C GLU B 147 21.86 27.13 -5.07
N SER B 148 22.00 27.39 -3.77
CA SER B 148 23.11 26.85 -3.00
C SER B 148 23.09 25.33 -3.02
N PHE B 149 21.92 24.75 -2.79
CA PHE B 149 21.77 23.29 -2.77
C PHE B 149 21.88 22.73 -4.19
N LYS B 150 21.35 23.47 -5.16
CA LYS B 150 21.39 23.03 -6.55
C LYS B 150 22.82 22.99 -7.07
N VAL B 151 23.54 24.09 -6.89
CA VAL B 151 24.93 24.17 -7.33
C VAL B 151 25.78 23.07 -6.71
N SER B 152 25.48 22.74 -5.45
CA SER B 152 26.22 21.71 -4.74
C SER B 152 26.12 20.37 -5.46
N PHE B 153 24.89 19.97 -5.78
CA PHE B 153 24.66 18.70 -6.48
C PHE B 153 25.27 18.74 -7.88
N LEU B 154 25.17 19.89 -8.53
CA LEU B 154 25.71 20.06 -9.88
C LEU B 154 27.22 19.89 -9.88
N SER B 155 27.87 20.31 -8.80
CA SER B 155 29.32 20.21 -8.68
C SER B 155 29.75 18.76 -8.49
N ALA B 156 28.89 17.98 -7.84
CA ALA B 156 29.18 16.57 -7.60
C ALA B 156 29.21 15.78 -8.90
N LEU B 157 28.16 15.92 -9.71
CA LEU B 157 28.06 15.22 -10.98
C LEU B 157 29.09 15.75 -11.97
N GLU B 158 29.20 17.07 -12.06
CA GLU B 158 30.14 17.71 -12.96
C GLU B 158 31.58 17.28 -12.64
N GLU B 159 31.86 17.12 -11.35
CA GLU B 159 33.19 16.72 -10.90
C GLU B 159 33.52 15.31 -11.39
N TYR B 160 32.59 14.39 -11.18
CA TYR B 160 32.79 13.00 -11.60
C TYR B 160 33.15 12.92 -13.07
N THR B 161 32.50 13.75 -13.88
CA THR B 161 32.74 13.76 -15.31
C THR B 161 34.16 14.25 -15.62
N LYS B 162 34.56 15.33 -14.97
CA LYS B 162 35.89 15.90 -15.17
C LYS B 162 36.97 14.85 -14.90
N LYS B 163 36.93 14.26 -13.72
CA LYS B 163 37.90 13.23 -13.33
C LYS B 163 37.91 12.09 -14.33
N LEU B 164 36.72 11.64 -14.72
CA LEU B 164 36.58 10.54 -15.67
C LEU B 164 37.30 10.86 -16.98
N ASN B 165 37.28 12.14 -17.36
CA ASN B 165 37.93 12.58 -18.58
C ASN B 165 37.13 12.16 -19.81
N THR B 166 35.89 12.66 -19.90
CA THR B 166 35.02 12.33 -21.02
C THR B 166 34.47 13.60 -21.66
N GLN B 167 35.32 14.62 -21.77
CA GLN B 167 34.92 15.88 -22.37
C GLN B 167 33.76 16.52 -21.60
#